data_5FMW
#
_entry.id   5FMW
#
_cell.length_a   1.000
_cell.length_b   1.000
_cell.length_c   1.000
_cell.angle_alpha   90.00
_cell.angle_beta   90.00
_cell.angle_gamma   90.00
#
_symmetry.space_group_name_H-M   'P 1'
#
_entity_poly.entity_id   1
_entity_poly.type   'polypeptide(L)'
_entity_poly.pdbx_seq_one_letter_code
;SHIDCRMSPWSEWSQCDPCLRQMFRSRSIEVFGQFNGKRCTDAVGDRRQCVPTEPCEDAEDDCGNDFQCSTGRCIKMRLR
CNGDNDCGDFSDEDDCESEPRPPCRDRVVEESELARTAGYGINILGMDPLSTPFDNEFYNGLCNRDRDGNTLTYYRRPWN
VASLIYETKGEKNFRTEHYEEQIEAFKSIIQEKTSNFNAAISLKFTPTETNKAEQCCEETASSISLHGKGSFRFSYSKNE
TYQLFLSYSSKKEKMFLHVKGEIHLGRFVMRNRDVVLTTTFVDDIKALPTTYEKGEYFAFLETYGTHYSSSGSLGGLYEL
IYVLDKASMKRKGVELKDIKRCLGYHLDVSLAFSEISVGAEFNKDDCVKRGEGRAVNITSENLIDDVVSLIRGGTRKYAF
ELKEKLLRGTVIDVTDFVNWASSINDAPVLISQKLSPIYNLVPVKMKNAHLKKQNLERAIEDYINEFSVRKCHTCQNGGT
VILMDGKCLCACPFKFEGIACEISKQ
;
_entity_poly.pdbx_strand_id   A,B,C,D,E,F,G,H,I,J,K,L,M,N,O,P,Q,R,S,T,U,V
#
# COMPACT_ATOMS: atom_id res chain seq x y z
CA SER A 1 88.75 -41.76 24.90
CA HIS A 2 86.39 -44.52 26.07
CA ILE A 3 86.60 -45.92 29.57
CA ASP A 4 84.63 -49.15 29.81
CA CYS A 5 83.06 -50.48 32.99
CA ARG A 6 85.12 -53.26 34.56
CA MET A 7 84.48 -55.24 37.72
CA SER A 8 86.83 -56.88 40.19
CA PRO A 9 88.25 -60.40 39.68
CA TRP A 10 86.28 -63.27 41.18
CA SER A 11 85.89 -63.76 44.91
CA GLU A 12 86.55 -67.30 46.10
CA TRP A 13 83.56 -69.64 46.62
CA SER A 14 81.63 -69.38 49.87
CA GLN A 15 80.89 -72.40 52.05
CA CYS A 16 78.13 -74.67 50.77
CA ASP A 17 74.81 -73.07 51.70
CA PRO A 18 72.28 -75.30 53.44
CA CYS A 19 69.38 -73.05 52.37
CA LEU A 20 70.29 -72.91 48.66
CA ARG A 21 72.73 -75.84 48.21
CA GLN A 22 75.11 -73.65 46.26
CA MET A 23 78.25 -71.60 46.72
CA PHE A 24 78.41 -67.96 45.70
CA ARG A 25 80.96 -65.35 44.70
CA SER A 26 80.68 -61.70 43.79
CA ARG A 27 82.50 -58.73 42.28
CA SER A 28 82.64 -54.97 42.86
CA ILE A 29 83.03 -52.14 40.31
CA GLU A 30 86.66 -51.15 39.80
CA VAL A 31 86.07 -48.96 36.78
CA PHE A 32 82.89 -47.31 35.54
CA GLY A 33 81.83 -46.56 31.96
CA GLN A 34 82.59 -42.99 30.92
CA PHE A 35 83.22 -40.97 27.74
CA ASN A 36 80.89 -43.08 25.58
CA GLY A 37 82.01 -46.25 27.40
CA LYS A 38 79.89 -49.34 28.00
CA ARG A 39 78.09 -50.42 31.15
CA CYS A 40 78.99 -53.51 33.17
CA THR A 41 78.29 -56.56 31.06
CA ASP A 42 80.09 -58.44 33.87
CA ALA A 43 78.45 -61.42 35.61
CA VAL A 44 78.52 -59.61 39.02
CA GLY A 45 77.97 -62.92 40.80
CA ASP A 46 78.32 -66.58 39.93
CA ARG A 47 76.79 -69.60 41.64
CA ARG A 48 78.12 -73.16 41.72
CA GLN A 49 76.06 -76.24 42.58
CA CYS A 50 76.76 -77.88 45.95
CA VAL A 51 75.20 -80.04 48.68
CA PRO A 52 73.53 -78.85 51.97
CA THR A 53 75.55 -78.79 55.21
CA GLU A 54 72.43 -79.00 57.40
CA PRO A 55 68.65 -78.90 56.97
CA CYS A 56 67.96 -75.16 56.79
CA GLU A 57 64.74 -73.25 56.17
CA CYS A 63 54.09 -73.45 63.63
CA GLY A 64 54.00 -76.24 66.25
CA ASN A 65 50.55 -77.51 67.26
CA ASP A 66 48.78 -74.54 65.62
CA PHE A 67 47.25 -74.61 62.13
CA GLN A 68 49.89 -74.48 59.41
CA CYS A 69 49.00 -73.47 55.86
CA SER A 70 50.75 -74.84 52.77
CA THR A 71 52.21 -71.34 52.28
CA GLY A 72 53.97 -71.56 55.67
CA ARG A 73 51.48 -69.24 57.36
CA CYS A 74 51.04 -70.15 61.02
CA ILE A 75 47.75 -69.11 62.61
CA LYS A 76 45.80 -70.30 65.62
CA MET A 77 42.62 -72.31 65.02
CA ARG A 78 40.25 -69.55 66.20
CA LEU A 79 41.34 -67.40 63.20
CA ARG A 80 39.81 -70.04 60.92
CA CYS A 81 36.10 -70.25 60.16
CA ASN A 82 35.08 -66.65 59.71
CA GLY A 83 35.66 -66.12 55.98
CA ASP A 84 38.80 -64.07 56.61
CA ASN A 85 41.96 -64.71 54.64
CA ASP A 86 44.48 -65.51 57.35
CA CYS A 87 46.47 -67.79 55.05
CA GLY A 88 48.48 -67.10 51.91
CA ASP A 89 46.46 -69.68 49.97
CA PHE A 90 43.15 -69.32 51.87
CA SER A 91 43.58 -72.80 53.43
CA ASP A 92 42.05 -71.57 56.68
CA GLU A 93 38.71 -71.23 54.89
CA ASP A 94 39.14 -74.44 52.89
CA ASP A 95 37.69 -77.62 54.41
CA CYS A 96 37.12 -75.59 57.58
CA GLU A 97 36.22 -77.10 60.97
CA SER A 98 33.03 -75.04 61.27
CA GLU A 99 30.99 -72.69 59.11
CA PRO A 100 32.14 -69.10 58.82
CA ARG A 101 30.90 -66.94 61.70
CA PRO A 102 30.57 -63.20 60.81
CA PRO A 103 33.88 -61.28 61.32
CA CYS A 104 31.74 -58.19 61.88
CA ARG A 105 28.45 -59.08 63.58
CA ASP A 106 27.01 -55.57 63.19
CA ARG A 107 27.31 -55.21 59.43
CA VAL A 108 29.36 -56.44 56.51
CA VAL A 109 32.41 -54.16 56.46
CA GLU A 110 34.17 -53.71 53.11
CA GLU A 111 37.96 -53.86 53.05
CA SER A 112 40.15 -50.82 52.57
CA GLU A 113 40.81 -50.56 48.86
CA LEU A 114 44.44 -50.29 47.88
CA ALA A 115 45.31 -51.89 51.26
CA ARG A 116 48.03 -53.91 49.55
CA THR A 117 49.32 -50.81 47.77
CA ALA A 118 49.79 -48.95 51.07
CA GLY A 119 52.03 -51.71 52.48
CA TYR A 120 54.63 -51.62 49.63
CA GLY A 121 58.36 -52.03 50.20
CA ILE A 122 60.73 -49.42 48.74
CA ASN A 123 64.18 -49.53 47.15
CA ILE A 124 65.80 -46.31 48.35
CA LEU A 125 68.41 -46.34 45.56
CA GLY A 126 65.71 -45.27 43.08
CA MET A 127 63.04 -44.33 45.62
CA ASP A 128 60.52 -46.57 43.84
CA PRO A 129 58.08 -48.98 45.51
CA LEU A 130 58.23 -52.78 45.18
CA SER A 131 55.84 -55.46 46.49
CA THR A 132 54.56 -55.22 50.09
CA PRO A 133 56.38 -57.17 52.86
CA PHE A 134 53.15 -57.05 54.92
CA ASP A 135 50.05 -59.17 54.38
CA ASN A 136 47.30 -56.59 53.83
CA GLU A 137 44.44 -59.07 53.65
CA PHE A 138 45.37 -60.45 57.09
CA TYR A 139 42.89 -59.18 59.66
CA ASN A 140 44.13 -61.53 62.42
CA GLY A 141 40.61 -63.01 62.71
CA LEU A 142 39.44 -59.70 64.17
CA CYS A 143 37.50 -56.96 62.44
CA ASN A 144 39.06 -53.58 63.05
CA ARG A 145 37.77 -50.69 60.97
CA ASP A 146 38.56 -47.09 60.07
CA ARG A 147 35.72 -44.74 59.16
CA ASP A 148 35.85 -42.67 55.95
CA GLY A 149 34.31 -39.19 56.22
CA ASN A 150 34.44 -38.55 52.45
CA THR A 151 32.21 -41.54 51.73
CA LEU A 152 30.34 -42.43 54.90
CA THR A 153 31.07 -46.09 55.43
CA TYR A 154 33.70 -48.00 57.38
CA TYR A 155 36.58 -49.78 55.71
CA ARG A 156 38.13 -52.75 57.45
CA ARG A 157 41.78 -52.29 58.35
CA PRO A 158 44.30 -55.20 58.29
CA TRP A 159 46.05 -55.98 61.60
CA ASN A 160 49.45 -55.64 59.91
CA VAL A 161 48.44 -52.03 59.26
CA ALA A 162 48.58 -49.55 62.14
CA SER A 163 46.19 -46.91 60.59
CA LEU A 164 44.75 -46.54 57.06
CA ILE A 165 42.36 -43.74 57.82
CA TYR A 166 41.14 -41.90 54.76
CA GLU A 167 41.98 -38.35 55.65
CA THR A 168 39.72 -35.35 55.40
CA LYS A 169 41.45 -34.13 52.24
CA GLY A 170 44.73 -32.25 52.50
CA GLU A 171 43.73 -30.42 49.33
CA LYS A 172 45.39 -27.09 48.55
CA ASN A 173 49.02 -26.85 49.46
CA PHE A 174 49.28 -24.19 46.83
CA ARG A 175 52.08 -21.73 46.40
CA THR A 176 53.44 -19.65 43.60
CA GLU A 177 56.57 -17.59 43.76
CA HIS A 178 57.38 -14.85 41.33
CA TYR A 179 60.89 -13.53 40.97
CA GLU A 180 61.96 -10.75 38.67
CA GLU A 181 65.33 -9.01 38.29
CA GLN A 182 66.34 -6.10 36.06
CA ILE A 183 69.83 -4.60 35.70
CA GLU A 184 70.69 -2.07 32.97
CA ALA A 185 73.77 0.14 32.69
CA PHE A 186 75.14 2.80 30.35
CA LYS A 187 78.56 4.42 29.92
CA SER A 188 79.49 6.98 27.27
CA ILE A 189 82.62 9.10 26.87
CA ILE A 190 83.79 11.69 24.34
CA GLN A 191 87.10 13.52 23.93
CA GLU A 192 88.30 16.15 21.45
CA LYS A 193 91.44 18.21 20.96
CA THR A 194 92.34 20.77 18.31
CA SER A 195 95.38 22.98 17.73
CA ASN A 196 95.65 25.85 15.24
CA PHE A 197 98.89 27.62 14.37
CA ASN A 198 99.93 30.38 11.98
CA ALA A 199 103.28 32.11 11.51
CA ALA A 200 104.47 34.70 9.04
CA ILE A 201 107.63 36.71 8.41
CA SER A 202 108.26 39.50 5.89
CA LEU A 203 111.17 41.80 5.07
CA LYS A 204 111.71 44.75 2.74
CA PHE A 205 114.92 46.58 1.84
CA THR A 206 115.47 49.57 -0.49
CA PRO A 207 119.02 50.97 -1.01
CA GLY A 228 117.59 48.74 -5.67
CA LYS A 229 114.59 47.13 -4.03
CA GLY A 230 114.14 43.67 -2.53
CA SER A 231 111.35 42.04 -0.58
CA PHE A 232 110.55 38.66 0.97
CA ARG A 233 107.30 37.19 2.30
CA PHE A 234 106.63 33.81 3.89
CA SER A 235 103.55 32.33 5.59
CA TYR A 236 103.09 28.94 7.23
CA SER A 237 100.06 27.34 8.89
CA LYS A 238 99.12 24.07 10.57
CA ASN A 239 95.93 22.67 12.04
CA GLU A 240 94.96 19.40 13.69
CA THR A 241 91.65 18.03 14.96
CA TYR A 242 91.33 14.67 16.70
CA GLN A 243 88.17 13.13 18.17
CA LEU A 244 87.35 9.95 20.07
CA PHE A 245 83.82 8.85 20.93
CA LEU A 246 82.70 5.60 22.56
CA SER A 247 79.42 4.30 23.95
CA TYR A 248 78.61 1.11 25.82
CA SER A 249 75.41 -0.47 27.18
CA SER A 250 74.65 -3.78 28.87
CA LYS A 251 71.57 -5.57 30.16
CA LYS A 252 71.03 -8.57 32.42
CA GLU A 253 67.45 -9.49 33.33
CA LYS A 254 65.93 -12.66 34.73
CA MET A 255 62.52 -14.03 35.61
CA PHE A 256 61.75 -17.13 37.59
CA LEU A 257 58.42 -18.72 38.38
CA HIS A 258 57.43 -21.57 40.60
CA VAL A 259 53.93 -22.99 40.68
CA LYS A 260 52.91 -25.94 42.83
CA GLY A 261 49.76 -27.38 44.37
CA GLU A 262 49.64 -30.61 46.38
CA ILE A 263 46.63 -32.70 47.44
CA HIS A 264 46.67 -35.49 50.03
CA LEU A 265 43.92 -38.08 49.60
CA GLY A 266 44.73 -40.44 52.49
CA ARG A 267 47.11 -41.34 55.31
CA PHE A 268 48.58 -44.77 55.99
CA VAL A 269 50.63 -46.03 58.92
CA MET A 270 52.11 -49.52 58.89
CA ARG A 271 53.00 -51.60 61.93
CA ASN A 272 56.53 -51.23 63.35
CA ARG A 273 55.74 -53.95 65.89
CA ASP A 274 55.97 -57.71 65.37
CA VAL A 275 53.13 -58.66 63.03
CA VAL A 276 52.36 -61.13 60.24
CA LEU A 277 54.01 -60.71 56.85
CA THR A 278 53.12 -61.97 53.37
CA THR A 279 54.07 -65.59 52.69
CA THR A 280 56.20 -64.95 49.57
CA PHE A 281 58.48 -62.54 51.45
CA VAL A 282 58.83 -64.98 54.39
CA ASP A 283 59.66 -67.90 52.08
CA ASP A 284 62.41 -65.94 50.32
CA ILE A 285 63.75 -64.72 53.71
CA LYS A 286 64.06 -68.34 54.84
CA ALA A 287 65.77 -69.24 51.53
CA LEU A 288 68.62 -66.73 52.12
CA PRO A 289 72.17 -68.00 52.99
CA THR A 290 73.44 -68.59 56.56
CA THR A 291 76.70 -66.84 55.63
CA TYR A 292 77.37 -63.40 54.17
CA GLU A 293 78.02 -63.39 50.43
CA LYS A 294 77.01 -60.18 48.67
CA GLY A 295 75.37 -61.51 45.49
CA GLU A 296 72.38 -63.21 47.11
CA TYR A 297 71.67 -60.32 49.48
CA PHE A 298 72.03 -57.71 46.71
CA ALA A 299 69.46 -59.56 44.57
CA PHE A 300 67.08 -59.78 47.56
CA LEU A 301 67.36 -56.05 48.29
CA GLU A 302 66.84 -55.27 44.61
CA THR A 303 63.65 -57.37 44.43
CA TYR A 304 62.05 -56.63 47.84
CA GLY A 305 63.39 -53.14 48.53
CA THR A 306 66.15 -51.81 50.79
CA HIS A 307 63.60 -50.36 53.20
CA TYR A 308 59.82 -50.43 53.55
CA SER A 309 57.21 -47.68 53.74
CA SER A 310 56.62 -47.38 57.48
CA SER A 311 54.04 -44.66 56.98
CA GLY A 312 53.26 -41.97 54.42
CA SER A 313 50.58 -40.09 52.55
CA LEU A 314 48.74 -40.80 49.31
CA GLY A 315 47.91 -37.87 47.06
CA GLY A 316 49.03 -36.17 43.86
CA LEU A 317 51.07 -33.16 42.74
CA TYR A 318 50.63 -30.36 40.24
CA GLU A 319 53.88 -28.50 39.45
CA LEU A 320 55.45 -26.22 36.86
CA ILE A 321 58.57 -23.99 36.90
CA TYR A 322 59.41 -21.26 34.40
CA VAL A 323 62.85 -19.86 33.73
CA LEU A 324 64.22 -16.92 31.76
CA ASP A 325 67.79 -15.63 31.61
CA LYS A 326 68.40 -12.74 29.18
CA ALA A 327 71.71 -11.05 28.38
CA SER A 328 72.91 -8.47 25.83
CA MET A 329 75.89 -6.15 25.28
CA LYS A 330 76.22 -3.16 22.93
CA ARG A 331 79.50 -1.39 22.09
CA LYS A 332 80.50 1.21 19.50
CA GLY A 333 83.62 3.35 19.04
CA VAL A 334 84.77 5.86 16.42
CA GLU A 335 88.10 7.62 15.78
CA LEU A 336 88.36 10.72 13.56
CA LYS A 337 91.50 12.66 12.64
CA ASP A 338 92.17 15.54 10.26
CA ILE A 339 95.53 17.31 9.70
CA LYS A 340 96.55 20.01 7.23
CA ARG A 341 99.59 22.09 6.29
CA CYS A 342 99.73 25.05 3.93
CA LEU A 343 102.67 27.35 3.22
CA GLY A 344 103.35 30.16 0.75
CA TYR A 345 106.68 31.63 -0.31
CA HIS A 346 107.35 34.81 -2.31
CA LEU A 347 110.20 37.14 -3.22
CA ASP A 348 110.54 40.08 -5.61
CA VAL A 349 113.74 41.97 -6.52
CA SER A 350 114.39 44.86 -8.92
CA LEU A 351 117.52 46.83 -9.84
CA ALA A 352 117.63 50.07 -11.83
CA PHE A 353 121.00 51.49 -12.88
CA SER A 354 120.92 54.66 -15.04
CA GLU A 355 118.61 54.01 -18.04
CA ILE A 356 118.65 50.16 -17.77
CA SER A 357 116.61 47.97 -15.44
CA VAL A 358 116.17 44.29 -14.59
CA GLY A 359 113.65 42.59 -12.28
CA ALA A 360 112.82 39.06 -11.19
CA GLU A 361 110.39 37.34 -8.83
CA PHE A 362 109.55 33.85 -7.60
CA ASN A 363 106.42 32.42 -5.98
CA LYS A 364 105.68 28.95 -4.61
CA ASP A 365 102.63 27.42 -2.91
CA ASP A 366 102.53 23.98 -1.26
CA CYS A 367 99.61 22.36 0.58
CA VAL A 368 98.76 18.87 1.90
CA LYS A 369 95.69 17.62 3.77
CA ARG A 370 95.17 14.14 5.19
CA GLY A 371 91.94 12.82 6.75
CA GLU A 372 91.47 9.48 8.48
CA GLY A 373 88.33 7.80 9.87
CA ARG A 374 87.80 4.45 11.57
CA ALA A 375 84.68 2.98 13.19
CA VAL A 376 83.84 -0.31 14.93
CA ASN A 377 80.43 -1.50 16.18
CA ILE A 378 79.49 -4.82 17.78
CA THR A 379 76.27 -6.14 19.34
CA SER A 380 75.38 -9.54 20.79
CA GLU A 381 72.31 -10.95 22.50
CA ASN A 382 71.51 -14.39 23.91
CA LEU A 383 68.77 -15.96 26.00
CA ILE A 384 67.41 -19.24 27.34
CA ASP A 385 63.79 -20.17 27.96
CA ASP A 386 63.32 -23.41 29.86
CA VAL A 387 59.92 -24.59 30.98
CA VAL A 388 59.63 -27.81 32.88
CA SER A 389 56.47 -29.30 34.22
CA LEU A 390 55.19 -32.57 35.59
CA ILE A 391 52.19 -33.92 37.45
CA ARG A 392 51.42 -37.17 39.25
CA GLY A 393 48.34 -38.99 40.43
CA GLY A 394 45.06 -40.06 38.79
CA THR A 395 44.35 -41.47 35.35
CA ARG A 396 45.90 -40.53 32.01
CA LYS A 397 43.03 -38.62 30.36
CA TYR A 398 42.83 -35.76 32.84
CA ALA A 399 46.60 -35.56 33.16
CA PHE A 400 46.93 -35.33 29.36
CA GLU A 401 44.29 -32.62 29.13
CA LEU A 402 46.08 -30.51 31.76
CA LYS A 403 49.42 -31.13 30.02
CA GLU A 404 48.15 -29.86 26.67
CA LYS A 405 46.57 -26.76 28.17
CA LEU A 406 49.81 -25.90 29.95
CA LEU A 407 51.57 -25.58 26.63
CA ARG A 408 49.84 -22.19 26.38
CA GLY A 409 49.49 -22.15 30.18
CA THR A 410 46.30 -23.38 31.84
CA VAL A 411 44.33 -20.33 32.95
CA ILE A 412 40.87 -21.46 31.91
CA ASP A 413 38.97 -24.76 32.08
CA VAL A 414 39.00 -24.82 35.89
CA THR A 415 36.56 -27.78 35.78
CA ASP A 416 39.42 -29.95 34.39
CA PHE A 417 41.09 -29.88 37.77
CA VAL A 418 37.98 -31.22 39.52
CA ASN A 419 38.04 -34.22 37.15
CA TRP A 420 41.71 -34.73 37.93
CA ALA A 421 40.93 -34.63 41.65
CA SER A 422 38.34 -37.38 41.29
CA SER A 423 40.71 -39.63 39.30
CA ILE A 424 43.41 -39.13 41.99
CA ASN A 425 41.04 -40.76 44.50
CA ASP A 426 40.58 -43.75 42.20
CA ALA A 427 44.27 -44.25 41.45
CA PRO A 428 46.48 -43.08 44.36
CA VAL A 429 50.23 -42.46 44.05
CA LEU A 430 52.75 -42.28 46.91
CA ILE A 431 53.75 -38.77 47.98
CA SER A 432 55.42 -38.73 51.40
CA GLN A 433 56.85 -41.73 53.18
CA LYS A 434 58.85 -42.81 56.20
CA LEU A 435 61.57 -45.37 55.66
CA SER A 436 63.03 -48.05 57.91
CA PRO A 437 65.27 -50.92 56.71
CA ILE A 438 63.47 -54.07 55.52
CA TYR A 439 65.68 -56.46 57.54
CA ASN A 440 64.19 -55.19 60.83
CA LEU A 441 60.89 -56.87 59.84
CA VAL A 442 62.30 -60.44 59.91
CA PRO A 443 61.14 -62.46 62.94
CA VAL A 444 64.24 -63.19 65.01
CA LYS A 445 62.70 -66.21 66.67
CA MET A 446 63.06 -68.81 63.91
CA LYS A 447 66.50 -70.37 63.34
CA ASN A 448 69.22 -68.46 61.46
CA ALA A 449 66.97 -65.34 61.31
CA HIS A 450 69.53 -63.35 63.27
CA LEU A 451 72.37 -64.49 60.98
CA LYS A 452 70.45 -63.44 57.86
CA LYS A 453 69.59 -60.11 59.47
CA GLN A 454 73.28 -59.37 60.18
CA ASN A 455 74.17 -60.37 56.61
CA LEU A 456 71.48 -57.97 55.28
CA GLU A 457 72.87 -55.10 57.41
CA ARG A 458 76.29 -55.54 55.87
CA ALA A 459 74.78 -55.98 52.42
CA ILE A 460 72.89 -52.66 52.38
CA GLU A 461 76.10 -50.75 53.12
CA ASP A 462 78.08 -52.47 50.39
CA TYR A 463 75.26 -52.17 47.85
CA ILE A 464 75.18 -48.38 48.35
CA ASN A 465 78.87 -48.21 47.45
CA GLU A 466 78.32 -50.23 44.22
CA PHE A 467 75.58 -47.82 43.22
CA SER A 468 77.58 -44.73 44.28
CA VAL A 469 78.12 -41.81 41.90
CA ARG A 470 80.90 -40.47 44.14
CA LYS A 471 83.32 -42.88 42.46
CA CYS A 472 82.35 -41.68 38.97
CA HIS A 473 83.86 -38.72 37.08
CA THR A 474 81.99 -35.42 37.38
CA CYS A 475 81.59 -33.48 34.14
CA GLN A 476 82.81 -29.95 33.59
CA ASN A 477 80.86 -26.76 34.30
CA GLY A 478 78.96 -28.19 37.28
CA GLY A 479 77.71 -31.37 35.59
CA THR A 480 76.45 -34.11 37.92
CA VAL A 481 77.23 -37.74 37.21
CA ILE A 482 74.61 -40.48 37.46
CA LEU A 483 75.35 -44.23 37.57
CA MET A 484 73.24 -46.51 35.45
CA ASP A 485 74.17 -50.12 35.82
CA GLY A 486 77.92 -49.82 35.39
CA LYS A 487 77.96 -46.89 32.96
CA CYS A 488 78.07 -43.33 34.20
CA LEU A 489 76.41 -40.59 32.19
CA CYS A 490 76.66 -36.94 33.15
CA ALA A 491 73.52 -34.92 33.64
CA CYS A 492 74.22 -31.35 32.59
CA PRO A 493 71.82 -28.36 32.00
CA PHE A 494 69.89 -27.79 28.74
CA LYS A 495 72.20 -24.85 27.99
CA PHE A 496 75.38 -26.96 27.99
CA GLU A 497 75.35 -30.74 27.55
CA GLY A 498 77.85 -33.56 27.04
CA ILE A 499 79.60 -36.61 28.30
CA ALA A 500 82.14 -33.87 29.17
CA CYS A 501 79.60 -30.92 28.52
CA GLU A 502 81.28 -28.87 25.72
CA ILE A 503 78.17 -28.85 23.49
CA SER A 504 75.72 -25.97 23.84
CA LYS A 505 72.58 -24.41 22.36
CA GLN A 506 74.35 -21.09 22.97
CA SER B 1 81.30 -32.15 50.94
CA HIS B 2 78.81 -34.87 51.95
CA ILE B 3 78.21 -35.75 55.56
CA ASP B 4 76.34 -39.04 55.81
CA CYS B 5 74.09 -40.01 58.71
CA ARG B 6 75.79 -42.40 61.12
CA MET B 7 74.46 -43.96 64.30
CA SER B 8 76.19 -45.08 67.47
CA PRO B 9 77.80 -48.55 67.84
CA TRP B 10 75.60 -51.30 69.25
CA SER B 11 74.34 -51.28 72.81
CA GLU B 12 74.79 -54.58 74.65
CA TRP B 13 71.84 -57.01 74.80
CA SER B 14 69.18 -56.41 77.44
CA GLN B 15 68.02 -59.14 79.82
CA CYS B 16 65.70 -61.74 78.27
CA ASP B 17 62.22 -60.24 78.16
CA PRO B 18 59.41 -62.36 79.56
CA CYS B 19 56.80 -60.47 77.52
CA LEU B 20 58.56 -60.79 74.15
CA ARG B 21 61.12 -63.59 74.74
CA GLN B 22 63.84 -61.56 73.08
CA MET B 23 66.71 -59.26 73.95
CA PHE B 24 67.02 -55.81 72.46
CA ARG B 25 69.65 -53.20 71.71
CA SER B 26 69.50 -49.74 70.21
CA ARG B 27 71.55 -46.90 68.74
CA SER B 28 71.44 -43.10 68.77
CA ILE B 29 72.34 -40.62 65.98
CA GLU B 30 75.96 -39.49 66.19
CA VAL B 31 76.05 -37.78 62.82
CA PHE B 32 73.22 -36.53 60.63
CA GLY B 33 73.03 -36.35 56.84
CA GLN B 34 73.92 -32.93 55.48
CA PHE B 35 75.23 -31.33 52.26
CA ASN B 36 73.56 -33.87 49.97
CA GLY B 37 74.29 -36.67 52.46
CA LYS B 38 72.18 -39.78 53.00
CA ARG B 39 69.70 -40.52 55.77
CA CYS B 40 70.17 -43.23 58.37
CA THR B 41 70.09 -46.59 56.65
CA ASP B 42 71.22 -47.94 60.04
CA ALA B 43 69.29 -50.74 61.79
CA VAL B 44 68.49 -48.48 64.81
CA GLY B 45 67.62 -51.53 66.90
CA ASP B 46 68.28 -55.25 66.69
CA ARG B 47 66.47 -58.09 68.43
CA ARG B 48 67.83 -61.51 69.35
CA GLN B 49 65.72 -64.56 70.17
CA CYS B 50 65.64 -65.68 73.82
CA VAL B 51 63.53 -67.52 76.40
CA PRO B 52 61.08 -66.00 78.98
CA THR B 53 62.26 -65.36 82.56
CA GLU B 54 58.72 -65.46 83.97
CA PRO B 55 55.15 -65.66 82.66
CA CYS B 56 54.42 -62.03 81.75
CA GLU B 57 51.39 -60.43 80.13
CA CYS B 63 39.26 -60.26 84.84
CA GLY B 64 38.62 -62.66 87.74
CA ASN B 65 35.07 -63.99 88.10
CA ASP B 66 33.66 -61.40 85.67
CA PHE B 67 33.02 -62.06 81.96
CA GLN B 68 36.22 -62.14 79.95
CA CYS B 69 36.19 -61.69 76.18
CA SER B 70 38.67 -63.36 73.83
CA THR B 71 40.10 -59.89 73.17
CA GLY B 72 41.00 -59.52 76.87
CA ARG B 73 38.11 -57.15 77.56
CA CYS B 74 36.83 -57.56 81.11
CA ILE B 75 33.24 -56.52 81.72
CA LYS B 76 30.65 -57.40 84.33
CA MET B 77 27.76 -59.67 83.32
CA ARG B 78 25.10 -56.92 83.48
CA LEU B 79 26.82 -55.15 80.52
CA ARG B 80 25.97 -58.18 78.39
CA CYS B 81 22.55 -58.72 76.81
CA ASN B 82 21.57 -55.30 75.60
CA GLY B 83 23.01 -55.26 72.07
CA ASP B 84 25.84 -52.95 73.09
CA ASN B 85 29.40 -53.66 72.04
CA ASP B 86 31.22 -53.90 75.36
CA CYS B 87 33.78 -56.36 73.96
CA GLY B 88 36.46 -55.98 71.29
CA ASP B 89 35.04 -58.93 69.35
CA PHE B 90 31.35 -58.52 70.35
CA SER B 91 31.49 -61.71 72.49
CA ASP B 92 29.19 -60.15 75.06
CA GLU B 93 26.37 -60.27 72.51
CA ASP B 94 27.37 -63.70 71.16
CA ASP B 95 25.68 -66.71 72.77
CA CYS B 96 24.31 -64.30 75.37
CA GLU B 97 22.67 -65.38 78.65
CA SER B 98 19.45 -63.51 77.88
CA GLU B 99 17.92 -61.61 74.98
CA PRO B 100 18.99 -58.03 74.42
CA ARG B 101 17.04 -55.57 76.58
CA PRO B 102 16.83 -52.02 75.09
CA PRO B 103 19.86 -49.84 76.06
CA CYS B 104 17.57 -46.85 75.63
CA ARG B 105 13.99 -47.70 76.63
CA ASP B 106 12.58 -44.37 75.39
CA ARG B 107 13.78 -44.53 71.79
CA VAL B 108 16.50 -46.01 69.65
CA VAL B 109 19.41 -43.59 69.96
CA GLU B 110 21.91 -43.50 67.10
CA GLU B 111 25.61 -43.41 67.95
CA SER B 112 27.75 -40.32 67.54
CA GLU B 113 29.27 -40.55 64.09
CA LEU B 114 33.03 -40.18 63.96
CA ALA B 115 33.11 -41.24 67.65
CA ARG B 116 36.22 -43.31 66.94
CA THR B 117 37.81 -40.41 65.06
CA ALA B 118 37.41 -38.08 68.07
CA GLY B 119 39.33 -40.47 70.36
CA TYR B 120 42.53 -40.62 68.22
CA GLY B 121 46.03 -40.70 69.70
CA ILE B 122 48.60 -38.18 68.46
CA ASN B 123 52.33 -38.28 67.75
CA ILE B 124 53.53 -34.84 68.79
CA LEU B 125 56.73 -35.09 66.73
CA GLY B 126 54.68 -34.55 63.55
CA MET B 127 51.44 -33.44 65.23
CA ASP B 128 49.50 -36.06 63.27
CA PRO B 129 46.79 -38.36 64.66
CA LEU B 130 47.14 -42.15 64.97
CA SER B 131 44.57 -44.77 66.06
CA THR B 132 42.46 -44.12 69.18
CA PRO B 133 43.61 -45.53 72.56
CA PHE B 134 39.98 -45.34 73.76
CA ASP B 135 37.16 -47.70 72.85
CA ASN B 136 34.55 -45.40 71.28
CA GLU B 137 31.89 -48.06 70.83
CA PHE B 138 32.00 -48.88 74.55
CA TYR B 139 28.94 -47.43 76.24
CA ASN B 140 29.55 -49.29 79.54
CA GLY B 141 26.10 -50.94 79.22
CA LEU B 142 24.53 -47.53 79.86
CA CYS B 143 22.98 -45.18 77.33
CA ASN B 144 24.26 -41.66 77.77
CA ARG B 145 23.42 -39.18 75.03
CA ASP B 146 24.31 -35.71 73.81
CA ARG B 147 21.70 -33.68 71.91
CA ASP B 148 22.53 -32.08 68.55
CA GLY B 149 20.88 -28.70 67.93
CA ASN B 150 21.91 -28.59 64.24
CA THR B 151 20.00 -31.78 63.48
CA LEU B 152 17.43 -32.33 66.22
CA THR B 153 18.13 -35.84 67.45
CA TYR B 154 20.26 -37.28 70.23
CA TYR B 155 23.51 -39.09 69.56
CA ARG B 156 24.67 -41.69 72.04
CA ARG B 157 27.98 -40.88 73.70
CA PRO B 158 30.53 -43.59 74.66
CA TRP B 159 31.45 -43.79 78.36
CA ASN B 160 35.15 -43.48 77.49
CA VAL B 161 34.22 -40.07 76.08
CA ALA B 162 33.60 -37.20 78.51
CA SER B 163 31.58 -34.97 76.07
CA LEU B 164 31.02 -35.18 72.28
CA ILE B 165 28.43 -32.47 72.04
CA TYR B 166 27.94 -31.14 68.54
CA GLU B 167 28.44 -27.46 69.05
CA THR B 168 26.22 -24.68 67.82
CA LYS B 169 28.63 -23.81 65.01
CA GLY B 170 31.69 -21.70 65.74
CA GLU B 171 31.43 -20.40 62.19
CA LYS B 172 33.13 -17.10 61.33
CA ASN B 173 36.42 -16.51 63.01
CA PHE B 174 37.23 -14.24 60.15
CA ARG B 175 40.00 -11.69 60.01
CA THR B 176 41.93 -9.94 57.32
CA GLU B 177 44.86 -7.68 57.91
CA HIS B 178 46.16 -5.26 55.35
CA TYR B 179 49.61 -3.78 55.62
CA GLU B 180 51.12 -1.29 53.24
CA GLU B 181 54.43 0.58 53.40
CA GLN B 182 55.87 3.22 51.06
CA ILE B 183 59.31 4.87 51.30
CA GLU B 184 60.71 7.04 48.50
CA ALA B 185 63.70 9.38 48.61
CA PHE B 186 65.53 11.77 46.29
CA LYS B 187 68.90 13.53 46.44
CA SER B 188 70.37 15.75 43.72
CA ILE B 189 73.45 17.98 43.74
CA ILE B 190 75.11 20.27 41.19
CA GLN B 191 78.37 22.23 41.30
CA GLU B 192 80.05 24.56 38.81
CA LYS B 193 83.16 26.72 38.74
CA THR B 194 84.60 28.94 36.04
CA SER B 195 87.62 31.23 35.85
CA ASN B 196 88.41 33.74 33.10
CA PHE B 197 91.71 35.57 32.75
CA ASN B 198 93.21 38.03 30.27
CA ALA B 199 96.53 39.89 30.35
CA ALA B 200 98.21 42.18 27.86
CA ILE B 201 101.37 44.28 27.68
CA SER B 202 102.51 46.72 25.00
CA LEU B 203 105.46 49.07 24.55
CA LYS B 204 106.47 51.69 21.98
CA PHE B 205 109.74 53.58 21.59
CA THR B 206 110.75 56.24 19.04
CA PRO B 207 114.28 57.78 19.15
CA GLY B 228 114.08 54.83 14.68
CA LYS B 229 110.82 53.28 15.80
CA GLY B 230 110.12 50.04 17.66
CA SER B 231 106.98 48.52 19.12
CA PHE B 232 105.93 45.36 20.93
CA ARG B 233 102.50 43.88 21.68
CA PHE B 234 101.56 40.72 23.55
CA SER B 235 98.22 39.29 24.69
CA TYR B 236 97.46 36.15 26.68
CA SER B 237 94.17 34.60 27.80
CA LYS B 238 92.94 31.55 29.69
CA ASN B 239 89.53 30.17 30.55
CA GLU B 240 88.29 27.10 32.41
CA THR B 241 84.81 25.72 33.06
CA TYR B 242 84.18 22.62 35.18
CA GLN B 243 80.81 21.11 36.07
CA LEU B 244 79.65 18.17 38.19
CA PHE B 245 76.04 16.99 38.35
CA LEU B 246 74.65 13.93 40.15
CA SER B 247 71.17 12.64 40.91
CA TYR B 248 70.03 9.69 43.01
CA SER B 249 66.64 8.11 43.79
CA SER B 250 65.60 5.03 45.75
CA LYS B 251 62.34 3.25 46.53
CA LYS B 252 61.36 0.57 49.03
CA GLU B 253 57.71 -0.45 49.20
CA LYS B 254 55.98 -3.49 50.67
CA MET B 255 52.51 -4.93 50.93
CA PHE B 256 51.35 -7.76 53.12
CA LEU B 257 47.99 -9.44 53.33
CA HIS B 258 46.57 -12.00 55.66
CA VAL B 259 43.20 -13.61 55.15
CA LYS B 260 41.78 -16.30 57.41
CA GLY B 261 38.39 -17.71 58.37
CA GLU B 262 37.88 -20.62 60.77
CA ILE B 263 34.76 -22.73 61.39
CA HIS B 264 34.26 -25.12 64.31
CA LEU B 265 31.76 -27.92 63.64
CA GLY B 266 31.93 -29.80 66.96
CA ARG B 267 33.59 -30.15 70.37
CA PHE B 268 34.94 -33.34 71.88
CA VAL B 269 36.26 -34.05 75.36
CA MET B 270 37.80 -37.41 76.20
CA ARG B 271 38.00 -38.98 79.65
CA ASN B 272 41.07 -38.19 81.78
CA ARG B 273 39.77 -40.57 84.45
CA ASP B 274 40.22 -44.35 84.56
CA VAL B 275 38.05 -45.80 81.80
CA VAL B 276 38.04 -48.67 79.32
CA LEU B 277 40.45 -48.62 76.38
CA THR B 278 40.46 -50.41 73.01
CA THR B 279 41.64 -54.03 73.13
CA THR B 280 44.44 -53.69 70.54
CA PHE B 281 46.14 -50.91 72.51
CA VAL B 282 45.83 -52.88 75.79
CA ASP B 283 47.28 -56.04 74.19
CA ASP B 284 50.32 -54.18 72.86
CA ILE B 285 50.77 -52.40 76.24
CA LYS B 286 50.91 -55.81 77.95
CA ALA B 287 53.38 -57.05 75.30
CA LEU B 288 55.94 -54.32 76.15
CA PRO B 289 59.21 -55.22 78.02
CA THR B 290 59.59 -55.22 81.82
CA THR B 291 62.93 -53.42 81.43
CA TYR B 292 63.84 -50.18 79.66
CA GLU B 293 65.36 -50.65 76.22
CA LYS B 294 64.72 -47.78 73.82
CA GLY B 295 63.93 -49.64 70.57
CA GLU B 296 60.69 -51.29 71.70
CA TYR B 297 59.36 -48.16 73.37
CA PHE B 298 60.29 -45.93 70.40
CA ALA B 299 58.36 -48.22 68.02
CA PHE B 300 55.34 -48.18 70.37
CA LEU B 301 55.33 -44.37 70.57
CA GLU B 302 55.69 -44.15 66.80
CA THR B 303 52.69 -46.45 66.20
CA TYR B 304 50.31 -45.35 68.99
CA GLY B 305 51.34 -41.71 69.45
CA THR B 306 53.44 -39.91 72.05
CA HIS B 307 50.34 -38.30 73.56
CA TYR B 308 46.58 -38.56 73.02
CA SER B 309 43.93 -35.98 72.17
CA SER B 310 42.46 -35.20 75.59
CA SER B 311 39.99 -32.74 74.09
CA GLY B 312 39.77 -30.50 71.04
CA SER B 313 37.58 -29.07 68.34
CA LEU B 314 36.58 -30.34 64.91
CA GLY B 315 36.24 -27.81 62.11
CA GLY B 316 38.05 -26.50 59.03
CA LEU B 317 40.20 -23.55 57.99
CA TYR B 318 40.31 -21.17 55.05
CA GLU B 319 43.60 -19.24 54.78
CA LEU B 320 45.68 -17.24 52.32
CA ILE B 321 48.63 -14.84 52.75
CA TYR B 322 49.98 -12.44 50.12
CA VAL B 323 53.43 -10.93 50.08
CA LEU B 324 55.15 -8.21 48.06
CA ASP B 325 58.62 -6.73 48.56
CA LYS B 326 59.71 -4.18 45.93
CA ALA B 327 63.07 -2.41 45.68
CA SER B 328 64.77 -0.14 43.12
CA MET B 329 67.73 2.27 42.94
CA LYS B 330 68.53 4.91 40.31
CA ARG B 331 71.86 6.76 40.00
CA LYS B 332 73.38 9.03 37.35
CA GLY B 333 76.46 11.27 37.32
CA VAL B 334 78.14 13.45 34.69
CA GLU B 335 81.47 15.33 34.59
CA LEU B 336 82.17 18.09 32.05
CA LYS B 337 85.38 20.08 31.61
CA ASP B 338 86.52 22.64 29.05
CA ILE B 339 89.86 24.52 29.02
CA LYS B 340 91.37 26.91 26.49
CA ARG B 341 94.49 29.03 25.99
CA CYS B 342 95.11 31.62 23.29
CA LEU B 343 98.07 33.98 22.95
CA GLY B 344 99.24 36.47 20.32
CA TYR B 345 102.68 37.98 19.86
CA HIS B 346 103.72 40.89 17.61
CA LEU B 347 106.65 43.24 17.05
CA ASP B 348 107.47 45.83 14.40
CA VAL B 349 110.74 47.77 13.98
CA SER B 350 111.86 50.35 11.40
CA LEU B 351 115.06 52.36 10.95
CA ALA B 352 115.56 55.29 8.57
CA PHE B 353 119.04 56.76 8.14
CA SER B 354 119.39 59.58 5.57
CA GLU B 355 117.89 58.38 2.25
CA ILE B 356 117.98 54.61 3.08
CA SER B 357 115.49 52.65 5.18
CA VAL B 358 114.96 49.10 6.45
CA GLY B 359 112.01 47.58 8.33
CA ALA B 360 111.05 44.19 9.73
CA GLU B 361 108.17 42.67 11.68
CA PHE B 362 107.16 39.34 13.19
CA ASN B 363 103.78 37.96 14.23
CA LYS B 364 102.82 34.67 15.90
CA ASP B 365 99.50 33.20 17.05
CA ASP B 366 99.10 30.03 19.14
CA CYS B 367 95.87 28.49 20.46
CA VAL B 368 94.83 25.18 22.05
CA LYS B 369 91.43 24.01 23.32
CA ARG B 370 90.68 20.74 25.09
CA GLY B 371 87.22 19.45 26.04
CA GLU B 372 86.44 16.36 28.09
CA GLY B 373 83.10 14.69 28.94
CA ARG B 374 82.28 11.58 30.96
CA ALA B 375 78.90 10.16 32.00
CA VAL B 376 77.76 7.10 33.98
CA ASN B 377 74.19 5.89 34.55
CA ILE B 378 72.98 2.77 36.38
CA THR B 379 69.52 1.47 37.32
CA SER B 380 68.41 -1.74 39.02
CA GLU B 381 65.06 -3.09 40.16
CA ASN B 382 64.04 -6.34 41.85
CA LEU B 383 60.93 -7.78 43.45
CA ILE B 384 59.37 -10.92 44.92
CA ASP B 385 55.73 -11.98 44.81
CA ASP B 386 54.91 -14.95 47.01
CA VAL B 387 51.39 -16.17 47.46
CA VAL B 388 50.73 -19.10 49.71
CA SER B 389 47.39 -20.59 50.48
CA LEU B 390 45.92 -23.71 51.98
CA ILE B 391 42.58 -24.97 53.28
CA ARG B 392 41.51 -27.99 55.32
CA GLY B 393 38.28 -29.82 56.01
CA GLY B 394 35.52 -31.31 53.83
CA THR B 395 35.71 -33.23 50.57
CA ARG B 396 37.99 -32.67 47.57
CA LYS B 397 35.55 -31.20 45.04
CA TYR B 398 34.67 -28.03 46.95
CA ALA B 399 38.25 -27.55 48.10
CA PHE B 400 39.48 -27.84 44.49
CA GLU B 401 36.88 -25.35 43.25
CA LEU B 402 37.94 -22.79 45.87
CA LYS B 403 41.61 -23.43 45.08
CA GLU B 404 41.15 -22.73 41.36
CA LYS B 405 39.18 -19.56 41.97
CA LEU B 406 41.86 -18.25 44.31
CA LEU B 407 44.36 -18.29 41.48
CA ARG B 408 42.65 -15.09 40.33
CA GLY B 409 41.39 -14.53 43.89
CA THR B 410 37.93 -15.72 44.92
CA VAL B 411 35.68 -12.68 45.07
CA ILE B 412 32.58 -14.16 43.44
CA ASP B 413 30.80 -17.51 43.66
CA VAL B 414 29.91 -17.04 47.33
CA THR B 415 27.65 -20.13 47.09
CA ASP B 416 30.83 -22.29 46.75
CA PHE B 417 31.64 -21.65 50.39
CA VAL B 418 28.23 -22.92 51.55
CA ASN B 419 28.95 -26.22 49.73
CA TRP B 420 32.33 -26.38 51.42
CA ALA B 421 30.69 -25.81 54.79
CA SER B 422 28.33 -28.74 54.25
CA SER B 423 31.17 -31.09 53.24
CA ILE B 424 33.13 -30.05 56.37
CA ASN B 425 30.27 -31.46 58.49
CA ASP B 426 30.46 -34.77 56.61
CA ALA B 427 34.25 -35.13 56.83
CA PRO B 428 35.65 -33.43 59.96
CA VAL B 429 39.35 -32.62 60.45
CA LEU B 430 41.10 -31.88 63.75
CA ILE B 431 41.71 -28.20 64.48
CA SER B 432 42.51 -27.57 68.16
CA GLN B 433 43.55 -30.20 70.65
CA LYS B 434 44.80 -30.72 74.18
CA LEU B 435 47.64 -33.15 74.68
CA SER B 436 48.59 -35.39 77.59
CA PRO B 437 51.14 -38.26 77.40
CA ILE B 438 49.77 -41.65 76.31
CA TYR B 439 51.48 -43.58 79.13
CA ASN B 440 49.21 -41.97 81.75
CA LEU B 441 46.31 -43.98 80.29
CA VAL B 442 47.75 -47.41 81.21
CA PRO B 443 45.95 -49.05 84.16
CA VAL B 444 48.49 -49.28 86.99
CA LYS B 445 46.68 -52.14 88.67
CA MET B 446 47.77 -55.07 86.50
CA LYS B 447 51.28 -56.47 86.99
CA ASN B 448 54.31 -54.68 85.53
CA ALA B 449 52.09 -51.76 84.39
CA HIS B 450 54.04 -49.36 86.57
CA LEU B 451 57.38 -50.62 85.21
CA LYS B 452 56.24 -50.14 81.60
CA LYS B 453 54.93 -46.68 82.45
CA GLN B 454 58.31 -45.62 83.88
CA ASN B 455 60.06 -47.05 80.81
CA LEU B 456 57.71 -45.04 78.54
CA GLU B 457 58.46 -41.80 80.49
CA ARG B 458 62.16 -42.24 79.87
CA ALA B 459 61.54 -43.25 76.26
CA ILE B 460 59.62 -40.10 75.29
CA GLU B 461 62.50 -37.90 76.46
CA ASP B 462 65.13 -39.86 74.55
CA TYR B 463 63.00 -40.10 71.42
CA ILE B 464 62.69 -36.28 71.31
CA ASN B 465 66.48 -36.01 71.27
CA GLU B 466 66.78 -38.50 68.35
CA PHE B 467 64.29 -36.42 66.39
CA SER B 468 65.89 -33.10 67.39
CA VAL B 469 66.90 -30.51 64.80
CA ARG B 470 69.03 -28.69 67.40
CA LYS B 471 71.85 -31.16 66.72
CA CYS B 472 71.71 -30.52 62.96
CA HIS B 473 73.55 -27.77 61.05
CA THR B 474 71.57 -24.58 60.40
CA CYS B 475 71.90 -23.14 56.89
CA GLN B 476 73.12 -19.65 56.13
CA ASN B 477 70.97 -16.53 55.87
CA GLY B 478 68.45 -17.64 58.50
CA GLY B 479 67.72 -21.10 57.07
CA THR B 480 66.03 -23.56 59.43
CA VAL B 481 67.05 -27.20 59.48
CA ILE B 482 64.53 -30.04 59.51
CA LEU B 483 65.33 -33.68 60.37
CA MET B 484 63.86 -36.37 58.17
CA ASP B 485 64.77 -39.82 59.29
CA GLY B 486 68.50 -39.34 59.71
CA LYS B 487 69.04 -36.79 56.94
CA CYS B 488 68.75 -33.09 57.63
CA LEU B 489 67.55 -30.76 54.89
CA CYS B 490 67.46 -27.01 55.32
CA ALA B 491 64.23 -25.15 54.76
CA CYS B 492 65.07 -21.72 53.37
CA PRO B 493 62.79 -19.00 51.79
CA PHE B 494 61.69 -19.01 48.13
CA LYS B 495 64.04 -16.07 47.49
CA PHE B 496 67.17 -17.95 48.56
CA GLU B 497 67.36 -21.76 48.70
CA GLY B 498 69.98 -24.45 49.22
CA ILE B 499 71.47 -27.18 51.31
CA ALA B 500 73.63 -24.19 52.31
CA CYS B 501 71.25 -21.53 50.65
CA GLU B 502 73.49 -19.78 48.06
CA ILE B 503 71.02 -20.27 45.17
CA SER B 504 68.47 -17.53 44.52
CA LYS B 505 65.74 -16.39 42.12
CA GLN B 506 67.21 -12.92 42.63
CA SER C 1 67.54 -19.50 72.77
CA HIS C 2 64.97 -22.21 73.57
CA ILE C 3 63.54 -22.61 77.03
CA ASP C 4 61.75 -25.94 77.33
CA CYS C 5 58.90 -26.64 79.73
CA ARG C 6 60.04 -28.56 82.81
CA MET C 7 58.02 -29.73 85.79
CA SER C 8 58.98 -30.30 89.40
CA PRO C 9 60.55 -33.57 90.66
CA TRP C 10 58.15 -36.23 91.92
CA SER C 11 56.08 -35.79 95.04
CA GLU C 12 56.16 -38.76 97.42
CA TRP C 13 53.32 -41.33 97.23
CA SER C 14 50.10 -40.54 99.06
CA GLN C 15 48.47 -42.98 101.48
CA CYS C 16 46.68 -45.91 99.85
CA ASP C 17 43.29 -44.66 98.70
CA PRO C 18 40.27 -46.74 99.71
CA CYS C 19 38.18 -45.33 96.85
CA LEU C 20 40.72 -46.00 94.08
CA ARG C 21 43.13 -48.53 95.66
CA GLN C 22 46.11 -46.58 94.39
CA MET C 23 48.62 -44.00 95.55
CA PHE C 24 49.18 -40.77 93.67
CA ARG C 25 51.84 -38.14 93.18
CA SER C 26 51.96 -34.93 91.17
CA ARG C 27 54.22 -32.21 89.81
CA SER C 28 53.99 -28.45 89.25
CA ILE C 29 55.47 -26.34 86.40
CA GLU C 30 58.90 -24.96 87.27
CA VAL C 31 59.75 -23.74 83.80
CA PHE C 32 57.50 -22.98 80.86
CA GLY C 33 58.23 -23.35 77.14
CA GLN C 34 59.32 -20.10 75.52
CA PHE C 35 61.31 -18.89 72.51
CA ASN C 36 60.32 -21.82 70.28
CA GLY C 37 60.51 -24.20 73.28
CA LYS C 38 58.42 -27.33 73.77
CA ARG C 39 55.36 -27.83 75.96
CA CYS C 40 55.27 -30.11 78.99
CA THR C 41 55.71 -33.68 77.81
CA ASP C 42 56.02 -34.47 81.55
CA ALA C 43 53.80 -37.11 83.19
CA VAL C 44 52.24 -34.51 85.56
CA GLY C 45 50.98 -37.29 87.82
CA ASP C 46 51.77 -40.96 88.34
CA ARG C 47 49.68 -43.63 90.02
CA ARG C 48 50.88 -46.80 91.74
CA GLN C 49 48.71 -49.83 92.49
CA CYS C 50 47.80 -50.43 96.14
CA VAL C 51 45.17 -52.02 98.41
CA PRO C 52 42.15 -50.32 100.09
CA THR C 53 42.41 -49.11 103.70
CA GLU C 54 38.63 -49.24 104.25
CA PRO C 55 35.49 -49.84 102.18
CA CYS C 56 34.89 -46.43 100.59
CA GLU C 57 32.30 -45.27 98.09
CA CYS C 63 19.40 -45.21 99.75
CA GLY C 64 18.15 -47.21 102.75
CA ASN C 65 14.66 -48.71 102.47
CA ASP C 66 13.80 -46.57 99.41
CA PHE C 67 14.09 -47.79 95.80
CA GLN C 68 17.69 -47.95 94.63
CA CYS C 69 18.54 -48.03 90.93
CA SER C 70 21.56 -49.85 89.50
CA THR C 71 23.01 -46.42 88.68
CA GLY C 72 22.98 -45.48 92.38
CA ARG C 73 19.94 -43.22 92.03
CA CYS C 74 17.86 -43.21 95.20
CA ILE C 75 14.20 -42.33 94.77
CA LYS C 76 11.09 -43.00 96.82
CA MET C 77 8.59 -45.57 95.51
CA ARG C 78 5.90 -43.00 94.63
CA LEU C 79 8.22 -41.56 91.92
CA ARG C 80 7.99 -44.90 90.13
CA CYS C 81 5.08 -45.87 87.90
CA ASN C 82 4.31 -42.72 85.99
CA GLY C 83 6.56 -43.08 82.93
CA ASP C 84 9.00 -40.47 84.23
CA ASN C 85 12.73 -41.10 84.15
CA ASP C 86 13.70 -40.76 87.81
CA CYS C 87 16.59 -43.22 87.43
CA GLY C 88 19.81 -43.05 85.44
CA ASP C 89 18.99 -46.33 83.69
CA PHE C 90 15.16 -46.01 83.73
CA SER C 91 14.88 -48.86 86.29
CA ASP C 92 11.98 -47.10 87.98
CA GLU C 93 9.86 -47.75 84.90
CA ASP C 94 11.25 -51.27 84.35
CA ASP C 95 9.31 -54.13 85.96
CA CYS C 96 7.29 -51.47 87.77
CA GLU C 97 4.93 -52.18 90.71
CA SER C 98 1.94 -50.65 88.93
CA GLU C 99 1.09 -49.27 85.50
CA PRO C 100 2.18 -45.75 84.66
CA ARG C 101 -0.31 -43.14 85.91
CA PRO C 102 -0.25 -39.86 83.90
CA PRO C 103 2.39 -37.37 85.22
CA CYS C 104 0.18 -34.62 83.81
CA ARG C 105 -3.50 -35.55 84.06
CA ASP C 106 -4.66 -32.52 82.05
CA ARG C 107 -2.64 -33.10 78.89
CA VAL C 108 0.57 -34.70 77.70
CA VAL C 109 3.24 -32.07 78.32
CA GLU C 110 6.35 -32.22 76.13
CA GLU C 111 9.73 -31.78 77.80
CA SER C 112 11.83 -28.66 77.43
CA GLU C 113 14.15 -29.26 74.52
CA LEU C 114 17.81 -28.69 75.21
CA ALA C 115 17.02 -29.21 78.93
CA ARG C 116 20.28 -31.15 79.29
CA THR C 117 22.19 -28.45 77.42
CA ALA C 118 21.02 -25.75 79.87
CA GLY C 119 22.38 -27.67 82.87
CA TYR C 120 26.01 -27.91 81.59
CA GLY C 121 29.06 -27.57 83.84
CA ILE C 122 31.78 -25.08 82.87
CA ASN C 123 35.56 -25.04 83.08
CA ILE C 124 36.38 -21.43 83.83
CA LEU C 125 39.99 -21.75 82.65
CA GLY C 126 38.74 -21.80 79.03
CA MET C 127 35.18 -20.67 79.72
CA ASP C 128 33.83 -23.66 77.78
CA PRO C 129 30.94 -25.91 78.83
CA LEU C 130 31.31 -29.59 79.78
CA SER C 131 28.63 -32.19 80.61
CA THR C 132 25.81 -31.24 83.02
CA PRO C 133 26.16 -32.10 86.75
CA PHE C 134 22.33 -31.96 87.03
CA ASP C 135 19.89 -34.60 85.85
CA ASN C 136 17.67 -32.72 83.39
CA GLU C 137 15.27 -35.57 82.73
CA PHE C 138 14.51 -35.86 86.45
CA TYR C 139 11.09 -34.38 87.15
CA ASN C 140 10.94 -35.72 90.73
CA GLY C 141 7.72 -37.62 89.87
CA LEU C 142 5.95 -34.26 89.61
CA CYS C 143 4.99 -32.39 86.47
CA ASN C 144 6.01 -28.76 86.65
CA ARG C 145 5.80 -26.76 83.45
CA ASP C 146 6.85 -23.44 81.96
CA ARG C 147 4.72 -21.86 79.22
CA ASP C 148 6.29 -20.70 75.95
CA GLY C 149 4.74 -17.55 74.46
CA ASN C 150 6.62 -17.89 71.13
CA THR C 151 5.04 -21.28 70.44
CA LEU C 152 1.90 -21.59 72.56
CA THR C 153 2.38 -24.85 74.42
CA TYR C 154 3.83 -25.75 77.81
CA TYR C 155 7.18 -27.42 78.20
CA ARG C 156 7.80 -29.57 81.25
CA ARG C 157 10.59 -28.33 83.49
CA PRO C 158 12.90 -30.71 85.43
CA TRP C 159 12.91 -30.34 89.23
CA ASN C 160 16.71 -29.91 89.20
CA VAL C 161 16.05 -26.80 87.12
CA ALA C 162 14.77 -23.67 88.87
CA SER C 163 13.34 -21.93 85.72
CA LEU C 164 13.71 -22.70 81.98
CA ILE C 165 11.19 -20.22 80.74
CA TYR C 166 11.51 -19.43 77.05
CA GLU C 167 11.77 -15.69 77.11
CA THR C 168 9.83 -13.25 75.00
CA LYS C 169 12.82 -12.63 72.72
CA GLY C 170 15.55 -10.25 73.83
CA GLU C 171 16.11 -9.48 70.15
CA LYS C 172 17.89 -6.24 69.23
CA ASN C 173 20.67 -5.22 71.52
CA PHE C 174 22.07 -3.31 68.62
CA ARG C 175 24.71 -0.63 68.75
CA THR C 176 27.18 0.84 66.37
CA GLU C 177 29.83 3.34 67.26
CA HIS C 178 31.62 5.46 64.75
CA TYR C 179 34.87 7.17 65.59
CA GLU C 180 36.84 9.40 63.28
CA GLU C 181 39.95 11.49 63.92
CA GLN C 182 41.84 13.86 61.61
CA ILE C 183 45.06 15.74 62.40
CA GLU C 184 47.05 17.58 59.71
CA ALA C 185 49.86 20.10 60.17
CA PHE C 186 52.12 22.25 57.99
CA LYS C 187 55.31 24.22 58.66
CA SER C 188 57.32 26.13 56.06
CA ILE C 189 60.23 28.54 56.46
CA ILE C 190 62.40 30.55 54.06
CA GLN C 191 65.48 32.71 54.64
CA GLU C 192 67.65 34.76 52.28
CA LYS C 193 70.61 37.09 52.62
CA THR C 194 72.60 38.99 50.02
CA SER C 195 75.51 41.43 50.20
CA ASN C 196 76.86 43.57 47.37
CA PHE C 197 80.11 45.54 47.52
CA ASN C 198 82.09 47.72 45.13
CA ALA C 199 85.23 49.78 45.69
CA ALA C 200 87.39 51.81 43.35
CA ILE C 201 90.44 54.06 43.60
CA SER C 202 92.12 56.17 40.92
CA LEU C 203 95.03 58.61 40.82
CA LYS C 204 96.55 60.90 38.20
CA PHE C 205 99.76 62.92 38.30
CA THR C 206 101.29 65.26 35.69
CA PRO C 207 104.64 67.02 36.39
CA GLY C 228 105.60 63.47 32.50
CA LYS C 229 102.21 61.89 33.03
CA GLY C 230 101.18 58.90 35.15
CA SER C 231 97.83 57.41 36.06
CA PHE C 232 96.46 54.46 38.02
CA ARG C 233 93.00 52.89 38.16
CA PHE C 234 91.73 49.97 40.22
CA SER C 235 88.25 48.51 40.74
CA TYR C 236 87.12 45.63 42.95
CA SER C 237 83.70 44.05 43.49
CA LYS C 238 82.15 41.22 45.48
CA ASN C 239 78.67 39.76 45.73
CA GLU C 240 77.10 36.91 47.67
CA THR C 241 73.61 35.42 47.70
CA TYR C 242 72.58 32.61 50.04
CA GLN C 243 69.13 31.02 50.35
CA LEU C 244 67.58 28.34 52.55
CA PHE C 245 64.08 26.97 52.05
CA LEU C 246 62.39 24.11 53.91
CA SER C 247 58.85 22.72 54.02
CA TYR C 248 57.33 20.02 56.21
CA SER C 249 53.90 18.36 56.42
CA SER C 250 52.50 15.52 58.51
CA LYS C 251 49.21 13.67 58.78
CA LYS C 252 47.73 11.30 61.35
CA GLU C 253 44.17 10.09 60.81
CA LYS C 254 42.24 7.18 62.28
CA MET C 255 38.83 5.57 61.93
CA PHE C 256 37.27 3.01 64.19
CA LEU C 257 34.00 1.17 63.86
CA HIS C 258 32.14 -1.14 66.16
CA VAL C 259 29.03 -3.01 65.12
CA LYS C 260 27.19 -5.44 67.37
CA GLY C 261 23.71 -6.92 67.71
CA GLU C 262 22.72 -9.49 70.33
CA ILE C 263 19.61 -11.68 70.52
CA HIS C 264 18.49 -13.67 73.57
CA LEU C 265 16.31 -16.69 72.76
CA GLY C 266 15.73 -18.07 76.28
CA ARG C 267 16.52 -17.83 79.98
CA PHE C 268 17.56 -20.69 82.24
CA VAL C 269 18.02 -20.82 86.00
CA MET C 270 19.42 -23.93 87.67
CA ARG C 271 18.82 -24.98 91.26
CA ASN C 272 21.26 -23.71 93.91
CA ARG C 273 19.43 -25.78 96.52
CA ASP C 274 19.94 -29.47 97.31
CA VAL C 275 18.54 -31.42 94.37
CA VAL C 276 19.22 -34.61 92.41
CA LEU C 277 22.26 -34.82 90.16
CA THR C 278 23.13 -37.05 87.18
CA THR C 279 24.35 -40.53 88.12
CA THR C 280 27.68 -40.39 86.24
CA PHE C 281 28.77 -37.25 88.10
CA VAL C 282 27.75 -38.77 91.47
CA ASP C 283 29.62 -42.01 90.77
CA ASP C 284 32.85 -40.17 89.91
CA ILE C 285 32.41 -37.92 92.99
CA LYS C 286 32.23 -41.04 95.18
CA ALA C 287 35.30 -42.47 93.40
CA LEU C 288 37.50 -39.49 94.41
CA PRO C 289 40.25 -39.92 97.10
CA THR C 290 39.71 -39.36 100.84
CA THR C 291 43.00 -37.43 100.97
CA TYR C 292 44.20 -34.41 99.01
CA GLU C 293 46.53 -35.26 96.12
CA LYS C 294 46.40 -32.81 93.23
CA GLY C 295 46.47 -35.15 90.21
CA GLU C 296 43.10 -36.83 90.78
CA TYR C 297 41.31 -33.57 91.60
CA PHE C 298 42.87 -31.74 88.64
CA ALA C 299 41.63 -34.45 86.24
CA PHE C 300 38.14 -34.27 87.79
CA LEU C 301 37.97 -30.48 87.40
CA GLU C 302 39.22 -30.76 83.83
CA THR C 303 36.52 -33.31 82.90
CA TYR C 304 33.51 -31.99 84.85
CA GLY C 305 34.30 -28.26 84.99
CA THR C 306 35.66 -25.99 87.72
CA HIS C 307 32.23 -24.38 88.19
CA TYR C 308 28.74 -24.95 86.83
CA SER C 309 26.30 -22.69 85.02
CA SER C 310 24.02 -21.53 87.84
CA SER C 311 21.92 -19.47 85.45
CA GLY C 312 22.36 -17.69 82.14
CA SER C 313 20.85 -16.80 78.80
CA LEU C 314 20.75 -18.60 75.48
CA GLY C 315 21.02 -16.51 72.32
CA GLY C 316 23.47 -15.53 69.59
CA LEU C 317 25.73 -12.63 68.64
CA TYR C 318 26.47 -10.67 65.49
CA GLU C 319 29.68 -8.59 65.70
CA LEU C 320 32.23 -6.83 63.52
CA ILE C 321 34.93 -4.21 64.27
CA TYR C 322 36.79 -2.12 61.70
CA VAL C 323 40.11 -0.42 62.23
CA LEU C 324 42.19 2.10 60.29
CA ASP C 325 45.39 3.85 61.36
CA LYS C 326 47.01 6.07 58.69
CA ALA C 327 50.28 7.99 58.98
CA SER C 328 52.48 9.99 56.58
CA MET C 329 55.32 12.53 56.73
CA LYS C 330 56.66 14.83 53.99
CA ARG C 331 59.92 16.82 54.20
CA LYS C 332 61.96 18.79 51.67
CA GLY C 333 64.90 21.19 52.01
CA VAL C 334 67.09 23.10 49.55
CA GLU C 335 70.29 25.15 49.95
CA LEU C 336 71.50 27.57 47.26
CA LYS C 337 74.67 29.67 47.28
CA ASP C 338 76.32 31.92 44.70
CA ILE C 339 79.51 33.99 45.18
CA LYS C 340 81.52 36.09 42.73
CA ARG C 341 84.61 38.30 42.66
CA CYS C 342 85.78 40.54 39.84
CA LEU C 343 88.67 43.01 39.84
CA GLY C 344 90.37 45.17 37.20
CA TYR C 345 93.77 46.82 37.34
CA HIS C 346 95.25 49.44 34.99
CA LEU C 347 98.15 51.88 34.78
CA ASP C 348 99.50 54.12 32.03
CA VAL C 349 102.73 56.19 32.11
CA SER C 350 104.37 58.43 29.49
CA LEU C 351 107.53 60.57 29.51
CA ALA C 352 108.49 63.17 26.90
CA PHE C 353 111.93 64.78 27.07
CA SER C 354 112.81 67.23 24.27
CA GLU C 355 112.19 65.48 20.90
CA ILE C 356 112.18 61.88 22.30
CA SER C 357 109.31 60.07 24.02
CA VAL C 358 108.60 56.71 25.65
CA GLY C 359 105.33 55.28 27.01
CA ALA C 360 104.16 52.07 28.63
CA GLU C 361 100.94 50.66 30.06
CA PHE C 362 99.69 47.51 31.77
CA ASN C 363 96.19 46.08 32.20
CA LYS C 364 94.96 43.00 34.06
CA ASP C 365 91.50 41.50 34.62
CA ASP C 366 90.70 38.63 37.01
CA CYS C 367 87.29 37.09 37.75
CA VAL C 368 86.00 33.98 39.54
CA LYS C 369 82.42 32.79 40.15
CA ARG C 370 81.37 29.75 42.16
CA GLY C 371 77.81 28.38 42.45
CA GLU C 372 76.65 25.57 44.71
CA GLY C 373 73.26 23.83 45.00
CA ARG C 374 72.06 20.99 47.22
CA ALA C 375 68.57 19.51 47.65
CA VAL C 376 67.08 16.69 49.73
CA ASN C 377 63.51 15.35 49.63
CA ILE C 378 61.99 12.44 51.58
CA THR C 379 58.44 11.07 51.88
CA SER C 380 57.04 8.07 53.73
CA GLU C 381 53.55 6.68 54.24
CA ASN C 382 52.26 3.64 56.12
CA LEU C 383 48.89 2.24 57.15
CA ILE C 384 47.12 -0.75 58.67
CA ASP C 385 43.64 -2.05 57.86
CA ASP C 386 42.40 -4.73 60.24
CA VAL C 387 38.90 -6.09 60.03
CA VAL C 388 37.82 -8.72 62.48
CA SER C 389 34.43 -10.29 62.67
CA LEU C 390 32.72 -13.26 64.24
CA ILE C 391 29.22 -14.54 64.89
CA ARG C 392 27.77 -17.30 67.06
CA GLY C 393 24.52 -19.22 67.24
CA GLY C 394 22.41 -21.17 64.73
CA THR C 395 23.43 -23.51 61.93
CA ARG C 396 26.35 -23.23 59.50
CA LYS C 397 24.55 -22.28 56.28
CA TYR C 398 23.15 -18.95 57.42
CA ALA C 399 26.33 -18.09 59.29
CA PHE C 400 28.40 -18.80 56.16
CA GLU C 401 26.11 -16.67 53.98
CA LEU C 402 26.42 -13.71 56.36
CA LYS C 403 30.20 -14.22 56.56
CA GLU C 404 30.63 -14.08 52.78
CA LYS C 405 28.47 -10.98 52.41
CA LEU C 406 30.47 -9.19 55.11
CA LEU C 407 33.58 -9.47 52.97
CA ARG C 408 32.11 -6.57 50.98
CA GLY C 409 30.02 -5.61 54.02
CA THR C 410 26.44 -6.85 54.38
CA VAL C 411 24.13 -3.97 53.54
CA ILE C 412 21.57 -5.86 51.47
CA ASP C 413 19.88 -9.26 51.77
CA VAL C 414 18.12 -8.34 55.02
CA THR C 415 16.08 -11.56 54.73
CA ASP C 416 19.30 -13.55 55.46
CA PHE C 417 19.19 -12.35 59.05
CA VAL C 418 15.65 -13.66 59.57
CA ASN C 419 16.86 -17.13 58.48
CA TRP C 420 19.76 -16.84 60.92
CA ALA C 421 17.33 -15.91 63.69
CA SER C 422 15.26 -19.02 63.06
CA SER C 423 18.32 -21.31 63.11
CA ILE C 424 19.44 -19.72 66.42
CA ASN C 425 16.20 -21.00 67.99
CA ASP C 426 16.93 -24.52 66.74
CA ALA C 427 20.56 -24.61 67.89
CA PRO C 428 21.12 -22.40 70.97
CA VAL C 429 24.56 -21.30 72.18
CA LEU C 430 25.45 -19.99 75.65
CA ILE C 431 25.77 -16.22 75.94
CA SER C 432 25.64 -15.04 79.56
CA GLN C 433 26.12 -17.22 82.60
CA LYS C 434 26.49 -17.16 86.36
CA LEU C 435 29.21 -19.31 87.87
CA SER C 436 29.49 -21.06 91.23
CA PRO C 437 32.09 -23.76 92.06
CA ILE C 438 31.11 -27.34 91.21
CA TYR C 439 32.17 -28.76 94.60
CA ASN C 440 29.28 -26.93 96.34
CA LEU C 441 26.87 -29.31 94.56
CA VAL C 442 28.15 -32.48 96.31
CA PRO C 443 25.74 -33.81 98.97
CA VAL C 444 27.52 -33.48 102.31
CA LYS C 445 25.44 -36.17 103.94
CA MET C 446 27.11 -39.31 102.54
CA LYS C 447 30.44 -40.41 104.06
CA ASN C 448 33.69 -38.65 103.09
CA ALA C 449 31.72 -36.05 101.04
CA HIS C 450 33.02 -33.26 103.23
CA LEU C 451 36.62 -34.48 102.88
CA LYS C 452 36.37 -34.59 99.09
CA LYS C 453 34.79 -31.13 99.07
CA GLN C 454 37.69 -29.67 101.07
CA ASN C 455 40.17 -31.40 98.74
CA LEU C 456 38.38 -29.88 95.72
CA GLU C 457 38.55 -26.36 97.27
CA ARG C 458 42.30 -26.65 97.60
CA ALA C 459 42.60 -28.19 94.15
CA ILE C 460 40.88 -25.33 92.30
CA GLU C 461 43.34 -22.82 93.76
CA ASP C 462 46.39 -24.85 92.84
CA TYR C 463 45.09 -25.65 89.37
CA ILE C 464 44.70 -21.92 88.61
CA ASN C 465 48.39 -21.42 89.42
CA GLU C 466 49.45 -24.26 87.06
CA PHE C 467 47.44 -22.64 84.27
CA SER C 468 48.67 -19.11 85.12
CA VAL C 469 50.20 -16.86 82.48
CA ARG C 470 51.58 -14.56 85.19
CA LYS C 471 54.55 -16.92 85.57
CA CYS C 472 55.30 -16.82 81.83
CA HIS C 473 57.46 -14.25 80.01
CA THR C 474 55.62 -11.32 78.44
CA CYS C 475 56.74 -10.36 74.94
CA GLN C 476 58.00 -6.94 73.97
CA ASN C 477 55.89 -4.03 72.73
CA GLY C 478 52.84 -4.92 74.85
CA GLY C 479 52.59 -8.59 73.82
CA THR C 480 50.44 -10.80 76.06
CA VAL C 481 51.53 -14.32 76.90
CA ILE C 482 49.15 -17.28 76.77
CA LEU C 483 49.82 -20.71 78.32
CA MET C 484 49.00 -23.76 76.28
CA ASP C 485 49.71 -26.96 78.09
CA GLY C 486 53.22 -26.19 79.29
CA LYS C 487 54.33 -24.02 76.38
CA CYS C 488 53.79 -20.29 76.40
CA LEU C 489 53.21 -18.45 73.14
CA CYS C 490 52.92 -14.69 72.97
CA ALA C 491 49.87 -13.13 71.39
CA CYS C 492 50.91 -9.88 69.74
CA PRO C 493 49.01 -7.56 67.28
CA PHE C 494 48.83 -8.16 63.51
CA LYS C 495 51.16 -5.18 63.01
CA PHE C 496 54.01 -6.70 65.04
CA GLU C 497 54.26 -10.42 65.80
CA GLY C 498 56.75 -12.84 67.32
CA ILE C 499 57.77 -15.15 70.08
CA ALA C 500 59.55 -11.93 71.10
CA CYS C 501 57.57 -9.68 68.55
CA GLU C 502 60.32 -8.18 66.32
CA ILE C 503 58.61 -9.21 63.04
CA SER C 504 56.22 -6.76 61.40
CA LYS C 505 54.11 -6.14 58.29
CA GLN C 506 55.33 -2.55 58.59
CA SER D 1 48.59 -4.83 88.63
CA HIS D 2 45.97 -7.55 89.19
CA ILE D 3 43.77 -7.56 92.25
CA ASP D 4 42.05 -10.91 92.62
CA CYS D 5 38.73 -11.45 94.37
CA ARG D 6 39.16 -12.85 97.87
CA MET D 7 36.52 -13.72 100.44
CA SER D 8 36.58 -13.71 104.23
CA PRO D 9 37.90 -16.67 106.29
CA TRP D 10 35.35 -19.28 107.35
CA SER D 11 32.57 -18.54 109.79
CA GLU D 12 32.17 -21.14 112.53
CA TRP D 13 29.53 -23.88 112.08
CA SER D 14 25.94 -23.05 112.97
CA GLN D 15 23.85 -25.22 115.28
CA CYS D 16 22.58 -28.47 113.74
CA ASP D 17 19.54 -27.61 111.65
CA PRO D 18 16.42 -29.72 112.23
CA CYS D 19 15.04 -28.85 108.79
CA LEU D 20 18.19 -29.74 106.81
CA ARG D 21 20.22 -31.86 109.28
CA GLN D 22 23.36 -29.92 108.46
CA MET D 23 25.45 -27.06 109.77
CA PHE D 24 26.35 -24.09 107.61
CA ARG D 25 28.98 -21.39 107.37
CA SER D 26 29.48 -18.49 104.98
CA ARG D 27 31.93 -15.85 103.80
CA SER D 28 31.74 -12.23 102.62
CA ILE D 29 33.79 -10.44 99.93
CA GLU D 30 36.86 -8.74 101.36
CA VAL D 31 38.50 -7.96 98.04
CA PHE D 32 37.00 -7.77 94.57
CA GLY D 33 38.60 -8.61 91.21
CA GLN D 34 39.96 -5.56 89.43
CA PHE D 35 42.59 -4.65 86.82
CA ASN D 36 42.24 -7.92 84.89
CA GLY D 37 41.77 -9.84 88.17
CA LYS D 38 39.71 -13.00 88.63
CA ARG D 39 36.24 -13.38 90.10
CA CYS D 40 35.50 -15.22 93.33
CA THR D 41 36.29 -18.88 92.84
CA ASP D 42 35.72 -19.12 96.61
CA ALA D 43 33.26 -21.65 98.07
CA VAL D 44 31.09 -18.84 99.59
CA GLY D 45 29.40 -21.35 101.89
CA ASP D 46 30.15 -24.85 103.12
CA ARG D 47 27.80 -27.39 104.65
CA ARG D 48 28.63 -30.20 107.06
CA GLN D 49 26.44 -33.24 107.74
CA CYS D 50 24.69 -33.38 111.12
CA VAL D 51 21.65 -34.80 112.93
CA PRO D 52 18.25 -33.07 113.57
CA THR D 53 17.61 -31.36 116.92
CA GLU D 54 13.81 -31.65 116.58
CA PRO D 55 11.28 -32.73 113.95
CA CYS D 56 10.99 -29.62 111.77
CA GLU D 57 9.04 -28.99 108.59
CA CYS D 63 -3.88 -29.52 107.16
CA GLY D 64 -5.76 -31.16 110.05
CA ASN D 65 -9.04 -32.89 109.19
CA ASP D 66 -9.19 -31.27 105.73
CA PHE D 67 -8.01 -32.95 102.51
CA GLN D 68 -4.24 -33.04 102.26
CA CYS D 69 -2.52 -33.59 98.92
CA SER D 70 0.81 -35.40 98.52
CA THR D 71 2.32 -32.03 97.56
CA GLY D 72 1.37 -30.58 100.97
CA ARG D 73 -1.55 -28.60 99.57
CA CYS D 74 -4.33 -28.28 102.12
CA ILE D 75 -7.81 -27.70 100.73
CA LYS D 76 -11.30 -28.27 102.08
CA MET D 77 -13.34 -31.15 100.62
CA ARG D 78 -15.81 -28.91 98.76
CA LEU D 79 -12.95 -27.70 96.49
CA ARG D 80 -12.65 -31.27 95.21
CA CYS D 81 -14.91 -32.73 92.54
CA ASN D 82 -15.28 -29.93 90.05
CA GLY D 83 -12.36 -30.58 87.69
CA ASP D 84 -10.38 -27.66 89.12
CA ASN D 85 -6.72 -28.05 90.01
CA ASP D 86 -6.66 -27.15 93.69
CA CYS D 87 -3.70 -29.45 94.37
CA GLY D 88 -0.10 -29.35 93.19
CA ASP D 89 -0.39 -32.89 91.81
CA PHE D 90 -4.12 -32.81 90.91
CA SER D 91 -4.93 -35.29 93.73
CA ASP D 92 -8.20 -33.50 94.41
CA GLU D 93 -9.49 -34.71 91.04
CA ASP D 94 -7.91 -38.17 91.38
CA ASP D 95 -10.10 -40.90 92.91
CA CYS D 96 -12.58 -38.14 93.77
CA GLU D 97 -15.54 -38.59 96.14
CA SER D 98 -18.07 -37.51 93.51
CA GLU D 99 -18.10 -36.68 89.81
CA PRO D 100 -16.95 -33.24 88.74
CA ARG D 101 -19.73 -30.65 88.95
CA PRO D 102 -19.29 -27.69 86.54
CA PRO D 103 -17.11 -24.88 88.05
CA CYS D 104 -18.99 -22.50 85.76
CA ARG D 105 -22.60 -23.61 85.29
CA ASP D 106 -23.33 -20.98 82.62
CA ARG D 107 -20.58 -21.86 80.15
CA VAL D 108 -17.15 -23.40 80.00
CA VAL D 109 -14.78 -20.55 80.82
CA GLU D 110 -11.23 -20.81 79.46
CA GLU D 111 -8.36 -19.93 81.79
CA SER D 112 -6.33 -16.75 81.47
CA GLU D 113 -3.36 -17.61 79.29
CA LEU D 114 0.01 -16.72 80.73
CA ALA D 115 -1.64 -16.76 84.19
CA ARG D 116 1.49 -18.42 85.60
CA THR D 117 3.71 -15.90 83.84
CA ALA D 118 1.91 -12.96 85.52
CA GLY D 119 2.58 -14.36 89.00
CA TYR D 120 6.42 -14.54 88.66
CA GLY D 121 8.81 -13.69 91.47
CA ILE D 122 11.62 -11.20 90.80
CA ASN D 123 15.24 -10.90 91.89
CA ILE D 124 15.75 -7.16 92.26
CA LEU D 125 19.55 -7.42 92.01
CA GLY D 126 19.21 -8.05 88.26
CA MET D 127 15.55 -7.06 87.92
CA ASP D 128 14.79 -10.37 86.17
CA PRO D 129 11.80 -12.64 86.85
CA LEU D 130 12.03 -16.11 88.40
CA SER D 131 9.30 -18.73 88.97
CA THR D 132 5.96 -17.64 90.49
CA PRO D 133 5.43 -17.95 94.29
CA PHE D 134 1.65 -18.01 93.63
CA ASP D 135 -0.37 -20.94 92.32
CA ASN D 136 -1.98 -19.57 89.16
CA GLU D 137 -4.07 -22.63 88.40
CA PHE D 138 -5.69 -22.45 91.83
CA TYR D 139 -9.22 -21.10 91.49
CA ASN D 140 -10.19 -21.94 95.10
CA GLY D 141 -13.05 -24.13 93.80
CA LEU D 142 -14.81 -20.97 92.62
CA CYS D 143 -15.03 -19.62 89.10
CA ASN D 144 -14.18 -15.95 88.97
CA ARG D 145 -13.69 -14.42 85.55
CA ASP D 146 -12.40 -11.28 83.86
CA ARG D 147 -13.85 -10.24 80.49
CA ASP D 148 -11.58 -9.45 77.54
CA GLY D 149 -12.80 -6.64 75.27
CA ASN D 150 -10.18 -7.32 72.56
CA THR D 151 -11.45 -10.87 72.05
CA LEU D 152 -14.99 -11.09 73.40
CA THR D 153 -14.88 -14.01 75.80
CA TYR D 154 -14.26 -14.34 79.52
CA TYR D 155 -11.05 -15.72 80.93
CA ARG D 156 -11.13 -17.38 84.33
CA ARG D 157 -9.00 -15.66 86.94
CA PRO D 158 -7.16 -17.60 89.70
CA TRP D 159 -8.07 -16.70 93.30
CA ASN D 160 -4.39 -16.04 94.09
CA VAL D 161 -4.62 -13.30 91.47
CA ALA D 162 -6.37 -10.04 92.39
CA SER D 163 -7.05 -8.85 88.76
CA LEU D 164 -5.77 -10.11 85.38
CA ILE D 165 -7.98 -8.00 83.21
CA TYR D 166 -6.80 -7.71 79.63
CA GLU D 167 -6.68 -3.99 79.18
CA THR D 168 -8.12 -2.00 76.33
CA LYS D 169 -4.69 -1.51 74.75
CA GLY D 170 -2.37 1.16 76.09
CA GLU D 171 -0.96 1.45 72.58
CA LYS D 172 0.88 4.64 71.62
CA ASN D 173 3.00 6.15 74.32
CA PHE D 174 5.01 7.71 71.56
CA ARG D 175 7.45 10.55 71.90
CA THR D 176 10.39 11.82 69.96
CA GLU D 177 12.67 14.59 71.08
CA HIS D 178 14.96 16.44 68.75
CA TYR D 179 17.86 18.46 70.07
CA GLU D 180 20.25 20.47 67.98
CA GLU D 181 23.07 22.81 69.01
CA GLN D 182 25.39 24.95 66.87
CA ILE D 183 28.28 27.13 68.09
CA GLU D 184 30.79 28.70 65.69
CA ALA D 185 33.33 31.43 66.42
CA PHE D 186 35.99 33.39 64.53
CA LYS D 187 38.87 35.64 65.62
CA SER D 188 41.40 37.28 63.30
CA ILE D 189 44.06 39.90 64.01
CA ILE D 190 46.68 41.70 61.91
CA GLN D 191 49.47 44.10 62.85
CA GLU D 192 52.08 45.94 60.78
CA LYS D 193 54.81 48.48 61.45
CA THR D 194 57.31 50.12 59.13
CA SER D 195 60.02 52.74 59.62
CA ASN D 196 61.96 54.54 56.89
CA PHE D 197 65.01 56.72 57.51
CA ASN D 198 67.45 58.67 55.33
CA ALA D 199 70.29 60.98 56.30
CA ALA D 200 72.91 62.79 54.26
CA ILE D 201 75.73 65.24 54.87
CA SER D 202 77.95 67.06 52.36
CA LEU D 203 80.73 69.64 52.58
CA LYS D 204 82.77 71.64 50.07
CA PHE D 205 85.80 73.86 50.62
CA THR D 206 87.84 75.90 48.11
CA PRO D 207 90.87 77.95 49.30
CA GLY D 228 92.85 73.95 46.31
CA LYS D 229 89.48 72.25 46.27
CA GLY D 230 88.05 69.53 48.52
CA SER D 231 84.63 67.97 48.84
CA PHE D 232 82.91 65.25 50.86
CA ARG D 233 79.56 63.50 50.41
CA PHE D 234 77.92 60.81 52.53
CA SER D 235 74.44 59.23 52.44
CA TYR D 236 72.91 56.61 54.73
CA SER D 237 69.51 54.91 54.69
CA LYS D 238 67.60 52.29 56.66
CA ASN D 239 64.21 50.66 56.31
CA GLU D 240 62.31 48.02 58.25
CA THR D 241 58.95 46.33 57.67
CA TYR D 242 57.46 43.81 60.11
CA GLN D 243 54.09 42.07 59.84
CA LEU D 244 52.14 39.63 62.01
CA PHE D 245 48.89 37.98 60.89
CA LEU D 246 46.89 35.31 62.73
CA SER D 247 43.47 33.73 62.22
CA TYR D 248 41.54 31.27 64.37
CA SER D 249 38.21 29.44 64.01
CA SER D 250 36.43 26.84 66.13
CA LYS D 251 33.23 24.83 65.90
CA LYS D 252 31.23 22.76 68.37
CA GLU D 253 27.95 21.26 67.22
CA LYS D 254 25.80 18.47 68.60
CA MET D 255 22.63 16.62 67.72
CA PHE D 256 20.65 14.30 69.92
CA LEU D 257 17.61 12.23 69.11
CA HIS D 258 15.31 10.16 71.23
CA VAL D 259 12.60 7.96 69.79
CA LYS D 260 10.34 5.76 71.88
CA GLY D 261 6.92 4.12 71.62
CA GLU D 262 5.41 1.89 74.30
CA ILE D 263 2.41 -0.46 74.08
CA HIS D 264 0.63 -2.06 77.05
CA LEU D 265 -1.20 -5.29 76.22
CA GLY D 266 -2.57 -6.21 79.67
CA ARG D 267 -2.70 -5.40 83.38
CA PHE D 268 -2.16 -7.85 86.21
CA VAL D 269 -2.60 -7.42 89.95
CA MET D 270 -1.56 -10.17 92.36
CA ARG D 271 -2.97 -10.75 95.82
CA ASN D 272 -1.27 -8.97 98.74
CA ARG D 273 -3.63 -10.76 101.14
CA ASP D 274 -3.22 -14.27 102.57
CA VAL D 275 -3.81 -16.69 99.71
CA VAL D 276 -2.60 -20.08 98.48
CA LEU D 277 0.90 -20.40 97.04
CA THR D 278 2.52 -22.97 94.74
CA THR D 279 3.59 -26.21 96.44
CA THR D 280 7.26 -26.12 95.39
CA PHE D 281 7.79 -22.68 96.97
CA VAL D 282 6.03 -23.78 100.20
CA ASP D 283 8.10 -26.96 100.44
CA ASP D 284 11.38 -25.06 100.09
CA ILE D 285 10.16 -22.43 102.61
CA LYS D 286 9.55 -25.21 105.14
CA ALA D 287 12.99 -26.69 104.36
CA LEU D 288 14.80 -23.46 105.40
CA PRO D 289 16.84 -23.33 108.70
CA THR D 290 15.40 -22.30 112.08
CA THR D 291 18.50 -20.15 112.68
CA TYR D 292 20.06 -17.37 110.61
CA GLU D 293 23.03 -18.47 108.52
CA LYS D 294 23.53 -16.46 105.35
CA GLY D 295 24.39 -19.18 102.81
CA GLU D 296 21.03 -20.97 102.82
CA TYR D 297 19.01 -17.77 102.70
CA PHE D 298 21.18 -16.27 99.94
CA ALA D 299 20.63 -19.36 97.76
CA PHE D 300 16.87 -19.18 98.40
CA LEU D 301 16.68 -15.51 97.42
CA GLU D 302 18.77 -16.21 94.32
CA THR D 303 16.45 -19.03 93.18
CA TYR D 304 13.01 -17.64 94.16
CA GLY D 305 13.64 -13.88 93.91
CA THR D 306 14.24 -11.17 96.51
CA HIS D 307 10.76 -9.73 95.92
CA TYR D 308 7.71 -10.71 93.89
CA SER D 309 5.72 -8.88 91.23
CA SER D 310 2.79 -7.49 93.23
CA SER D 311 1.27 -5.92 90.13
CA GLY D 312 2.46 -4.60 86.79
CA SER D 313 1.77 -4.28 83.10
CA LEU D 314 2.51 -6.52 80.15
CA GLY D 315 3.47 -4.88 76.86
CA GLY D 316 6.48 -4.14 74.67
CA LEU D 317 8.82 -1.26 73.85
CA TYR D 318 10.24 0.28 70.70
CA GLU D 319 13.24 2.57 71.34
CA LEU D 320 16.20 4.16 69.58
CA ILE D 321 18.55 7.03 70.53
CA TYR D 322 20.91 8.86 68.18
CA VAL D 323 23.97 10.82 69.22
CA LEU D 324 26.37 13.17 67.45
CA ASP D 325 29.18 15.25 68.96
CA LYS D 326 31.33 17.18 66.44
CA ALA D 327 34.38 19.33 67.19
CA SER D 328 37.03 21.10 65.10
CA MET D 329 39.68 23.82 65.53
CA LYS D 330 41.57 25.79 62.86
CA ARG D 331 44.62 27.99 63.52
CA LYS D 332 47.16 29.72 61.27
CA GLY D 333 49.86 32.33 61.94
CA VAL D 334 52.52 34.00 59.79
CA GLU D 335 55.48 36.28 60.61
CA LEU D 336 57.23 38.38 57.95
CA LYS D 337 60.23 40.66 58.39
CA ASP D 338 62.40 42.62 55.96
CA ILE D 339 65.32 44.94 56.85
CA LYS D 340 67.80 46.80 54.66
CA ARG D 341 70.75 49.18 54.97
CA CYS D 342 72.50 51.06 52.20
CA LEU D 343 75.24 53.69 52.50
CA GLY D 344 77.45 55.57 50.04
CA TYR D 345 80.68 57.43 50.72
CA HIS D 346 82.60 59.79 48.42
CA LEU D 347 85.40 62.35 48.53
CA ASP D 348 87.31 64.27 45.86
CA VAL D 349 90.36 66.52 46.37
CA SER D 350 92.52 68.48 43.91
CA LEU D 351 95.52 70.79 44.33
CA ALA D 352 97.01 73.06 41.67
CA PHE D 353 100.26 74.89 42.40
CA SER D 354 101.72 76.98 39.53
CA GLU D 355 101.98 74.74 36.42
CA ILE D 356 101.73 71.38 38.29
CA SER D 357 98.59 69.65 39.56
CA VAL D 358 97.60 66.51 41.47
CA GLY D 359 94.14 65.08 42.22
CA ALA D 360 92.71 62.06 43.99
CA GLU D 361 89.28 60.66 44.82
CA PHE D 362 87.73 57.71 46.65
CA ASN D 363 84.28 56.13 46.46
CA LYS D 364 82.72 53.27 48.43
CA ASP D 365 79.28 51.65 48.37
CA ASP D 366 78.01 49.09 50.93
CA CYS D 367 74.57 47.46 51.08
CA VAL D 368 72.97 44.55 52.96
CA LYS D 369 69.39 43.23 52.88
CA ARG D 370 67.97 40.45 55.03
CA GLY D 371 64.48 38.91 54.68
CA GLU D 372 62.89 36.38 57.00
CA GLY D 373 59.58 34.48 56.75
CA ARG D 374 57.97 31.91 59.03
CA ALA D 375 54.52 30.29 58.85
CA VAL D 376 52.65 27.70 60.93
CA ASN D 377 49.25 26.12 60.21
CA ILE D 378 47.39 23.43 62.15
CA THR D 379 43.92 21.89 61.81
CA SER D 380 42.20 19.09 63.72
CA GLU D 381 38.73 17.57 63.60
CA ASN D 382 37.10 14.75 65.56
CA LEU D 383 33.64 13.29 65.97
CA ILE D 384 31.63 10.44 67.48
CA ASP D 385 28.49 8.83 66.09
CA ASP D 386 26.79 6.43 68.49
CA VAL D 387 23.49 4.83 67.68
CA VAL D 388 21.91 2.51 70.16
CA SER D 389 18.62 0.76 69.79
CA LEU D 390 16.68 -2.06 71.35
CA ILE D 391 13.15 -3.45 71.35
CA ARG D 392 11.31 -5.97 73.51
CA GLY D 393 8.17 -8.05 73.22
CA GLY D 394 6.78 -10.46 70.60
CA THR D 395 8.51 -13.10 68.50
CA ARG D 396 11.91 -12.97 66.82
CA LYS D 397 10.91 -12.60 63.16
CA TYR D 398 9.18 -9.23 63.42
CA ALA D 399 11.80 -7.92 65.83
CA PHE D 400 14.58 -8.93 63.41
CA GLU D 401 12.82 -7.28 60.47
CA LEU D 402 12.47 -4.00 62.38
CA LYS D 403 16.10 -4.24 63.52
CA GLU D 404 17.43 -4.60 59.98
CA LYS D 405 15.33 -1.73 58.65
CA LEU D 406 16.58 0.54 61.44
CA LEU D 407 20.12 0.17 60.15
CA ARG D 408 19.08 2.66 57.46
CA GLY D 409 16.30 3.91 59.74
CA THR D 410 12.77 2.50 59.44
CA VAL D 411 10.65 5.09 57.67
CA ILE D 412 8.72 2.77 55.36
CA ASP D 413 7.10 -0.65 55.77
CA VAL D 414 4.59 0.59 58.34
CA THR D 415 2.77 -2.77 58.07
CA ASP D 416 5.77 -4.42 59.83
CA PHE D 417 4.77 -2.74 63.07
CA VAL D 418 1.24 -4.19 62.93
CA ASN D 419 2.79 -7.69 62.70
CA TRP D 420 5.00 -6.88 65.67
CA ALA D 421 1.95 -5.73 67.63
CA SER D 422 0.18 -9.03 67.01
CA SER D 423 3.20 -11.08 68.12
CA ILE D 424 3.45 -8.98 71.31
CA ASN D 425 -0.04 -10.23 72.27
CA ASP D 426 1.07 -13.83 71.76
CA ALA D 427 4.32 -13.54 73.72
CA PRO D 428 4.07 -10.88 76.48
CA VAL D 429 7.08 -9.41 78.28
CA LEU D 430 7.07 -7.58 81.62
CA ILE D 431 7.20 -3.79 81.41
CA SER D 432 6.17 -2.12 84.68
CA GLN D 433 5.98 -3.82 88.04
CA LYS D 434 5.43 -3.21 91.73
CA LEU D 435 7.76 -4.96 94.14
CA SER D 436 7.28 -6.20 97.69
CA PRO D 437 9.67 -8.59 99.51
CA ILE D 438 9.03 -12.31 99.00
CA TYR D 439 9.27 -13.16 102.72
CA ASN D 440 6.00 -11.30 103.45
CA LEU D 441 4.16 -14.06 101.53
CA VAL D 442 5.07 -16.86 103.99
CA PRO D 443 2.14 -17.96 106.18
CA VAL D 444 3.05 -17.05 109.75
CA LYS D 445 0.72 -19.62 111.24
CA MET D 446 2.75 -22.80 110.76
CA LYS D 447 5.66 -23.47 113.16
CA ASN D 448 8.99 -21.66 112.73
CA ALA D 449 7.50 -19.51 109.90
CA HIS D 450 8.16 -16.35 111.89
CA LEU D 451 11.77 -17.39 112.58
CA LYS D 452 12.44 -18.04 108.89
CA LYS D 453 10.81 -14.72 107.98
CA GLN D 454 13.11 -12.81 110.36
CA ASN D 455 16.12 -14.69 108.97
CA LEU D 456 15.07 -13.72 105.41
CA GLU D 457 14.76 -10.02 106.41
CA ARG D 458 18.33 -10.02 107.66
CA ALA D 459 19.49 -12.00 104.63
CA ILE D 460 18.19 -9.55 102.02
CA GLU D 461 20.15 -6.71 103.63
CA ASP D 462 23.40 -8.65 103.76
CA TYR D 463 22.99 -10.01 100.24
CA ILE D 464 22.69 -6.45 98.86
CA ASN D 465 26.06 -5.61 100.42
CA GLU D 466 27.73 -8.68 98.83
CA PHE D 467 26.41 -7.59 95.45
CA SER D 468 27.29 -3.91 96.01
CA VAL D 469 29.34 -1.95 93.50
CA ARG D 470 29.97 0.78 96.07
CA LYS D 471 32.83 -1.30 97.49
CA CYS D 472 34.46 -1.68 94.06
CA HIS D 473 36.92 0.74 92.43
CA THR D 474 35.42 3.30 90.05
CA CYS D 475 37.32 3.82 86.81
CA GLN D 476 38.70 7.14 85.65
CA ASN D 477 36.85 9.72 83.54
CA GLY D 478 33.42 8.94 84.98
CA GLY D 479 33.52 5.16 84.48
CA THR D 480 30.95 3.16 86.48
CA VAL D 481 31.91 -0.14 88.06
CA ILE D 482 29.72 -3.24 87.84
CA LEU D 483 30.09 -6.37 90.00
CA MET D 484 29.87 -9.72 88.30
CA ASP D 485 30.22 -12.59 90.69
CA GLY D 486 33.32 -11.44 92.55
CA LYS D 487 35.04 -9.62 89.68
CA CYS D 488 34.39 -5.97 89.01
CA LEU D 489 34.56 -4.64 85.48
CA CYS D 490 34.21 -0.97 84.67
CA ALA D 491 31.59 0.16 82.21
CA CYS D 492 32.91 3.20 80.38
CA PRO D 493 31.58 5.03 77.22
CA PHE D 494 32.32 3.91 73.64
CA LYS D 495 34.64 6.92 73.25
CA PHE D 496 36.94 5.90 76.11
CA GLU D 497 37.12 2.33 77.44
CA GLY D 498 39.24 0.31 79.86
CA ILE D 499 39.63 -1.53 83.10
CA ALA D 500 41.03 1.92 84.01
CA CYS D 501 39.64 3.66 80.76
CA GLU D 502 42.81 5.01 79.02
CA ILE D 503 41.97 3.42 75.64
CA SER D 504 39.98 5.46 73.14
CA LYS D 505 38.66 5.50 69.56
CA GLN D 506 39.66 9.17 69.60
CA SER E 1 25.97 10.69 97.21
CA HIS E 2 23.37 7.91 97.55
CA ILE E 3 20.50 8.19 99.97
CA ASP E 4 18.84 4.81 100.44
CA CYS E 5 15.21 4.32 101.42
CA ARG E 6 14.82 3.45 105.10
CA MET E 7 11.67 2.78 107.08
CA SER E 8 10.83 3.32 110.73
CA PRO E 9 11.69 0.77 113.47
CA TRP E 10 9.03 -1.82 114.28
CA SER E 11 5.73 -0.92 115.87
CA GLU E 12 4.75 -3.14 118.80
CA TRP E 13 2.38 -6.07 118.16
CA SER E 14 -1.34 -5.36 118.05
CA GLN E 15 -3.86 -7.32 120.11
CA CYS E 16 -4.63 -10.82 118.82
CA ASP E 17 -7.11 -10.46 115.97
CA PRO E 18 -10.21 -12.65 116.13
CA CYS E 19 -10.75 -12.36 112.36
CA LEU E 20 -7.19 -13.32 111.34
CA ARG E 21 -5.75 -14.95 114.50
CA GLN E 22 -2.57 -12.93 114.15
CA MET E 23 -0.94 -9.79 115.48
CA PHE E 24 0.37 -7.10 113.16
CA ARG E 25 2.91 -4.31 113.13
CA SER E 26 3.88 -1.75 110.52
CA ARG E 27 6.47 0.86 109.55
CA SER E 28 6.46 4.26 107.84
CA ILE E 29 9.06 5.78 105.46
CA GLU E 30 11.65 7.85 107.29
CA VAL E 31 14.01 8.26 104.37
CA PHE E 32 13.37 7.87 100.65
CA GLY E 33 15.77 6.68 97.94
CA GLN E 34 17.43 9.53 96.08
CA PHE E 35 20.58 10.22 94.05
CA ASN E 36 20.80 6.70 92.61
CA GLY E 37 19.61 5.23 95.93
CA LYS E 38 17.59 2.05 96.37
CA ARG E 39 13.88 1.66 97.02
CA CYS E 40 12.43 0.24 100.23
CA THR E 41 13.43 -3.40 100.50
CA ASP E 42 11.97 -3.14 104.04
CA ALA E 43 9.30 -5.58 105.24
CA VAL E 44 6.75 -2.73 105.77
CA GLY E 45 4.63 -5.00 107.96
CA ASP E 46 5.16 -8.24 109.85
CA ARG E 47 2.58 -10.69 111.15
CA ARG E 48 2.89 -13.08 114.08
CA GLN E 49 0.69 -16.12 114.67
CA CYS E 50 -1.82 -15.90 117.54
CA VAL E 51 -5.17 -17.24 118.78
CA PRO E 52 -8.67 -15.66 118.35
CA THR E 53 -10.15 -13.54 121.15
CA GLU E 54 -13.74 -14.12 119.98
CA PRO E 55 -15.54 -15.71 117.03
CA CYS E 56 -15.38 -12.97 114.40
CA GLU E 57 -16.52 -12.91 110.78
CA CYS E 63 -28.70 -14.45 106.48
CA GLY E 64 -31.17 -15.79 109.07
CA ASN E 65 -34.09 -17.83 107.73
CA ASP E 66 -33.45 -16.72 104.13
CA PHE E 67 -31.48 -18.75 101.57
CA GLN E 68 -27.76 -18.64 102.21
CA CYS E 69 -25.27 -19.54 99.49
CA SER E 70 -21.89 -21.17 100.17
CA THR E 71 -20.30 -17.88 99.08
CA GLY E 72 -22.08 -16.03 101.91
CA ARG E 73 -24.63 -14.46 99.59
CA CYS E 74 -27.96 -13.96 101.35
CA ILE E 75 -31.02 -13.80 99.11
CA LYS E 76 -34.71 -14.40 99.67
CA MET E 77 -36.25 -17.57 98.23
CA ARG E 78 -38.27 -15.78 95.52
CA LEU E 79 -34.98 -14.72 93.84
CA ARG E 80 -34.28 -18.41 93.22
CA CYS E 81 -35.79 -20.37 90.34
CA ASN E 82 -35.63 -17.97 87.44
CA GLY E 83 -32.20 -18.76 85.96
CA ASP E 84 -30.71 -15.55 87.35
CA ASN E 85 -27.37 -15.58 89.12
CA ASP E 86 -28.23 -14.17 92.52
CA CYS E 87 -25.46 -16.16 94.22
CA GLY E 88 -21.67 -16.00 93.92
CA ASP E 89 -21.52 -19.71 93.06
CA PHE E 90 -24.93 -19.99 91.30
CA SER E 91 -26.32 -22.10 94.19
CA ASP E 92 -29.71 -20.44 93.82
CA GLU E 93 -30.12 -22.19 90.47
CA ASP E 94 -28.57 -25.46 91.69
CA ASP E 95 -30.99 -28.08 93.04
CA CYS E 96 -33.67 -25.39 92.89
CA GLU E 97 -37.11 -25.69 94.53
CA SER E 98 -38.95 -25.15 91.26
CA GLU E 99 -38.11 -24.86 87.57
CA PRO E 100 -36.84 -21.53 86.29
CA ARG E 101 -39.67 -19.12 85.46
CA PRO E 102 -38.73 -16.50 82.79
CA PRO E 103 -37.07 -13.37 84.32
CA CYS E 104 -38.41 -11.46 81.33
CA ARG E 105 -41.77 -12.86 80.20
CA ASP E 106 -41.91 -10.67 77.07
CA ARG E 107 -38.63 -11.72 75.47
CA VAL E 108 -35.21 -13.04 76.36
CA VAL E 109 -33.19 -9.96 77.27
CA GLU E 110 -29.42 -10.17 76.84
CA GLU E 111 -27.22 -8.80 79.62
CA SER E 112 -25.26 -5.58 79.30
CA GLU E 113 -21.83 -6.55 78.03
CA LEU E 114 -18.93 -5.24 80.07
CA ALA E 115 -21.35 -4.91 83.02
CA ARG E 116 -18.62 -6.16 85.35
CA THR E 117 -16.11 -3.76 83.80
CA ALA E 118 -18.34 -0.75 84.54
CA GLY E 119 -18.50 -1.59 88.26
CA TYR E 120 -14.68 -1.58 88.86
CA GLY E 121 -13.06 -0.20 91.99
CA ILE E 122 -10.25 2.35 91.62
CA ASN E 123 -6.99 3.03 93.47
CA ILE E 124 -6.70 6.80 93.38
CA LEU E 125 -2.95 6.75 94.07
CA GLY E 126 -2.35 5.59 90.48
CA MET E 127 -5.85 6.28 89.14
CA ASP E 128 -6.08 2.73 87.80
CA PRO E 129 -9.08 0.39 88.09
CA LEU E 130 -9.13 -2.82 90.15
CA SER E 131 -11.84 -5.50 90.46
CA THR E 132 -15.47 -4.42 90.97
CA PRO E 133 -16.89 -4.22 94.54
CA PHE E 134 -20.40 -4.62 93.05
CA ASP E 135 -21.97 -7.83 91.75
CA ASN E 136 -22.81 -7.01 88.13
CA GLU E 137 -24.56 -10.28 87.37
CA PHE E 138 -26.97 -9.72 90.27
CA TYR E 139 -30.35 -8.66 88.91
CA ASN E 140 -32.13 -9.04 92.28
CA GLY E 141 -34.53 -11.58 90.69
CA LEU E 142 -36.05 -8.72 88.67
CA CYS E 143 -35.46 -7.90 85.03
CA ASN E 144 -34.70 -4.23 84.55
CA ARG E 145 -33.44 -3.17 81.15
CA ASP E 146 -31.87 -0.22 79.35
CA ARG E 147 -32.50 0.23 75.63
CA ASP E 148 -29.61 0.75 73.20
CA GLY E 149 -30.34 3.14 70.31
CA ASN E 150 -27.11 2.25 68.43
CA THR E 151 -28.13 -1.40 68.17
CA LEU E 152 -31.87 -1.66 68.67
CA THR E 153 -32.26 -4.20 71.44
CA TYR E 154 -32.55 -3.97 75.21
CA TYR E 155 -29.74 -4.94 77.52
CA ARG E 156 -30.58 -6.11 81.02
CA ARG E 157 -29.20 -3.90 83.77
CA PRO E 158 -28.01 -5.32 87.14
CA TRP E 159 -29.79 -3.99 90.25
CA ASN E 160 -26.43 -2.99 91.78
CA VAL E 161 -26.10 -0.66 88.79
CA ALA E 162 -28.11 2.57 88.78
CA SER E 163 -27.93 3.20 84.96
CA LEU E 164 -25.84 1.56 82.18
CA ILE E 165 -27.52 3.21 79.27
CA TYR E 166 -25.53 3.06 76.07
CA GLU E 167 -25.41 6.69 75.10
CA THR E 168 -26.17 8.17 71.72
CA LYS E 169 -22.48 8.64 70.93
CA GLY E 170 -20.63 11.62 72.35
CA GLU E 171 -18.43 11.51 69.27
CA LYS E 172 -16.50 14.64 68.30
CA ASN E 173 -15.13 16.64 71.16
CA PHE E 174 -12.57 17.93 68.75
CA ARG E 175 -10.35 20.93 69.22
CA THR E 176 -7.08 22.11 67.85
CA GLU E 177 -5.21 25.14 69.04
CA HIS E 178 -2.48 26.79 67.06
CA TYR E 179 -0.04 29.16 68.70
CA GLU E 180 2.73 31.00 66.94
CA GLU E 181 5.14 33.64 68.24
CA GLN E 182 7.85 35.60 66.40
CA ILE E 183 10.29 38.11 67.93
CA GLU E 184 13.27 39.49 65.98
CA ALA E 185 15.48 42.45 66.86
CA PHE E 186 18.46 44.29 65.36
CA LYS E 187 20.92 46.84 66.74
CA SER E 188 23.89 48.31 64.86
CA ILE E 189 26.23 51.16 65.76
CA ILE E 190 29.22 52.81 64.09
CA GLN E 191 31.64 55.49 65.28
CA GLU E 192 34.61 57.19 63.63
CA LYS E 193 37.03 59.96 64.53
CA THR E 194 39.97 61.42 62.63
CA SER E 195 42.41 64.25 63.35
CA ASN E 196 44.89 65.77 60.90
CA PHE E 197 47.64 68.20 61.87
CA ASN E 198 50.47 69.98 60.06
CA ALA E 199 52.94 72.58 61.31
CA ALA E 200 55.91 74.25 59.68
CA ILE E 201 58.44 76.93 60.56
CA SER E 202 61.14 78.52 58.40
CA LEU E 203 63.71 81.28 58.88
CA LYS E 204 66.24 83.04 56.64
CA PHE E 205 68.99 85.49 57.54
CA THR E 206 71.51 87.29 55.29
CA PRO E 207 74.12 89.67 56.84
CA GLY E 228 76.85 85.44 55.04
CA LYS E 229 73.64 83.54 54.47
CA GLY E 230 71.80 81.07 56.70
CA SER E 231 68.44 79.35 56.44
CA PHE E 232 66.37 76.84 58.38
CA ARG E 233 63.28 74.83 57.44
CA PHE E 234 61.24 72.37 59.49
CA SER E 235 57.95 70.57 58.84
CA TYR E 236 55.99 68.21 61.07
CA SER E 237 52.74 66.31 60.50
CA LYS E 238 50.48 63.87 62.34
CA ASN E 239 47.32 62.00 61.45
CA GLU E 240 45.08 59.54 63.27
CA THR E 241 42.01 57.57 62.19
CA TYR E 242 40.06 55.33 64.56
CA GLN E 243 36.90 53.36 63.78
CA LEU E 244 34.56 51.13 65.76
CA PHE E 245 31.72 49.14 64.20
CA LEU E 246 29.41 46.62 65.89
CA SER E 247 26.27 44.77 64.84
CA TYR E 248 23.94 42.53 66.82
CA SER E 249 20.85 40.45 65.98
CA SER E 250 18.68 38.07 67.99
CA LYS E 251 15.69 35.85 67.32
CA LYS E 252 13.22 34.02 69.55
CA GLU E 253 10.35 32.17 67.89
CA LYS E 254 8.01 29.47 69.14
CA MET E 255 5.20 27.31 67.84
CA PHE E 256 2.82 25.20 69.83
CA LEU E 257 0.11 22.85 68.65
CA HIS E 258 -2.56 20.95 70.46
CA VAL E 259 -4.78 18.40 68.77
CA LYS E 260 -7.42 16.38 70.60
CA GLY E 261 -10.62 14.52 69.79
CA GLU E 262 -12.67 12.58 72.34
CA ILE E 263 -15.46 10.05 71.79
CA HIS E 264 -17.85 8.76 74.47
CA LEU E 265 -19.34 5.34 73.73
CA GLY E 266 -21.47 4.82 76.86
CA ARG E 267 -22.51 6.13 80.28
CA PHE E 268 -22.60 4.15 83.50
CA VAL E 269 -23.94 5.06 86.91
CA MET E 270 -23.44 2.75 89.88
CA ARG E 271 -25.63 2.57 92.97
CA ASN E 272 -24.72 4.84 95.90
CA ARG E 273 -27.53 3.26 97.93
CA ASP E 274 -27.38 0.02 99.93
CA VAL E 275 -27.20 -2.81 97.41
CA VAL E 276 -25.63 -6.25 97.01
CA LEU E 277 -21.88 -6.55 96.50
CA THR E 278 -19.68 -9.31 95.06
CA THR E 279 -18.97 -12.20 97.43
CA THR E 280 -15.15 -12.03 97.26
CA PHE E 281 -15.11 -8.38 98.38
CA VAL E 282 -17.57 -9.12 101.24
CA ASP E 283 -15.52 -12.10 102.44
CA ASP E 284 -12.31 -10.06 102.58
CA ILE E 285 -14.18 -7.19 104.32
CA LYS E 286 -15.30 -9.63 107.03
CA ALA E 287 -11.73 -10.98 107.31
CA LEU E 288 -10.31 -7.53 108.24
CA PRO E 289 -9.13 -6.81 111.86
CA THR E 290 -11.38 -5.40 114.61
CA THR E 291 -8.57 -3.01 115.60
CA TYR E 292 -6.64 -0.45 113.56
CA GLU E 293 -3.22 -1.64 112.41
CA LYS E 294 -2.03 -0.06 109.17
CA GLY E 295 -0.51 -3.06 107.34
CA GLU E 296 -3.72 -5.04 106.84
CA TYR E 297 -5.75 -2.01 105.77
CA PHE E 298 -3.01 -0.78 103.40
CA ALA E 299 -2.94 -4.17 101.65
CA PHE E 300 -6.76 -4.15 101.35
CA LEU E 301 -6.80 -0.66 99.82
CA GLU E 302 -4.01 -1.65 97.43
CA THR E 303 -5.91 -4.75 96.21
CA TYR E 304 -9.52 -3.45 96.14
CA GLY E 305 -8.95 0.26 95.49
CA THR E 306 -9.07 3.34 97.71
CA HIS E 307 -12.34 4.45 96.11
CA TYR E 308 -14.79 3.02 93.60
CA SER E 309 -16.14 4.32 90.31
CA SER E 310 -19.49 5.79 91.33
CA SER E 311 -20.27 6.82 87.77
CA GLY E 312 -18.35 7.73 84.64
CA SER E 313 -18.15 7.49 80.88
CA LEU E 314 -16.65 4.91 78.56
CA GLY E 315 -14.98 6.13 75.38
CA GLY E 316 -11.55 6.75 73.87
CA LEU E 317 -9.17 9.62 73.20
CA TYR E 318 -7.07 10.80 70.27
CA GLU E 319 -4.38 13.34 71.23
CA LEU E 320 -1.13 14.85 69.99
CA ILE E 321 0.84 17.97 71.03
CA TYR E 322 3.65 19.59 69.04
CA VAL E 323 6.30 21.88 70.45
CA LEU E 324 8.99 24.11 68.97
CA ASP E 325 11.29 26.55 70.76
CA LYS E 326 13.93 28.24 68.56
CA ALA E 327 16.65 30.67 69.67
CA SER E 328 19.68 32.29 68.00
CA MET E 329 22.07 35.20 68.63
CA LYS E 330 24.49 36.90 66.21
CA ARG E 331 27.23 39.37 67.23
CA LYS E 332 30.18 40.91 65.40
CA GLY E 333 32.57 43.75 66.26
CA VAL E 334 35.62 45.28 64.58
CA GLU E 335 38.23 47.84 65.72
CA LEU E 336 40.51 49.64 63.25
CA LYS E 337 43.26 52.16 64.04
CA ASP E 338 45.89 53.89 61.91
CA ILE E 339 48.43 56.49 63.10
CA LYS E 340 51.31 58.18 61.29
CA ARG E 341 54.04 60.76 61.93
CA CYS E 342 56.35 62.34 59.38
CA LEU E 343 58.85 65.16 59.92
CA GLY E 344 61.54 66.81 57.79
CA TYR E 345 64.46 68.95 58.92
CA HIS E 346 66.81 71.08 56.79
CA LEU E 347 69.42 73.81 57.17
CA ASP E 348 71.87 75.44 54.76
CA VAL E 349 74.64 77.95 55.63
CA SER E 350 77.26 79.67 53.47
CA LEU E 351 80.01 82.20 54.23
CA ALA E 352 82.04 84.16 51.67
CA PHE E 353 84.96 86.29 52.86
CA SER E 354 87.01 88.04 50.13
CA GLU E 355 88.07 85.41 47.54
CA ILE E 356 87.47 82.34 49.80
CA SER E 357 84.18 80.60 50.54
CA VAL E 358 82.84 77.71 52.61
CA GLY E 359 79.34 76.18 52.74
CA ALA E 360 77.62 73.35 54.56
CA GLU E 361 74.12 71.87 54.77
CA PHE E 362 72.27 69.11 56.61
CA ASN E 363 69.02 67.30 55.86
CA LYS E 364 67.11 64.65 57.82
CA ASP E 365 63.83 62.82 57.21
CA ASP E 366 62.06 60.57 59.74
CA CYS E 367 58.73 58.76 59.32
CA VAL E 368 56.80 56.05 61.21
CA LYS E 369 53.39 54.51 60.49
CA ARG E 370 51.57 51.97 62.64
CA GLY E 371 48.32 50.18 61.73
CA GLU E 372 46.29 47.90 63.97
CA GLY E 373 43.19 45.78 63.24
CA ARG E 374 41.14 43.45 65.43
CA ALA E 375 37.90 41.60 64.70
CA VAL E 376 35.65 39.22 66.66
CA ASN E 377 32.57 37.34 65.40
CA ILE E 378 30.37 34.84 67.24
CA THR E 379 27.13 33.05 66.34
CA SER E 380 25.08 30.45 68.20
CA GLU E 381 21.78 28.71 67.50
CA ASN E 382 19.82 26.08 69.42
CA LEU E 383 16.39 24.48 69.23
CA ILE E 384 14.17 21.75 70.63
CA ASP E 385 11.50 19.76 68.81
CA ASP E 386 9.34 17.62 71.07
CA VAL E 387 6.38 15.71 69.77
CA VAL E 388 4.32 13.67 72.14
CA SER E 389 1.27 11.68 71.28
CA LEU E 390 -0.91 8.99 72.75
CA ILE E 391 -4.30 7.39 72.13
CA ARG E 392 -6.53 5.08 74.15
CA GLY E 393 -9.45 2.79 73.45
CA GLY E 394 -10.10 -0.05 70.98
CA THR E 395 -7.84 -2.85 69.76
CA ARG E 396 -4.14 -2.73 68.91
CA LYS E 397 -4.24 -2.94 65.11
CA TYR E 398 -6.08 0.31 64.45
CA ALA E 399 -4.16 2.11 67.18
CA PHE E 400 -0.85 0.96 65.66
CA GLU E 401 -1.89 2.06 62.18
CA LEU E 402 -2.78 5.55 63.43
CA LYS E 403 0.47 5.70 65.42
CA GLU E 404 2.62 4.94 62.37
CA LYS E 405 0.82 7.45 60.19
CA LEU E 406 1.30 10.17 62.81
CA LEU E 407 5.05 9.85 62.46
CA ARG E 408 4.62 11.87 59.25
CA GLY E 409 1.33 13.24 60.61
CA THR E 410 -1.97 11.58 59.71
CA VAL E 411 -3.68 13.75 57.12
CA ILE E 412 -4.93 11.02 54.79
CA ASP E 413 -6.50 7.59 55.33
CA VAL E 414 -9.59 9.02 57.02
CA THR E 415 -11.20 5.55 56.84
CA ASP E 416 -8.66 4.36 59.48
CA PHE E 417 -10.46 6.41 62.11
CA VAL E 418 -13.81 4.73 61.37
CA ASN E 419 -12.16 1.34 62.04
CA TRP E 420 -10.74 2.69 65.29
CA ALA E 421 -14.21 3.91 66.28
CA SER E 422 -15.68 0.45 65.76
CA SER E 423 -12.96 -1.23 67.85
CA ILE E 424 -13.55 1.30 70.67
CA ASN E 425 -17.12 -0.02 70.94
CA ASP E 426 -15.82 -3.59 71.27
CA ALA E 427 -13.15 -2.80 73.86
CA PRO E 428 -14.13 0.18 76.05
CA VAL E 429 -11.68 2.08 78.26
CA LEU E 430 -12.55 4.36 81.20
CA ILE E 431 -12.48 8.08 80.45
CA SER E 432 -14.31 10.12 83.10
CA GLN E 433 -15.27 8.90 86.54
CA LYS E 434 -16.70 9.98 89.86
CA LEU E 435 -14.97 8.74 92.99
CA SER E 436 -16.26 7.98 96.47
CA PRO E 437 -14.30 6.02 99.14
CA ILE E 438 -14.69 2.23 99.06
CA TYR E 439 -15.33 1.93 102.82
CA ASN E 440 -18.73 3.66 102.48
CA LEU E 441 -19.98 0.55 100.62
CA VAL E 442 -19.60 -1.82 103.61
CA PRO E 443 -22.94 -2.78 105.20
CA VAL E 444 -22.94 -1.33 108.70
CA LYS E 445 -25.50 -3.81 109.97
CA MET E 446 -23.31 -6.90 110.48
CA LYS E 447 -21.05 -7.03 113.55
CA ASN E 448 -17.77 -5.09 113.64
CA ALA E 449 -18.59 -3.46 110.26
CA HIS E 450 -18.53 -0.02 111.84
CA LEU E 451 -15.16 -0.71 113.51
CA LYS E 452 -13.59 -1.83 110.22
CA LYS E 453 -15.05 1.22 108.46
CA GLN E 454 -13.45 3.58 111.00
CA ASN E 455 -10.14 1.72 110.65
CA LEU E 456 -10.33 2.12 106.85
CA GLU E 457 -10.98 5.89 107.18
CA ARG E 458 -7.82 6.30 109.21
CA ALA E 459 -5.90 3.98 106.88
CA ILE E 460 -6.61 5.96 103.69
CA GLU E 461 -5.18 9.12 105.26
CA ASP E 462 -2.00 7.43 106.44
CA TYR E 463 -1.52 5.56 103.16
CA ILE E 464 -1.58 8.87 101.24
CA ASN E 465 1.29 10.13 103.39
CA GLU E 466 3.39 6.98 102.72
CA PHE E 467 2.88 7.50 99.00
CA SER E 468 3.50 11.27 99.20
CA VAL E 469 6.05 12.98 96.96
CA ARG E 470 5.96 16.09 99.17
CA LYS E 471 8.45 14.41 101.51
CA CYS E 472 10.87 13.66 98.66
CA HIS E 473 13.58 15.98 97.30
CA THR E 474 12.62 18.08 94.28
CA CYS E 475 15.23 18.27 91.53
CA GLN E 476 16.75 21.47 90.23
CA ASN E 477 15.39 23.61 87.38
CA GLY E 478 11.73 22.83 88.10
CA GLY E 479 12.06 19.02 88.22
CA THR E 480 9.16 17.15 89.82
CA VAL E 481 9.79 14.18 92.07
CA ILE E 482 7.80 10.95 91.80
CA LEU E 483 7.74 8.18 94.44
CA MET E 484 8.03 4.62 93.27
CA ASP E 485 7.87 2.14 96.07
CA GLY E 486 10.39 3.73 98.40
CA LYS E 487 12.70 5.24 95.78
CA CYS E 488 12.13 8.71 94.44
CA LEU E 489 13.11 9.54 90.87
CA CYS E 490 12.86 13.04 89.47
CA ALA E 491 10.88 13.64 86.32
CA CYS E 492 12.51 16.48 84.41
CA PRO E 493 11.94 17.76 80.80
CA PHE E 494 13.55 16.20 77.70
CA LYS E 495 15.79 19.27 77.41
CA PHE E 496 17.38 18.80 80.85
CA GLU E 497 17.33 15.47 82.72
CA GLY E 498 18.86 13.94 85.83
CA ILE E 499 18.51 12.61 89.31
CA ALA E 500 19.55 16.23 89.99
CA CYS E 501 18.95 17.40 86.28
CA GLU E 502 22.39 18.70 85.15
CA ILE E 503 22.44 16.60 81.95
CA SER E 504 21.05 18.14 78.76
CA LYS E 505 20.63 17.60 75.02
CA GLN E 506 21.49 21.30 74.74
CA SER F 1 1.52 25.78 97.83
CA HIS F 2 -1.00 22.92 97.97
CA ILE F 3 -4.38 23.36 99.59
CA ASP F 4 -6.01 19.98 100.16
CA CYS F 5 -9.75 19.39 100.33
CA ARG F 6 -10.99 19.03 103.90
CA MET F 7 -14.51 18.44 105.16
CA SER F 8 -16.22 19.44 108.40
CA PRO F 9 -15.97 17.35 111.61
CA TRP F 10 -18.67 14.74 112.15
CA SER F 11 -22.27 15.63 112.77
CA GLU F 12 -23.87 13.79 115.70
CA TRP F 13 -25.93 10.65 114.98
CA SER F 14 -29.53 11.10 113.89
CA GLN F 15 -32.42 9.30 115.57
CA CYS F 16 -32.75 5.61 114.68
CA ASP F 17 -34.49 5.42 111.32
CA PRO F 18 -37.47 3.07 111.06
CA CYS F 19 -37.09 2.79 107.28
CA LEU F 20 -33.37 1.93 107.27
CA ARG F 21 -32.69 0.85 110.89
CA GLN F 22 -29.57 2.99 111.00
CA MET F 23 -28.40 6.39 112.17
CA PHE F 24 -26.65 8.80 109.85
CA ARG F 25 -24.26 11.73 110.00
CA SER F 26 -22.75 13.95 107.33
CA ARG F 27 -20.09 16.56 106.61
CA SER F 28 -19.78 19.68 104.46
CA ILE F 29 -16.73 21.01 102.55
CA GLU F 30 -14.72 23.48 104.61
CA VAL F 31 -11.74 23.63 102.28
CA PHE F 32 -11.44 22.68 98.62
CA GLY F 33 -8.44 21.27 96.75
CA GLN F 34 -6.46 23.94 94.93
CA PHE F 35 -2.93 24.54 93.61
CA ASN F 36 -2.28 20.88 92.81
CA GLY F 37 -4.19 19.81 95.95
CA LYS F 38 -6.16 16.60 96.38
CA ARG F 39 -9.92 16.07 96.19
CA CYS F 40 -12.05 15.02 99.15
CA THR F 41 -11.04 11.53 100.19
CA ASP F 42 -13.31 12.18 103.20
CA ALA F 43 -16.13 9.77 104.11
CA VAL F 44 -18.80 12.49 103.59
CA GLY F 45 -21.32 10.42 105.54
CA ASP F 46 -21.18 7.52 107.97
CA ARG F 47 -23.92 5.12 108.99
CA ARG F 48 -24.25 3.18 112.23
CA GLN F 49 -26.45 0.12 112.74
CA CYS F 50 -29.57 0.58 114.87
CA VAL F 51 -33.08 -0.79 115.48
CA PRO F 52 -36.42 0.50 114.01
CA THR F 53 -38.59 2.88 116.04
CA GLU F 54 -41.78 1.93 114.17
CA PRO F 55 -42.77 -0.17 111.15
CA CYS F 56 -42.06 2.19 108.25
CA GLU F 57 -42.30 1.66 104.50
CA CYS F 63 -53.03 -1.23 97.75
CA GLY F 64 -56.02 -2.35 99.86
CA ASN F 65 -58.48 -4.74 98.20
CA ASP F 66 -57.02 -4.10 94.73
CA PHE F 67 -54.44 -6.35 93.04
CA GLN F 68 -50.98 -5.91 94.51
CA CYS F 69 -47.89 -7.02 92.61
CA SER F 70 -44.73 -8.32 94.29
CA THR F 71 -43.01 -5.12 93.13
CA GLY F 72 -45.47 -3.01 95.16
CA ARG F 73 -47.44 -1.94 92.08
CA CYS F 74 -51.10 -1.42 92.92
CA ILE F 75 -53.54 -1.76 90.04
CA LYS F 76 -57.24 -2.51 89.80
CA MET F 77 -58.30 -5.95 88.54
CA ARG F 78 -59.65 -4.68 85.20
CA LEU F 79 -56.08 -3.67 84.18
CA ARG F 80 -55.15 -7.35 84.31
CA CYS F 81 -55.87 -9.79 81.49
CA ASN F 82 -55.09 -7.81 78.37
CA GLY F 83 -51.38 -8.58 77.86
CA ASP F 84 -50.36 -5.12 79.07
CA ASN F 85 -47.54 -4.69 81.56
CA ASP F 86 -49.23 -2.87 84.42
CA CYS F 87 -46.90 -4.42 86.99
CA GLY F 88 -43.16 -4.07 87.56
CA ASP F 89 -42.70 -7.84 87.34
CA PHE F 90 -45.57 -8.59 84.90
CA SER F 91 -47.56 -10.36 87.66
CA ASP F 92 -50.80 -8.98 86.26
CA GLU F 93 -50.35 -11.21 83.22
CA ASP F 94 -49.05 -14.17 85.23
CA ASP F 95 -51.64 -16.72 86.37
CA CYS F 96 -54.29 -14.26 85.18
CA GLU F 97 -58.01 -14.54 86.01
CA SER F 98 -59.02 -14.58 82.35
CA GLU F 99 -57.33 -14.75 78.96
CA PRO F 100 -55.88 -11.57 77.53
CA ARG F 101 -58.49 -9.48 75.70
CA PRO F 102 -57.02 -7.20 72.96
CA PRO F 103 -55.86 -3.79 74.36
CA CYS F 104 -56.51 -2.40 70.88
CA ARG F 105 -59.45 -4.16 69.22
CA ASP F 106 -58.89 -2.44 65.86
CA ARG F 107 -55.29 -3.49 65.24
CA VAL F 108 -52.15 -4.46 67.09
CA VAL F 109 -50.50 -1.16 67.97
CA GLU F 110 -46.73 -1.19 68.47
CA GLU F 111 -45.30 0.69 71.44
CA SER F 112 -43.41 3.96 71.11
CA GLU F 113 -39.76 3.04 70.85
CA LEU F 114 -37.47 4.80 73.27
CA ALA F 115 -40.54 5.38 75.50
CA ARG F 116 -38.41 4.65 78.56
CA THR F 117 -35.67 6.96 77.31
CA ALA F 118 -38.10 9.91 77.04
CA GLY F 119 -39.12 9.58 80.70
CA TYR F 120 -35.56 9.91 82.16
CA GLY F 121 -34.79 11.82 85.34
CA ILE F 122 -32.04 14.46 85.26
CA ASN F 123 -29.35 15.60 87.69
CA ILE F 124 -29.14 19.34 87.11
CA LEU F 125 -25.67 19.62 88.65
CA GLY F 126 -24.19 18.01 85.52
CA MET F 127 -27.29 18.28 83.31
CA ASP F 128 -27.08 14.57 82.50
CA PRO F 129 -30.00 12.11 82.44
CA LEU F 130 -30.45 9.23 84.89
CA SER F 131 -33.08 6.45 84.96
CA THR F 132 -36.76 7.35 84.44
CA PRO F 133 -39.01 7.96 87.50
CA PHE F 134 -42.04 7.13 85.30
CA ASP F 135 -43.15 3.68 84.19
CA ASN F 136 -43.12 3.93 80.39
CA GLU F 137 -44.55 0.48 79.74
CA PHE F 138 -47.60 1.29 81.88
CA TYR F 139 -50.57 1.93 79.62
CA ASN F 140 -53.11 1.91 82.49
CA GLY F 141 -54.98 -0.97 80.79
CA LEU F 142 -56.04 1.47 78.07
CA CYS F 143 -54.62 1.82 74.58
CA ASN F 144 -53.88 5.42 73.75
CA ARG F 145 -51.87 6.08 70.62
CA ASP F 146 -49.99 8.84 68.81
CA ARG F 147 -49.73 8.74 65.02
CA ASP F 148 -46.35 9.09 63.28
CA GLY F 149 -46.43 10.99 59.98
CA ASN F 150 -42.83 10.06 59.06
CA THR F 151 -43.64 6.35 59.11
CA LEU F 152 -47.39 5.92 58.77
CA THR F 153 -48.36 3.78 61.72
CA TYR F 154 -49.56 4.51 65.24
CA TYR F 155 -47.36 4.06 68.27
CA ARG F 156 -48.98 3.34 71.60
CA ARG F 157 -48.36 5.99 74.23
CA PRO F 158 -47.98 5.13 77.97
CA TRP F 159 -50.49 6.77 80.33
CA ASN F 160 -47.63 8.18 82.43
CA VAL F 161 -46.65 10.09 79.29
CA ALA F 162 -48.68 13.15 78.32
CA SER F 163 -47.62 13.25 74.60
CA LEU F 164 -44.87 11.38 72.67
CA ILE F 165 -45.86 12.49 69.23
CA TYR F 166 -43.15 12.03 66.64
CA GLU F 167 -42.90 15.48 65.19
CA THR F 168 -42.88 16.43 61.56
CA LYS F 169 -39.11 17.02 61.58
CA GLY F 170 -37.74 20.28 62.93
CA GLU F 171 -34.86 19.88 60.50
CA LYS F 172 -32.84 22.96 59.55
CA ASN F 173 -32.26 25.42 62.31
CA PHE F 174 -29.23 26.52 60.40
CA ARG F 175 -27.29 29.70 60.92
CA THR F 176 -23.81 30.87 60.19
CA GLU F 177 -22.37 34.15 61.31
CA HIS F 178 -19.29 35.68 59.80
CA TYR F 179 -17.39 38.40 61.58
CA GLU F 180 -14.33 40.15 60.27
CA GLU F 181 -12.37 43.10 61.68
CA GLN F 182 -9.36 44.95 60.26
CA ILE F 183 -7.43 47.80 61.91
CA GLU F 184 -4.11 49.07 60.53
CA ALA F 185 -2.25 52.26 61.44
CA PHE F 186 0.95 54.06 60.42
CA LYS F 187 2.93 56.94 61.94
CA SER F 188 6.22 58.31 60.60
CA ILE F 189 8.18 61.41 61.59
CA ILE F 190 11.45 62.98 60.42
CA GLN F 191 13.43 65.96 61.73
CA GLU F 192 16.67 67.59 60.59
CA LYS F 193 18.72 70.61 61.60
CA THR F 194 21.98 71.98 60.25
CA SER F 195 24.10 75.02 61.07
CA ASN F 196 27.05 76.34 59.07
CA PHE F 197 29.41 79.06 60.29
CA ASN F 198 32.55 80.74 58.94
CA ALA F 199 34.57 83.64 60.32
CA ALA F 200 37.79 85.25 59.20
CA ILE F 201 39.96 88.19 60.24
CA SER F 202 43.06 89.63 58.56
CA LEU F 203 45.36 92.58 59.18
CA LYS F 204 48.29 94.17 57.36
CA PHE F 205 50.68 96.89 58.50
CA THR F 206 53.62 98.52 56.67
CA PRO F 207 55.70 101.25 58.40
CA GLY F 228 58.92 96.99 57.95
CA LYS F 229 55.99 94.83 56.94
CA GLY F 230 53.73 92.58 59.02
CA SER F 231 50.59 90.64 58.24
CA PHE F 232 48.18 88.29 60.00
CA ARG F 233 45.46 85.98 58.68
CA PHE F 234 43.06 83.71 60.55
CA SER F 235 40.07 81.63 59.42
CA TYR F 236 37.70 79.48 61.46
CA SER F 237 34.74 77.32 60.44
CA LYS F 238 32.18 75.02 62.05
CA ASN F 239 29.38 72.85 60.75
CA GLU F 240 26.84 70.53 62.33
CA THR F 241 24.18 68.24 60.87
CA TYR F 242 21.77 66.24 63.04
CA GLN F 243 18.96 63.97 61.84
CA LEU F 244 16.27 61.90 63.54
CA PHE F 245 13.95 59.53 61.67
CA LEU F 246 11.37 57.14 63.13
CA SER F 247 8.63 54.96 61.67
CA TYR F 248 5.96 52.87 63.38
CA SER F 249 3.22 50.51 62.15
CA SER F 250 0.70 48.29 63.93
CA LYS F 251 -1.98 45.82 62.92
CA LYS F 252 -4.85 44.17 64.77
CA GLU F 253 -7.19 41.92 62.78
CA LYS F 254 -9.69 39.29 63.85
CA MET F 255 -12.04 36.79 62.26
CA PHE F 256 -14.77 34.83 63.93
CA LEU F 257 -17.04 32.17 62.53
CA HIS F 258 -20.02 30.38 63.93
CA VAL F 259 -21.69 27.49 62.17
CA LYS F 260 -24.63 25.58 63.61
CA GLY F 261 -27.50 23.42 62.38
CA GLU F 262 -30.05 21.73 64.63
CA ILE F 263 -32.55 18.97 63.83
CA HIS F 264 -35.47 17.92 66.04
CA LEU F 265 -36.65 14.34 65.50
CA GLY F 266 -39.45 14.13 68.08
CA ARG F 267 -41.32 15.84 70.92
CA PHE F 268 -42.12 14.32 74.29
CA VAL F 269 -44.27 15.61 77.13
CA MET F 270 -44.43 13.77 80.45
CA ARG F 271 -47.29 13.89 82.93
CA ASN F 272 -47.18 16.61 85.62
CA ARG F 273 -50.35 15.15 87.15
CA ASP F 274 -50.59 12.23 89.59
CA VAL F 275 -49.73 9.09 87.63
CA VAL F 276 -48.02 5.75 88.14
CA LEU F 277 -44.24 5.61 88.58
CA THR F 278 -41.68 2.82 88.11
CA THR F 279 -41.49 0.35 91.00
CA THR F 280 -37.75 0.74 91.70
CA PHE F 281 -38.08 4.49 92.24
CA VAL F 282 -41.13 4.01 94.52
CA ASP F 283 -39.34 1.35 96.59
CA ASP F 284 -36.33 3.60 97.18
CA ILE F 285 -38.64 6.57 97.98
CA LYS F 286 -40.31 4.46 100.69
CA ALA F 287 -36.88 3.40 101.99
CA LEU F 288 -35.82 7.02 102.70
CA PRO F 289 -35.56 8.31 106.34
CA THR F 290 -38.44 9.94 108.25
CA THR F 291 -36.03 12.62 109.49
CA TYR F 292 -33.74 14.99 107.60
CA GLU F 293 -30.11 13.87 107.47
CA LYS F 294 -28.21 15.05 104.40
CA GLY F 295 -26.22 11.94 103.45
CA GLU F 296 -29.16 9.71 102.52
CA TYR F 297 -30.95 12.42 100.56
CA PHE F 298 -27.76 13.48 98.74
CA ALA F 299 -27.18 9.89 97.58
CA PHE F 300 -30.81 9.63 96.41
CA LEU F 301 -30.58 12.85 94.39
CA GLU F 302 -27.27 11.72 92.90
CA THR F 303 -28.73 8.37 91.75
CA TYR F 304 -32.26 9.41 90.65
CA GLY F 305 -31.65 13.02 89.59
CA THR F 306 -32.39 16.37 91.23
CA HIS F 307 -35.21 17.04 88.77
CA TYR F 308 -36.94 15.11 86.00
CA SER F 309 -37.49 15.86 82.32
CA SER F 310 -41.04 17.24 82.31
CA SER F 311 -40.96 17.70 78.54
CA GLY F 312 -38.38 18.29 75.84
CA SER F 313 -37.27 17.54 72.32
CA LEU F 314 -35.18 14.76 70.83
CA GLY F 315 -32.83 15.63 67.99
CA GLY F 316 -29.16 16.25 67.24
CA LEU F 317 -26.77 19.15 66.71
CA TYR F 318 -24.07 20.03 64.22
CA GLU F 319 -21.76 22.85 65.40
CA LEU F 320 -18.36 24.38 64.73
CA ILE F 321 -16.77 27.72 65.71
CA TYR F 322 -13.62 29.24 64.22
CA VAL F 323 -11.44 31.86 65.85
CA LEU F 324 -8.54 34.02 64.72
CA ASP F 325 -6.81 36.83 66.61
CA LYS F 326 -3.77 38.36 64.85
CA ALA F 327 -1.47 41.09 66.19
CA SER F 328 1.82 42.66 65.05
CA MET F 329 3.92 45.77 65.77
CA LYS F 330 6.80 47.26 63.76
CA ARG F 331 9.14 50.01 65.00
CA LYS F 332 12.40 51.47 63.70
CA GLY F 333 14.42 54.56 64.67
CA VAL F 334 17.75 56.02 63.54
CA GLU F 335 19.93 58.87 64.84
CA LEU F 336 22.69 60.46 62.74
CA LYS F 337 25.09 63.23 63.76
CA ASP F 338 28.10 64.81 62.07
CA ILE F 339 30.22 67.71 63.42
CA LYS F 340 33.40 69.31 62.09
CA ARG F 341 35.82 72.12 62.95
CA CYS F 342 38.63 73.47 60.81
CA LEU F 343 40.85 76.49 61.48
CA GLY F 344 43.93 77.99 59.82
CA TYR F 345 46.42 80.45 61.26
CA HIS F 346 49.16 82.41 59.45
CA LEU F 347 51.52 85.32 60.00
CA ASP F 348 54.42 86.76 58.03
CA VAL F 349 56.84 89.52 59.13
CA SER F 350 59.85 91.10 57.40
CA LEU F 351 62.26 93.88 58.39
CA ALA F 352 64.79 95.59 56.11
CA PHE F 353 67.28 98.04 57.62
CA SER F 354 69.87 99.52 55.21
CA GLU F 355 71.60 96.62 53.37
CA ILE F 356 70.57 93.86 55.86
CA SER F 357 67.23 92.05 56.06
CA VAL F 358 65.53 89.39 58.18
CA GLY F 359 62.14 87.68 57.72
CA ALA F 360 60.11 85.02 59.49
CA GLU F 361 56.71 83.36 59.09
CA PHE F 362 54.56 80.78 60.85
CA ASN F 363 51.62 78.68 59.64
CA LYS F 364 49.38 76.22 61.48
CA ASP F 365 46.40 74.12 60.39
CA ASP F 366 44.13 72.14 62.76
CA CYS F 367 41.05 70.08 61.85
CA VAL F 368 38.81 67.54 63.62
CA LYS F 369 35.72 65.70 62.36
CA ARG F 370 33.50 63.37 64.39
CA GLY F 371 30.62 61.27 63.02
CA GLU F 372 28.18 59.20 65.04
CA GLY F 373 25.40 56.81 63.94
CA ARG F 374 22.96 54.68 65.92
CA ALA F 375 20.03 52.55 64.73
CA VAL F 376 17.46 50.32 66.44
CA ASN F 377 14.81 48.11 64.80
CA ILE F 378 12.31 45.75 66.44
CA THR F 379 9.43 43.64 65.08
CA SER F 380 7.08 41.19 66.77
CA GLU F 381 4.09 39.17 65.60
CA ASN F 382 1.80 36.73 67.39
CA LEU F 383 -1.44 34.90 66.63
CA ILE F 384 -3.85 32.25 67.88
CA ASP F 385 -5.94 29.86 65.80
CA ASP F 386 -8.52 27.93 67.80
CA VAL F 387 -11.04 25.68 66.14
CA VAL F 388 -13.54 23.85 68.25
CA SER F 389 -16.24 21.58 67.00
CA LEU F 390 -18.63 18.98 68.31
CA ILE F 391 -21.72 17.10 67.17
CA ARG F 392 -24.31 14.96 68.94
CA GLY F 393 -26.91 12.41 67.93
CA GLY F 394 -26.87 9.22 65.83
CA THR F 395 -24.30 6.43 65.61
CA ARG F 396 -20.51 6.66 65.64
CA LYS F 397 -19.69 5.91 62.00
CA TYR F 398 -21.40 8.92 60.45
CA ALA F 399 -20.25 11.21 63.24
CA PHE F 400 -16.63 10.06 62.73
CA GLU F 401 -16.85 10.60 58.98
CA LEU F 402 -18.11 14.16 59.44
CA LYS F 403 -15.43 14.80 62.09
CA GLU F 404 -12.60 13.75 59.78
CA LYS F 405 -13.89 15.82 56.87
CA LEU F 406 -14.13 18.90 59.10
CA LEU F 407 -10.39 18.77 59.69
CA ARG F 408 -10.10 20.29 56.21
CA GLY F 409 -13.65 21.63 56.54
CA THR F 410 -16.59 19.65 55.14
CA VAL F 411 -17.68 21.33 51.93
CA ILE F 412 -18.27 18.22 49.83
CA ASP F 413 -19.83 14.81 50.48
CA VAL F 414 -23.27 16.27 51.17
CA THR F 415 -24.69 12.71 51.15
CA ASP F 416 -22.83 12.06 54.46
CA PHE F 417 -25.27 14.34 56.25
CA VAL F 418 -28.29 12.36 55.02
CA ASN F 419 -26.75 9.21 56.55
CA TRP F 420 -26.20 11.09 59.80
CA ALA F 421 -29.82 12.21 59.75
CA SER F 422 -31.04 8.63 59.44
CA SER F 423 -28.85 7.43 62.33
CA ILE F 424 -30.18 10.30 64.52
CA ASN F 425 -33.67 8.80 64.15
CA ASP F 426 -32.39 5.41 65.30
CA ALA F 427 -30.44 6.71 68.30
CA PRO F 428 -32.00 9.90 69.72
CA VAL F 429 -30.21 12.24 72.13
CA LEU F 430 -31.82 14.85 74.41
CA ILE F 431 -31.69 18.43 73.14
CA SER F 432 -34.16 20.70 74.95
CA GLN F 433 -35.87 19.90 78.21
CA LYS F 434 -38.09 21.34 80.92
CA LEU F 435 -37.13 20.67 84.51
CA SER F 436 -39.19 20.32 87.66
CA PRO F 437 -37.88 18.89 90.98
CA ILE F 438 -38.14 15.11 91.39
CA TYR F 439 -39.65 15.29 94.90
CA ASN F 440 -42.91 16.73 93.51
CA LEU F 441 -43.59 13.33 91.90
CA VAL F 442 -43.89 11.43 95.22
CA PRO F 443 -47.48 10.49 96.10
CA VAL F 444 -48.36 12.41 99.26
CA LYS F 445 -51.07 9.97 100.26
CA MET F 446 -48.99 7.13 101.71
CA LYS F 447 -47.53 7.57 105.21
CA ASN F 448 -44.42 9.71 105.78
CA ALA F 449 -44.46 10.80 102.08
CA HIS F 450 -44.86 14.42 103.11
CA LEU F 451 -41.98 14.18 105.60
CA LYS F 452 -39.64 12.72 102.97
CA LYS F 453 -40.72 15.40 100.49
CA GLN F 454 -39.84 18.18 102.94
CA ASN F 455 -36.49 16.51 103.66
CA LEU F 456 -35.78 16.36 99.90
CA GLU F 457 -36.59 20.09 99.50
CA ARG F 458 -34.02 20.98 102.13
CA ALA F 459 -31.54 18.48 100.68
CA ILE F 460 -31.52 19.95 97.16
CA GLU F 461 -30.60 23.38 98.52
CA ASP F 462 -27.75 22.08 100.65
CA TYR F 463 -26.44 19.81 97.91
CA ILE F 464 -26.12 22.80 95.55
CA ASN F 465 -23.89 24.53 98.10
CA GLU F 466 -21.60 21.46 98.41
CA PHE F 467 -21.22 21.42 94.64
CA SER F 468 -20.78 25.21 94.40
CA VAL F 469 -17.81 26.75 92.59
CA ARG F 470 -18.52 30.12 94.23
CA LYS F 471 -16.62 28.95 97.31
CA CYS F 472 -13.56 27.96 95.25
CA HIS F 473 -10.67 30.24 94.22
CA THR F 474 -10.94 31.84 90.78
CA CYS F 475 -7.74 31.79 88.72
CA GLN F 476 -6.06 34.88 87.35
CA ASN F 477 -6.74 36.50 83.98
CA GLY F 478 -10.44 35.60 83.92
CA GLY F 479 -10.05 31.88 84.69
CA THR F 480 -13.20 30.07 85.84
CA VAL F 481 -13.04 27.49 88.58
CA ILE F 482 -14.81 24.13 88.36
CA LEU F 483 -15.43 21.77 91.30
CA MET F 484 -14.77 18.10 90.77
CA ASP F 485 -15.52 16.03 93.80
CA GLY F 486 -13.68 18.09 96.38
CA LYS F 487 -10.85 19.35 94.18
CA CYS F 488 -11.18 22.57 92.24
CA LEU F 489 -9.40 22.95 88.92
CA CYS F 490 -9.40 26.19 86.99
CA ALA F 491 -10.59 26.22 83.41
CA CYS F 492 -8.63 28.86 81.53
CA PRO F 493 -8.35 29.59 77.72
CA PHE F 494 -5.99 27.71 75.36
CA LYS F 495 -3.83 30.85 75.15
CA PHE F 496 -3.11 30.96 78.89
CA GLU F 497 -3.52 27.94 81.17
CA GLY F 498 -2.73 26.96 84.75
CA ILE F 499 -3.87 26.11 88.22
CA ALA F 500 -3.13 29.85 88.56
CA CYS F 501 -2.86 30.45 84.68
CA GLU F 502 0.72 31.79 84.21
CA ILE F 503 1.60 29.27 81.46
CA SER F 504 0.97 30.26 77.85
CA LYS F 505 1.48 29.18 74.23
CA GLN F 506 2.28 32.84 73.60
CA SER G 1 -22.78 39.23 90.44
CA HIS G 2 -25.18 36.27 90.41
CA ILE G 3 -28.86 36.71 91.12
CA ASP G 4 -30.48 33.35 91.79
CA CYS G 5 -34.13 32.55 91.17
CA ARG G 6 -36.18 32.61 94.36
CA MET G 7 -39.88 31.99 94.85
CA SER G 8 -42.35 33.31 97.40
CA PRO G 9 -42.82 31.72 100.87
CA TRP G 10 -45.49 29.03 101.15
CA SER G 11 -49.18 29.78 100.77
CA GLU G 12 -51.36 28.27 103.48
CA TRP G 13 -53.11 24.94 102.78
CA SER G 14 -56.35 24.99 100.82
CA GLN G 15 -59.51 23.27 102.04
CA CYS G 16 -59.51 19.48 101.66
CA ASP G 17 -60.38 18.71 98.05
CA PRO G 18 -63.15 16.16 97.47
CA CYS G 19 -61.86 15.38 93.96
CA LEU G 20 -58.23 14.76 94.95
CA ARG G 21 -58.40 14.26 98.75
CA GLN G 22 -55.47 16.58 99.27
CA MET G 23 -54.70 20.17 100.15
CA PHE G 24 -52.52 22.35 97.97
CA ARG G 25 -50.32 25.41 98.22
CA SER G 26 -48.28 27.33 95.68
CA ARG G 27 -45.60 29.97 95.21
CA SER G 28 -44.86 32.78 92.75
CA ILE G 29 -41.49 34.02 91.43
CA GLU G 30 -40.10 36.87 93.50
CA VAL G 31 -36.65 36.89 91.95
CA PHE G 32 -35.47 35.46 88.64
CA GLY G 33 -32.05 33.99 87.76
CA GLN G 34 -29.78 36.50 86.06
CA PHE G 35 -26.05 37.14 85.54
CA ASN G 36 -25.12 33.44 85.47
CA GLY G 37 -27.69 32.71 88.20
CA LYS G 38 -29.62 29.47 88.64
CA ARG G 39 -33.20 28.68 87.67
CA CYS G 40 -35.95 27.92 90.16
CA THR G 41 -35.13 24.68 91.92
CA ASP G 42 -38.07 25.60 94.18
CA ALA G 43 -40.95 23.16 94.75
CA VAL G 44 -43.50 25.62 93.22
CA GLY G 45 -46.36 23.68 94.83
CA ASP G 46 -46.71 21.16 97.63
CA ARG G 47 -49.55 18.76 98.32
CA ARG G 48 -50.61 17.28 101.66
CA GLN G 49 -52.77 14.18 102.10
CA CYS G 50 -56.33 14.74 103.34
CA VAL G 51 -59.84 13.25 103.31
CA PRO G 52 -62.76 14.10 100.93
CA THR G 53 -65.43 16.61 102.01
CA GLU G 54 -68.04 15.20 99.61
CA PRO G 55 -68.21 12.64 96.81
CA CYS G 56 -66.90 14.61 93.83
CA GLU G 57 -66.21 13.55 90.24
CA CYS G 63 -74.93 9.07 81.69
CA GLY G 64 -78.30 8.07 83.19
CA ASN G 65 -80.22 5.32 81.38
CA ASP G 66 -77.99 5.56 78.29
CA PHE G 67 -75.01 3.26 77.60
CA GLN G 68 -72.02 4.12 79.75
CA CYS G 69 -68.53 2.96 78.82
CA SER G 70 -65.84 2.11 81.38
CA THR G 71 -63.98 5.22 80.17
CA GLY G 72 -66.91 7.42 81.24
CA ARG G 73 -68.12 7.93 77.67
CA CYS G 74 -71.88 8.34 77.53
CA ILE G 75 -73.54 7.44 74.25
CA LYS G 76 -77.05 6.42 73.27
CA MET G 77 -77.69 2.79 72.32
CA ARG G 78 -78.23 3.49 68.61
CA LEU G 79 -74.55 4.57 68.31
CA ARG G 80 -73.57 1.01 69.20
CA CYS G 81 -73.53 -1.84 66.69
CA ASN G 82 -72.07 -0.27 63.59
CA GLY G 83 -68.34 -0.86 64.08
CA ASP G 84 -67.73 2.79 64.96
CA ASN G 85 -65.60 3.74 67.94
CA ASP G 86 -67.99 5.83 70.02
CA CYS G 87 -66.29 4.80 73.27
CA GLY G 88 -62.81 5.47 74.64
CA ASP G 89 -62.20 1.73 75.09
CA PHE G 90 -64.39 0.48 72.19
CA SER G 91 -66.93 -1.01 74.65
CA ASP G 92 -69.78 -0.05 72.34
CA GLU G 93 -68.54 -2.65 69.85
CA ASP G 94 -67.68 -5.21 72.55
CA ASP G 95 -70.39 -7.74 73.42
CA CYS G 96 -72.75 -5.64 71.29
CA GLU G 97 -76.55 -6.04 71.26
CA SER G 98 -76.65 -6.65 67.51
CA GLU G 99 -74.19 -7.19 64.66
CA PRO G 100 -72.53 -4.15 63.16
CA ARG G 101 -74.69 -2.50 60.48
CA PRO G 102 -72.67 -0.54 57.84
CA PRO G 103 -71.97 3.09 58.95
CA CYS G 104 -71.80 3.94 55.25
CA ARG G 105 -74.20 1.79 53.22
CA ASP G 106 -72.90 3.05 49.87
CA ARG G 107 -69.24 2.15 50.28
CA VAL G 108 -66.61 1.65 52.93
CA VAL G 109 -65.31 5.15 53.67
CA GLU G 110 -61.77 5.42 55.04
CA GLU G 111 -61.15 7.79 57.94
CA SER G 112 -59.34 11.09 57.57
CA GLU G 113 -55.70 10.38 58.30
CA LEU G 114 -54.11 12.60 60.91
CA ALA G 115 -57.64 13.29 62.23
CA ARG G 116 -56.29 13.13 65.79
CA THR G 117 -53.39 15.41 64.88
CA ALA G 118 -55.77 18.13 63.61
CA GLY G 119 -57.64 18.25 66.93
CA TYR G 120 -54.55 19.02 69.12
CA GLY G 121 -54.61 21.39 72.07
CA ILE G 122 -52.00 24.17 72.24
CA ASN G 123 -50.00 25.80 75.02
CA ILE G 124 -49.77 29.42 73.95
CA LEU G 125 -46.78 30.14 76.19
CA GLY G 126 -44.55 28.20 73.78
CA MET G 127 -47.03 27.97 70.89
CA ASP G 128 -46.52 24.20 70.73
CA PRO G 129 -49.27 21.57 70.35
CA LEU G 130 -50.22 19.04 73.04
CA SER G 131 -52.71 16.14 72.91
CA THR G 132 -56.18 16.73 71.41
CA PRO G 133 -59.11 17.60 73.73
CA PHE G 134 -61.50 16.29 71.04
CA ASP G 135 -62.22 12.66 70.22
CA ASN G 136 -61.28 12.37 66.55
CA GLU G 137 -62.40 8.78 66.11
CA PHE G 138 -65.90 9.69 67.33
CA TYR G 139 -68.27 9.82 64.38
CA ASN G 140 -71.41 10.04 66.54
CA GLY G 141 -72.75 6.84 64.91
CA LEU G 142 -73.19 8.80 61.68
CA CYS G 143 -70.98 8.74 58.61
CA ASN G 144 -70.16 12.24 57.44
CA ARG G 145 -67.47 12.57 54.79
CA ASP G 146 -65.30 15.17 53.09
CA ARG G 147 -64.13 14.55 49.52
CA ASP G 148 -60.44 14.88 48.59
CA GLY G 149 -59.78 16.29 45.11
CA ASN G 150 -56.04 15.47 45.21
CA THR G 151 -56.74 11.76 45.63
CA LEU G 152 -60.28 11.05 44.48
CA THR G 153 -61.87 9.28 47.42
CA TYR G 154 -63.89 10.42 50.41
CA TYR G 155 -62.48 10.54 53.90
CA ARG G 156 -64.84 10.19 56.83
CA ARG G 157 -64.94 13.21 59.11
CA PRO G 158 -65.45 12.92 62.91
CA TRP G 159 -68.49 14.70 64.35
CA ASN G 160 -66.26 16.57 66.82
CA VAL G 161 -64.61 18.08 63.74
CA ALA G 162 -66.44 20.85 61.87
CA SER G 163 -64.50 20.49 58.53
CA LEU G 164 -61.34 18.55 57.61
CA ILE G 165 -61.50 19.10 53.90
CA TYR G 166 -58.23 18.46 52.11
CA GLU G 167 -57.74 21.68 50.26
CA THR G 168 -56.86 22.11 46.63
CA LYS G 169 -53.24 22.94 47.45
CA GLY G 170 -52.32 26.43 48.57
CA GLU G 171 -48.93 25.88 46.98
CA LYS G 172 -46.83 28.92 46.07
CA ASN G 173 -47.00 31.77 48.48
CA PHE G 174 -43.64 32.79 47.19
CA ARG G 175 -41.96 36.12 47.67
CA THR G 176 -38.45 37.40 47.60
CA GLU G 177 -37.41 40.89 48.51
CA HIS G 178 -34.11 42.39 47.55
CA TYR G 179 -32.76 45.45 49.30
CA GLU G 180 -29.53 47.18 48.49
CA GLU G 181 -28.05 50.42 49.86
CA GLN G 182 -24.84 52.24 48.92
CA ILE G 183 -23.44 55.40 50.53
CA GLU G 184 -19.92 56.68 49.78
CA ALA G 185 -18.44 60.08 50.61
CA PHE G 186 -15.14 61.92 50.11
CA LYS G 187 -13.67 65.10 51.60
CA SER G 188 -10.19 66.48 50.87
CA ILE G 189 -8.60 69.80 51.82
CA ILE G 190 -5.20 71.40 51.22
CA GLN G 191 -3.68 74.65 52.49
CA GLU G 192 -0.31 76.31 51.90
CA LYS G 193 1.35 79.56 52.90
CA THR G 194 4.80 80.93 52.16
CA SER G 195 6.57 84.19 52.98
CA ASN G 196 9.88 85.40 51.55
CA PHE G 197 11.80 88.40 52.86
CA ASN G 198 15.12 90.08 52.05
CA ALA G 199 16.67 93.27 53.41
CA ALA G 200 20.02 94.91 52.85
CA ILE G 201 21.80 98.09 53.90
CA SER G 202 25.16 99.47 52.79
CA LEU G 203 27.16 102.63 53.50
CA LYS G 204 30.40 104.12 52.19
CA PHE G 205 32.37 107.13 53.43
CA THR G 206 35.61 108.67 52.11
CA PRO G 207 37.13 111.74 53.85
CA GLY G 228 40.49 107.66 54.81
CA LYS G 229 37.95 105.20 53.48
CA GLY G 230 35.32 103.14 55.29
CA SER G 231 32.51 100.91 54.10
CA PHE G 232 29.83 98.68 55.59
CA ARG G 233 27.56 96.04 54.03
CA PHE G 234 24.86 93.91 55.61
CA SER G 235 22.28 91.50 54.14
CA TYR G 236 19.55 89.52 55.87
CA SER G 237 16.99 87.05 54.52
CA LYS G 238 14.18 84.84 55.81
CA ASN G 239 11.85 82.33 54.23
CA GLU G 240 9.06 80.10 55.52
CA THR G 241 6.89 77.47 53.84
CA TYR G 242 4.09 75.64 55.65
CA GLN G 243 1.71 73.06 54.19
CA LEU G 244 -1.25 71.07 55.50
CA PHE G 245 -2.98 68.32 53.52
CA LEU G 246 -5.76 66.00 54.69
CA SER G 247 -8.01 63.47 52.97
CA TYR G 248 -10.96 61.47 54.29
CA SER G 249 -13.25 58.80 52.85
CA SER G 250 -16.06 56.70 54.30
CA LYS G 251 -18.35 53.94 53.07
CA LYS G 252 -21.53 52.38 54.42
CA GLU G 253 -23.26 49.74 52.31
CA LYS G 254 -25.87 47.12 53.14
CA MET G 255 -27.68 44.28 51.45
CA PHE G 256 -30.69 42.41 52.71
CA LEU G 257 -32.48 39.44 51.24
CA HIS G 258 -35.65 37.68 52.15
CA VAL G 259 -36.77 34.47 50.51
CA LYS G 260 -39.92 32.59 51.49
CA GLY G 261 -42.34 30.10 49.96
CA GLU G 262 -45.31 28.59 51.79
CA ILE G 263 -47.47 25.60 50.86
CA HIS G 264 -50.80 24.68 52.45
CA LEU G 265 -51.71 20.99 52.20
CA GLY G 266 -55.05 20.97 54.05
CA ARG G 267 -57.59 22.93 56.09
CA PHE G 268 -59.13 21.85 59.36
CA VAL G 269 -61.94 23.39 61.39
CA MET G 270 -62.84 22.03 64.82
CA ARG G 271 -66.21 22.31 66.51
CA ASN G 272 -66.84 25.37 68.71
CA ARG G 273 -70.23 23.94 69.66
CA ASP G 274 -70.98 21.39 72.39
CA VAL G 275 -69.58 18.07 71.19
CA VAL G 276 -67.95 14.94 72.58
CA LEU G 277 -64.38 15.10 73.90
CA THR G 278 -61.71 12.45 74.48
CA THR G 279 -62.14 10.42 77.66
CA THR G 280 -58.69 11.14 79.16
CA PHE G 281 -59.26 14.91 79.02
CA VAL G 282 -62.75 14.55 80.57
CA ASP G 283 -61.44 12.33 83.39
CA ASP G 284 -58.71 14.82 84.31
CA ILE G 285 -61.23 17.72 84.10
CA LYS G 286 -63.44 15.91 86.62
CA ALA G 287 -60.40 15.26 88.84
CA LEU G 288 -59.64 19.00 89.22
CA PRO G 289 -60.32 20.80 92.58
CA THR G 290 -63.61 22.50 93.50
CA THR G 291 -61.64 25.48 94.85
CA TYR G 292 -59.03 27.70 93.21
CA GLU G 293 -55.44 26.80 94.10
CA LYS G 294 -52.90 27.66 91.42
CA GLY G 295 -50.66 24.58 91.45
CA GLU G 296 -53.22 22.06 90.20
CA TYR G 297 -54.56 24.35 87.50
CA PHE G 298 -51.06 25.35 86.32
CA ALA G 299 -50.11 21.67 85.90
CA PHE G 300 -53.34 21.02 83.95
CA LEU G 301 -52.73 23.94 81.59
CA GLU G 302 -49.13 22.82 81.11
CA THR G 303 -50.18 19.26 80.16
CA TYR G 304 -53.35 19.91 78.12
CA GLY G 305 -52.62 23.37 76.70
CA THR G 306 -53.82 26.86 77.60
CA HIS G 307 -55.99 27.00 74.47
CA TYR G 308 -56.94 24.59 71.70
CA SER G 309 -56.63 24.79 67.93
CA SER G 310 -60.10 25.93 66.87
CA SER G 311 -59.13 25.86 63.20
CA GLY G 312 -56.00 26.24 61.13
CA SER G 313 -54.05 25.07 58.12
CA LEU G 314 -51.58 22.25 57.60
CA GLY G 315 -48.64 22.86 55.28
CA GLY G 316 -44.92 23.59 55.33
CA LEU G 317 -42.55 26.54 54.94
CA TYR G 318 -39.35 27.23 53.04
CA GLU G 319 -37.48 30.33 54.29
CA LEU G 320 -34.06 31.97 54.21
CA ILE G 321 -32.86 35.51 55.03
CA TYR G 322 -29.48 36.99 54.10
CA VAL G 323 -27.84 39.95 55.78
CA LEU G 324 -24.80 42.11 55.04
CA ASP G 325 -23.66 45.26 56.84
CA LYS G 326 -20.34 46.72 55.63
CA ALA G 327 -18.50 49.75 57.05
CA SER G 328 -15.08 51.35 56.49
CA MET G 329 -13.31 54.66 57.19
CA LYS G 330 -10.07 56.04 55.72
CA ARG G 331 -8.18 59.08 57.04
CA LYS G 332 -4.74 60.54 56.33
CA GLY G 333 -3.10 63.85 57.27
CA VAL G 334 0.37 65.35 56.73
CA GLU G 335 2.08 68.49 58.07
CA LEU G 336 5.22 69.94 56.45
CA LYS G 337 7.22 72.97 57.57
CA ASP G 338 10.51 74.49 56.41
CA ILE G 339 12.16 77.68 57.77
CA LYS G 340 15.52 79.28 57.00
CA ARG G 341 17.57 82.33 57.96
CA CYS G 342 20.79 83.54 56.36
CA LEU G 343 22.68 86.76 57.07
CA GLY G 344 26.03 88.21 55.97
CA TYR G 345 28.03 91.00 57.57
CA HIS G 346 31.07 92.85 56.17
CA LEU G 347 33.15 95.96 56.82
CA ASP G 348 36.40 97.29 55.38
CA VAL G 349 38.39 100.33 56.58
CA SER G 350 41.69 101.83 55.39
CA LEU G 351 43.71 104.87 56.48
CA ALA G 352 46.67 106.40 54.64
CA PHE G 353 48.65 109.19 56.29
CA SER G 354 51.70 110.48 54.36
CA GLU G 355 53.90 107.48 53.42
CA ILE G 356 52.38 105.03 55.99
CA SER G 357 49.15 103.05 55.69
CA VAL G 358 47.06 100.61 57.72
CA GLY G 359 43.93 98.64 56.74
CA ALA G 360 41.61 96.13 58.37
CA GLU G 361 38.46 94.23 57.44
CA PHE G 362 36.02 91.79 59.02
CA ASN G 363 33.53 89.35 57.49
CA LYS G 364 30.97 87.03 59.10
CA ASP G 365 28.40 84.61 57.68
CA ASP G 366 25.69 82.84 59.71
CA CYS G 367 22.97 80.49 58.43
CA VAL G 368 20.45 78.08 59.99
CA LYS G 369 17.80 75.89 58.35
CA ARG G 370 15.23 73.73 60.12
CA GLY G 371 12.81 71.29 58.45
CA GLU G 372 10.02 69.37 60.13
CA GLY G 373 7.66 66.68 58.79
CA ARG G 374 4.87 64.70 60.44
CA ALA G 375 2.38 62.24 58.93
CA VAL G 376 -0.47 60.11 60.31
CA ASN G 377 -2.57 57.52 58.46
CA ILE G 378 -5.32 55.26 59.80
CA THR G 379 -7.73 52.81 58.15
CA SER G 380 -10.35 50.48 59.59
CA GLU G 381 -12.91 48.13 58.06
CA ASN G 382 -15.50 45.82 59.61
CA LEU G 383 -18.41 43.71 58.41
CA ILE G 384 -20.97 41.10 59.44
CA ASP G 385 -22.43 38.32 57.32
CA ASP G 386 -25.36 36.52 58.93
CA VAL G 387 -27.33 33.90 57.08
CA VAL G 388 -30.23 32.24 58.80
CA SER G 389 -32.47 29.64 57.31
CA LEU G 390 -35.04 27.11 58.39
CA ILE G 391 -37.71 24.90 56.87
CA ARG G 392 -40.59 22.87 58.27
CA GLY G 393 -42.80 20.04 57.08
CA GLY G 394 -42.15 16.60 55.56
CA THR G 395 -39.54 13.98 56.38
CA ARG G 396 -35.87 14.45 57.26
CA LYS G 397 -34.17 13.25 54.06
CA TYR G 398 -35.55 15.90 51.73
CA ALA G 399 -35.17 18.62 54.33
CA PHE G 400 -31.51 17.64 54.85
CA GLU G 401 -30.82 17.64 51.11
CA LEU G 402 -32.26 21.15 50.74
CA LYS G 403 -30.32 22.31 53.81
CA GLU G 404 -26.98 21.14 52.41
CA LYS G 405 -27.60 22.70 49.00
CA LEU G 406 -28.45 26.03 50.62
CA LEU G 407 -24.97 26.22 52.07
CA ARG G 408 -23.88 27.26 48.57
CA GLY G 409 -27.45 28.40 47.86
CA THR G 410 -29.92 26.07 46.13
CA VAL G 411 -30.25 27.21 42.54
CA ILE G 412 -30.22 23.81 40.85
CA ASP G 413 -31.80 20.43 41.63
CA VAL G 414 -35.34 21.75 41.27
CA THR G 415 -36.61 18.14 41.45
CA ASP G 416 -35.58 18.07 45.16
CA PHE G 417 -38.44 20.42 45.97
CA VAL G 418 -41.03 18.10 44.37
CA ASN G 419 -39.81 15.30 46.68
CA TRP G 420 -40.11 17.65 49.64
CA ALA G 421 -43.65 18.52 48.59
CA SER G 422 -44.65 14.86 48.54
CA SER G 423 -43.19 14.22 52.02
CA ILE G 424 -45.08 17.27 53.37
CA ASN G 425 -48.34 15.52 52.43
CA ASP G 426 -47.27 12.40 54.35
CA ALA G 427 -46.14 14.23 57.48
CA PRO G 428 -48.10 17.49 58.00
CA VAL G 429 -47.00 20.25 60.39
CA LEU G 430 -49.18 23.04 61.80
CA ILE G 431 -48.85 26.42 60.08
CA SER G 432 -51.75 28.75 60.90
CA GLN G 433 -54.17 28.31 63.75
CA LYS G 434 -57.02 29.98 65.61
CA LEU G 435 -56.93 29.87 69.38
CA SER G 436 -59.68 29.84 71.99
CA PRO G 437 -59.17 28.97 75.69
CA ILE G 438 -59.40 25.27 76.59
CA TYR G 439 -61.72 25.84 79.59
CA ASN G 440 -64.60 26.87 77.28
CA LEU G 441 -64.77 23.24 76.09
CA VAL G 442 -65.80 21.81 79.48
CA PRO G 443 -69.47 20.77 79.64
CA VAL G 444 -71.14 23.06 82.18
CA LYS G 445 -73.95 20.62 82.87
CA MET G 446 -72.19 18.15 85.18
CA LYS G 447 -71.63 19.16 88.82
CA ASN G 448 -68.81 21.55 89.76
CA ALA G 449 -67.98 22.11 86.05
CA HIS G 450 -68.73 25.81 86.38
CA LEU G 451 -66.52 26.10 89.49
CA LYS G 452 -63.59 24.44 87.74
CA LYS G 453 -64.11 26.67 84.69
CA GLN G 454 -63.93 29.82 86.83
CA ASN G 455 -60.80 28.47 88.56
CA LEU G 456 -59.20 27.84 85.14
CA GLU G 457 -59.99 31.42 83.99
CA ARG G 458 -58.16 32.83 86.99
CA ALA G 459 -55.34 30.33 86.55
CA ILE G 460 -54.50 31.28 82.96
CA GLU G 461 -54.04 34.92 83.97
CA ASP G 462 -51.75 34.11 86.88
CA TYR G 463 -49.75 31.56 84.89
CA ILE G 464 -48.96 34.22 82.24
CA ASN G 465 -47.46 36.43 84.95
CA GLU G 466 -45.24 33.58 86.25
CA PHE G 467 -43.95 33.03 82.72
CA SER G 468 -43.57 36.78 82.03
CA VAL G 469 -40.30 38.24 80.75
CA ARG G 470 -41.48 41.75 81.65
CA LYS G 471 -40.34 41.14 85.23
CA CYS G 472 -36.85 40.07 84.11
CA HIS G 473 -33.87 42.36 83.46
CA THR G 474 -33.34 43.44 79.85
CA CYS G 475 -29.75 43.32 78.63
CA GLN G 476 -27.87 46.28 77.23
CA ASN G 477 -27.77 47.37 73.59
CA GLY G 478 -31.32 46.23 72.80
CA GLY G 479 -31.01 42.69 74.19
CA THR G 480 -34.30 40.87 74.83
CA VAL G 481 -34.73 38.71 77.90
CA ILE G 482 -36.29 35.24 77.78
CA LEU G 483 -37.54 33.28 80.80
CA MET G 484 -36.66 29.62 81.02
CA ASP G 485 -38.06 27.95 84.06
CA GLY G 486 -36.96 30.47 86.66
CA LYS G 487 -33.72 31.59 85.02
CA CYS G 488 -33.67 34.47 82.59
CA LEU G 489 -31.15 34.50 79.76
CA CYS G 490 -30.79 37.43 77.41
CA ALA G 491 -31.07 36.89 73.69
CA CYS G 492 -28.79 39.36 71.94
CA PRO G 493 -27.63 39.56 68.25
CA PHE G 494 -24.72 37.53 66.81
CA LYS G 495 -22.67 40.74 66.64
CA PHE G 496 -22.86 41.42 70.39
CA GLU G 497 -23.72 38.72 72.94
CA GLY G 498 -23.79 38.30 76.71
CA ILE G 499 -25.70 37.86 79.90
CA ALA G 500 -25.17 41.66 79.85
CA CYS G 501 -24.00 41.73 76.08
CA GLU G 502 -20.45 43.22 76.27
CA ILE G 503 -18.86 40.40 74.21
CA SER G 504 -18.63 40.83 70.44
CA LYS G 505 -17.23 39.29 67.26
CA GLN G 506 -16.41 42.88 66.28
CA SER H 1 -44.96 49.96 75.65
CA HIS H 2 -47.19 46.86 75.50
CA ILE H 3 -50.95 47.17 75.25
CA ASP H 4 -52.58 43.83 76.02
CA CYS H 5 -55.95 42.73 74.69
CA ARG H 6 -58.72 43.11 77.28
CA MET H 7 -62.41 42.32 76.97
CA SER H 8 -65.45 43.83 78.65
CA PRO H 9 -66.69 42.71 82.10
CA TRP H 10 -69.28 39.93 82.16
CA SER H 11 -72.78 40.38 80.82
CA GLU H 12 -75.52 39.13 83.14
CA TRP H 13 -76.95 35.62 82.56
CA SER H 14 -79.62 35.21 79.92
CA GLN H 15 -82.93 33.46 80.60
CA CYS H 16 -82.74 29.67 80.81
CA ASP H 17 -82.69 28.35 77.26
CA PRO H 18 -85.16 25.57 76.44
CA CYS H 19 -83.05 24.40 73.48
CA LEU H 20 -79.74 24.16 75.38
CA ARG H 21 -80.82 24.17 79.06
CA GLN H 22 -78.15 26.73 79.90
CA MET H 23 -77.73 30.45 80.39
CA PHE H 24 -75.14 32.43 78.47
CA ARG H 25 -73.15 35.63 78.76
CA SER H 26 -70.63 37.31 76.51
CA ARG H 27 -67.99 40.02 76.29
CA SER H 28 -66.76 42.50 73.67
CA ILE H 29 -63.20 43.75 73.00
CA GLU H 30 -62.43 46.95 74.88
CA VAL H 31 -58.71 46.96 74.20
CA PHE H 32 -56.73 45.17 71.52
CA GLY H 33 -53.17 43.82 71.69
CA GLN H 34 -50.62 46.20 70.21
CA PHE H 35 -46.89 46.99 70.47
CA ASN H 36 -45.87 43.39 71.19
CA GLY H 37 -49.00 42.88 73.32
CA LYS H 38 -50.89 39.62 73.77
CA ARG H 39 -54.11 38.48 72.12
CA CYS H 40 -57.35 37.90 73.99
CA THR H 41 -56.88 35.00 76.37
CA ASP H 42 -60.31 36.04 77.71
CA ALA H 43 -63.17 33.52 77.96
CA VAL H 44 -65.35 35.57 75.53
CA GLY H 45 -68.45 33.70 76.69
CA ASP H 46 -69.40 31.58 79.68
CA ARG H 47 -72.26 29.13 80.04
CA ARG H 48 -74.04 28.06 83.22
CA GLN H 49 -76.16 24.93 83.61
CA CYS H 50 -79.93 25.43 83.89
CA VAL H 51 -83.28 23.72 83.26
CA PRO H 52 -85.57 24.05 80.16
CA THR H 53 -88.48 26.51 80.20
CA GLU H 54 -90.40 24.61 77.50
CA PRO H 55 -89.82 21.67 75.14
CA CYS H 56 -87.88 23.29 72.29
CA GLU H 57 -86.33 21.79 69.17
CA CYS H 63 -92.60 15.62 59.61
CA GLY H 64 -96.20 14.63 60.40
CA ASN H 65 -97.55 11.54 58.63
CA ASP H 66 -94.66 11.48 56.14
CA PHE H 67 -91.53 9.30 56.52
CA GLN H 68 -89.17 10.64 59.16
CA CYS H 69 -85.53 9.58 59.26
CA SER H 70 -83.50 9.27 62.46
CA THR H 71 -81.50 12.30 61.28
CA GLY H 72 -84.67 14.44 61.28
CA ARG H 73 -84.98 14.36 57.49
CA CYS H 74 -88.62 14.50 56.42
CA ILE H 75 -89.42 13.05 53.01
CA LYS H 76 -92.55 11.69 51.41
CA MET H 77 -92.84 7.93 50.90
CA ARG H 78 -92.50 8.06 47.10
CA LEU H 79 -88.88 9.33 47.51
CA ARG H 80 -88.05 5.99 49.14
CA CYS H 81 -87.32 2.84 47.16
CA ASN H 82 -85.21 4.04 44.29
CA GLY H 83 -81.69 3.77 45.72
CA ASP H 84 -81.41 7.53 46.15
CA ASN H 85 -80.10 9.02 49.37
CA ASP H 86 -82.97 11.22 50.49
CA CYS H 87 -82.08 10.77 54.17
CA GLY H 88 -79.04 11.84 56.20
CA ASP H 89 -78.46 8.26 57.34
CA PHE H 90 -79.84 6.47 54.23
CA SER H 91 -82.86 5.18 56.23
CA ASP H 92 -85.09 5.62 53.20
CA GLU H 93 -83.23 2.79 51.49
CA ASP H 94 -82.96 0.69 54.66
CA ASP H 95 -85.74 -1.86 55.24
CA CYS H 96 -87.57 -0.23 52.33
CA GLU H 97 -91.23 -0.87 51.48
CA SER H 98 -90.42 -2.01 47.94
CA GLU H 99 -87.33 -2.78 45.87
CA PRO H 100 -85.44 0.11 44.35
CA ARG H 101 -86.93 1.23 41.03
CA PRO H 102 -84.40 2.93 38.67
CA PRO H 103 -84.09 6.72 39.34
CA CYS H 104 -83.06 7.05 35.70
CA ARG H 105 -84.85 4.49 33.52
CA ASP H 106 -82.81 5.35 30.41
CA ARG H 107 -79.32 4.75 31.79
CA VAL H 108 -77.40 4.80 35.02
CA VAL H 109 -76.41 8.43 35.52
CA GLU H 110 -73.32 9.12 37.61
CA GLU H 111 -73.48 11.90 40.19
CA SER H 112 -71.72 15.23 39.77
CA GLU H 113 -68.35 14.86 41.42
CA LEU H 114 -67.50 17.52 43.96
CA ALA H 115 -71.27 18.17 44.31
CA ARG H 116 -70.80 18.59 48.06
CA THR H 117 -67.84 20.90 47.52
CA ALA H 118 -69.91 23.25 45.33
CA GLY H 119 -72.53 23.73 48.08
CA TYR H 120 -70.07 24.98 50.78
CA GLY H 121 -70.91 27.74 53.24
CA ILE H 122 -68.50 30.67 53.60
CA ASN H 123 -67.28 32.80 56.50
CA ILE H 124 -66.90 36.24 54.96
CA LEU H 125 -64.56 37.46 57.72
CA GLY H 126 -61.76 35.34 56.21
CA MET H 127 -63.47 34.56 52.89
CA ASP H 128 -62.83 30.84 53.42
CA PRO H 129 -65.33 28.02 52.82
CA LEU H 130 -66.83 25.83 55.55
CA SER H 131 -69.12 22.78 55.28
CA THR H 132 -72.15 22.93 52.95
CA PRO H 133 -75.58 23.94 54.36
CA PHE H 134 -77.21 22.12 51.42
CA ASP H 135 -77.61 18.37 51.01
CA ASN H 136 -75.80 17.63 47.75
CA GLU H 137 -76.69 13.95 47.60
CA PHE H 138 -80.41 14.80 47.82
CA TYR H 139 -81.99 14.36 44.41
CA ASN H 140 -85.57 14.68 45.72
CA GLY H 141 -86.38 11.20 44.31
CA LEU H 142 -86.09 12.67 40.81
CA CYS H 143 -83.21 12.32 38.40
CA ASN H 144 -82.24 15.66 36.94
CA ARG H 145 -79.00 15.80 34.98
CA ASP H 146 -76.56 18.26 33.44
CA ARG H 147 -74.54 17.23 30.39
CA ASP H 148 -70.75 17.65 30.31
CA GLY H 149 -69.31 18.61 26.91
CA ASN H 150 -65.68 18.04 28.00
CA THR H 151 -66.35 14.39 28.81
CA LEU H 152 -69.49 13.31 26.98
CA THR H 153 -71.69 11.87 29.69
CA TYR H 154 -74.41 13.29 31.92
CA TYR H 155 -73.87 13.98 35.59
CA ARG H 156 -76.87 13.89 37.91
CA ARG H 157 -77.59 17.19 39.62
CA PRO H 158 -78.99 17.39 43.19
CA TRP H 159 -82.35 19.17 43.58
CA ASN H 160 -80.83 21.51 46.20
CA VAL H 161 -78.53 22.67 43.41
CA ALA H 162 -79.93 25.02 40.77
CA SER H 163 -77.24 24.33 38.06
CA LEU H 164 -73.89 22.48 38.22
CA ILE H 165 -73.16 22.50 34.53
CA TYR H 166 -69.55 21.82 33.67
CA GLU H 167 -68.72 24.78 31.53
CA THR H 168 -67.01 24.75 28.17
CA LYS H 169 -63.71 25.91 29.68
CA GLY H 170 -63.20 29.59 30.45
CA GLU H 171 -59.51 29.03 29.79
CA LYS H 172 -57.34 32.04 28.95
CA ASN H 173 -58.16 35.19 30.80
CA PHE H 174 -54.62 36.22 30.19
CA ARG H 175 -53.19 39.69 30.54
CA THR H 176 -49.81 41.17 31.10
CA GLU H 177 -49.12 44.81 31.70
CA HIS H 178 -45.73 46.37 31.32
CA TYR H 179 -44.93 49.71 32.85
CA GLU H 180 -41.65 51.53 32.57
CA GLU H 181 -40.63 55.00 33.75
CA GLN H 182 -37.34 56.87 33.31
CA ILE H 183 -36.47 60.32 34.71
CA GLU H 184 -32.91 61.70 34.62
CA ALA H 185 -31.76 65.27 35.25
CA PHE H 186 -28.49 67.22 35.26
CA LYS H 187 -27.51 70.66 36.55
CA SER H 188 -24.00 72.15 36.47
CA ILE H 189 -22.78 75.66 37.24
CA ILE H 190 -19.39 77.38 37.23
CA GLN H 191 -18.31 80.87 38.31
CA GLU H 192 -14.94 82.64 38.28
CA LYS H 193 -13.66 86.10 39.14
CA THR H 194 -10.17 87.56 39.02
CA SER H 195 -8.75 91.01 39.74
CA ASN H 196 -5.23 92.22 38.95
CA PHE H 197 -3.76 95.49 40.21
CA ASN H 198 -0.39 97.24 39.95
CA ALA H 199 0.69 100.68 41.14
CA ALA H 200 4.03 102.43 41.14
CA ILE H 201 5.41 105.84 42.08
CA SER H 202 8.90 107.26 41.60
CA LEU H 203 10.59 110.60 42.26
CA LYS H 204 14.00 112.11 41.54
CA PHE H 205 15.52 115.38 42.74
CA THR H 206 18.95 116.91 41.99
CA PRO H 207 19.92 120.29 43.56
CA GLY H 228 23.05 116.61 45.88
CA LYS H 229 20.99 113.83 44.38
CA GLY H 230 18.05 111.88 45.81
CA SER H 231 15.68 109.33 44.35
CA PHE H 232 12.77 107.17 45.49
CA ARG H 233 11.04 104.20 43.86
CA PHE H 234 8.09 102.14 45.06
CA SER H 235 6.01 99.39 43.41
CA TYR H 236 3.00 97.50 44.74
CA SER H 237 0.91 94.71 43.22
CA LYS H 238 -2.06 92.53 44.14
CA ASN H 239 -3.88 89.68 42.45
CA GLU H 240 -6.83 87.48 43.38
CA THR H 241 -8.46 84.51 41.65
CA TYR H 242 -11.55 82.77 43.01
CA GLN H 243 -13.43 79.86 41.44
CA LEU H 244 -16.56 77.90 42.31
CA PHE H 245 -17.69 74.80 40.41
CA LEU H 246 -20.61 72.49 41.24
CA SER H 247 -22.31 69.60 39.44
CA TYR H 248 -25.43 67.63 40.33
CA SER H 249 -27.23 64.64 38.80
CA SER H 250 -30.24 62.59 39.86
CA LYS H 251 -32.09 59.54 38.56
CA LYS H 252 -35.46 58.00 39.34
CA GLU H 253 -36.55 54.98 37.31
CA LYS H 254 -39.21 52.34 37.90
CA MET H 255 -40.49 49.19 36.28
CA PHE H 256 -43.65 47.32 37.07
CA LEU H 257 -44.95 44.07 35.68
CA HIS H 258 -48.20 42.25 36.08
CA VAL H 259 -48.80 38.78 34.73
CA LYS H 260 -52.03 36.86 35.22
CA GLY H 261 -53.95 34.04 33.56
CA GLU H 262 -57.22 32.61 34.85
CA ILE H 263 -59.00 29.38 33.90
CA HIS H 264 -62.60 28.49 34.78
CA LEU H 265 -63.32 24.75 34.89
CA GLY H 266 -67.00 24.78 35.89
CA ARG H 267 -70.01 26.84 36.96
CA PHE H 268 -72.27 26.13 39.91
CA VAL H 269 -75.52 27.76 40.97
CA MET H 270 -77.18 26.83 44.26
CA ARG H 271 -80.87 27.13 45.06
CA ASN H 272 -82.09 30.43 46.57
CA ARG H 273 -85.58 28.93 46.90
CA ASP H 274 -86.87 26.74 49.73
CA VAL H 275 -85.14 23.38 49.41
CA VAL H 276 -83.80 20.59 51.60
CA LEU H 277 -80.66 21.16 53.67
CA THR H 278 -78.13 18.78 55.24
CA THR H 279 -79.26 17.19 58.51
CA THR H 280 -76.29 18.33 60.64
CA PHE H 281 -76.92 22.00 59.82
CA VAL H 282 -80.67 21.65 60.54
CA ASP H 283 -80.01 19.93 63.89
CA ASP H 284 -77.66 22.69 65.04
CA ILE H 285 -80.14 25.37 63.80
CA LYS H 286 -82.83 23.79 65.99
CA ALA H 287 -80.39 23.65 68.93
CA LEU H 288 -79.86 27.45 68.90
CA PRO H 289 -81.37 29.66 71.70
CA THR H 290 -84.84 31.26 71.57
CA THR H 291 -83.33 34.51 72.87
CA TYR H 292 -80.47 36.64 71.57
CA GLU H 293 -77.18 36.10 73.39
CA LYS H 294 -74.09 36.74 71.28
CA GLY H 295 -71.83 33.84 72.30
CA GLU H 296 -73.95 31.02 70.89
CA TYR H 297 -74.67 32.82 67.62
CA PHE H 298 -71.02 33.86 67.17
CA ALA H 299 -69.88 30.23 67.53
CA PHE H 300 -72.54 29.11 65.01
CA LEU H 301 -71.45 31.70 62.44
CA GLU H 302 -67.82 30.76 62.99
CA THR H 303 -68.50 27.04 62.38
CA TYR H 304 -71.12 27.20 59.57
CA GLY H 305 -70.16 30.46 57.86
CA THR H 306 -71.64 33.96 57.91
CA HIS H 307 -73.00 33.53 54.38
CA TYR H 308 -73.19 30.71 51.86
CA SER H 309 -71.98 30.39 48.28
CA SER H 310 -75.12 31.15 46.29
CA SER H 311 -73.31 30.63 42.99
CA GLY H 312 -69.76 30.91 41.68
CA SER H 313 -67.12 29.46 39.42
CA LEU H 314 -64.52 26.75 39.92
CA GLY H 315 -61.13 27.22 38.30
CA GLY H 316 -57.56 28.19 39.09
CA LEU H 317 -55.25 31.20 38.83
CA TYR H 318 -51.71 31.82 37.66
CA GLU H 319 -50.28 35.17 38.82
CA LEU H 320 -46.99 37.00 39.30
CA ILE H 321 -46.11 40.69 39.82
CA TYR H 322 -42.65 42.24 39.51
CA VAL H 323 -41.55 45.50 41.05
CA LEU H 324 -38.49 47.72 40.73
CA ASP H 325 -37.91 51.17 42.25
CA LYS H 326 -34.42 52.65 41.65
CA ALA H 327 -33.07 55.95 42.97
CA SER H 328 -29.67 57.67 43.00
CA MET H 329 -28.21 61.15 43.59
CA LYS H 330 -24.76 62.52 42.72
CA ARG H 331 -23.32 65.83 43.98
CA LYS H 332 -19.86 67.40 43.87
CA GLY H 333 -18.58 70.90 44.65
CA VAL H 334 -15.14 72.52 44.73
CA GLU H 335 -13.88 75.92 45.94
CA LEU H 336 -10.49 77.33 44.90
CA LYS H 337 -8.90 80.60 45.99
CA ASP H 338 -5.48 82.15 45.42
CA ILE H 339 -4.29 85.60 46.63
CA LYS H 340 -0.89 87.28 46.42
CA ARG H 341 0.78 90.56 47.37
CA CYS H 342 4.25 91.75 46.40
CA LEU H 343 5.83 95.14 47.05
CA GLY H 344 9.30 96.63 46.56
CA TYR H 345 10.78 99.74 48.13
CA HIS H 346 14.01 101.57 47.22
CA LEU H 347 15.78 104.86 47.86
CA ASP H 348 19.25 106.18 47.04
CA VAL H 349 20.81 109.48 48.20
CA SER H 350 24.25 111.01 47.60
CA LEU H 351 25.86 114.29 48.67
CA ALA H 352 29.13 115.73 47.34
CA PHE H 353 30.58 118.84 48.98
CA SER H 354 33.96 120.04 47.64
CA GLU H 355 36.41 117.09 47.72
CA ILE H 356 34.38 114.93 50.19
CA SER H 357 31.38 112.72 49.43
CA VAL H 358 28.93 110.47 51.27
CA GLY H 359 26.19 108.19 49.90
CA ALA H 360 23.62 105.79 51.30
CA GLU H 361 20.83 103.58 49.97
CA PHE H 362 18.16 101.22 51.27
CA ASN H 363 16.17 98.45 49.58
CA LYS H 364 13.38 96.22 50.89
CA ASP H 365 11.29 93.47 49.29
CA ASP H 366 8.22 91.83 50.88
CA CYS H 367 5.96 89.15 49.37
CA VAL H 368 3.20 86.83 50.63
CA LYS H 369 1.08 84.28 48.77
CA ARG H 370 -1.77 82.22 50.19
CA GLY H 371 -3.63 79.41 48.40
CA GLU H 372 -6.70 77.58 49.64
CA GLY H 373 -8.59 74.58 48.21
CA ARG H 374 -11.63 72.68 49.44
CA ALA H 375 -13.62 69.88 47.79
CA VAL H 376 -16.66 67.79 48.76
CA ASN H 377 -18.18 64.84 46.88
CA ILE H 378 -21.10 62.62 47.87
CA THR H 379 -22.98 59.82 46.08
CA SER H 380 -25.80 57.55 47.21
CA GLU H 381 -27.85 54.85 45.50
CA ASN H 382 -30.67 52.62 46.73
CA LEU H 383 -33.14 50.17 45.22
CA ILE H 384 -35.80 47.58 46.00
CA ASP H 385 -36.63 44.45 44.04
CA ASP H 386 -39.81 42.71 45.17
CA VAL H 387 -41.21 39.74 43.33
CA VAL H 388 -44.37 38.15 44.56
CA SER H 389 -46.13 35.24 43.00
CA LEU H 390 -48.81 32.72 43.82
CA ILE H 391 -50.96 30.15 42.07
CA ARG H 392 -54.04 28.16 43.05
CA GLY H 393 -55.81 25.06 41.82
CA GLY H 394 -54.73 21.49 41.02
CA THR H 395 -52.31 19.17 42.80
CA ARG H 396 -48.98 20.00 44.44
CA LYS H 397 -46.53 18.47 41.95
CA TYR H 398 -47.38 20.68 38.98
CA ALA H 399 -47.72 23.76 41.16
CA PHE H 400 -44.26 23.09 42.67
CA GLU H 401 -42.70 22.61 39.24
CA LEU H 402 -44.10 25.93 38.01
CA LYS H 403 -42.99 27.64 41.23
CA GLU H 404 -39.38 26.49 40.86
CA LYS H 405 -39.20 27.52 37.20
CA LEU H 406 -40.52 30.99 38.05
CA LEU H 407 -37.49 31.60 40.24
CA ARG H 408 -35.63 32.20 36.96
CA GLY H 409 -38.95 33.01 35.27
CA THR H 410 -40.86 30.31 33.40
CA VAL H 411 -40.35 30.90 29.69
CA ILE H 412 -39.82 27.31 28.59
CA ASP H 413 -41.44 23.98 29.48
CA VAL H 414 -44.83 25.01 28.10
CA THR H 415 -46.01 21.39 28.53
CA ASP H 416 -45.90 21.91 32.34
CA PHE H 417 -48.93 24.16 32.10
CA VAL H 418 -50.99 21.48 30.31
CA ASN H 419 -50.28 19.11 33.23
CA TRP H 420 -51.35 21.83 35.65
CA ALA H 421 -54.57 22.32 33.68
CA SER H 422 -55.42 18.63 33.96
CA SER H 423 -54.82 18.57 37.73
CA ILE H 424 -57.06 21.66 38.14
CA ASN H 425 -59.95 19.59 36.73
CA ASP H 426 -59.29 16.85 39.28
CA ALA H 427 -59.00 19.16 42.29
CA PRO H 428 -61.11 22.33 41.84
CA VAL H 429 -60.70 25.47 43.97
CA LEU H 430 -63.23 28.28 44.40
CA ILE H 431 -62.59 31.39 42.31
CA SER H 432 -65.67 33.63 42.07
CA GLN H 433 -68.69 33.45 44.32
CA LYS H 434 -71.95 35.17 45.18
CA LEU H 435 -72.76 35.59 48.84
CA SER H 436 -76.06 35.75 50.71
CA PRO H 437 -76.42 35.44 54.52
CA ILE H 438 -76.77 31.90 55.89
CA TYR H 439 -79.76 32.73 58.13
CA ASN H 440 -82.02 33.24 55.08
CA LEU H 441 -81.79 29.48 54.44
CA VAL H 442 -83.57 28.47 57.70
CA PRO H 443 -87.14 27.24 57.14
CA VAL H 444 -89.44 29.74 58.84
CA LYS H 445 -92.25 27.25 59.22
CA MET H 446 -91.03 25.24 62.22
CA LYS H 447 -91.40 26.79 65.70
CA ASN H 448 -88.95 29.46 66.90
CA ALA H 449 -87.27 29.55 63.44
CA HIS H 450 -88.19 33.20 63.03
CA LEU H 451 -86.80 34.07 66.48
CA LYS H 452 -83.48 32.36 65.74
CA LYS H 453 -83.32 34.11 62.36
CA GLN H 454 -83.74 37.53 63.99
CA ASN H 455 -81.09 36.65 66.57
CA LEU H 456 -78.70 35.64 63.75
CA GLU H 457 -79.30 38.98 61.93
CA ARG H 458 -78.28 40.90 65.02
CA ALA H 459 -75.36 38.54 65.64
CA ILE H 460 -73.71 39.04 62.24
CA GLU H 461 -73.60 42.81 62.77
CA ASP H 462 -72.06 42.55 66.22
CA TYR H 463 -69.58 39.89 65.16
CA ILE H 464 -68.25 42.19 62.39
CA ASN H 465 -67.51 44.84 65.01
CA GLU H 466 -65.58 42.35 67.21
CA PHE H 467 -63.47 41.41 64.22
CA SER H 468 -63.04 45.03 63.07
CA VAL H 469 -59.60 46.50 62.38
CA ARG H 470 -61.06 50.03 62.45
CA LYS H 471 -60.80 49.99 66.24
CA CYS H 472 -57.12 49.00 66.14
CA HIS H 473 -54.13 51.36 65.87
CA THR H 474 -52.78 51.96 62.37
CA CYS H 475 -48.99 51.90 62.05
CA GLN H 476 -46.92 54.75 60.70
CA ASN H 477 -45.98 55.32 57.05
CA GLY H 478 -49.21 53.87 55.65
CA GLY H 479 -49.14 50.58 57.58
CA THR H 480 -52.42 48.66 57.71
CA VAL H 481 -53.53 46.93 60.88
CA ILE H 482 -54.91 43.38 60.91
CA LEU H 483 -56.79 41.78 63.83
CA MET H 484 -55.89 38.26 64.78
CA ASP H 485 -57.93 36.95 67.64
CA GLY H 486 -57.56 39.86 70.02
CA LYS H 487 -54.06 40.95 69.02
CA CYS H 488 -53.49 43.46 66.27
CA LEU H 489 -50.37 43.25 64.13
CA CYS H 490 -49.54 45.84 61.53
CA ALA H 491 -48.91 44.77 57.96
CA CYS H 492 -46.35 47.11 56.44
CA PRO H 493 -44.34 46.87 53.14
CA PHE H 494 -41.11 44.85 52.75
CA LYS H 495 -39.17 48.12 52.57
CA PHE H 496 -40.28 49.31 56.03
CA GLU H 497 -41.65 46.94 58.69
CA GLY H 498 -42.61 47.05 62.35
CA ILE H 499 -45.22 46.94 65.03
CA ALA H 500 -44.81 50.72 64.53
CA CYS H 501 -42.76 50.34 61.19
CA GLU H 502 -39.40 52.06 61.97
CA ILE H 503 -37.29 49.08 60.78
CA SER H 504 -36.17 49.00 57.15
CA LYS H 505 -34.01 47.12 54.64
CA GLN H 506 -33.07 50.58 53.37
CA SER I 1 -63.23 57.08 54.62
CA HIS I 2 -65.27 53.86 54.43
CA ILE I 3 -68.87 53.89 53.27
CA ASP I 4 -70.54 50.59 54.13
CA CYS I 5 -73.46 49.11 52.24
CA ARG I 6 -76.78 49.66 54.01
CA MET I 7 -80.26 48.61 52.98
CA SER I 8 -83.66 50.15 53.65
CA PRO I 9 -85.66 49.43 56.84
CA TRP I 10 -88.11 46.53 56.71
CA SER I 11 -91.19 46.57 54.54
CA GLU I 12 -94.37 45.48 56.32
CA TRP I 13 -95.52 41.85 55.96
CA SER I 14 -97.47 40.90 52.85
CA GLN I 15 -100.79 39.06 53.00
CA CYS I 16 -100.54 35.35 53.82
CA ASP I 17 -99.61 33.55 50.62
CA PRO I 18 -101.73 30.54 49.67
CA CYS I 19 -98.94 29.10 47.50
CA LEU I 20 -96.18 29.34 50.13
CA ARG I 21 -98.11 29.80 53.42
CA GLN I 22 -95.79 32.61 54.45
CA MET I 23 -95.61 36.38 54.47
CA PHE I 24 -92.70 38.24 52.93
CA ARG I 25 -90.93 41.57 53.19
CA SER I 26 -87.97 43.07 51.37
CA ARG I 27 -85.44 45.89 51.37
CA SER I 28 -83.69 48.05 48.76
CA ILE I 29 -80.11 49.42 48.76
CA GLU I 30 -79.91 52.89 50.27
CA VAL I 31 -76.13 53.04 50.48
CA PHE I 32 -73.51 51.02 48.63
CA GLY I 33 -70.06 49.94 49.84
CA GLN I 34 -67.30 52.25 48.65
CA PHE I 35 -63.77 53.30 49.66
CA ASN I 36 -62.84 49.90 51.13
CA GLY I 37 -66.39 49.50 52.51
CA LYS I 38 -68.23 46.22 53.00
CA ARG I 39 -70.93 44.66 50.84
CA CYS I 40 -74.51 44.15 51.97
CA THR I 41 -74.55 41.64 54.79
CA ASP I 42 -78.23 42.64 55.13
CA ALA I 43 -80.99 40.01 55.08
CA VAL I 44 -82.57 41.55 51.91
CA GLY I 45 -85.81 39.67 52.59
CA ASP I 46 -87.38 37.93 55.55
CA ARG I 47 -90.17 35.37 55.62
CA ARG I 48 -92.64 34.65 58.41
CA GLN I 49 -94.69 31.47 58.76
CA CYS I 50 -98.44 31.77 58.07
CA VAL I 51 -101.49 29.79 56.95
CA PRO I 52 -102.97 29.53 53.38
CA THR I 53 -105.88 31.78 52.38
CA GLU I 54 -107.04 29.41 49.61
CA PRO I 55 -105.83 26.22 47.93
CA CYS I 56 -103.31 27.53 45.40
CA GLU I 57 -101.00 25.71 42.99
CA CYS I 63 -104.62 17.88 33.26
CA GLY I 64 -108.27 16.78 33.34
CA ASN I 65 -109.07 13.39 31.78
CA ASP I 66 -105.66 13.17 30.08
CA PHE I 67 -102.66 11.28 31.51
CA GLN I 68 -101.05 13.12 34.39
CA CYS I 69 -97.51 12.32 35.49
CA SER I 70 -96.30 12.59 39.10
CA THR I 71 -94.16 15.54 37.97
CA GLY I 72 -97.29 17.45 36.90
CA ARG I 73 -96.69 16.83 33.20
CA CYS I 74 -99.97 16.59 31.30
CA ILE I 75 -99.87 14.62 28.06
CA LYS I 76 -102.50 12.86 25.99
CA MET I 77 -102.54 9.05 26.01
CA ARG I 78 -101.30 8.67 22.41
CA LEU I 79 -97.93 10.21 23.47
CA ARG I 80 -97.42 7.20 25.72
CA CYS I 81 -96.15 3.85 24.47
CA ASN I 82 -93.43 4.77 22.02
CA GLY I 83 -90.36 4.92 24.26
CA ASP I 84 -90.30 8.72 24.18
CA ASN I 85 -89.84 10.73 27.35
CA ASP I 86 -92.95 12.88 27.43
CA CYS I 87 -92.96 13.00 31.24
CA GLY I 88 -90.54 14.53 33.72
CA ASP I 89 -90.15 11.19 35.50
CA PHE I 90 -90.69 8.90 32.47
CA SER I 91 -94.06 7.71 33.87
CA ASP I 92 -95.51 7.58 30.37
CA GLU I 93 -93.21 4.67 29.60
CA ASP I 94 -93.65 3.05 33.01
CA ASP I 95 -96.42 0.44 33.31
CA CYS I 96 -97.54 1.52 29.84
CA GLU I 97 -100.87 0.53 28.26
CA SER I 98 -99.20 -1.03 25.22
CA GLU I 99 -95.69 -1.88 24.07
CA PRO I 100 -93.56 0.88 22.62
CA ARG I 101 -94.25 1.43 18.90
CA PRO I 102 -91.27 2.94 16.98
CA PRO I 103 -91.24 6.80 17.13
CA CYS I 104 -89.37 6.68 13.82
CA ARG I 105 -90.51 3.73 11.70
CA ASP I 106 -87.81 4.28 9.06
CA ARG I 107 -84.74 4.10 11.29
CA VAL I 108 -83.66 4.72 14.85
CA VAL I 109 -82.92 8.45 14.99
CA GLU I 110 -80.44 9.61 17.63
CA GLU I 111 -81.30 12.72 19.64
CA SER I 112 -79.59 16.05 19.14
CA GLU I 113 -76.70 16.13 21.58
CA LEU I 114 -76.56 19.17 23.82
CA ALA I 115 -80.31 19.62 23.17
CA ARG I 116 -80.78 20.59 26.83
CA THR I 117 -77.84 22.98 26.64
CA ALA I 118 -79.39 24.87 23.71
CA GLY I 119 -82.60 25.55 25.66
CA TYR I 120 -80.91 27.33 28.64
CA GLY I 121 -82.39 30.34 30.39
CA ILE I 122 -80.22 33.44 30.85
CA ASN I 123 -79.79 36.03 33.60
CA ILE I 124 -79.16 39.24 31.70
CA LEU I 125 -77.58 40.97 34.71
CA GLY I 126 -74.44 38.86 34.24
CA MET I 127 -75.28 37.51 30.77
CA ASP I 128 -74.68 33.95 31.99
CA PRO I 129 -76.88 30.91 31.24
CA LEU I 130 -78.93 29.04 33.86
CA SER I 131 -81.01 25.85 33.53
CA THR I 132 -83.38 25.48 30.55
CA PRO I 133 -87.07 26.45 30.96
CA PHE I 134 -87.91 24.14 28.02
CA ASP I 135 -88.08 20.35 28.10
CA ASN I 136 -85.53 19.28 25.49
CA GLU I 137 -86.25 15.57 25.70
CA PHE I 138 -89.93 16.20 24.92
CA TYR I 139 -90.63 15.18 21.33
CA ASN I 140 -94.44 15.46 21.71
CA GLY I 141 -94.78 11.78 20.70
CA LEU I 142 -93.71 12.76 17.18
CA CYS I 143 -90.31 12.26 15.59
CA ASN I 144 -89.11 15.42 13.91
CA ARG I 145 -85.51 15.48 12.76
CA ASP I 146 -82.84 17.86 11.48
CA ARG I 147 -80.11 16.54 9.18
CA ASP I 148 -76.43 17.19 9.93
CA GLY I 149 -74.24 17.75 6.85
CA ASN I 150 -70.97 17.57 8.82
CA THR I 151 -71.72 14.04 10.00
CA LEU I 152 -74.29 12.51 7.67
CA THR I 153 -77.04 11.33 9.98
CA TYR I 154 -80.25 12.87 11.27
CA TYR I 155 -80.63 14.09 14.82
CA ARG I 156 -84.08 14.14 16.35
CA ARG I 157 -85.29 17.59 17.33
CA PRO I 158 -87.52 18.21 20.41
CA TRP I 159 -90.92 19.81 19.74
CA ASN I 160 -90.14 22.57 22.26
CA VAL I 161 -87.28 23.48 19.92
CA ALA I 162 -88.06 25.35 16.71
CA SER I 163 -84.79 24.46 14.85
CA LEU I 164 -81.52 22.86 16.05
CA ILE I 165 -79.93 22.42 12.68
CA TYR I 166 -76.20 21.85 12.80
CA GLU I 167 -74.96 24.53 10.49
CA THR I 168 -72.49 24.14 7.68
CA LYS I 169 -69.69 25.71 9.72
CA GLY I 170 -69.48 29.48 10.02
CA GLU I 171 -65.72 29.07 10.34
CA LYS I 172 -63.49 32.06 9.58
CA ASN I 173 -64.83 35.38 10.69
CA PHE I 174 -61.27 36.54 10.78
CA ARG I 175 -60.08 40.11 10.92
CA THR I 176 -56.97 41.86 12.03
CA GLU I 177 -56.55 45.59 12.22
CA HIS I 178 -53.21 47.29 12.41
CA TYR I 179 -52.90 50.86 13.57
CA GLU I 180 -49.69 52.82 13.79
CA GLU I 181 -49.09 56.49 14.63
CA GLN I 182 -45.85 58.48 14.69
CA ILE I 183 -45.43 62.14 15.73
CA GLU I 184 -41.99 63.71 16.26
CA ALA I 185 -41.14 67.40 16.60
CA PHE I 186 -38.03 69.55 17.08
CA LYS I 187 -37.48 73.19 18.04
CA SER I 188 -34.09 74.86 18.54
CA ILE I 189 -33.20 78.52 19.05
CA ILE I 190 -29.95 80.44 19.57
CA GLN I 191 -29.27 84.10 20.33
CA GLU I 192 -26.04 86.06 20.83
CA LYS I 193 -25.11 89.68 21.42
CA THR I 194 -21.73 91.33 21.90
CA SER I 195 -20.62 94.93 22.41
CA ASN I 196 -17.05 96.24 22.30
CA PHE I 197 -16.02 99.73 23.35
CA ASN I 198 -12.74 101.64 23.63
CA ALA I 199 -12.08 105.28 24.50
CA ALA I 200 -8.88 107.22 25.02
CA ILE I 201 -7.87 110.81 25.73
CA SER I 202 -4.40 112.37 25.87
CA LEU I 203 -3.02 115.87 26.40
CA LYS I 204 0.42 117.47 26.28
CA PHE I 205 1.52 120.96 27.29
CA THR I 206 4.97 122.60 27.15
CA PRO I 207 5.45 126.22 28.36
CA GLY I 228 8.03 123.10 31.87
CA LYS I 229 6.47 120.02 30.37
CA GLY I 230 3.34 118.10 31.37
CA SER I 231 1.46 115.22 29.79
CA PHE I 232 -1.58 113.07 30.53
CA ARG I 233 -2.79 109.79 29.00
CA PHE I 234 -5.88 107.73 29.78
CA SER I 235 -7.42 104.66 28.13
CA TYR I 236 -10.61 102.78 28.98
CA SER I 237 -12.19 99.68 27.45
CA LYS I 238 -15.24 97.47 27.97
CA ASN I 239 -16.51 94.31 26.35
CA GLU I 240 -19.53 92.07 26.88
CA THR I 241 -20.61 88.79 25.29
CA TYR I 242 -23.90 87.07 26.14
CA GLN I 243 -25.26 83.85 24.63
CA LEU I 244 -28.45 81.83 25.02
CA PHE I 245 -29.00 78.43 23.42
CA LEU I 246 -31.96 76.08 23.87
CA SER I 247 -33.10 72.87 22.18
CA TYR I 248 -36.28 70.85 22.61
CA SER I 249 -37.58 67.56 21.17
CA SER I 250 -40.69 65.49 21.79
CA LYS I 251 -42.09 62.19 20.57
CA LYS I 252 -45.51 60.55 20.77
CA GLU I 253 -46.00 57.22 19.02
CA LYS I 254 -48.64 54.53 19.36
CA MET I 255 -49.40 51.10 17.97
CA PHE I 256 -52.60 49.17 18.27
CA LEU I 257 -53.44 45.68 17.13
CA HIS I 258 -56.64 43.73 17.03
CA VAL I 259 -56.80 40.08 16.11
CA LYS I 260 -60.00 38.04 16.12
CA GLY I 261 -61.37 34.90 14.50
CA GLU I 262 -64.82 33.46 15.19
CA ILE I 263 -66.23 30.02 14.34
CA HIS I 264 -69.91 29.04 14.50
CA LEU I 265 -70.52 25.32 14.99
CA GLY I 266 -74.35 25.25 15.09
CA ARG I 267 -77.58 27.24 15.10
CA PHE I 268 -80.46 26.81 17.51
CA VAL I 269 -83.92 28.36 17.53
CA MET I 270 -86.29 27.80 20.44
CA ARG I 271 -90.07 27.97 20.30
CA ASN I 272 -91.70 31.36 20.96
CA ARG I 273 -95.12 29.71 20.70
CA ASP I 274 -97.01 27.86 23.44
CA VAL I 275 -95.15 24.60 24.04
CA VAL I 276 -94.30 22.23 26.88
CA LEU I 277 -91.77 23.29 29.51
CA THR I 278 -89.62 21.32 31.98
CA THR I 279 -91.45 20.13 35.09
CA THR I 280 -89.12 21.74 37.66
CA PHE I 281 -89.63 25.21 36.17
CA VAL I 282 -93.44 24.73 36.04
CA ASP I 283 -93.56 23.54 39.67
CA ASP I 284 -91.63 26.58 40.90
CA ILE I 285 -93.81 28.89 38.74
CA LYS I 286 -96.91 27.47 40.45
CA ALA I 287 -95.24 27.89 43.86
CA LEU I 288 -94.83 31.69 43.39
CA PRO I 289 -97.03 34.16 45.39
CA THR I 290 -100.41 35.50 44.20
CA THR I 291 -99.35 38.99 45.33
CA TYR I 292 -96.32 41.09 44.42
CA GLU I 293 -93.55 41.03 47.02
CA LYS I 294 -90.07 41.56 45.62
CA GLY I 295 -88.04 38.98 47.57
CA GLU I 296 -89.67 35.86 46.14
CA TYR I 297 -89.64 37.14 42.56
CA PHE I 298 -86.02 38.33 42.82
CA ALA I 299 -84.90 34.87 43.98
CA PHE I 300 -86.84 33.24 41.11
CA LEU I 301 -85.24 35.52 38.51
CA GLU I 302 -81.82 34.89 40.02
CA THR I 303 -82.23 31.09 39.84
CA TYR I 304 -84.09 30.68 36.51
CA GLY I 305 -82.84 33.73 34.59
CA THR I 306 -84.40 37.10 33.77
CA HIS I 307 -84.85 36.09 30.14
CA TYR I 308 -84.35 32.94 28.09
CA SER I 309 -82.30 32.20 24.98
CA SER I 310 -84.90 32.48 22.22
CA SER I 311 -82.33 31.62 19.56
CA GLY I 312 -78.59 31.94 19.08
CA SER I 313 -75.44 30.35 17.74
CA LEU I 314 -72.96 27.92 19.24
CA GLY I 315 -69.29 28.37 18.39
CA GLY I 316 -66.04 29.67 19.86
CA LEU I 317 -63.82 32.75 19.69
CA TYR I 318 -60.12 33.42 19.29
CA GLU I 319 -59.11 36.99 20.24
CA LEU I 320 -56.09 39.07 21.19
CA ILE I 321 -55.46 42.84 21.34
CA TYR I 322 -52.08 44.55 21.61
CA VAL I 323 -51.48 48.06 22.86
CA LEU I 324 -48.50 50.41 22.94
CA ASP I 325 -48.38 54.05 24.02
CA LYS I 326 -44.91 55.66 24.03
CA ALA I 327 -44.00 59.19 25.12
CA SER I 328 -40.75 61.11 25.68
CA MET I 329 -39.59 64.73 26.07
CA LYS I 330 -36.06 66.17 25.82
CA ARG I 331 -35.07 69.71 26.87
CA LYS I 332 -31.72 71.46 27.34
CA GLY I 333 -30.77 75.11 27.87
CA VAL I 334 -27.50 76.95 28.49
CA GLU I 335 -26.66 80.56 29.44
CA LEU I 336 -23.17 82.02 29.02
CA LYS I 337 -21.98 85.51 29.96
CA ASP I 338 -18.56 87.17 29.96
CA ILE I 339 -17.79 90.82 30.88
CA LYS I 340 -14.50 92.67 31.23
CA ARG I 341 -13.19 96.15 32.04
CA CYS I 342 -9.63 97.41 31.73
CA LEU I 343 -8.35 100.96 32.22
CA GLY I 344 -4.90 102.58 32.32
CA TYR I 345 -3.94 105.96 33.72
CA HIS I 346 -0.63 107.84 33.31
CA LEU I 347 0.84 111.30 33.85
CA ASP I 348 4.36 112.71 33.67
CA VAL I 349 5.50 116.23 34.66
CA SER I 350 8.94 117.88 34.66
CA LEU I 351 10.15 121.38 35.56
CA ALA I 352 13.59 122.83 34.84
CA PHE I 353 14.52 126.22 36.28
CA SER I 354 18.09 127.43 35.60
CA GLU I 355 20.54 124.67 36.70
CA ILE I 356 18.03 122.76 38.92
CA SER I 357 15.37 120.28 37.83
CA VAL I 358 12.61 118.16 39.36
CA GLY I 359 10.35 115.54 37.75
CA ALA I 360 7.59 113.20 38.85
CA GLU I 361 5.27 110.65 37.25
CA PHE I 362 2.42 108.34 38.23
CA ASN I 363 0.98 105.24 36.57
CA LYS I 364 -1.98 103.04 37.50
CA ASP I 365 -3.55 99.97 35.89
CA ASP I 366 -6.86 98.37 36.95
CA CYS I 367 -8.61 95.37 35.37
CA VAL I 368 -11.52 93.08 36.30
CA LYS I 369 -13.06 90.15 34.40
CA ARG I 370 -16.11 88.15 35.41
CA GLY I 371 -17.42 85.01 33.66
CA GLU I 372 -20.64 83.17 34.43
CA GLY I 373 -22.04 79.89 33.06
CA ARG I 374 -25.24 77.99 33.82
CA ALA I 375 -26.68 74.86 32.19
CA VAL I 376 -29.81 72.74 32.73
CA ASN I 377 -30.74 69.47 31.01
CA ILE I 378 -33.76 67.23 31.61
CA THR I 379 -35.06 64.09 29.89
CA SER I 380 -38.02 61.82 30.64
CA GLU I 381 -39.51 58.78 28.93
CA ASN I 382 -42.48 56.57 29.80
CA LEU I 383 -44.45 53.80 28.13
CA ILE I 384 -47.14 51.17 28.65
CA ASP I 385 -47.39 47.74 27.05
CA ASP I 386 -50.69 45.98 27.65
CA VAL I 387 -51.52 42.70 26.01
CA VAL I 388 -54.85 41.10 26.68
CA SER I 389 -56.09 37.90 25.21
CA LEU I 390 -58.82 35.36 25.76
CA ILE I 391 -60.42 32.44 23.96
CA ARG I 392 -63.58 30.41 24.48
CA GLY I 393 -64.91 27.06 23.34
CA GLY I 394 -63.58 23.49 23.38
CA THR I 395 -61.59 21.61 26.01
CA ARG I 396 -58.77 22.86 28.23
CA LYS I 397 -55.76 21.16 26.64
CA TYR I 398 -55.92 22.87 23.25
CA ALA I 399 -56.86 26.19 24.82
CA PHE I 400 -53.86 25.97 27.16
CA GLU I 401 -51.50 25.12 24.31
CA LEU I 402 -52.66 28.13 22.29
CA LYS I 403 -52.41 30.34 25.39
CA GLU I 404 -48.78 29.38 26.05
CA LYS I 405 -47.76 29.90 22.43
CA LEU I 406 -49.34 33.36 22.41
CA LEU I 407 -46.94 34.46 25.12
CA ARG I 408 -44.37 34.72 22.33
CA GLY I 409 -47.21 35.07 19.80
CA THR I 410 -48.53 32.02 17.96
CA VAL I 411 -47.16 32.13 14.44
CA ILE I 412 -46.28 28.46 14.04
CA ASP I 413 -47.97 25.19 15.02
CA VAL I 414 -50.96 25.79 12.75
CA THR I 415 -52.10 22.20 13.43
CA ASP I 416 -52.93 23.25 17.04
CA PHE I 417 -55.87 25.25 15.76
CA VAL I 418 -57.36 22.23 13.96
CA ASN I 419 -57.32 20.33 17.29
CA TRP I 420 -59.02 23.29 18.96
CA ALA I 421 -61.67 23.30 16.24
CA SER I 422 -62.46 19.64 16.86
CA SER I 423 -62.78 20.14 20.63
CA ILE I 424 -65.14 23.10 20.03
CA ASN I 425 -67.55 20.68 18.32
CA ASP I 426 -67.44 18.37 21.35
CA ALA I 427 -67.95 21.10 23.96
CA PRO I 428 -69.98 24.03 22.55
CA VAL I 429 -70.19 27.45 24.21
CA LEU I 430 -72.83 30.13 23.61
CA ILE I 431 -71.79 32.96 21.29
CA SER I 432 -74.78 34.94 20.00
CA GLN I 433 -78.25 34.88 21.47
CA LYS I 434 -81.66 36.49 21.29
CA LEU I 435 -83.35 37.38 24.55
CA SER I 436 -87.01 37.58 25.55
CA PRO I 437 -88.27 37.79 29.18
CA ILE I 438 -88.83 34.45 30.94
CA TYR I 439 -92.28 35.40 32.27
CA ASN I 440 -93.76 35.34 28.73
CA LEU I 441 -93.29 31.55 28.75
CA VAL I 442 -95.76 30.89 31.61
CA PRO I 443 -99.06 29.37 30.42
CA VAL I 444 -101.77 31.94 31.14
CA LYS I 445 -104.51 29.34 31.22
CA MET I 446 -104.00 27.86 34.69
CA LYS I 447 -105.23 29.85 37.71
CA ASN I 448 -103.22 32.81 39.04
CA ALA I 449 -100.77 32.52 36.08
CA HIS I 450 -101.66 36.02 34.93
CA LEU I 451 -101.17 37.44 38.45
CA LYS I 452 -97.71 35.86 38.76
CA LYS I 453 -96.80 37.12 35.28
CA GLN I 454 -97.70 40.71 36.23
CA ASN I 455 -95.72 40.36 39.47
CA LEU I 456 -92.70 39.13 37.47
CA GLU I 457 -92.93 42.13 35.09
CA ARG I 458 -92.74 44.53 38.01
CA ALA I 459 -89.99 42.47 39.64
CA ILE I 460 -87.59 42.59 36.67
CA GLU I 461 -87.72 46.40 36.64
CA ASP I 462 -87.04 46.72 40.35
CA TYR I 463 -84.30 44.10 40.32
CA ILE I 464 -82.42 46.07 37.63
CA ASN I 465 -82.40 49.11 39.92
CA GLU I 466 -80.99 47.08 42.86
CA PHE I 467 -78.19 45.86 40.62
CA SER I 468 -77.60 49.31 39.07
CA VAL I 469 -74.14 50.88 38.99
CA ARG I 470 -75.67 54.28 38.17
CA LYS I 471 -76.34 54.80 41.89
CA CYS I 472 -72.71 54.03 42.81
CA HIS I 473 -69.81 56.52 42.89
CA THR I 474 -67.67 56.71 39.74
CA CYS I 475 -63.92 56.84 40.33
CA GLN I 476 -61.67 59.61 39.09
CA ASN I 477 -59.89 59.72 35.72
CA GLY I 478 -62.65 57.88 33.83
CA GLY I 479 -62.95 54.90 36.21
CA THR I 480 -66.12 52.81 35.85
CA VAL I 481 -67.90 51.48 38.90
CA ILE I 482 -69.16 47.89 39.14
CA LEU I 483 -71.64 46.60 41.75
CA MET I 484 -70.89 43.30 43.41
CA ASP I 485 -73.52 42.28 45.87
CA GLY I 486 -73.82 45.52 47.79
CA LYS I 487 -70.20 46.67 47.50
CA CYS I 488 -69.07 48.80 44.60
CA LEU I 489 -65.53 48.50 43.31
CA CYS I 490 -64.15 50.75 40.61
CA ALA I 491 -62.66 49.23 37.50
CA CYS I 492 -59.87 51.50 36.29
CA PRO I 493 -57.12 50.93 33.62
CA PHE I 494 -53.84 49.07 34.30
CA LYS I 495 -52.00 52.41 34.10
CA PHE I 496 -53.94 53.99 36.98
CA GLU I 497 -55.84 51.94 39.57
CA GLY I 498 -57.67 52.50 42.84
CA ILE I 499 -60.84 52.60 44.83
CA ALA I 500 -60.42 56.28 43.87
CA CYS I 501 -57.63 55.58 41.19
CA GLU I 502 -54.60 57.59 42.48
CA ILE I 503 -52.19 54.63 42.27
CA SER I 504 -50.23 54.11 39.06
CA LYS I 505 -47.47 52.04 37.45
CA GLN I 506 -46.35 55.34 35.91
CA SER J 1 -76.09 60.02 29.09
CA HIS J 2 -77.94 56.68 28.92
CA ILE J 3 -81.15 56.32 26.96
CA ASP J 4 -82.89 53.08 27.89
CA CYS J 5 -85.22 51.16 25.61
CA ARG J 6 -88.89 51.75 26.46
CA MET J 7 -91.99 50.34 24.80
CA SER J 8 -95.49 51.74 24.43
CA PRO J 9 -98.17 51.35 27.13
CA TRP J 10 -100.44 48.31 26.87
CA SER J 11 -102.91 47.85 24.06
CA GLU J 12 -106.40 46.82 25.20
CA TRP J 13 -107.32 43.11 25.13
CA SER J 14 -108.43 41.61 21.83
CA GLN J 15 -111.64 39.61 21.48
CA CYS J 16 -111.50 36.07 22.88
CA ASP J 17 -109.76 33.90 20.29
CA PRO J 18 -111.52 30.67 19.34
CA CYS J 19 -108.24 29.11 18.12
CA LEU J 20 -106.20 29.89 21.26
CA ARG J 21 -108.87 30.68 23.90
CA GLN J 22 -106.96 33.75 25.01
CA MET J 23 -106.89 37.49 24.49
CA PHE J 24 -103.74 39.29 23.42
CA ARG J 25 -102.19 42.74 23.59
CA SER J 26 -98.93 44.15 22.29
CA ARG J 27 -96.54 47.09 22.46
CA SER J 28 -94.28 48.97 20.05
CA ILE J 29 -90.85 50.56 20.67
CA GLU J 30 -91.11 54.21 21.65
CA VAL J 31 -87.51 54.63 22.70
CA PHE J 32 -84.46 52.54 21.85
CA GLY J 33 -81.37 51.86 23.98
CA GLN J 34 -78.48 54.15 23.13
CA PHE J 35 -75.33 55.56 24.76
CA ASN J 36 -74.69 52.47 26.90
CA GLY J 37 -78.45 52.04 27.47
CA LYS J 38 -80.25 48.74 28.00
CA ARG J 39 -82.31 46.73 25.53
CA CYS J 40 -86.04 46.15 25.85
CA THR J 41 -86.68 44.06 28.94
CA ASP J 42 -90.36 44.87 28.25
CA ALA J 43 -92.95 42.08 27.95
CA VAL J 44 -93.78 43.07 24.31
CA GLY J 45 -97.03 41.10 24.49
CA ASP J 46 -99.22 39.70 27.23
CA ARG J 47 -101.87 37.00 27.02
CA ARG J 48 -104.91 36.52 29.24
CA GLN J 49 -106.90 33.30 29.57
CA CYS J 50 -110.37 33.26 28.00
CA VAL J 51 -113.01 30.95 26.50
CA PRO J 52 -113.59 30.10 22.77
CA THR J 53 -116.22 32.00 20.77
CA GLU J 54 -116.62 29.20 18.21
CA PRO J 55 -114.94 25.88 17.37
CA CYS J 56 -111.93 26.99 15.33
CA GLU J 57 -109.07 25.01 13.82
CA CYS J 63 -110.01 15.68 4.81
CA GLY J 64 -113.54 14.37 4.19
CA ASN J 65 -113.85 10.75 3.03
CA ASP J 66 -110.12 10.51 2.22
CA PHE J 67 -107.50 9.03 4.58
CA GLN J 68 -106.68 11.35 7.45
CA CYS J 69 -103.49 10.94 9.46
CA SER J 70 -103.19 11.78 13.15
CA THR J 71 -100.93 14.68 12.13
CA GLY J 72 -103.76 16.22 10.09
CA ARG J 73 -102.27 15.13 6.77
CA CYS J 74 -104.99 14.42 4.21
CA ILE J 75 -104.07 12.04 1.42
CA LYS J 76 -106.06 9.83 -0.91
CA MET J 77 -106.00 6.07 -0.34
CA ARG J 78 -103.92 5.27 -3.45
CA LEU J 79 -100.95 7.16 -1.88
CA ARG J 80 -100.91 4.52 0.86
CA CYS J 81 -99.27 1.12 0.46
CA ASN J 82 -96.08 1.86 -1.40
CA GLY J 83 -93.64 2.52 1.45
CA ASP J 84 -93.67 6.26 0.81
CA ASN J 85 -94.04 8.72 3.66
CA ASP J 86 -97.15 10.66 2.69
CA CYS J 87 -98.07 11.31 6.32
CA GLY J 88 -96.37 13.33 9.05
CA ASP J 89 -96.32 10.29 11.35
CA PHE J 90 -96.05 7.57 8.65
CA SER J 91 -99.62 6.38 9.39
CA ASP J 92 -100.19 5.68 5.71
CA GLU J 93 -97.68 2.83 5.95
CA ASP J 94 -98.90 1.68 9.37
CA ASP J 95 -101.57 -1.04 9.41
CA CYS J 96 -101.85 -0.52 5.66
CA GLU J 97 -104.68 -1.93 3.50
CA SER J 98 -102.28 -3.79 1.21
CA GLU J 99 -98.57 -4.57 1.06
CA PRO J 100 -96.24 -1.90 -0.27
CA ARG J 101 -96.03 -1.92 -4.07
CA PRO J 102 -92.72 -0.51 -5.45
CA PRO J 103 -92.83 3.32 -5.89
CA CYS J 104 -90.22 2.86 -8.61
CA ARG J 105 -90.74 -0.42 -10.47
CA ASP J 106 -87.50 -0.08 -12.46
CA ARG J 107 -85.05 0.25 -9.58
CA VAL J 108 -84.87 1.43 -6.00
CA VAL J 109 -84.29 5.18 -6.25
CA GLU J 110 -82.56 6.86 -3.31
CA GLU J 111 -83.96 10.15 -2.04
CA SER J 112 -82.27 13.49 -2.62
CA GLU J 113 -80.06 14.09 0.38
CA LEU J 114 -80.55 17.41 2.10
CA ALA J 115 -84.06 17.53 0.53
CA ARG J 116 -85.41 18.96 3.79
CA THR J 117 -82.58 21.49 3.94
CA ALA J 118 -83.44 22.85 0.47
CA GLY J 119 -87.04 23.60 1.50
CA TYR J 120 -86.16 25.87 4.49
CA GLY J 121 -88.11 29.00 5.37
CA ILE J 122 -86.20 32.27 5.85
CA ASN J 123 -86.52 35.24 8.20
CA ILE J 124 -85.54 38.19 6.04
CA LEU J 125 -84.78 40.42 9.04
CA GLY J 126 -81.56 38.45 9.64
CA MET J 127 -81.49 36.58 6.31
CA ASP J 128 -81.12 33.27 8.15
CA PRO J 129 -82.98 30.03 7.38
CA LEU J 130 -85.55 28.42 9.70
CA SER J 131 -87.39 25.09 9.38
CA THR J 132 -88.97 24.16 6.03
CA PRO J 133 -92.68 24.94 5.41
CA PHE J 134 -92.71 22.19 2.74
CA ASP J 135 -92.79 18.44 3.34
CA ASN J 136 -89.66 17.18 1.59
CA GLU J 137 -90.31 13.50 2.18
CA PHE J 138 -93.71 13.78 0.48
CA TYR J 139 -93.50 12.23 -2.98
CA ASN J 140 -97.28 12.32 -3.54
CA GLY J 141 -97.28 8.52 -4.04
CA LEU J 142 -95.41 9.06 -7.31
CA CYS J 143 -91.72 8.56 -7.98
CA ASN J 144 -90.23 11.52 -9.79
CA ARG J 145 -86.47 11.65 -10.06
CA ASP J 146 -83.64 13.99 -11.01
CA ARG J 147 -80.41 12.54 -12.39
CA ASP J 148 -77.03 13.52 -10.92
CA GLY J 149 -74.19 13.78 -13.44
CA ASN J 150 -71.48 14.09 -10.75
CA THR J 151 -72.38 10.72 -9.26
CA LEU J 152 -74.28 8.73 -11.87
CA THR J 153 -77.46 7.70 -10.12
CA TYR J 154 -80.93 9.20 -9.86
CA TYR J 155 -82.19 10.88 -6.73
CA ARG J 156 -85.92 10.93 -6.07
CA ARG J 157 -87.43 14.40 -5.93
CA PRO J 158 -90.34 15.29 -3.58
CA TRP J 159 -93.52 16.56 -5.26
CA ASN J 160 -93.46 19.70 -3.08
CA VAL J 161 -90.14 20.45 -4.79
CA ALA J 162 -90.18 21.80 -8.34
CA SER J 163 -86.52 20.86 -9.23
CA LEU J 164 -83.60 19.66 -7.07
CA ILE J 165 -81.23 18.85 -9.87
CA TYR J 166 -77.63 18.55 -8.80
CA GLU J 167 -75.94 20.95 -11.14
CA THR J 168 -72.87 20.33 -13.21
CA LYS J 169 -70.68 22.34 -10.82
CA GLY J 170 -70.65 26.12 -11.04
CA GLU J 171 -67.08 26.00 -9.80
CA LYS J 172 -64.82 28.99 -10.47
CA ASN J 173 -66.48 32.34 -10.22
CA PHE J 174 -63.08 33.73 -9.46
CA ARG J 175 -62.05 37.34 -9.59
CA THR J 176 -59.35 39.43 -8.06
CA GLU J 177 -59.09 43.17 -8.34
CA HIS J 178 -55.95 45.09 -7.63
CA TYR J 179 -56.03 48.80 -6.99
CA GLU J 180 -53.03 50.97 -6.33
CA GLU J 181 -52.75 54.75 -5.93
CA GLN J 182 -49.67 56.93 -5.41
CA ILE J 183 -49.62 60.72 -4.87
CA GLU J 184 -46.47 62.57 -3.79
CA ALA J 185 -45.82 66.31 -3.82
CA PHE J 186 -42.97 68.70 -2.96
CA LYS J 187 -42.77 72.46 -2.46
CA SER J 188 -39.66 74.40 -1.43
CA ILE J 189 -39.02 78.15 -1.30
CA ILE J 190 -36.04 80.32 -0.32
CA GLN J 191 -35.67 84.09 0.01
CA GLU J 192 -32.71 86.29 0.95
CA LYS J 193 -32.05 90.01 1.19
CA THR J 194 -28.94 91.93 2.20
CA SER J 195 -28.08 95.63 2.40
CA ASN J 196 -24.62 97.13 2.93
CA PHE J 197 -23.98 100.80 3.65
CA ASN J 198 -20.92 102.93 4.40
CA ALA J 199 -20.59 106.69 4.85
CA ALA J 200 -17.67 108.89 5.80
CA ILE J 201 -16.96 112.59 6.18
CA SER J 202 -13.67 114.37 6.88
CA LEU J 203 -12.56 117.99 7.18
CA LYS J 204 -9.23 119.77 7.63
CA PHE J 205 -8.52 123.44 8.34
CA THR J 206 -5.17 125.25 8.76
CA PRO J 207 -5.11 129.03 9.49
CA GLY J 228 -3.36 126.61 13.94
CA LYS J 229 -4.43 123.25 12.60
CA GLY J 230 -7.65 121.29 13.10
CA SER J 231 -9.02 118.11 11.59
CA PHE J 232 -12.08 115.89 11.91
CA ARG J 233 -12.79 112.36 10.66
CA PHE J 234 -15.91 110.24 10.99
CA SER J 235 -16.93 106.88 9.51
CA TYR J 236 -20.17 104.94 9.87
CA SER J 237 -21.25 101.56 8.50
CA LYS J 238 -24.27 99.26 8.61
CA ASN J 239 -25.03 95.82 7.24
CA GLU J 240 -28.02 93.50 7.38
CA THR J 241 -28.59 89.96 6.10
CA TYR J 242 -31.93 88.17 6.41
CA GLN J 243 -32.80 84.70 5.11
CA LEU J 244 -35.94 82.56 5.06
CA PHE J 245 -35.99 78.94 3.90
CA LEU J 246 -38.90 76.49 3.99
CA SER J 247 -39.51 73.01 2.59
CA TYR J 248 -42.65 70.87 2.56
CA SER J 249 -43.46 67.33 1.37
CA SER J 250 -46.58 65.18 1.55
CA LYS J 251 -47.55 61.66 0.55
CA LYS J 252 -50.86 59.85 0.19
CA GLU J 253 -50.82 56.28 -1.11
CA LYS J 254 -53.38 53.50 -0.99
CA MET J 255 -53.70 49.88 -1.98
CA PHE J 256 -56.83 47.80 -2.15
CA LEU J 257 -57.26 44.14 -2.93
CA HIS J 258 -60.29 42.00 -3.47
CA VAL J 259 -60.12 38.25 -3.83
CA LYS J 260 -63.17 36.04 -4.27
CA GLY J 261 -64.02 32.62 -5.68
CA GLU J 262 -67.50 31.07 -5.60
CA ILE J 263 -68.56 27.47 -6.22
CA HIS J 264 -72.14 26.28 -6.78
CA LEU J 265 -72.75 22.64 -5.90
CA GLY J 266 -76.47 22.34 -6.69
CA ARG J 267 -79.67 24.11 -7.72
CA PHE J 268 -83.03 23.84 -6.01
CA VAL J 269 -86.43 25.15 -7.05
CA MET J 270 -89.42 24.85 -4.72
CA ARG J 271 -93.06 24.76 -5.76
CA ASN J 272 -94.90 28.10 -6.02
CA ARG J 273 -98.11 26.21 -6.83
CA ASP J 274 -100.54 24.65 -4.35
CA VAL J 275 -98.79 21.63 -2.85
CA VAL J 276 -98.58 19.74 0.44
CA LEU J 277 -96.79 21.31 3.40
CA THR J 278 -95.25 19.84 6.56
CA THR J 279 -97.74 18.99 9.31
CA THR J 280 -96.14 21.09 12.07
CA PHE J 281 -96.38 24.28 10.00
CA VAL J 282 -100.02 23.54 9.06
CA ASP J 283 -100.98 22.87 12.70
CA ASP J 284 -99.49 26.16 13.88
CA ILE J 285 -101.15 28.01 10.95
CA LYS J 286 -104.53 26.64 12.07
CA ALA J 287 -103.75 27.65 15.68
CA LEU J 288 -103.34 31.35 14.75
CA PRO J 289 -106.02 33.94 15.79
CA THR J 290 -109.05 34.88 13.65
CA THR J 291 -108.40 38.55 14.45
CA TYR J 292 -105.30 40.70 13.97
CA GLU J 293 -103.24 41.18 17.12
CA LYS J 294 -99.54 41.73 16.51
CA GLY J 295 -97.96 39.58 19.24
CA GLU J 296 -99.11 36.18 17.97
CA TYR J 297 -98.25 36.96 14.35
CA PHE J 298 -94.84 38.41 15.26
CA ALA J 299 -93.94 35.21 17.16
CA PHE J 300 -95.08 33.08 14.19
CA LEU J 301 -92.97 35.07 11.72
CA GLU J 302 -89.99 34.87 14.07
CA THR J 303 -90.24 31.07 14.36
CA TYR J 304 -91.24 30.08 10.80
CA GLY J 305 -89.65 32.91 8.79
CA THR J 306 -91.06 36.02 7.13
CA HIS J 307 -90.60 34.49 3.68
CA TYR J 308 -89.53 31.12 2.31
CA SER J 309 -86.77 30.09 -0.09
CA SER J 310 -88.64 29.81 -3.39
CA SER J 311 -85.48 28.76 -5.22
CA GLY J 312 -81.74 29.23 -4.85
CA SER J 313 -78.32 27.69 -5.15
CA LEU J 314 -76.21 25.65 -2.78
CA GLY J 315 -72.45 26.20 -2.80
CA GLY J 316 -69.69 27.90 -0.83
CA LEU J 317 -67.59 31.06 -0.93
CA TYR J 318 -63.91 31.90 -0.56
CA GLU J 319 -63.27 35.63 0.06
CA LEU J 320 -60.62 38.01 1.37
CA ILE J 321 -60.16 41.80 1.09
CA TYR J 322 -56.99 43.74 1.88
CA VAL J 323 -56.81 47.42 2.70
CA LEU J 324 -53.99 49.93 3.10
CA ASP J 325 -54.25 53.70 3.61
CA LYS J 326 -50.92 55.51 4.19
CA ALA J 327 -50.41 59.21 4.93
CA SER J 328 -47.45 61.39 5.93
CA MET J 329 -46.51 65.09 6.03
CA LYS J 330 -43.07 66.70 6.40
CA ARG J 331 -42.46 70.41 7.10
CA LYS J 332 -39.38 72.42 8.08
CA GLY J 333 -38.68 76.17 8.25
CA VAL J 334 -35.71 78.28 9.35
CA GLU J 335 -35.24 82.03 9.91
CA LEU J 336 -31.78 83.63 10.11
CA LYS J 337 -30.94 87.29 10.75
CA ASP J 338 -27.68 89.15 11.30
CA ILE J 339 -27.27 92.93 11.82
CA LYS J 340 -24.20 95.02 12.64
CA ARG J 341 -23.23 98.66 13.20
CA CYS J 342 -19.74 100.08 13.55
CA LEU J 343 -18.70 103.73 13.78
CA GLY J 344 -15.43 105.56 14.44
CA TYR J 345 -14.93 109.17 15.50
CA HIS J 346 -11.68 111.18 15.60
CA LEU J 347 -10.48 114.76 15.94
CA ASP J 348 -7.06 116.36 16.37
CA VAL J 349 -6.29 120.05 17.06
CA SER J 350 -3.00 121.89 17.61
CA LEU J 351 -2.14 125.55 18.23
CA ALA J 352 1.34 127.10 18.13
CA PHE J 353 1.80 130.71 19.21
CA SER J 354 5.39 132.04 19.22
CA GLU J 355 7.57 129.62 21.24
CA ILE J 356 4.67 127.89 23.09
CA SER J 357 2.41 125.12 21.80
CA VAL J 358 -0.57 123.06 22.94
CA GLY J 359 -2.31 120.10 21.26
CA ALA J 360 -5.19 117.77 22.03
CA GLU J 361 -6.98 114.87 20.34
CA PHE J 362 -9.91 112.55 20.96
CA ASN J 363 -10.81 109.16 19.49
CA LYS J 364 -13.86 106.93 20.03
CA ASP J 365 -14.90 103.57 18.57
CA ASP J 366 -18.32 101.93 19.06
CA CYS J 367 -19.56 98.64 17.59
CA VAL J 368 -22.54 96.31 18.15
CA LYS J 369 -23.49 93.06 16.40
CA ARG J 370 -26.64 91.03 16.97
CA GLY J 371 -27.40 87.59 15.46
CA GLU J 372 -30.65 85.68 15.72
CA GLY J 373 -31.59 82.16 14.57
CA ARG J 374 -34.82 80.19 14.83
CA ALA J 375 -35.75 76.78 13.40
CA VAL J 376 -38.85 74.56 13.51
CA ASN J 377 -39.25 71.02 12.13
CA ILE J 378 -42.26 68.70 12.34
CA THR J 379 -43.02 65.27 10.85
CA SER J 380 -46.00 62.96 11.24
CA GLU J 381 -46.96 59.62 9.70
CA ASN J 382 -49.99 57.37 10.17
CA LEU J 383 -51.41 54.27 8.54
CA ILE J 384 -54.08 51.58 8.80
CA ASP J 385 -53.84 47.95 7.71
CA ASP J 386 -57.14 46.09 7.78
CA VAL J 387 -57.46 42.57 6.51
CA VAL J 388 -60.80 40.87 6.62
CA SER J 389 -61.56 37.41 5.40
CA LEU J 390 -64.26 34.81 5.67
CA ILE J 391 -65.30 31.56 4.01
CA ARG J 392 -68.44 29.44 4.08
CA GLY J 393 -69.36 25.88 3.18
CA GLY J 394 -67.97 22.44 4.07
CA THR J 395 -66.62 21.07 7.34
CA ARG J 396 -64.46 22.80 9.94
CA LYS J 397 -61.10 21.09 9.37
CA TYR J 398 -60.50 22.30 5.82
CA ALA J 399 -61.88 25.74 6.59
CA PHE J 400 -59.52 26.04 9.60
CA GLU J 401 -56.53 24.95 7.53
CA LEU J 402 -57.25 27.58 4.87
CA LYS J 403 -57.82 30.21 7.58
CA GLU J 404 -54.42 29.58 9.19
CA LYS J 405 -52.58 29.65 5.88
CA LEU J 406 -54.20 32.97 4.98
CA LEU J 407 -52.57 34.59 7.97
CA ARG J 408 -49.40 34.61 5.85
CA GLY J 409 -51.55 34.43 2.72
CA THR J 410 -52.32 31.07 1.09
CA VAL J 411 -50.14 30.77 -2.00
CA ILE J 412 -49.08 27.14 -1.62
CA ASP J 413 -50.87 23.95 -0.57
CA VAL J 414 -53.24 24.04 -3.55
CA THR J 415 -54.41 20.51 -2.62
CA ASP J 416 -56.11 22.00 0.50
CA PHE J 417 -58.71 23.61 -1.73
CA VAL J 418 -59.65 20.27 -3.34
CA ASN J 419 -60.35 18.87 0.15
CA TRP J 420 -62.48 21.92 0.91
CA ALA J 421 -64.40 21.37 -2.32
CA SER J 422 -65.21 17.79 -1.36
CA SER J 423 -66.45 18.80 2.12
CA ILE J 424 -68.68 21.49 0.53
CA ASN J 425 -70.53 18.71 -1.30
CA ASP J 426 -71.09 16.86 1.98
CA ALA J 427 -72.29 19.88 3.95
CA PRO J 428 -74.01 22.46 1.68
CA VAL J 429 -74.70 26.06 2.72
CA LEU J 430 -77.20 28.45 1.12
CA ILE J 431 -75.71 30.99 -1.29
CA SER J 432 -78.36 32.58 -3.53
CA GLN J 433 -82.08 32.50 -2.91
CA LYS J 434 -85.39 33.86 -4.13
CA LEU J 435 -87.84 35.08 -1.52
CA SER J 436 -91.62 35.18 -1.45
CA PRO J 437 -93.72 35.81 1.71
CA ILE J 438 -94.59 32.73 3.78
CA TYR J 439 -98.30 33.63 4.10
CA ASN J 440 -98.88 32.99 0.37
CA LEU J 441 -98.32 29.27 1.06
CA VAL J 442 -101.39 28.86 3.33
CA PRO J 443 -104.26 26.98 1.64
CA VAL J 444 -107.13 29.45 1.32
CA LYS J 445 -109.75 26.73 1.14
CA MET J 446 -110.04 25.78 4.83
CA LYS J 447 -112.01 28.09 7.14
CA ASN J 448 -110.47 31.32 8.43
CA ALA J 449 -107.37 30.78 6.22
CA HIS J 450 -108.06 34.02 4.38
CA LEU J 451 -108.46 35.94 7.65
CA LYS J 452 -105.15 34.65 8.99
CA LYS J 453 -103.45 35.47 5.68
CA GLN J 454 -104.66 39.09 5.84
CA ASN J 455 -103.50 39.32 9.46
CA LEU J 456 -100.05 38.02 8.44
CA GLU J 457 -99.79 40.64 5.64
CA ARG J 458 -100.38 43.42 8.13
CA ALA J 459 -98.05 41.80 10.64
CA ILE J 460 -95.01 41.65 8.34
CA GLU J 461 -95.23 45.40 7.71
CA ASP J 462 -95.48 46.29 11.39
CA TYR J 463 -92.73 43.86 12.38
CA ILE J 464 -90.32 45.55 9.94
CA ASN J 465 -90.94 48.87 11.69
CA GLU J 466 -90.21 47.37 15.15
CA PHE J 467 -86.92 46.02 13.83
CA SER J 468 -86.08 49.26 11.97
CA VAL J 469 -82.75 51.02 12.46
CA ARG J 470 -84.14 54.17 10.81
CA LYS J 471 -85.69 55.16 14.14
CA CYS J 472 -82.37 54.76 15.98
CA HIS J 473 -79.65 57.41 16.36
CA THR J 474 -76.82 57.29 13.81
CA CYS J 475 -73.33 57.74 15.23
CA GLN J 476 -70.92 60.45 14.16
CA ASN J 477 -68.40 60.20 11.31
CA GLY J 478 -70.56 57.94 9.14
CA GLY J 479 -71.34 55.31 11.80
CA THR J 480 -74.27 53.00 11.02
CA VAL J 481 -76.69 51.99 13.75
CA ILE J 482 -77.87 48.41 14.22
CA LEU J 483 -80.86 47.34 16.34
CA MET J 484 -80.44 44.35 18.61
CA ASP J 485 -83.56 43.52 20.50
CA GLY J 486 -84.40 46.97 21.81
CA LYS J 487 -80.86 48.30 22.18
CA CYS J 488 -79.12 50.07 19.35
CA LEU J 489 -75.36 49.82 18.99
CA CYS J 490 -73.45 51.75 16.37
CA ALA J 491 -71.21 49.91 13.97
CA CYS J 492 -68.27 52.16 13.12
CA PRO J 493 -64.95 51.39 11.28
CA PHE J 494 -61.87 49.86 12.98
CA LYS J 495 -60.14 53.25 12.70
CA PHE J 496 -62.76 55.09 14.77
CA GLU J 497 -65.17 53.31 17.13
CA GLY J 498 -67.74 54.20 19.78
CA ILE J 499 -71.30 54.38 20.92
CA ALA J 500 -70.77 57.92 19.54
CA CYS J 501 -67.39 57.01 17.72
CA GLU J 502 -64.82 59.38 19.36
CA ILE J 503 -62.34 56.57 20.18
CA SER J 504 -59.65 55.74 17.64
CA LYS J 505 -56.54 53.64 17.03
CA GLN J 506 -55.18 56.76 15.32
CA SER K 1 -82.53 58.54 1.12
CA HIS K 2 -84.18 55.11 1.03
CA ILE K 3 -86.81 54.27 -1.55
CA ASP K 4 -88.63 51.09 -0.58
CA CYS K 5 -90.29 48.72 -3.02
CA ARG K 6 -94.07 49.19 -3.15
CA MET K 7 -96.64 47.37 -5.26
CA SER K 8 -99.98 48.47 -6.65
CA PRO K 9 -103.23 48.31 -4.61
CA TRP K 10 -105.28 45.12 -4.94
CA SER K 11 -106.99 44.11 -8.14
CA GLU K 12 -110.61 43.04 -7.71
CA TRP K 13 -111.38 39.29 -7.44
CA SER K 14 -111.63 37.29 -10.64
CA GLN K 15 -114.61 35.06 -11.42
CA CYS K 16 -114.71 31.77 -9.51
CA ASP K 17 -112.34 29.37 -11.26
CA PRO K 18 -113.71 25.93 -12.10
CA CYS K 19 -110.20 24.43 -12.27
CA LEU K 20 -109.00 25.77 -8.90
CA ARG K 21 -112.25 26.75 -7.11
CA GLN K 22 -110.75 30.06 -6.05
CA MET K 23 -110.65 33.69 -7.10
CA PHE K 24 -107.40 35.52 -7.67
CA ARG K 25 -106.02 39.04 -7.66
CA SER K 26 -102.60 40.46 -8.36
CA ARG K 27 -100.41 43.55 -8.08
CA SER K 28 -97.69 45.21 -10.16
CA ILE K 29 -94.55 47.08 -8.99
CA GLU K 30 -95.14 50.81 -8.67
CA VAL K 31 -91.91 51.61 -6.88
CA PHE K 32 -88.69 49.62 -6.67
CA GLY K 33 -86.18 49.43 -3.80
CA GLN K 34 -83.23 51.76 -4.27
CA PHE K 35 -80.62 53.58 -2.18
CA ASN K 36 -80.42 50.86 0.48
CA GLY K 37 -84.19 50.28 0.21
CA LYS K 38 -85.98 46.99 0.81
CA ARG K 39 -87.32 44.52 -1.75
CA CYS K 40 -91.00 43.76 -2.23
CA THR K 41 -92.31 42.09 0.90
CA ASP K 42 -95.74 42.55 -0.74
CA ALA K 43 -98.10 39.59 -1.22
CA VAL K 44 -98.05 40.01 -5.04
CA GLY K 45 -101.19 37.88 -5.35
CA ASP K 46 -103.94 36.74 -3.01
CA ARG K 47 -106.38 33.87 -3.42
CA ARG K 48 -109.85 33.52 -1.93
CA GLN K 49 -111.77 30.26 -1.59
CA CYS K 50 -114.76 29.77 -3.91
CA VAL K 51 -116.90 27.11 -5.62
CA PRO K 52 -116.53 25.72 -9.20
CA THR K 53 -118.67 27.15 -12.02
CA GLU K 54 -118.35 24.00 -14.15
CA PRO K 55 -116.43 20.71 -14.08
CA CYS K 56 -113.05 21.71 -15.51
CA GLU K 57 -109.85 19.72 -15.98
CA CYS K 63 -108.34 9.19 -23.44
CA GLY K 64 -111.58 7.58 -24.66
CA ASN K 65 -111.50 3.83 -25.31
CA ASP K 66 -107.68 3.71 -25.18
CA PHE K 67 -105.66 2.74 -22.08
CA GLN K 68 -105.62 5.50 -19.48
CA CYS K 69 -102.99 5.57 -16.74
CA SER K 70 -103.62 6.94 -13.25
CA THR K 71 -101.26 9.80 -14.15
CA GLY K 72 -103.56 10.86 -17.00
CA ARG K 73 -101.28 9.41 -19.68
CA CYS K 74 -103.29 8.18 -22.65
CA ILE K 75 -101.65 5.49 -24.76
CA LYS K 76 -102.96 2.86 -27.15
CA MET K 77 -102.94 -0.78 -26.00
CA ARG K 78 -100.15 -1.86 -28.39
CA LEU K 79 -97.69 0.40 -26.47
CA ARG K 80 -98.24 -1.81 -23.43
CA CYS K 81 -96.47 -5.13 -22.91
CA ASN K 82 -92.95 -4.45 -24.07
CA GLY K 83 -91.27 -3.25 -20.86
CA ASP K 84 -91.26 0.36 -22.05
CA ASN K 85 -92.37 3.16 -19.76
CA ASP K 86 -95.21 4.74 -21.72
CA CYS K 87 -97.00 5.84 -18.54
CA GLY K 88 -96.06 8.32 -15.83
CA ASP K 89 -96.47 5.64 -13.15
CA PHE K 90 -95.49 2.60 -15.27
CA SER K 91 -99.10 1.30 -15.21
CA ASP K 92 -98.74 0.05 -18.78
CA GLU K 93 -96.28 -2.57 -17.54
CA ASP K 94 -98.25 -3.30 -14.36
CA ASP K 95 -100.78 -6.15 -14.54
CA CYS K 96 -100.17 -6.18 -18.29
CA GLU K 97 -102.35 -8.06 -20.81
CA SER K 98 -99.42 -10.06 -22.16
CA GLU K 99 -95.77 -10.62 -21.33
CA PRO K 100 -93.26 -8.02 -22.46
CA ARG K 101 -92.14 -8.57 -26.06
CA PRO K 102 -88.64 -7.15 -26.83
CA PRO K 103 -88.75 -3.43 -27.85
CA CYS K 104 -85.55 -4.10 -29.79
CA ARG K 105 -85.50 -7.63 -31.20
CA ASP K 106 -81.89 -7.37 -32.40
CA ARG K 107 -80.23 -6.48 -29.12
CA VAL K 108 -80.94 -4.81 -25.81
CA VAL K 109 -80.43 -1.10 -26.48
CA GLU K 110 -79.50 1.08 -23.50
CA GLU K 111 -81.26 4.42 -23.11
CA SER K 112 -79.58 7.74 -23.77
CA GLU K 113 -78.17 8.90 -20.46
CA LEU K 114 -79.15 12.39 -19.43
CA ALA K 115 -82.18 12.06 -21.77
CA ARG K 116 -84.32 13.85 -19.18
CA THR K 117 -81.68 16.55 -18.75
CA ALA K 118 -81.71 17.36 -22.49
CA GLY K 119 -85.48 18.01 -22.46
CA TYR K 120 -85.40 20.72 -19.72
CA GLY K 121 -87.60 23.82 -19.80
CA ILE K 122 -85.95 27.23 -19.38
CA ASN K 123 -86.92 30.48 -17.65
CA ILE K 124 -85.52 33.15 -19.94
CA LEU K 125 -85.57 35.82 -17.22
CA GLY K 126 -82.54 34.17 -15.59
CA MET K 127 -81.63 31.87 -18.49
CA ASP K 128 -81.60 28.87 -16.13
CA PRO K 129 -83.14 25.45 -16.82
CA LEU K 130 -86.13 24.01 -14.94
CA SER K 131 -87.76 20.56 -15.19
CA THR K 132 -88.46 19.07 -18.65
CA PRO K 133 -91.93 19.52 -20.23
CA PHE K 134 -91.24 16.42 -22.38
CA ASP K 135 -91.36 12.81 -21.25
CA ASN K 136 -87.86 11.52 -22.00
CA GLU K 137 -88.53 7.92 -21.03
CA PHE K 138 -91.42 7.74 -23.51
CA TYR K 139 -90.35 5.74 -26.55
CA ASN K 140 -93.89 5.50 -28.00
CA GLY K 141 -93.65 1.68 -27.89
CA LEU K 142 -91.06 1.88 -30.68
CA CYS K 143 -87.32 1.53 -30.39
CA ASN K 144 -85.53 4.30 -32.23
CA ARG K 145 -81.81 4.63 -31.63
CA ASP K 146 -78.90 6.98 -32.23
CA ARG K 147 -75.39 5.56 -32.59
CA ASP K 148 -72.50 6.95 -30.52
CA GLY K 149 -69.14 7.04 -32.33
CA ASN K 150 -67.17 7.89 -29.15
CA THR K 151 -68.30 4.70 -27.42
CA LEU K 152 -69.46 2.25 -30.07
CA THR K 153 -72.95 1.28 -28.98
CA TYR K 154 -76.41 2.57 -29.77
CA TYR K 155 -78.44 4.60 -27.31
CA ARG K 156 -82.21 4.50 -27.54
CA ARG K 157 -83.80 7.85 -28.30
CA PRO K 158 -87.22 8.88 -26.85
CA TRP K 159 -89.95 9.70 -29.40
CA ASN K 160 -90.49 13.10 -27.76
CA VAL K 161 -86.88 13.82 -28.74
CA ALA K 162 -86.10 14.65 -32.37
CA SER K 163 -82.32 13.83 -32.23
CA LEU K 164 -79.97 13.14 -29.29
CA ILE K 165 -76.97 12.09 -31.30
CA TYR K 166 -73.73 12.18 -29.39
CA GLU K 167 -71.60 14.33 -31.59
CA THR K 168 -68.09 13.62 -32.77
CA LYS K 169 -66.61 16.08 -30.27
CA GLY K 170 -66.64 19.79 -31.06
CA GLU K 171 -63.45 20.06 -29.01
CA LYS K 172 -61.19 23.08 -29.57
CA ASN K 173 -62.96 26.31 -30.21
CA PHE K 174 -59.89 28.01 -28.92
CA ARG K 175 -58.96 31.63 -29.33
CA THR K 176 -56.77 34.08 -27.56
CA GLU K 177 -56.55 37.74 -28.33
CA HIS K 178 -53.73 39.94 -27.21
CA TYR K 179 -54.06 43.69 -27.17
CA GLU K 180 -51.38 46.12 -26.15
CA GLU K 181 -51.31 49.93 -26.27
CA GLN K 182 -48.51 52.36 -25.38
CA ILE K 183 -48.69 56.17 -25.43
CA GLU K 184 -45.94 58.35 -23.93
CA ALA K 185 -45.41 62.08 -24.38
CA PHE K 186 -42.93 64.74 -23.24
CA LYS K 187 -42.96 68.54 -23.28
CA SER K 188 -40.24 70.80 -21.86
CA ILE K 189 -39.75 74.56 -22.14
CA ILE K 190 -37.16 77.03 -20.84
CA GLN K 191 -36.99 80.83 -20.99
CA GLU K 192 -34.41 83.33 -19.74
CA LYS K 193 -33.93 87.08 -19.91
CA THR K 194 -31.22 89.32 -18.50
CA SER K 195 -30.53 93.05 -18.67
CA ASN K 196 -27.35 94.83 -17.58
CA PHE K 197 -27.01 98.60 -17.29
CA ASN K 198 -24.28 101.00 -16.18
CA ALA K 199 -24.16 104.80 -16.24
CA ALA K 200 -21.62 107.29 -14.97
CA ILE K 201 -21.13 111.04 -15.00
CA SER K 202 -18.16 113.12 -13.82
CA LEU K 203 -17.25 116.80 -13.83
CA LYS K 204 -14.18 118.84 -12.88
CA PHE K 205 -13.76 122.60 -12.59
CA THR K 206 -10.67 124.67 -11.68
CA PRO K 207 -10.89 128.51 -11.53
CA GLY K 228 -10.20 126.85 -6.48
CA LYS K 229 -10.82 123.27 -7.51
CA GLY K 230 -14.01 121.20 -7.48
CA SER K 231 -14.88 117.76 -8.78
CA PHE K 232 -17.86 115.42 -8.85
CA ARG K 233 -18.15 111.71 -9.69
CA PHE K 234 -21.21 109.47 -9.77
CA SER K 235 -21.73 105.87 -10.93
CA TYR K 236 -24.91 103.80 -11.05
CA SER K 237 -25.53 100.19 -12.12
CA LYS K 238 -28.42 97.74 -12.35
CA ASN K 239 -28.74 94.11 -13.33
CA GLU K 240 -31.61 91.65 -13.55
CA THR K 241 -31.76 87.94 -14.39
CA TYR K 242 -35.02 86.00 -14.60
CA GLN K 243 -35.45 82.33 -15.51
CA LEU K 244 -38.42 80.00 -15.98
CA PHE K 245 -38.09 76.27 -16.56
CA LEU K 246 -40.87 73.67 -16.78
CA SER K 247 -41.03 70.00 -17.76
CA TYR K 248 -43.99 67.68 -18.19
CA SER K 249 -44.41 63.97 -18.99
CA SER K 250 -47.41 61.67 -19.22
CA LYS K 251 -48.01 57.99 -19.88
CA LYS K 252 -51.09 55.94 -20.72
CA GLU K 253 -50.63 52.24 -21.42
CA LYS K 254 -53.08 49.35 -21.48
CA MET K 255 -53.03 45.60 -21.96
CA PHE K 256 -55.97 43.33 -22.55
CA LEU K 257 -56.10 39.58 -22.84
CA HIS K 258 -58.85 37.20 -23.75
CA VAL K 259 -58.49 33.45 -23.49
CA LYS K 260 -61.28 31.01 -24.29
CA GLY K 261 -61.67 27.38 -25.33
CA GLU K 262 -65.02 25.64 -25.83
CA ILE K 263 -65.80 21.93 -26.14
CA HIS K 264 -69.11 20.45 -27.34
CA LEU K 265 -69.80 16.93 -26.07
CA GLY K 266 -73.23 16.29 -27.65
CA ARG K 267 -76.12 17.69 -29.67
CA PHE K 268 -79.80 17.45 -28.77
CA VAL K 269 -82.88 18.38 -30.76
CA MET K 270 -86.33 18.23 -29.17
CA ARG K 271 -89.61 17.76 -31.01
CA ASN K 272 -91.43 20.90 -32.19
CA ARG K 273 -94.29 18.72 -33.44
CA ASP K 274 -97.20 17.37 -31.38
CA VAL K 275 -95.78 14.71 -29.07
CA VAL K 276 -96.31 13.31 -25.59
CA LEU K 277 -95.33 15.39 -22.56
CA THR K 278 -94.56 14.49 -18.94
CA THR K 279 -97.61 13.87 -16.75
CA THR K 280 -96.78 16.43 -14.05
CA PHE K 281 -96.60 19.27 -16.57
CA VAL K 282 -99.89 18.18 -18.21
CA ASP K 283 -101.67 17.96 -14.84
CA ASP K 284 -100.61 21.48 -13.86
CA ILE K 285 -101.56 22.78 -17.34
CA LYS K 286 -105.08 21.38 -16.85
CA ALA K 287 -105.21 22.92 -13.35
CA LEU K 288 -104.69 26.48 -14.71
CA PRO K 289 -107.63 29.01 -14.72
CA THR K 290 -110.08 29.46 -17.62
CA THR K 291 -109.73 33.24 -17.26
CA TYR K 292 -106.68 35.49 -17.32
CA GLU K 293 -105.45 36.53 -13.87
CA LYS K 294 -101.73 37.23 -13.69
CA GLY K 295 -100.79 35.58 -10.36
CA GLU K 296 -101.51 31.98 -11.36
CA TYR K 297 -99.82 32.29 -14.75
CA PHE K 298 -96.77 34.06 -13.29
CA ALA K 299 -96.26 31.23 -10.77
CA PHE K 300 -96.60 28.64 -13.57
CA LEU K 301 -94.01 30.39 -15.75
CA GLU K 302 -91.69 30.72 -12.77
CA THR K 303 -91.89 26.98 -11.97
CA TYR K 304 -91.97 25.45 -15.48
CA GLY K 305 -90.03 28.06 -17.46
CA THR K 306 -91.09 30.82 -19.86
CA HIS K 307 -89.76 28.85 -22.84
CA TYR K 308 -88.30 25.40 -23.39
CA SER K 309 -85.02 24.22 -24.89
CA SER K 310 -86.03 23.36 -28.46
CA SER K 311 -82.50 22.27 -29.32
CA GLY K 312 -78.97 23.03 -28.17
CA SER K 313 -75.54 21.67 -27.42
CA LEU K 314 -74.00 20.12 -24.34
CA GLY K 315 -70.37 20.91 -23.56
CA GLY K 316 -68.21 23.03 -21.28
CA LEU K 317 -66.23 26.27 -21.37
CA TYR K 318 -62.79 27.40 -20.28
CA GLU K 319 -62.40 31.20 -20.10
CA LEU K 320 -60.22 33.90 -18.58
CA ILE K 321 -59.82 37.64 -19.31
CA TYR K 322 -56.98 39.86 -18.11
CA VAL K 323 -57.11 43.63 -17.83
CA LEU K 324 -54.55 46.35 -17.16
CA ASP K 325 -55.03 50.13 -17.30
CA LYS K 326 -51.99 52.20 -16.24
CA ALA K 327 -51.77 56.00 -15.97
CA SER K 328 -49.20 58.48 -14.64
CA MET K 329 -48.42 62.21 -14.88
CA LYS K 330 -45.22 64.08 -13.97
CA ARG K 331 -44.89 67.88 -13.71
CA LYS K 332 -42.20 70.19 -12.35
CA GLY K 333 -41.68 73.96 -12.59
CA VAL K 334 -39.11 76.39 -11.16
CA GLU K 335 -38.89 80.20 -11.08
CA LEU K 336 -35.63 82.04 -10.32
CA LYS K 337 -35.08 85.79 -10.07
CA ASP K 338 -32.10 87.92 -9.04
CA ILE K 339 -31.92 91.75 -9.03
CA LYS K 340 -29.21 94.12 -7.83
CA ARG K 341 -28.50 97.86 -7.62
CA CYS K 342 -25.24 99.53 -6.68
CA LEU K 343 -24.40 103.24 -6.78
CA GLY K 344 -21.44 105.35 -5.65
CA TYR K 345 -21.30 109.09 -5.06
CA HIS K 346 -18.23 111.30 -4.50
CA LEU K 347 -17.25 114.97 -4.44
CA ASP K 348 -14.08 116.82 -3.46
CA VAL K 349 -13.60 120.60 -3.18
CA SER K 350 -10.60 122.72 -2.16
CA LEU K 351 -10.01 126.48 -1.91
CA ALA K 352 -6.66 128.21 -1.44
CA PHE K 353 -6.58 131.96 -0.83
CA SER K 354 -3.13 133.51 -0.18
CA GLU K 355 -1.43 131.54 2.64
CA ILE K 356 -4.65 129.90 4.00
CA SER K 357 -6.45 126.83 2.64
CA VAL K 358 -9.56 124.77 3.36
CA GLY K 359 -10.75 121.50 1.78
CA ALA K 360 -13.66 119.12 2.19
CA GLU K 361 -14.91 115.91 0.59
CA PHE K 362 -17.85 113.52 0.85
CA ASN K 363 -18.28 109.91 -0.26
CA LYS K 364 -21.29 107.58 -0.11
CA ASP K 365 -21.86 103.99 -1.25
CA ASP K 366 -25.25 102.22 -1.33
CA CYS K 367 -26.00 98.69 -2.54
CA VAL K 368 -28.96 96.28 -2.35
CA LYS K 369 -29.36 92.76 -3.76
CA ARG K 370 -32.51 90.63 -3.65
CA GLY K 371 -32.77 86.98 -4.75
CA GLU K 372 -35.95 84.92 -4.99
CA GLY K 373 -36.49 81.22 -5.77
CA ARG K 374 -39.62 79.10 -5.97
CA ALA K 375 -40.09 75.48 -7.05
CA VAL K 376 -43.05 73.10 -7.34
CA ASN K 377 -43.01 69.39 -8.22
CA ILE K 378 -45.92 66.93 -8.37
CA THR K 379 -46.20 63.29 -9.47
CA SER K 380 -49.12 60.87 -9.44
CA GLU K 381 -49.58 57.29 -10.64
CA ASN K 382 -52.57 54.94 -10.56
CA LEU K 383 -53.47 51.55 -12.00
CA ILE K 384 -56.04 48.76 -11.97
CA ASP K 385 -55.44 45.04 -12.40
CA ASP K 386 -58.61 43.00 -12.82
CA VAL K 387 -58.51 39.32 -13.58
CA VAL K 388 -61.74 37.45 -14.01
CA SER K 389 -62.09 33.82 -14.83
CA LEU K 390 -64.69 31.11 -14.81
CA ILE K 391 -65.21 27.60 -16.17
CA ARG K 392 -68.22 25.32 -16.51
CA GLY K 393 -68.79 21.62 -17.05
CA GLY K 394 -67.55 18.43 -15.36
CA THR K 395 -67.00 17.62 -11.70
CA ARG K 396 -65.58 19.83 -8.95
CA LYS K 397 -62.13 18.28 -8.45
CA TYR K 398 -60.74 19.01 -11.90
CA ALA K 399 -62.36 22.43 -12.00
CA PHE K 400 -60.80 23.30 -8.62
CA GLU K 401 -57.36 22.12 -9.73
CA LEU K 402 -57.50 24.30 -12.86
CA LYS K 403 -58.77 27.24 -10.79
CA GLU K 404 -55.85 27.06 -8.34
CA LYS K 405 -53.27 26.79 -11.11
CA LEU K 406 -54.72 29.83 -12.85
CA LEU K 407 -53.90 31.96 -9.83
CA ARG K 408 -50.32 31.89 -11.14
CA GLY K 409 -51.65 31.13 -14.63
CA THR K 410 -51.90 27.54 -15.86
CA VAL K 411 -49.04 26.95 -18.27
CA ILE K 412 -48.01 23.48 -17.11
CA ASP K 413 -49.90 20.35 -16.05
CA VAL K 414 -51.48 19.88 -19.46
CA THR K 415 -52.74 16.45 -18.32
CA ASP K 416 -55.18 18.25 -15.95
CA PHE K 417 -57.23 19.36 -18.93
CA VAL K 418 -57.64 15.78 -20.20
CA ASN K 419 -59.13 14.84 -16.79
CA TRP K 420 -61.46 17.82 -17.02
CA ALA K 421 -62.53 16.71 -20.49
CA SER K 422 -63.45 13.26 -19.23
CA SER K 423 -65.51 14.66 -16.32
CA ILE K 424 -67.38 16.96 -18.77
CA ASN K 425 -68.65 13.83 -20.55
CA ASP K 426 -69.93 12.42 -17.26
CA ALA K 427 -71.65 15.62 -16.09
CA PRO K 428 -72.85 17.73 -19.06
CA VAL K 429 -73.87 21.39 -18.77
CA LEU K 430 -75.98 23.38 -21.25
CA ILE K 431 -74.02 25.64 -23.60
CA SER K 432 -76.10 26.73 -26.61
CA GLN K 433 -79.85 26.50 -26.88
CA LYS K 434 -82.81 27.46 -29.03
CA LEU K 435 -85.85 28.87 -27.27
CA SER K 436 -89.54 28.75 -28.10
CA PRO K 437 -92.36 29.68 -25.66
CA ILE K 438 -93.62 26.87 -23.41
CA TYR K 439 -97.32 27.58 -24.10
CA ASN K 440 -96.96 26.37 -27.72
CA LEU K 441 -96.48 22.83 -26.36
CA VAL K 442 -99.99 22.55 -24.85
CA PRO K 443 -102.32 20.28 -26.84
CA VAL K 444 -105.10 22.49 -28.20
CA LYS K 445 -107.51 19.61 -28.57
CA MET K 446 -108.65 19.16 -24.96
CA LYS K 447 -111.19 21.65 -23.55
CA ASN K 448 -110.09 25.12 -22.44
CA ALA K 449 -106.54 24.47 -23.75
CA HIS K 450 -106.86 27.37 -26.17
CA LEU K 451 -108.09 29.71 -23.41
CA LYS K 452 -105.16 28.83 -21.15
CA LYS K 453 -102.75 29.28 -24.06
CA GLN K 454 -104.06 32.80 -24.73
CA ASN K 455 -103.82 33.62 -21.01
CA LEU K 456 -100.19 32.40 -21.00
CA GLU K 457 -99.34 34.62 -24.03
CA ARG K 458 -100.58 37.68 -22.19
CA ALA K 459 -98.87 36.56 -18.98
CA ILE K 460 -95.37 36.30 -20.47
CA GLU K 461 -95.53 39.89 -21.68
CA ASP K 462 -96.68 41.27 -18.35
CA TYR K 463 -94.19 39.18 -16.38
CA ILE K 464 -91.31 40.67 -18.42
CA ASN K 465 -92.43 44.16 -17.39
CA GLU K 466 -92.52 43.20 -13.66
CA PHE K 467 -88.97 41.90 -13.96
CA SER K 468 -87.79 44.88 -16.05
CA VAL K 469 -84.73 46.91 -15.06
CA ARG K 470 -85.77 49.70 -17.44
CA LYS K 471 -88.10 51.04 -14.75
CA CYS K 472 -85.31 51.12 -12.15
CA HIS K 473 -82.84 53.96 -11.54
CA THR K 474 -79.48 53.67 -13.31
CA CYS K 475 -76.44 54.53 -11.21
CA GLN K 476 -73.92 57.21 -12.08
CA ASN K 477 -70.79 56.73 -14.19
CA GLY K 478 -72.29 54.06 -16.44
CA GLY K 479 -73.63 51.78 -13.67
CA THR K 480 -76.21 49.20 -14.75
CA VAL K 481 -79.18 48.43 -12.55
CA ILE K 482 -80.34 44.88 -11.83
CA LEU K 483 -83.72 43.93 -10.33
CA MET K 484 -83.77 41.32 -7.61
CA ASP K 485 -87.23 40.57 -6.38
CA GLY K 486 -88.46 44.10 -5.86
CA LYS K 487 -85.16 45.70 -4.86
CA CYS K 488 -82.84 47.16 -7.45
CA LEU K 489 -79.10 47.10 -6.88
CA CYS K 490 -76.67 48.77 -9.24
CA ALA K 491 -73.86 46.75 -10.75
CA CYS K 492 -70.88 49.04 -11.22
CA PRO K 493 -67.18 48.24 -12.10
CA PHE K 494 -64.57 47.16 -9.51
CA LYS K 495 -62.91 50.58 -9.88
CA PHE K 496 -66.01 52.52 -8.78
CA GLU K 497 -68.86 50.93 -6.81
CA GLY K 498 -72.01 52.02 -5.01
CA ILE K 499 -75.75 52.14 -4.76
CA ALA K 500 -75.00 55.46 -6.49
CA CYS K 501 -71.26 54.54 -7.31
CA GLU K 502 -69.23 57.27 -5.50
CA ILE K 503 -66.95 54.77 -3.71
CA SER K 504 -63.70 53.76 -5.40
CA LYS K 505 -60.47 51.80 -4.93
CA GLN K 506 -58.82 54.72 -6.73
CA SER L 1 -82.00 52.77 -27.03
CA HIS L 2 -83.48 49.26 -26.99
CA ILE L 3 -85.39 47.90 -29.95
CA ASP L 4 -87.31 44.78 -28.96
CA CYS L 5 -88.26 41.99 -31.35
CA ARG L 6 -91.90 42.20 -32.42
CA MET L 7 -93.84 39.95 -34.76
CA SER L 8 -96.78 40.63 -37.05
CA PRO L 9 -100.42 40.54 -35.83
CA TRP L 10 -102.23 37.22 -36.14
CA SER L 11 -103.10 35.66 -39.47
CA GLU L 12 -106.68 34.43 -39.74
CA TRP L 13 -107.39 30.73 -39.09
CA SER L 14 -106.81 28.27 -41.92
CA GLN L 15 -109.45 25.78 -43.03
CA CYS L 16 -109.90 22.78 -40.73
CA ASP L 17 -107.12 20.32 -41.49
CA PRO L 18 -108.16 16.72 -42.10
CA CYS L 19 -104.67 15.44 -41.22
CA LEU L 20 -104.35 17.30 -37.90
CA ARG L 21 -107.96 18.32 -37.08
CA GLN L 22 -106.84 21.83 -36.23
CA MET L 23 -106.61 25.28 -37.75
CA PHE L 24 -103.37 27.22 -37.81
CA ARG L 25 -102.13 30.78 -38.01
CA SER L 26 -98.68 32.31 -38.10
CA ARG L 27 -96.71 35.54 -37.79
CA SER L 28 -93.61 37.06 -39.40
CA ILE L 29 -90.91 39.27 -37.82
CA GLU L 30 -91.67 42.97 -38.21
CA VAL L 31 -88.98 44.20 -35.86
CA PHE L 32 -85.86 42.47 -34.60
CA GLY L 33 -84.11 42.85 -31.24
CA GLN L 34 -81.20 45.27 -31.36
CA PHE L 35 -79.21 47.53 -29.00
CA ASN L 36 -79.58 45.22 -25.99
CA GLY L 37 -83.16 44.38 -27.04
CA LYS L 38 -84.95 41.09 -26.40
CA ARG L 39 -85.56 38.21 -28.79
CA CYS L 40 -89.00 37.16 -30.00
CA THR L 41 -90.97 35.86 -27.05
CA ASP L 42 -93.91 35.87 -29.50
CA ALA L 43 -96.02 32.73 -30.06
CA VAL L 44 -95.05 32.61 -33.79
CA GLY L 45 -97.97 30.27 -34.48
CA ASP L 46 -101.16 29.29 -32.71
CA ARG L 47 -103.35 26.24 -33.25
CA ARG L 48 -107.07 25.88 -32.57
CA GLN L 49 -108.92 22.58 -32.20
CA CYS L 50 -111.24 21.59 -35.06
CA VAL L 51 -112.83 18.59 -36.79
CA PRO L 52 -111.58 16.73 -39.94
CA THR L 53 -113.02 17.62 -43.37
CA GLU L 54 -112.11 14.23 -44.87
CA PRO L 55 -110.17 11.11 -43.85
CA CYS L 56 -106.57 12.12 -44.59
CA GLU L 57 -103.30 10.29 -43.99
CA CYS L 63 -99.73 -1.07 -49.21
CA GLY L 64 -102.55 -3.03 -50.91
CA ASN L 65 -102.20 -6.82 -50.94
CA ASP L 66 -98.52 -6.68 -49.91
CA PHE L 67 -97.29 -7.07 -46.32
CA GLN L 68 -97.95 -3.99 -44.22
CA CYS L 69 -96.06 -3.37 -40.99
CA SER L 70 -97.55 -1.57 -37.99
CA THR L 71 -95.12 1.28 -38.72
CA GLY L 72 -96.70 1.79 -42.16
CA ARG L 73 -93.81 0.13 -43.98
CA CYS L 74 -95.00 -1.63 -47.12
CA ILE L 75 -92.83 -4.49 -48.36
CA LYS L 76 -93.45 -7.50 -50.56
CA MET L 77 -93.60 -10.93 -48.91
CA ARG L 78 -90.29 -12.16 -50.39
CA LEU L 79 -88.44 -9.50 -48.32
CA ARG L 80 -89.63 -11.29 -45.18
CA CYS L 81 -87.94 -14.39 -43.78
CA ASN L 82 -84.27 -13.66 -44.17
CA GLY L 83 -83.45 -11.92 -40.87
CA ASP L 84 -83.25 -8.51 -42.56
CA ASN L 85 -84.96 -5.50 -41.05
CA ASP L 86 -87.29 -4.39 -43.82
CA CYS L 87 -89.82 -2.98 -41.36
CA GLY L 88 -89.63 -0.09 -38.90
CA ASP L 89 -90.60 -2.38 -36.02
CA PHE L 90 -89.05 -5.62 -37.37
CA SER L 91 -92.52 -7.13 -37.97
CA ASP L 92 -91.29 -8.84 -41.12
CA GLU L 93 -89.13 -11.10 -38.96
CA ASP L 94 -91.78 -11.51 -36.25
CA ASP L 95 -94.11 -14.50 -36.58
CA CYS L 96 -92.61 -15.02 -40.04
CA GLU L 97 -94.08 -17.36 -42.69
CA SER L 98 -90.85 -19.35 -43.00
CA GLU L 99 -87.48 -19.55 -41.26
CA PRO L 100 -84.86 -16.98 -42.16
CA ARG L 101 -82.89 -17.94 -45.27
CA PRO L 102 -79.35 -16.44 -45.40
CA PRO L 103 -79.32 -12.90 -46.97
CA CYS L 104 -75.73 -13.63 -47.98
CA ARG L 105 -75.24 -17.32 -48.79
CA ASP L 106 -71.46 -17.00 -49.15
CA ARG L 107 -70.66 -15.56 -45.73
CA VAL L 108 -72.19 -13.49 -42.98
CA VAL L 109 -71.64 -9.89 -44.06
CA GLU L 110 -71.51 -7.26 -41.31
CA GLU L 111 -73.41 -4.02 -41.85
CA SER L 112 -71.72 -0.72 -42.60
CA GLU L 113 -71.17 0.97 -39.26
CA LEU L 114 -72.48 4.51 -39.02
CA ALA L 115 -74.84 3.67 -41.92
CA ARG L 116 -77.59 5.66 -40.21
CA THR L 117 -75.21 8.55 -39.59
CA ALA L 118 -74.37 8.83 -43.31
CA GLY L 119 -78.05 9.23 -44.26
CA TYR L 120 -78.71 12.31 -42.02
CA GLY L 121 -80.91 15.22 -43.07
CA ILE L 122 -79.51 18.75 -42.81
CA ASN L 123 -80.95 22.14 -41.85
CA ILE L 124 -79.13 24.55 -44.13
CA LEU L 125 -79.91 27.57 -41.93
CA GLY L 126 -77.30 26.35 -39.41
CA MET L 127 -75.66 23.73 -41.63
CA ASP L 128 -76.12 21.10 -38.91
CA PRO L 129 -77.34 17.52 -39.42
CA LEU L 130 -80.66 16.17 -38.10
CA SER L 131 -82.07 12.62 -38.20
CA THR L 132 -81.88 10.62 -41.45
CA PRO L 133 -84.88 10.63 -43.85
CA PHE L 134 -83.61 7.32 -45.29
CA ASP L 135 -83.90 3.90 -43.69
CA ASN L 136 -80.29 2.73 -43.40
CA GLU L 137 -81.06 -0.73 -42.08
CA PHE L 138 -83.27 -1.44 -45.11
CA TYR L 139 -81.44 -3.76 -47.48
CA ASN L 140 -84.52 -4.43 -49.66
CA GLY L 141 -84.21 -8.17 -48.93
CA LEU L 142 -81.03 -8.21 -51.03
CA CYS L 143 -77.46 -8.27 -49.82
CA ASN L 144 -75.36 -5.68 -51.59
CA ARG L 145 -71.90 -5.03 -50.18
CA ASP L 146 -69.00 -2.60 -50.45
CA ARG L 147 -65.47 -3.83 -49.76
CA ASP L 148 -63.20 -1.99 -47.31
CA GLY L 149 -59.50 -1.95 -48.26
CA ASN L 150 -58.38 -0.53 -44.88
CA THR L 151 -59.81 -3.52 -43.01
CA LEU L 152 -60.23 -6.38 -45.45
CA THR L 153 -63.84 -7.41 -45.07
CA TYR L 154 -67.06 -6.46 -46.84
CA TYR L 155 -69.67 -4.24 -45.25
CA ARG L 156 -73.27 -4.62 -46.35
CA ARG L 157 -74.73 -1.51 -47.94
CA PRO L 158 -78.42 -0.51 -47.51
CA TRP L 159 -80.48 -0.23 -50.72
CA ASN L 160 -81.49 3.33 -49.79
CA VAL L 161 -77.78 4.13 -49.99
CA ALA L 162 -76.18 4.50 -53.42
CA SER L 163 -72.51 3.95 -52.28
CA LEU L 164 -70.91 3.82 -48.79
CA ILE L 165 -67.50 2.69 -49.88
CA TYR L 166 -64.81 3.25 -47.28
CA GLU L 167 -62.28 5.21 -49.24
CA THR L 168 -58.58 4.57 -49.44
CA LYS L 169 -57.80 7.44 -47.07
CA GLY L 170 -57.75 10.99 -48.38
CA GLU L 171 -55.16 11.75 -45.71
CA LYS L 172 -52.92 14.79 -46.18
CA ASN L 173 -54.57 17.79 -47.70
CA PHE L 174 -51.94 19.84 -45.99
CA ARG L 175 -51.05 23.42 -46.72
CA THR L 176 -49.41 26.22 -44.87
CA GLU L 177 -49.13 29.75 -46.11
CA HIS L 178 -46.72 32.26 -44.70
CA TYR L 179 -47.16 35.95 -45.31
CA GLU L 180 -44.86 38.66 -44.08
CA GLU L 181 -44.87 42.41 -44.75
CA GLN L 182 -42.45 45.11 -43.61
CA ILE L 183 -42.72 48.86 -44.27
CA GLU L 184 -40.47 51.40 -42.52
CA ALA L 185 -39.96 55.07 -43.38
CA PHE L 186 -37.90 58.01 -42.12
CA LYS L 187 -38.03 61.76 -42.73
CA SER L 188 -35.80 64.36 -41.07
CA ILE L 189 -35.36 68.07 -41.80
CA ILE L 190 -33.23 70.85 -40.32
CA GLN L 191 -33.13 74.60 -40.98
CA GLU L 192 -31.00 77.41 -39.56
CA LYS L 193 -30.60 81.12 -40.18
CA THR L 194 -28.36 83.69 -38.53
CA SER L 195 -27.77 87.40 -39.10
CA ASN L 196 -25.00 89.52 -37.57
CA PHE L 197 -24.83 93.30 -37.77
CA ASN L 198 -22.52 96.01 -36.44
CA ALA L 199 -22.51 99.76 -37.04
CA ALA L 200 -20.41 102.55 -35.60
CA ILE L 201 -20.04 106.30 -36.08
CA SER L 202 -17.49 108.69 -34.58
CA LEU L 203 -16.72 112.40 -34.91
CA LYS L 204 -14.03 114.73 -33.60
CA PHE L 205 -13.80 118.52 -33.78
CA THR L 206 -11.07 120.88 -32.50
CA PRO L 207 -11.43 124.68 -32.98
CA GLY L 228 -11.92 123.79 -27.72
CA LYS L 229 -12.18 120.07 -28.33
CA GLY L 230 -15.22 117.83 -28.73
CA SER L 231 -15.65 114.20 -29.66
CA PHE L 232 -18.47 111.68 -30.06
CA ARG L 233 -18.44 107.89 -30.38
CA PHE L 234 -21.33 105.46 -30.84
CA SER L 235 -21.46 101.71 -31.53
CA TYR L 236 -24.45 99.45 -32.08
CA SER L 237 -24.70 95.70 -32.70
CA LYS L 238 -27.38 93.06 -33.24
CA ASN L 239 -27.34 89.31 -33.71
CA GLU L 240 -30.00 86.66 -34.22
CA THR L 241 -29.84 82.87 -34.49
CA TYR L 242 -32.90 80.72 -35.16
CA GLN L 243 -33.00 76.94 -35.60
CA LEU L 244 -35.70 74.39 -36.39
CA PHE L 245 -35.14 70.63 -36.31
CA LEU L 246 -37.71 67.86 -36.78
CA SER L 247 -37.52 64.09 -37.19
CA TYR L 248 -40.23 61.55 -37.95
CA SER L 249 -40.33 57.75 -38.26
CA SER L 250 -43.12 55.25 -38.84
CA LYS L 251 -43.44 51.48 -39.05
CA LYS L 252 -46.17 49.15 -40.27
CA GLU L 253 -45.45 45.41 -40.28
CA LYS L 254 -47.72 42.39 -40.48
CA MET L 255 -47.46 38.63 -40.37
CA PHE L 256 -50.11 36.12 -41.26
CA LEU L 257 -50.07 32.36 -41.02
CA HIS L 258 -52.44 29.71 -42.17
CA VAL L 259 -52.05 26.06 -41.27
CA LYS L 260 -54.49 23.36 -42.33
CA GLY L 261 -54.52 19.60 -42.87
CA GLU L 262 -57.60 17.61 -43.87
CA ILE L 263 -58.18 13.84 -43.79
CA HIS L 264 -61.05 12.00 -45.49
CA LEU L 265 -61.94 8.66 -43.90
CA GLY L 266 -64.86 7.59 -46.13
CA ARG L 267 -67.23 8.51 -48.96
CA PHE L 268 -71.00 8.16 -48.91
CA VAL L 269 -73.54 8.62 -51.67
CA MET L 270 -77.26 8.46 -50.94
CA ARG L 271 -79.99 7.53 -53.40
CA ASN L 272 -81.56 10.36 -55.44
CA ARG L 273 -83.98 7.85 -56.97
CA ASP L 274 -87.26 6.62 -55.48
CA VAL L 275 -86.36 4.40 -52.52
CA VAL L 276 -87.67 3.47 -49.08
CA LEU L 277 -87.51 6.01 -46.26
CA THR L 278 -87.60 5.67 -42.47
CA THR L 279 -91.07 5.17 -40.99
CA THR L 280 -91.00 8.14 -38.58
CA PHE L 281 -90.29 10.61 -41.40
CA VAL L 282 -93.06 9.09 -43.57
CA ASP L 283 -95.59 9.23 -40.72
CA ASP L 284 -94.89 12.91 -40.06
CA ILE L 285 -95.03 13.65 -43.82
CA LYS L 286 -98.50 12.11 -43.96
CA ALA L 287 -99.53 14.12 -40.86
CA LEU L 288 -98.79 17.47 -42.58
CA PRO L 289 -101.70 19.78 -43.66
CA THR L 290 -103.40 19.66 -47.09
CA THR L 291 -103.26 23.47 -47.23
CA TYR L 292 -100.35 25.88 -46.91
CA GLU L 293 -100.02 27.47 -43.48
CA LYS L 294 -96.46 28.42 -42.53
CA GLY L 295 -96.31 27.32 -38.87
CA GLU L 296 -96.66 23.57 -39.44
CA TYR L 297 -94.22 23.51 -42.36
CA PHE L 298 -91.66 25.67 -40.51
CA ALA L 299 -91.69 23.25 -37.55
CA PHE L 300 -91.27 20.28 -39.91
CA LEU L 301 -88.29 21.87 -41.67
CA GLU L 302 -86.76 22.76 -38.32
CA THR L 303 -87.05 19.16 -37.04
CA TYR L 304 -86.23 17.15 -40.20
CA GLY L 305 -83.94 19.58 -42.03
CA THR L 306 -84.47 21.90 -45.00
CA HIS L 307 -82.42 19.63 -47.25
CA TYR L 308 -80.76 16.23 -46.93
CA SER L 309 -77.19 15.06 -47.43
CA SER L 310 -77.28 13.65 -50.95
CA SER L 311 -73.63 12.68 -50.79
CA GLY L 312 -70.50 13.81 -48.97
CA SER L 313 -67.31 12.79 -47.26
CA LEU L 314 -66.51 11.79 -43.70
CA GLY L 315 -63.20 12.90 -42.23
CA GLY L 316 -61.71 15.46 -39.85
CA LEU L 317 -59.87 18.78 -39.96
CA TYR L 318 -56.82 20.25 -38.28
CA GLU L 319 -56.60 24.07 -38.59
CA LEU L 320 -54.92 27.09 -37.03
CA ILE L 321 -54.46 30.70 -38.20
CA TYR L 322 -52.06 33.25 -36.72
CA VAL L 323 -52.35 37.00 -37.05
CA LEU L 324 -50.11 39.95 -36.22
CA ASP L 325 -50.64 43.62 -37.03
CA LYS L 326 -48.02 46.02 -35.62
CA ALA L 327 -47.97 49.82 -35.88
CA SER L 328 -45.87 52.62 -34.38
CA MET L 329 -45.16 56.32 -34.99
CA LYS L 330 -42.33 58.50 -33.64
CA ARG L 331 -42.19 62.31 -33.88
CA LYS L 332 -39.97 64.97 -32.30
CA GLY L 333 -39.50 68.69 -32.98
CA VAL L 334 -37.42 71.44 -31.38
CA GLU L 335 -37.34 75.24 -31.81
CA LEU L 336 -34.41 77.36 -30.61
CA LYS L 337 -34.05 81.15 -30.80
CA ASP L 338 -31.46 83.58 -29.44
CA ILE L 339 -31.40 87.38 -29.96
CA LYS L 340 -29.13 90.06 -28.54
CA ARG L 341 -28.59 93.83 -28.72
CA CYS L 342 -25.70 95.82 -27.32
CA LEU L 343 -24.96 99.52 -27.77
CA GLY L 344 -22.43 101.96 -26.32
CA TYR L 345 -22.54 105.74 -26.28
CA HIS L 346 -19.76 108.20 -25.36
CA LEU L 347 -18.92 111.89 -25.63
CA ASP L 348 -16.13 114.06 -24.22
CA VAL L 349 -15.84 117.87 -24.41
CA SER L 350 -13.24 120.30 -23.05
CA LEU L 351 -12.84 124.08 -23.23
CA ALA L 352 -9.75 126.07 -22.26
CA PHE L 353 -9.92 129.87 -22.22
CA SER L 354 -6.78 131.70 -21.03
CA GLU L 355 -5.75 130.26 -17.62
CA ILE L 356 -9.15 128.62 -16.83
CA SER L 357 -10.48 125.30 -18.09
CA VAL L 358 -13.61 123.16 -17.81
CA GLY L 359 -14.30 119.63 -19.12
CA ALA L 360 -17.15 117.15 -19.04
CA GLU L 361 -17.89 113.68 -20.39
CA PHE L 362 -20.73 111.16 -20.46
CA ASN L 363 -20.78 107.41 -21.08
CA LYS L 364 -23.67 104.94 -21.31
CA ASP L 365 -23.85 101.20 -21.98
CA ASP L 366 -27.07 99.23 -22.59
CA CYS L 367 -27.41 95.51 -23.39
CA VAL L 368 -30.26 92.97 -23.54
CA LYS L 369 -30.22 89.28 -24.46
CA ARG L 370 -33.23 86.99 -24.76
CA GLY L 371 -33.12 83.21 -25.34
CA GLU L 372 -36.09 80.94 -25.98
CA GLY L 373 -36.31 77.14 -26.31
CA ARG L 374 -39.25 74.82 -26.91
CA ALA L 375 -39.33 71.05 -27.52
CA VAL L 376 -42.08 68.48 -28.13
CA ASN L 377 -41.72 64.69 -28.41
CA ILE L 378 -44.43 62.06 -28.86
CA THR L 379 -44.34 58.29 -29.43
CA SER L 380 -47.11 55.71 -29.72
CA GLU L 381 -47.18 51.98 -30.45
CA ASN L 382 -50.02 49.48 -30.70
CA LEU L 383 -50.45 45.87 -31.79
CA ILE L 384 -52.88 42.96 -31.93
CA ASP L 385 -52.09 39.26 -31.66
CA ASP L 386 -55.00 36.99 -32.49
CA VAL L 387 -54.62 33.25 -32.66
CA VAL L 388 -57.60 31.14 -33.52
CA SER L 389 -57.63 27.41 -33.86
CA LEU L 390 -60.09 24.57 -34.04
CA ILE L 391 -60.17 20.89 -34.93
CA ARG L 392 -62.93 18.38 -35.62
CA GLY L 393 -63.26 14.62 -35.71
CA GLY L 394 -62.38 11.78 -33.31
CA THR L 395 -62.69 11.53 -29.55
CA ARG L 396 -62.04 14.18 -26.91
CA LYS L 397 -58.77 12.94 -25.39
CA TYR L 398 -56.61 13.27 -28.49
CA ALA L 399 -58.25 16.54 -29.48
CA PHE L 400 -57.57 17.96 -26.00
CA GLU L 401 -53.94 16.86 -26.09
CA LEU L 402 -53.39 18.57 -29.45
CA LYS L 403 -55.20 21.68 -28.19
CA GLU L 404 -52.95 22.03 -25.15
CA LYS L 405 -49.77 21.54 -27.16
CA LEU L 406 -50.85 24.21 -29.63
CA LEU L 407 -50.83 26.78 -26.86
CA ARG L 408 -47.04 26.76 -27.26
CA GLY L 409 -47.47 25.44 -30.81
CA THR L 410 -47.32 21.70 -31.51
CA VAL L 411 -43.95 20.96 -33.07
CA ILE L 412 -43.13 17.77 -31.20
CA ASP L 413 -45.13 14.71 -30.14
CA VAL L 414 -45.83 13.66 -33.73
CA THR L 415 -47.24 10.35 -32.40
CA ASP L 416 -50.22 12.31 -30.97
CA PHE L 417 -51.52 12.86 -34.48
CA VAL L 418 -51.51 9.12 -35.25
CA ASN L 419 -53.75 8.57 -32.19
CA TRP L 420 -56.04 11.33 -33.40
CA ALA L 421 -56.21 9.68 -36.82
CA SER L 422 -57.32 6.39 -35.29
CA SER L 423 -60.05 8.05 -33.19
CA ILE L 424 -61.34 9.86 -36.33
CA ASN L 425 -62.06 6.44 -37.86
CA ASP L 426 -64.05 5.43 -34.79
CA ALA L 427 -66.09 8.63 -34.55
CA PRO L 428 -66.60 10.24 -38.01
CA VAL L 429 -67.76 13.83 -38.51
CA LEU L 430 -69.27 15.31 -41.69
CA ILE L 431 -66.87 17.34 -43.83
CA SER L 432 -68.20 17.87 -47.36
CA GLN L 433 -71.76 17.37 -48.47
CA LYS L 434 -74.14 17.83 -51.37
CA LEU L 435 -77.55 19.28 -50.61
CA SER L 436 -80.94 18.81 -52.26
CA PRO L 437 -84.28 19.89 -50.70
CA ILE L 438 -85.97 17.34 -48.41
CA TYR L 439 -89.41 17.71 -50.04
CA ASN L 440 -88.16 16.04 -53.26
CA LEU L 441 -87.91 12.76 -51.30
CA VAL L 442 -91.68 12.47 -50.63
CA PRO L 443 -93.40 9.80 -52.75
CA VAL L 444 -95.82 11.62 -55.03
CA LYS L 445 -98.01 8.57 -55.52
CA MET L 446 -99.96 8.56 -52.25
CA LYS L 447 -102.83 11.05 -51.86
CA ASN L 448 -102.14 14.71 -51.06
CA ALA L 449 -98.35 14.11 -51.39
CA HIS L 450 -98.16 16.61 -54.23
CA LEU L 451 -100.09 19.23 -52.22
CA LYS L 452 -97.76 18.86 -49.23
CA LYS L 453 -94.73 19.06 -51.53
CA GLN L 454 -95.94 22.36 -53.02
CA ASN L 455 -96.63 23.70 -49.51
CA LEU L 456 -93.07 22.73 -48.46
CA GLU L 457 -91.58 24.55 -51.50
CA ARG L 458 -93.31 27.75 -50.49
CA ALA L 459 -92.40 27.21 -46.85
CA ILE L 460 -88.64 26.96 -47.41
CA GLU L 461 -88.61 30.33 -49.17
CA ASP L 462 -90.57 32.08 -46.44
CA TYR L 463 -88.56 30.46 -43.65
CA ILE L 464 -85.32 31.83 -45.15
CA ASN L 465 -86.75 35.34 -44.96
CA GLU L 466 -87.71 34.91 -41.25
CA PHE L 467 -84.16 33.81 -40.51
CA SER L 468 -82.59 36.54 -42.69
CA VAL L 469 -79.92 38.87 -41.33
CA ARG L 470 -80.43 41.23 -44.28
CA LYS L 471 -83.38 42.79 -42.44
CA CYS L 472 -81.30 43.40 -39.31
CA HIS L 473 -79.13 46.46 -38.58
CA THR L 474 -75.43 46.13 -39.45
CA CYS L 475 -73.02 47.48 -36.84
CA GLN L 476 -70.44 50.15 -37.50
CA ASN L 477 -66.88 49.59 -38.72
CA GLY L 478 -67.72 46.54 -40.83
CA GLY L 479 -69.61 44.59 -38.15
CA THR L 480 -71.79 41.72 -39.39
CA VAL L 481 -75.18 41.08 -37.86
CA ILE L 482 -76.37 37.60 -36.90
CA LEU L 483 -79.99 36.65 -36.11
CA MET L 484 -80.62 34.46 -33.11
CA ASP L 485 -84.25 33.66 -32.63
CA GLY L 486 -85.67 37.15 -32.94
CA LYS L 487 -82.75 39.07 -31.45
CA CYS L 488 -79.92 40.31 -33.62
CA LEU L 489 -76.42 40.56 -32.18
CA CYS L 490 -73.55 42.03 -34.14
CA ALA L 491 -70.40 40.01 -34.63
CA CYS L 492 -67.45 42.40 -34.73
CA PRO L 493 -63.64 41.72 -34.59
CA PHE L 494 -61.69 41.18 -31.33
CA LYS L 495 -60.10 44.61 -31.81
CA PHE L 496 -63.42 46.49 -31.77
CA GLU L 497 -66.61 45.01 -30.31
CA GLY L 498 -70.14 46.14 -29.47
CA ILE L 499 -73.82 46.05 -30.13
CA ALA L 500 -72.78 49.15 -32.13
CA CYS L 501 -68.93 48.35 -31.89
CA GLU L 502 -67.46 51.43 -30.09
CA ILE L 503 -65.61 49.35 -27.46
CA SER L 504 -62.03 48.33 -28.17
CA LYS L 505 -58.95 46.66 -26.67
CA GLN L 506 -57.01 49.41 -28.45
CA SER M 1 -74.55 43.17 -53.08
CA HIS M 2 -75.91 39.61 -52.86
CA ILE M 3 -77.00 37.73 -55.94
CA ASP M 4 -79.01 34.67 -54.97
CA CYS M 5 -79.28 31.52 -57.07
CA ARG M 6 -82.56 31.34 -58.98
CA MET M 7 -83.82 28.67 -61.34
CA SER M 8 -86.14 28.84 -64.33
CA PRO M 9 -89.97 28.69 -63.99
CA TRP M 10 -91.56 25.25 -64.21
CA SER M 11 -91.55 23.19 -67.38
CA GLU M 12 -94.93 21.71 -68.29
CA TRP M 13 -95.67 18.09 -67.27
CA SER M 14 -94.35 15.31 -69.48
CA GLN M 15 -96.57 12.52 -70.79
CA CYS M 16 -97.48 9.85 -68.23
CA ASP M 17 -94.53 7.49 -67.95
CA PRO M 18 -95.29 3.78 -68.22
CA CYS M 19 -92.08 2.86 -66.37
CA LEU M 20 -92.62 5.18 -63.39
CA ARG M 21 -96.35 6.07 -63.61
CA GLN M 22 -95.58 9.74 -63.05
CA MET M 23 -95.08 12.94 -64.98
CA PHE M 24 -91.98 15.06 -64.58
CA ARG M 25 -90.83 18.63 -65.02
CA SER M 26 -87.50 20.35 -64.52
CA ARG M 27 -85.75 23.70 -64.25
CA SER M 28 -82.41 25.18 -65.31
CA ILE M 29 -80.22 27.76 -63.49
CA GLU M 30 -80.97 31.31 -64.60
CA VAL M 31 -78.96 33.03 -61.90
CA PHE M 32 -76.18 31.69 -59.70
CA GLY M 33 -75.31 32.64 -56.12
CA GLN M 34 -72.52 35.21 -55.92
CA PHE M 35 -71.22 37.89 -53.53
CA ASN M 36 -72.24 36.01 -50.38
CA GLY M 37 -75.44 34.80 -52.09
CA LYS M 38 -77.24 31.53 -51.40
CA ARG M 39 -77.17 28.31 -53.40
CA CYS M 40 -80.19 26.88 -55.21
CA THR M 41 -82.78 25.89 -52.64
CA ASP M 42 -85.04 25.37 -55.68
CA ALA M 43 -86.86 22.06 -56.24
CA VAL M 44 -85.03 21.48 -59.58
CA GLY M 45 -87.62 18.88 -60.58
CA ASP M 46 -91.12 17.96 -59.47
CA ARG M 47 -93.02 14.73 -60.04
CA ARG M 48 -96.79 14.24 -60.20
CA GLN M 49 -98.58 10.91 -59.79
CA CYS M 50 -100.12 9.38 -62.93
CA VAL M 51 -101.16 6.07 -64.51
CA PRO M 52 -99.13 3.88 -66.96
CA THR M 53 -99.72 4.18 -70.72
CA GLU M 54 -98.39 0.68 -71.44
CA PRO M 55 -96.67 -2.13 -69.54
CA CYS M 56 -93.03 -1.01 -69.55
CA GLU M 57 -89.95 -2.53 -67.94
CA CYS M 63 -84.91 -14.26 -70.42
CA GLY M 64 -87.17 -16.61 -72.40
CA ASN M 65 -86.72 -20.34 -71.78
CA ASP M 66 -83.41 -19.82 -69.95
CA PHE M 67 -83.06 -19.63 -66.15
CA GLN M 68 -84.29 -16.34 -64.76
CA CYS M 69 -83.25 -15.15 -61.31
CA SER M 70 -85.47 -13.04 -59.04
CA THR M 71 -83.01 -10.17 -59.61
CA GLY M 72 -83.74 -10.26 -63.37
CA ARG M 73 -80.44 -11.97 -64.19
CA CYS M 74 -80.79 -14.22 -67.21
CA ILE M 75 -78.31 -17.07 -67.47
CA LYS M 76 -78.30 -20.40 -69.27
CA MET M 77 -78.74 -23.57 -67.21
CA ARG M 78 -75.14 -24.78 -67.66
CA LEU M 79 -73.92 -21.74 -65.64
CA ARG M 80 -75.78 -23.15 -62.64
CA CYS M 81 -74.39 -25.91 -60.43
CA ASN M 82 -70.75 -25.01 -60.06
CA GLY M 83 -70.81 -22.77 -56.96
CA ASP M 84 -70.30 -19.64 -59.05
CA ASN M 85 -72.41 -16.55 -58.45
CA ASP M 86 -74.03 -15.99 -61.84
CA CYS M 87 -77.12 -14.41 -60.26
CA GLY M 88 -77.61 -11.20 -58.29
CA ASP M 89 -79.17 -13.13 -55.41
CA PHE M 90 -77.25 -16.42 -55.85
CA SER M 91 -80.44 -18.21 -57.02
CA ASP M 92 -78.44 -20.26 -59.49
CA GLU M 93 -76.80 -22.06 -56.58
CA ASP M 94 -80.01 -22.25 -54.53
CA ASP M 95 -82.10 -25.41 -54.94
CA CYS M 96 -79.81 -26.31 -57.84
CA GLU M 97 -80.53 -29.08 -60.37
CA SER M 98 -77.26 -30.89 -59.62
CA GLU M 99 -74.41 -30.63 -57.13
CA PRO M 100 -71.72 -28.05 -57.76
CA ARG M 101 -69.03 -29.32 -60.15
CA PRO M 102 -65.60 -27.61 -59.68
CA PRO M 103 -65.30 -24.34 -61.71
CA CYS M 104 -61.56 -24.97 -61.72
CA ARG M 105 -60.78 -28.70 -61.84
CA ASP M 106 -57.03 -28.20 -61.35
CA ARG M 107 -57.12 -26.24 -58.09
CA VAL M 108 -59.33 -23.91 -56.12
CA VAL M 109 -58.64 -20.47 -57.57
CA GLU M 110 -59.25 -17.48 -55.30
CA GLU M 111 -61.05 -14.47 -56.75
CA SER M 112 -59.32 -11.21 -57.57
CA GLU M 113 -59.64 -9.04 -54.49
CA LEU M 114 -61.07 -5.59 -55.10
CA ALA M 115 -62.64 -6.98 -58.32
CA ARG M 116 -65.78 -4.94 -57.60
CA THR M 117 -63.69 -1.85 -56.89
CA ALA M 118 -61.99 -2.04 -60.31
CA GLY M 119 -65.34 -2.01 -62.14
CA TYR M 120 -66.61 1.30 -60.61
CA GLY M 121 -68.58 3.89 -62.57
CA ILE M 122 -67.38 7.51 -62.52
CA ASN M 123 -69.11 10.90 -62.45
CA ILE M 124 -66.86 13.08 -64.57
CA LEU M 125 -68.23 16.32 -63.10
CA GLY M 126 -66.27 15.63 -59.89
CA MET M 127 -64.06 12.83 -61.25
CA ASP M 128 -65.09 10.59 -58.34
CA PRO M 129 -66.06 6.90 -58.57
CA LEU M 130 -69.56 5.54 -57.89
CA SER M 131 -70.81 1.93 -57.77
CA THR M 132 -69.78 -0.48 -60.55
CA PRO M 133 -72.11 -1.00 -63.56
CA PHE M 134 -70.44 -4.40 -64.14
CA ASP M 135 -71.01 -7.57 -62.15
CA ASN M 136 -67.54 -8.45 -60.86
CA GLU M 137 -68.51 -11.74 -59.25
CA PHE M 138 -69.90 -13.00 -62.57
CA TYR M 139 -67.49 -15.52 -64.06
CA ASN M 140 -69.95 -16.67 -66.78
CA GLY M 141 -69.70 -20.25 -65.44
CA LEU M 142 -66.12 -20.38 -66.71
CA CYS M 143 -62.94 -20.05 -64.70
CA ASN M 144 -60.55 -17.60 -66.30
CA ARG M 145 -57.55 -16.54 -64.25
CA ASP M 146 -54.75 -13.99 -64.19
CA ARG M 147 -51.45 -14.89 -62.51
CA ASP M 148 -49.89 -12.58 -59.90
CA GLY M 149 -46.07 -12.44 -59.96
CA ASN M 150 -45.84 -10.49 -56.68
CA THR M 151 -47.59 -13.27 -54.76
CA LEU M 152 -47.33 -16.47 -56.77
CA THR M 153 -50.89 -17.67 -57.10
CA TYR M 154 -53.61 -17.18 -59.69
CA TYR M 155 -56.59 -14.93 -59.10
CA ARG M 156 -59.81 -15.68 -60.94
CA ARG M 157 -60.93 -12.93 -63.28
CA PRO M 158 -64.65 -12.11 -63.88
CA TRP M 159 -65.87 -12.42 -67.48
CA ASN M 160 -67.19 -8.83 -67.37
CA VAL M 161 -63.56 -7.83 -66.81
CA ALA M 162 -61.19 -7.85 -69.79
CA SER M 163 -57.90 -8.00 -67.75
CA LEU M 164 -57.18 -7.54 -64.02
CA ILE M 165 -53.58 -8.58 -64.09
CA TYR M 166 -51.61 -7.50 -61.06
CA GLU M 167 -48.73 -5.68 -62.63
CA THR M 168 -45.08 -6.11 -61.86
CA LYS M 169 -44.98 -2.89 -59.84
CA GLY M 170 -44.71 0.44 -61.63
CA GLU M 171 -42.86 1.73 -58.57
CA LYS M 172 -40.66 4.81 -58.95
CA ASN M 173 -41.97 7.45 -61.25
CA PHE M 174 -39.90 9.89 -59.30
CA ARG M 175 -38.96 13.38 -60.34
CA THR M 176 -37.90 16.51 -58.60
CA GLU M 177 -37.41 19.84 -60.26
CA HIS M 178 -35.50 22.67 -58.72
CA TYR M 179 -35.88 26.21 -59.96
CA GLU M 180 -34.03 29.20 -58.64
CA GLU M 181 -33.98 32.81 -59.87
CA GLN M 182 -31.97 35.80 -58.61
CA ILE M 183 -32.20 39.40 -59.87
CA GLU M 184 -30.50 42.29 -58.05
CA ALA M 185 -29.89 45.82 -59.30
CA PHE M 186 -28.29 49.04 -58.05
CA LYS M 187 -28.36 52.65 -59.24
CA SER M 188 -26.68 55.59 -57.52
CA ILE M 189 -26.18 59.18 -58.67
CA ILE M 190 -24.55 62.28 -57.17
CA GLN M 191 -24.40 65.89 -58.36
CA GLU M 192 -22.75 69.00 -56.91
CA LYS M 193 -22.32 72.61 -57.97
CA THR M 194 -20.62 75.52 -56.25
CA SER M 195 -20.02 79.15 -57.21
CA ASN M 196 -17.75 81.62 -55.43
CA PHE M 197 -17.65 85.35 -56.15
CA ASN M 198 -15.80 88.35 -54.73
CA ALA M 199 -15.76 91.98 -55.87
CA ALA M 200 -14.15 95.07 -54.43
CA ILE M 201 -13.78 98.73 -55.36
CA SER M 202 -11.74 101.47 -53.68
CA LEU M 203 -11.01 105.13 -54.39
CA LYS M 204 -8.79 107.80 -52.85
CA PHE M 205 -8.62 111.53 -53.54
CA THR M 206 -6.35 114.21 -52.03
CA PRO M 207 -6.69 117.88 -53.15
CA GLY M 228 -8.41 117.70 -48.07
CA LYS M 229 -8.41 113.93 -48.16
CA GLY M 230 -11.20 111.46 -48.92
CA SER M 231 -11.29 107.71 -49.36
CA PHE M 232 -13.85 104.99 -50.03
CA ARG M 233 -13.64 101.20 -49.75
CA PHE M 234 -16.26 98.55 -50.51
CA SER M 235 -16.12 94.75 -50.63
CA TYR M 236 -18.83 92.24 -51.52
CA SER M 237 -18.81 88.43 -51.61
CA LYS M 238 -21.20 85.58 -52.36
CA ASN M 239 -20.95 81.81 -52.23
CA GLU M 240 -23.34 78.95 -52.93
CA THR M 241 -23.01 75.18 -52.59
CA TYR M 242 -25.76 72.77 -53.64
CA GLN M 243 -25.64 68.96 -53.51
CA LEU M 244 -28.00 66.16 -54.51
CA PHE M 245 -27.36 62.50 -53.73
CA LEU M 246 -29.66 59.53 -54.37
CA SER M 247 -29.28 55.76 -54.15
CA TYR M 248 -31.65 52.97 -55.14
CA SER M 249 -31.56 49.16 -54.88
CA SER M 250 -34.07 46.44 -55.71
CA LYS M 251 -34.22 42.66 -55.42
CA LYS M 252 -36.51 40.01 -56.89
CA GLU M 253 -35.71 36.37 -56.15
CA LYS M 254 -37.78 33.21 -56.43
CA MET M 255 -37.44 29.53 -55.69
CA PHE M 256 -39.72 26.75 -56.80
CA LEU M 257 -39.64 23.08 -55.97
CA HIS M 258 -41.58 20.14 -57.23
CA VAL M 259 -41.31 16.69 -55.74
CA LYS M 260 -43.36 13.72 -56.91
CA GLY M 261 -43.15 9.93 -56.86
CA GLU M 262 -45.84 7.62 -58.25
CA ILE M 263 -46.31 3.87 -57.74
CA HIS M 264 -48.65 1.64 -59.77
CA LEU M 265 -49.78 -1.50 -57.94
CA GLY M 266 -52.05 -3.05 -60.61
CA ARG M 267 -53.70 -2.69 -64.01
CA PHE M 268 -57.36 -3.27 -64.80
CA VAL M 269 -59.17 -3.37 -68.12
CA MET M 270 -62.95 -3.66 -68.25
CA ARG M 271 -64.99 -5.08 -71.12
CA ASN M 272 -66.10 -2.67 -73.87
CA ARG M 273 -68.00 -5.53 -75.52
CA ASP M 274 -71.51 -6.74 -74.68
CA VAL M 275 -71.28 -8.46 -71.30
CA VAL M 276 -73.36 -8.99 -68.16
CA LEU M 277 -73.95 -6.07 -65.79
CA THR M 278 -74.94 -5.89 -62.12
CA THR M 279 -78.65 -6.39 -61.43
CA THR M 280 -79.24 -3.12 -59.55
CA PHE M 281 -77.95 -1.03 -62.45
CA VAL M 282 -80.07 -3.01 -64.97
CA ASP M 283 -83.21 -2.63 -62.84
CA ASP M 284 -82.80 1.15 -62.59
CA ILE M 285 -82.04 1.34 -66.35
CA LYS M 286 -85.35 -0.42 -67.06
CA ALA M 287 -87.14 1.93 -64.63
CA LEU M 288 -86.11 5.06 -66.62
CA PRO M 289 -88.74 7.00 -68.69
CA THR M 290 -89.56 6.29 -72.35
CA THR M 291 -89.50 10.05 -73.04
CA TYR M 292 -86.81 12.66 -72.40
CA GLU M 293 -87.36 14.73 -69.27
CA LYS M 294 -84.17 16.02 -67.67
CA GLY M 295 -84.87 15.46 -63.95
CA GLU M 296 -84.97 11.66 -64.03
CA TYR M 297 -81.91 11.35 -66.24
CA PHE M 298 -79.92 13.89 -64.20
CA ALA M 299 -80.60 11.92 -61.00
CA PHE M 300 -79.53 8.67 -62.72
CA LEU M 301 -76.27 10.19 -63.96
CA GLU M 302 -75.60 11.63 -60.51
CA THR M 303 -76.09 8.24 -58.80
CA TYR M 304 -74.49 5.86 -61.34
CA GLY M 305 -71.90 8.15 -62.95
CA THR M 306 -71.76 10.00 -66.27
CA HIS M 307 -69.16 7.57 -67.61
CA TYR M 308 -67.53 4.36 -66.40
CA SER M 309 -63.91 3.36 -65.86
CA SER M 310 -63.12 1.47 -69.06
CA SER M 311 -59.58 0.76 -67.91
CA GLY M 312 -57.02 2.34 -65.59
CA SER M 313 -54.30 1.77 -63.05
CA LEU M 314 -54.36 1.32 -59.29
CA GLY M 315 -51.53 2.85 -57.28
CA GLY M 316 -50.73 5.80 -55.02
CA LEU M 317 -49.01 9.18 -55.21
CA TYR M 318 -46.50 11.07 -53.10
CA GLU M 319 -46.32 14.80 -53.92
CA LEU M 320 -45.15 18.11 -52.48
CA ILE M 321 -44.53 21.55 -54.05
CA TYR M 322 -42.63 24.43 -52.44
CA VAL M 323 -42.94 28.07 -53.40
CA LEU M 324 -41.05 31.24 -52.52
CA ASP M 325 -41.48 34.73 -53.98
CA LYS M 326 -39.32 37.45 -52.37
CA ALA M 327 -39.33 41.18 -53.18
CA SER M 328 -37.73 44.29 -51.67
CA MET M 329 -37.00 47.91 -52.65
CA LYS M 330 -34.64 50.42 -51.02
CA ARG M 331 -34.54 54.16 -51.80
CA LYS M 332 -32.84 57.15 -50.16
CA GLY M 333 -32.34 60.76 -51.26
CA VAL M 334 -30.79 63.85 -49.65
CA GLU M 335 -30.71 67.54 -50.62
CA LEU M 336 -28.22 69.99 -49.10
CA LYS M 337 -27.93 73.73 -49.76
CA ASP M 338 -25.81 76.48 -48.23
CA ILE M 339 -25.74 80.17 -49.29
CA LYS M 340 -23.95 83.17 -47.79
CA ARG M 341 -23.49 86.89 -48.42
CA CYS M 342 -21.08 89.24 -46.69
CA LEU M 343 -20.37 92.89 -47.51
CA GLY M 344 -18.31 95.65 -45.89
CA TYR M 345 -18.54 99.39 -46.44
CA HIS M 346 -16.13 102.12 -45.29
CA LEU M 347 -15.37 105.79 -45.90
CA ASP M 348 -13.06 108.30 -44.23
CA VAL M 349 -12.84 112.07 -44.92
CA SER M 350 -10.70 114.81 -43.36
CA LEU M 351 -10.38 118.55 -44.03
CA ALA M 352 -7.67 120.85 -42.66
CA PHE M 353 -7.96 124.60 -43.24
CA SER M 354 -5.25 126.78 -41.64
CA GLU M 355 -5.03 125.89 -37.91
CA ILE M 356 -8.47 124.17 -37.68
CA SER M 357 -9.36 120.62 -38.71
CA VAL M 358 -12.41 118.34 -38.86
CA GLY M 359 -12.66 114.63 -39.73
CA ALA M 360 -15.38 112.01 -39.96
CA GLU M 361 -15.68 108.35 -40.90
CA PHE M 362 -18.34 105.67 -41.25
CA ASN M 363 -18.13 101.88 -41.30
CA LYS M 364 -20.82 99.22 -41.81
CA ASP M 365 -20.72 95.42 -41.94
CA ASP M 366 -23.64 93.18 -42.98
CA CYS M 367 -23.68 89.38 -43.27
CA VAL M 368 -26.33 86.67 -43.70
CA LYS M 369 -25.96 82.89 -44.01
CA ARG M 370 -28.75 80.39 -44.67
CA GLY M 371 -28.40 76.58 -44.62
CA GLU M 372 -31.06 74.06 -45.59
CA GLY M 373 -31.08 70.24 -45.38
CA ARG M 374 -33.73 67.69 -46.30
CA ALA M 375 -33.56 63.88 -46.33
CA VAL M 376 -36.01 61.08 -47.18
CA ASN M 377 -35.48 57.31 -46.78
CA ILE M 378 -37.93 54.47 -47.45
CA THR M 379 -37.59 50.67 -47.42
CA SER M 380 -40.14 47.91 -47.96
CA GLU M 381 -39.93 44.13 -48.10
CA ASN M 382 -42.55 41.43 -48.64
CA LEU M 383 -42.61 37.69 -49.24
CA ILE M 384 -44.84 34.63 -49.51
CA ASP M 385 -44.04 31.07 -48.50
CA ASP M 386 -46.60 28.52 -49.64
CA VAL M 387 -46.09 24.83 -49.14
CA VAL M 388 -48.69 22.43 -50.35
CA SER M 389 -48.55 18.70 -50.12
CA LEU M 390 -50.82 15.71 -50.43
CA ILE M 391 -50.56 11.94 -50.76
CA ARG M 392 -53.02 9.20 -51.69
CA GLY M 393 -53.21 5.45 -51.29
CA GLY M 394 -52.84 3.03 -48.35
CA THR M 395 -54.05 3.29 -44.77
CA ARG M 396 -54.12 6.32 -42.48
CA LYS M 397 -51.28 5.51 -40.07
CA TYR M 398 -48.45 5.55 -42.60
CA ALA M 399 -49.90 8.53 -44.42
CA PHE M 400 -50.12 10.46 -41.13
CA GLU M 401 -46.54 9.59 -40.20
CA LEU M 402 -45.25 10.85 -43.56
CA LYS M 403 -47.40 13.99 -43.25
CA GLU M 404 -45.95 14.90 -39.85
CA LYS M 405 -42.38 14.34 -40.96
CA LEU M 406 -42.89 16.56 -43.99
CA LEU M 407 -43.62 19.49 -41.71
CA ARG M 408 -39.85 19.66 -41.22
CA GLY M 409 -39.37 17.82 -44.53
CA THR M 410 -38.95 14.04 -44.60
CA VAL M 411 -35.29 13.31 -45.20
CA ILE M 412 -34.84 10.46 -42.72
CA ASP M 413 -36.95 7.46 -41.71
CA VAL M 414 -36.75 5.88 -45.16
CA THR M 415 -38.33 2.71 -43.72
CA ASP M 416 -41.63 4.65 -43.34
CA PHE M 417 -42.06 4.63 -47.10
CA VAL M 418 -41.77 0.82 -47.28
CA ASN M 419 -44.66 0.57 -44.76
CA TRP M 420 -46.67 2.98 -46.89
CA ALA M 421 -45.96 0.86 -49.96
CA SER M 422 -47.31 -2.25 -48.26
CA SER M 423 -50.51 -0.49 -47.13
CA ILE M 424 -51.06 0.78 -50.71
CA ASN M 425 -51.29 -2.86 -51.85
CA ASP M 426 -53.94 -3.55 -49.20
CA ALA M 427 -56.06 -0.48 -49.94
CA PRO M 428 -55.77 0.59 -53.60
CA VAL M 429 -56.88 3.99 -54.91
CA LEU M 430 -57.62 4.92 -58.53
CA ILE M 431 -54.84 6.77 -60.34
CA SER M 432 -55.28 6.72 -64.12
CA GLN M 433 -58.47 5.85 -65.94
CA LYS M 434 -60.10 5.74 -69.35
CA LEU M 435 -63.62 7.06 -69.63
CA SER M 436 -66.49 6.15 -71.93
CA PRO M 437 -70.15 7.23 -71.40
CA ILE M 438 -72.26 4.93 -69.20
CA TYR M 439 -75.21 4.84 -71.63
CA ASN M 440 -73.19 2.82 -74.18
CA LEU M 441 -73.32 -0.13 -71.75
CA VAL M 442 -77.13 -0.56 -71.93
CA PRO M 443 -78.21 -3.61 -73.97
CA VAL M 444 -80.07 -2.28 -77.01
CA LYS M 445 -81.98 -5.50 -77.52
CA MET M 446 -84.67 -5.18 -74.84
CA LYS M 447 -87.62 -2.85 -75.51
CA ASN M 448 -87.24 0.92 -75.13
CA ALA M 449 -83.47 0.53 -74.48
CA HIS M 450 -82.67 2.62 -77.53
CA LEU M 451 -85.10 5.36 -76.45
CA LYS M 452 -83.55 5.56 -72.97
CA LYS M 453 -80.07 5.63 -74.51
CA GLN M 454 -80.98 8.61 -76.71
CA ASN M 455 -82.52 10.37 -73.71
CA LEU M 456 -79.30 9.79 -71.72
CA GLU M 457 -77.17 11.25 -74.57
CA ARG M 458 -79.18 14.45 -74.49
CA ALA M 459 -79.16 14.49 -70.69
CA ILE M 460 -75.36 14.39 -70.32
CA GLU M 461 -75.01 17.48 -72.51
CA ASP M 462 -77.61 19.47 -70.61
CA TYR M 463 -76.30 18.39 -67.21
CA ILE M 464 -72.82 19.73 -68.11
CA ASN M 465 -74.36 23.15 -68.78
CA GLU M 466 -76.17 23.18 -65.38
CA PHE M 467 -72.87 22.41 -63.67
CA SER M 468 -70.91 24.91 -65.81
CA VAL M 469 -68.70 27.57 -64.24
CA ARG M 470 -68.56 29.46 -67.54
CA LYS M 471 -71.91 31.07 -66.70
CA CYS M 472 -70.66 32.24 -63.30
CA HIS M 473 -68.81 35.50 -62.54
CA THR M 474 -65.01 35.29 -62.47
CA CYS M 475 -63.33 37.14 -59.60
CA GLN M 476 -60.75 39.85 -60.04
CA ASN M 477 -56.98 39.36 -60.29
CA GLY M 478 -57.21 35.99 -62.06
CA GLY M 479 -59.63 34.32 -59.62
CA THR M 480 -61.36 31.18 -60.90
CA VAL M 481 -65.01 30.54 -60.13
CA ILE M 482 -66.29 27.16 -58.96
CA LEU M 483 -69.97 26.10 -58.90
CA MET M 484 -71.24 24.31 -55.84
CA ASP M 485 -74.85 23.36 -56.10
CA GLY M 486 -76.26 26.68 -57.26
CA LYS M 487 -73.83 28.97 -55.43
CA CYS M 488 -70.60 30.07 -57.04
CA LEU M 489 -67.56 30.74 -54.89
CA CYS M 490 -64.34 32.11 -56.30
CA ALA M 491 -61.11 30.24 -55.74
CA CYS M 492 -58.30 32.77 -55.51
CA PRO M 493 -54.61 32.35 -54.38
CA PHE M 494 -53.49 32.40 -50.72
CA LYS M 495 -51.93 35.83 -51.32
CA PHE M 496 -55.21 37.48 -52.34
CA GLU M 497 -58.62 36.02 -51.46
CA GLY M 498 -62.27 37.03 -51.66
CA ILE M 499 -65.69 36.61 -53.13
CA ALA M 500 -64.28 39.46 -55.27
CA CYS M 501 -60.58 38.95 -54.03
CA GLU M 502 -59.68 42.34 -52.42
CA ILE M 503 -58.46 40.78 -49.14
CA SER M 504 -54.78 39.89 -48.85
CA LYS M 505 -52.11 38.65 -46.43
CA GLN M 506 -49.87 41.23 -48.11
CA SER N 1 -60.80 30.52 -74.91
CA HIS N 2 -62.06 26.94 -74.48
CA ILE N 3 -62.33 24.59 -77.42
CA ASP N 4 -64.42 21.57 -76.49
CA CYS N 5 -64.10 18.15 -78.09
CA ARG N 6 -66.82 17.50 -80.67
CA MET N 7 -67.39 14.45 -82.83
CA SER N 8 -68.93 14.05 -86.26
CA PRO N 9 -72.71 13.70 -86.82
CA TRP N 10 -74.11 10.17 -86.87
CA SER N 11 -73.28 7.70 -89.60
CA GLU N 12 -76.30 5.89 -91.05
CA TRP N 13 -77.16 2.41 -89.70
CA SER N 14 -75.28 -0.56 -91.10
CA GLN N 15 -77.03 -3.64 -92.46
CA CYS N 16 -78.46 -5.97 -89.81
CA ASP N 17 -75.59 -8.08 -88.49
CA PRO N 18 -76.15 -11.84 -88.37
CA CYS N 19 -73.47 -12.28 -85.70
CA LEU N 20 -74.77 -9.60 -83.32
CA ARG N 21 -78.36 -8.99 -84.53
CA GLN N 22 -77.85 -5.24 -84.36
CA MET N 23 -76.99 -2.31 -86.58
CA PHE N 24 -74.14 0.03 -85.79
CA ARG N 25 -73.02 3.57 -86.49
CA SER N 26 -69.96 5.55 -85.49
CA ARG N 27 -68.43 9.01 -85.32
CA SER N 28 -64.96 10.54 -85.78
CA ILE N 29 -63.35 13.48 -83.91
CA GLU N 30 -63.91 16.78 -85.69
CA VAL N 31 -62.67 18.98 -82.88
CA PHE N 32 -60.46 18.15 -79.92
CA GLY N 33 -60.50 19.64 -76.42
CA GLN N 34 -57.92 22.38 -75.96
CA PHE N 35 -57.30 25.44 -73.78
CA ASN N 36 -59.00 23.97 -70.70
CA GLY N 37 -61.66 22.33 -72.91
CA LYS N 38 -63.47 19.08 -72.17
CA ARG N 39 -62.84 15.62 -73.60
CA CYS N 40 -65.29 13.77 -75.82
CA THR N 41 -68.39 12.98 -73.80
CA ASP N 42 -69.85 11.90 -77.18
CA ALA N 43 -71.37 8.43 -77.64
CA VAL N 44 -68.78 7.51 -80.33
CA GLY N 45 -70.98 4.64 -81.50
CA ASP N 46 -74.62 3.66 -81.12
CA ARG N 47 -76.24 0.28 -81.63
CA ARG N 48 -79.83 -0.48 -82.59
CA GLN N 49 -81.58 -3.82 -82.10
CA CYS N 50 -82.28 -5.87 -85.25
CA VAL N 51 -82.81 -9.42 -86.52
CA PRO N 52 -80.19 -11.80 -88.07
CA THR N 53 -79.88 -12.06 -91.86
CA GLU N 54 -78.30 -15.54 -91.71
CA PRO N 55 -77.01 -17.95 -89.06
CA CYS N 56 -73.51 -16.61 -88.39
CA GLU N 57 -70.86 -17.69 -85.90
CA CYS N 63 -65.05 -29.31 -85.32
CA GLY N 64 -66.69 -32.05 -87.41
CA ASN N 65 -66.31 -35.62 -86.15
CA ASP N 66 -63.54 -34.64 -83.69
CA PHE N 67 -64.13 -33.90 -79.99
CA GLN N 68 -65.75 -30.53 -79.44
CA CYS N 69 -65.60 -28.81 -76.06
CA SER N 70 -68.36 -26.56 -74.72
CA THR N 71 -65.92 -23.65 -75.12
CA GLY N 72 -65.72 -24.30 -78.88
CA ARG N 73 -62.28 -25.90 -78.65
CA CYS N 74 -61.83 -28.56 -81.30
CA ILE N 75 -59.27 -31.26 -80.53
CA LYS N 76 -58.74 -34.80 -81.76
CA MET N 77 -59.57 -37.67 -79.41
CA ARG N 78 -55.94 -38.70 -78.82
CA LEU N 79 -55.32 -35.34 -77.04
CA ARG N 80 -57.81 -36.44 -74.39
CA CYS N 81 -56.91 -38.76 -71.52
CA ASN N 82 -53.49 -37.59 -70.45
CA GLY N 83 -54.36 -34.95 -67.83
CA ASP N 84 -53.45 -32.11 -70.18
CA ASN N 85 -55.73 -29.11 -70.56
CA ASP N 86 -56.51 -29.13 -74.28
CA CYS N 87 -59.93 -27.55 -73.73
CA GLY N 88 -60.96 -24.14 -72.44
CA ASP N 89 -63.13 -25.73 -69.75
CA PHE N 90 -61.06 -28.93 -69.22
CA SER N 91 -63.83 -31.06 -70.82
CA ASP N 92 -61.23 -33.31 -72.42
CA GLU N 93 -60.28 -34.57 -68.96
CA ASP N 94 -63.89 -34.68 -67.72
CA ASP N 95 -65.73 -37.99 -68.13
CA CYS N 96 -62.78 -39.14 -70.23
CA GLU N 97 -62.78 -42.28 -72.42
CA SER N 98 -59.75 -43.75 -70.66
CA GLU N 99 -57.59 -42.97 -67.65
CA PRO N 100 -54.90 -40.33 -68.00
CA ARG N 101 -51.68 -41.75 -69.49
CA PRO N 102 -48.53 -39.78 -68.48
CA PRO N 103 -47.83 -36.81 -70.86
CA CYS N 104 -44.17 -37.21 -69.91
CA ARG N 105 -43.30 -40.85 -69.27
CA ASP N 106 -39.79 -40.05 -68.00
CA ARG N 107 -40.71 -37.67 -65.19
CA VAL N 108 -43.40 -35.23 -64.16
CA VAL N 109 -42.47 -31.99 -65.92
CA GLU N 110 -43.69 -28.76 -64.33
CA GLU N 111 -45.18 -26.10 -66.60
CA SER N 112 -43.39 -22.88 -67.46
CA GLU N 113 -44.51 -20.32 -64.92
CA LEU N 114 -45.85 -17.09 -66.35
CA ALA N 115 -46.56 -19.01 -69.60
CA ARG N 116 -49.83 -17.10 -69.96
CA THR N 117 -48.07 -13.81 -69.25
CA ALA N 118 -45.59 -14.37 -72.11
CA GLY N 119 -48.40 -14.81 -74.65
CA TYR N 120 -50.09 -11.41 -73.98
CA GLY N 121 -51.60 -9.24 -76.71
CA ILE N 122 -50.56 -5.58 -76.93
CA ASN N 123 -52.34 -2.34 -77.78
CA ILE N 124 -49.71 -0.34 -79.62
CA LEU N 125 -51.48 2.98 -79.01
CA GLY N 126 -50.33 2.88 -75.37
CA MET N 127 -47.80 0.07 -75.73
CA ASP N 128 -49.43 -1.81 -72.85
CA PRO N 129 -50.21 -5.55 -72.74
CA LEU N 130 -53.73 -7.02 -72.69
CA SER N 131 -54.87 -10.65 -72.32
CA THR N 132 -53.13 -13.36 -74.39
CA PRO N 133 -54.66 -14.44 -77.74
CA PHE N 134 -52.79 -17.77 -77.40
CA ASP N 135 -53.74 -20.67 -75.15
CA ASN N 136 -50.65 -21.13 -72.96
CA GLU N 137 -51.89 -24.22 -71.16
CA PHE N 138 -52.41 -26.02 -74.47
CA TYR N 139 -49.64 -28.56 -74.97
CA ASN N 140 -51.34 -30.23 -77.97
CA GLY N 141 -51.32 -33.57 -76.09
CA LEU N 142 -47.54 -33.65 -76.46
CA CYS N 143 -44.94 -32.84 -73.84
CA ASN N 144 -42.30 -30.49 -75.18
CA ARG N 145 -39.93 -28.97 -72.67
CA ASP N 146 -37.29 -26.26 -72.34
CA ARG N 147 -34.47 -26.71 -69.82
CA ASP N 148 -33.65 -23.97 -67.30
CA GLY N 149 -29.93 -23.59 -66.49
CA ASN N 150 -30.55 -21.19 -63.57
CA THR N 151 -32.63 -23.78 -61.72
CA LEU N 152 -31.80 -27.21 -63.11
CA THR N 153 -35.15 -28.66 -64.07
CA TYR N 154 -37.19 -28.71 -67.27
CA TYR N 155 -40.27 -26.60 -67.74
CA ARG N 156 -42.94 -27.80 -70.15
CA ARG N 157 -43.54 -25.48 -73.07
CA PRO N 158 -47.02 -24.99 -74.65
CA TRP N 159 -47.34 -25.87 -78.35
CA ASN N 160 -48.74 -22.40 -79.08
CA VAL N 161 -45.38 -21.10 -77.85
CA ALA N 162 -42.37 -21.38 -80.15
CA SER N 163 -39.66 -21.04 -77.40
CA LEU N 164 -39.88 -20.01 -73.72
CA ILE N 165 -36.33 -20.83 -72.79
CA TYR N 166 -35.18 -19.21 -69.57
CA GLU N 167 -32.06 -17.45 -70.70
CA THR N 168 -28.68 -17.54 -69.04
CA LYS N 169 -29.17 -14.07 -67.56
CA GLY N 170 -28.57 -11.01 -69.71
CA GLU N 171 -27.55 -9.19 -66.54
CA LYS N 172 -25.41 -6.05 -66.85
CA ASN N 173 -26.22 -3.85 -69.77
CA PHE N 174 -24.73 -1.04 -67.78
CA ARG N 175 -23.67 2.32 -69.08
CA THR N 176 -23.15 5.73 -67.64
CA GLU N 177 -22.38 8.82 -69.62
CA HIS N 178 -20.96 11.95 -68.11
CA TYR N 179 -21.14 15.25 -69.93
CA GLU N 180 -19.74 18.51 -68.68
CA GLU N 181 -19.50 21.91 -70.39
CA GLN N 182 -17.94 25.16 -69.16
CA ILE N 183 -17.95 28.52 -70.97
CA GLU N 184 -16.84 31.75 -69.26
CA ALA N 185 -16.05 35.10 -70.86
CA PHE N 186 -14.88 38.56 -69.76
CA LYS N 187 -14.77 41.96 -71.47
CA SER N 188 -13.62 45.21 -69.87
CA ILE N 189 -12.97 48.63 -71.40
CA ILE N 190 -11.84 52.00 -70.04
CA GLN N 191 -11.51 55.41 -71.69
CA GLU N 192 -10.35 58.79 -70.38
CA LYS N 193 -9.77 62.23 -71.85
CA THR N 194 -8.62 65.47 -70.24
CA SER N 195 -7.91 68.95 -71.57
CA ASN N 196 -6.20 71.79 -69.69
CA PHE N 197 -6.05 75.38 -70.93
CA ASN N 198 -4.68 78.66 -69.59
CA ALA N 199 -4.46 82.09 -71.21
CA ALA N 200 -3.33 85.45 -69.91
CA ILE N 201 -2.85 88.96 -71.28
CA SER N 202 -1.35 92.03 -69.60
CA LEU N 203 -0.59 95.60 -70.67
CA LYS N 204 1.13 98.58 -69.06
CA PHE N 205 1.36 102.18 -70.26
CA THR N 206 3.11 105.20 -68.68
CA PRO N 207 2.95 108.64 -70.39
CA GLY N 228 0.07 109.06 -65.89
CA LYS N 229 0.20 105.32 -65.39
CA GLY N 230 -2.26 102.60 -66.40
CA SER N 231 -2.14 98.83 -66.29
CA PHE N 232 -4.38 95.88 -67.12
CA ARG N 233 -4.14 92.19 -66.24
CA PHE N 234 -6.43 89.30 -67.18
CA SER N 235 -6.15 85.53 -66.68
CA TYR N 236 -8.49 82.76 -67.79
CA SER N 237 -8.35 78.99 -67.30
CA LYS N 238 -10.41 75.91 -68.14
CA ASN N 239 -10.08 72.22 -67.40
CA GLU N 240 -12.15 69.15 -68.20
CA THR N 241 -11.81 65.49 -67.23
CA TYR N 242 -14.16 62.78 -68.51
CA GLN N 243 -13.96 59.05 -67.78
CA LEU N 244 -15.93 55.99 -68.87
CA PHE N 245 -15.39 52.52 -67.43
CA LEU N 246 -17.40 49.36 -68.13
CA SER N 247 -16.96 45.68 -67.26
CA TYR N 248 -18.95 42.64 -68.34
CA SER N 249 -18.82 38.92 -67.51
CA SER N 250 -20.98 35.95 -68.47
CA LYS N 251 -21.08 32.25 -67.66
CA LYS N 252 -22.87 29.28 -69.20
CA GLU N 253 -22.17 25.83 -67.76
CA LYS N 254 -24.03 22.55 -68.03
CA MET N 255 -23.77 19.02 -66.69
CA PHE N 256 -25.64 15.99 -67.86
CA LEU N 257 -25.65 12.47 -66.50
CA HIS N 258 -27.16 9.27 -67.73
CA VAL N 259 -27.15 6.08 -65.71
CA LYS N 260 -28.77 2.86 -66.87
CA GLY N 261 -28.48 -0.87 -66.20
CA GLU N 262 -30.68 -3.51 -67.81
CA ILE N 263 -31.16 -7.17 -66.87
CA HIS N 264 -32.87 -9.81 -69.02
CA LEU N 265 -34.33 -12.74 -67.07
CA GLY N 266 -35.85 -14.78 -69.92
CA ARG N 267 -36.64 -15.00 -73.63
CA PHE N 268 -39.98 -15.92 -75.15
CA VAL N 269 -40.94 -16.59 -78.76
CA MET N 270 -44.57 -17.14 -79.73
CA ARG N 271 -45.80 -19.08 -82.73
CA ASN N 272 -46.29 -17.15 -86.00
CA ARG N 273 -47.66 -20.32 -87.60
CA ASP N 274 -51.24 -21.63 -87.42
CA VAL N 275 -51.78 -22.84 -83.87
CA VAL N 276 -54.54 -23.05 -81.25
CA LEU N 277 -55.76 -19.88 -79.57
CA THR N 278 -57.60 -19.24 -76.29
CA THR N 279 -61.35 -19.89 -76.43
CA THR N 280 -62.48 -16.43 -75.24
CA PHE N 281 -60.58 -14.68 -78.05
CA VAL N 282 -61.98 -17.12 -80.66
CA ASP N 283 -65.55 -16.66 -79.41
CA ASP N 284 -65.33 -12.86 -79.64
CA ILE N 285 -63.68 -13.14 -83.11
CA LYS N 286 -66.67 -15.19 -84.29
CA ALA N 287 -69.06 -12.64 -82.73
CA LEU N 288 -67.67 -9.77 -84.87
CA PRO N 289 -69.78 -8.30 -87.77
CA THR N 290 -69.68 -9.56 -91.37
CA THR N 291 -69.56 -5.95 -92.58
CA TYR N 292 -67.18 -3.11 -91.75
CA GLU N 293 -68.53 -0.66 -89.17
CA LYS N 294 -65.85 1.05 -87.09
CA GLY N 295 -67.41 0.96 -83.59
CA GLU N 296 -67.38 -2.81 -83.11
CA TYR N 297 -63.85 -3.24 -84.48
CA PHE N 298 -62.50 -0.31 -82.44
CA ALA N 299 -63.87 -1.86 -79.22
CA PHE N 300 -62.34 -5.23 -80.14
CA LEU N 301 -58.91 -3.70 -80.79
CA GLU N 302 -59.14 -1.75 -77.53
CA THR N 303 -59.93 -4.89 -75.51
CA TYR N 304 -57.69 -7.50 -77.21
CA GLY N 305 -54.85 -5.30 -78.49
CA THR N 306 -53.98 -3.92 -81.93
CA HIS N 307 -51.06 -6.35 -82.24
CA TYR N 308 -49.69 -9.25 -80.21
CA SER N 309 -46.28 -9.93 -78.70
CA SER N 310 -44.68 -12.20 -81.31
CA SER N 311 -41.51 -12.51 -79.26
CA GLY N 312 -39.61 -10.47 -76.69
CA SER N 313 -37.57 -10.50 -73.52
CA LEU N 314 -38.53 -10.42 -69.86
CA GLY N 315 -36.31 -8.45 -67.49
CA GLY N 316 -36.15 -5.17 -65.58
CA LEU N 317 -34.54 -1.75 -65.86
CA TYR N 318 -32.66 0.57 -63.54
CA GLU N 319 -32.40 4.16 -64.85
CA LEU N 320 -31.70 7.70 -63.69
CA ILE N 321 -30.82 10.92 -65.57
CA TYR N 322 -29.44 14.11 -64.02
CA VAL N 323 -29.61 17.56 -65.55
CA LEU N 324 -28.08 20.93 -64.74
CA ASP N 325 -28.25 24.15 -66.77
CA LYS N 326 -26.62 27.20 -65.14
CA ALA N 327 -26.54 30.77 -66.48
CA SER N 328 -25.44 34.16 -65.12
CA MET N 329 -24.59 37.64 -66.44
CA LYS N 330 -22.77 40.51 -64.70
CA ARG N 331 -22.60 44.10 -65.99
CA LYS N 332 -21.43 47.38 -64.47
CA GLY N 333 -20.78 50.84 -65.95
CA VAL N 334 -19.75 54.20 -64.51
CA GLU N 335 -19.53 57.72 -65.99
CA LEU N 336 -17.55 60.52 -64.31
CA LYS N 337 -17.21 64.13 -65.44
CA ASP N 338 -15.61 67.21 -63.88
CA ILE N 339 -15.39 70.70 -65.44
CA LYS N 340 -14.10 73.99 -64.03
CA ARG N 341 -13.62 77.61 -65.10
CA CYS N 342 -11.76 80.33 -63.23
CA LEU N 343 -10.97 83.86 -64.39
CA GLY N 344 -9.45 86.96 -62.77
CA TYR N 345 -9.64 90.55 -63.93
CA HIS N 346 -7.65 93.57 -62.67
CA LEU N 347 -6.87 97.15 -63.63
CA ASP N 348 -5.10 100.01 -61.86
CA VAL N 349 -4.83 103.65 -63.04
CA SER N 350 -3.21 106.72 -61.46
CA LEU N 351 -2.85 110.35 -62.58
CA ALA N 352 -0.61 112.98 -60.99
CA PHE N 353 -0.85 116.58 -62.17
CA SER N 354 1.33 119.13 -60.33
CA GLU N 355 0.67 118.79 -56.57
CA ILE N 356 -2.67 116.90 -56.90
CA SER N 357 -3.19 113.19 -57.55
CA VAL N 358 -6.05 110.73 -58.06
CA GLY N 359 -5.98 106.93 -58.40
CA ALA N 360 -8.49 104.13 -58.86
CA GLU N 361 -8.44 100.36 -59.28
CA PHE N 362 -10.87 97.50 -59.83
CA ASN N 363 -10.55 93.75 -59.26
CA LYS N 364 -12.95 90.89 -59.98
CA ASP N 365 -12.72 87.12 -59.51
CA ASP N 366 -15.24 84.58 -60.85
CA CYS N 367 -15.10 80.78 -60.57
CA VAL N 368 -17.49 77.87 -61.19
CA LYS N 369 -16.95 74.11 -60.84
CA ARG N 370 -19.43 71.38 -61.74
CA GLY N 371 -19.00 67.65 -61.04
CA GLU N 372 -21.27 64.85 -62.21
CA GLY N 373 -21.24 61.11 -61.44
CA ARG N 374 -23.51 58.28 -62.56
CA ALA N 375 -23.23 54.52 -61.98
CA VAL N 376 -25.32 51.48 -62.93
CA ASN N 377 -24.80 47.85 -61.86
CA ILE N 378 -26.93 44.80 -62.66
CA THR N 379 -26.51 41.07 -61.97
CA SER N 380 -28.77 38.10 -62.66
CA GLU N 381 -28.42 34.35 -62.19
CA ASN N 382 -30.76 31.45 -62.91
CA LEU N 383 -30.57 27.67 -62.94
CA ILE N 384 -32.59 24.47 -63.26
CA ASP N 385 -31.95 21.14 -61.55
CA ASP N 386 -34.09 18.30 -62.86
CA VAL N 387 -33.60 14.75 -61.71
CA VAL N 388 -35.78 12.05 -63.13
CA SER N 389 -35.59 8.40 -62.30
CA LEU N 390 -37.62 5.26 -62.69
CA ILE N 391 -37.20 1.51 -62.37
CA ARG N 392 -39.28 -1.49 -63.42
CA GLY N 393 -39.44 -5.16 -62.53
CA GLY N 394 -39.73 -7.11 -59.26
CA THR N 395 -41.77 -6.43 -56.13
CA ARG N 396 -42.48 -3.12 -54.40
CA LYS N 397 -40.28 -3.40 -51.30
CA TYR N 398 -36.92 -3.54 -53.06
CA ALA N 399 -37.98 -0.94 -55.61
CA PHE N 400 -39.04 1.42 -52.80
CA GLU N 401 -35.76 0.92 -50.93
CA LEU N 402 -33.73 1.77 -54.05
CA LYS N 403 -35.99 4.78 -54.73
CA GLU N 404 -35.43 6.25 -51.26
CA LYS N 405 -31.67 5.76 -51.40
CA LEU N 406 -31.51 7.50 -54.78
CA LEU N 407 -32.85 10.67 -53.21
CA ARG N 408 -29.31 11.14 -51.87
CA GLY N 409 -28.00 8.90 -54.65
CA THR N 410 -27.47 5.18 -54.05
CA VAL N 411 -23.74 4.60 -53.66
CA ILE N 412 -23.83 2.16 -50.76
CA ASP N 413 -26.04 -0.80 -49.83
CA VAL N 414 -24.96 -2.83 -52.86
CA THR N 415 -26.75 -5.86 -51.36
CA ASP N 416 -30.10 -4.10 -52.05
CA PHE N 417 -29.62 -4.67 -55.76
CA VAL N 418 -29.18 -8.44 -55.30
CA ASN N 419 -32.57 -8.52 -53.51
CA TRP N 420 -34.09 -6.56 -56.39
CA ALA N 421 -32.61 -9.04 -58.86
CA SER N 422 -34.23 -11.96 -57.07
CA SER N 423 -37.66 -10.27 -57.00
CA ILE N 424 -37.37 -9.55 -60.76
CA ASN N 425 -37.22 -13.32 -61.35
CA ASP N 426 -40.40 -13.81 -59.32
CA ALA N 427 -42.37 -11.01 -61.00
CA PRO N 428 -41.24 -10.44 -64.61
CA VAL N 429 -42.10 -7.33 -66.63
CA LEU N 430 -41.97 -6.97 -70.43
CA ILE N 431 -38.89 -5.21 -71.79
CA SER N 432 -38.41 -5.82 -75.52
CA GLN N 433 -41.04 -7.14 -77.89
CA LYS N 434 -41.79 -7.82 -81.52
CA LEU N 435 -45.19 -6.78 -82.82
CA SER N 436 -47.40 -8.18 -85.57
CA PRO N 437 -51.10 -7.28 -86.05
CA ILE N 438 -53.61 -9.38 -84.10
CA TYR N 439 -55.90 -9.99 -87.10
CA ASN N 440 -53.25 -12.21 -88.77
CA LEU N 441 -53.89 -14.80 -86.02
CA VAL N 442 -57.53 -15.49 -87.03
CA PRO N 443 -58.00 -18.86 -88.78
CA VAL N 444 -59.11 -18.09 -92.33
CA LYS N 445 -60.74 -21.47 -92.79
CA MET N 446 -64.01 -20.94 -90.88
CA LYS N 447 -66.78 -18.92 -92.58
CA ASN N 448 -66.61 -15.11 -92.69
CA ALA N 449 -63.09 -15.18 -91.12
CA HIS N 450 -61.64 -13.48 -94.18
CA LEU N 451 -64.33 -10.78 -94.12
CA LYS N 452 -63.68 -9.99 -90.46
CA LYS N 453 -59.93 -9.92 -91.12
CA GLN N 454 -60.36 -7.35 -93.91
CA ASN N 455 -62.63 -5.28 -91.64
CA LEU N 456 -59.97 -5.37 -88.90
CA GLU N 457 -57.26 -4.19 -91.36
CA ARG N 458 -59.32 -1.14 -92.23
CA ALA N 459 -60.21 -0.58 -88.58
CA ILE N 460 -56.62 -0.37 -87.32
CA GLU N 461 -55.84 2.40 -89.80
CA ASP N 462 -58.88 4.46 -88.89
CA TYR N 463 -58.39 3.94 -85.17
CA ILE N 464 -54.84 5.37 -85.41
CA ASN N 465 -56.27 8.55 -86.93
CA GLU N 466 -58.84 8.94 -84.09
CA PHE N 467 -56.02 8.63 -81.56
CA SER N 468 -53.68 10.93 -83.54
CA VAL N 469 -52.00 13.92 -81.91
CA ARG N 470 -51.11 15.33 -85.34
CA LYS N 471 -54.61 16.83 -85.55
CA CYS N 472 -54.25 18.54 -82.17
CA HIS N 473 -52.73 21.98 -81.50
CA THR N 474 -49.06 22.03 -80.52
CA CYS N 475 -48.17 24.36 -77.65
CA GLN N 476 -45.63 27.14 -77.88
CA ASN N 477 -41.90 26.86 -77.15
CA GLY N 478 -41.60 23.27 -78.40
CA GLY N 479 -44.49 21.80 -76.38
CA THR N 480 -45.78 18.41 -77.54
CA VAL N 481 -49.48 17.66 -77.54
CA ILE N 482 -50.91 14.40 -76.21
CA LEU N 483 -54.46 13.13 -76.86
CA MET N 484 -56.38 11.71 -73.94
CA ASP N 485 -59.80 10.50 -74.89
CA GLY N 486 -60.97 13.53 -76.84
CA LYS N 487 -59.12 16.20 -74.86
CA CYS N 488 -55.64 17.27 -75.82
CA LEU N 489 -53.22 18.43 -73.14
CA CYS N 490 -49.80 19.78 -73.96
CA ALA N 491 -46.75 18.22 -72.38
CA CYS N 492 -44.14 20.93 -71.88
CA PRO N 493 -40.83 20.92 -69.87
CA PHE N 494 -40.63 21.54 -66.10
CA LYS N 495 -39.05 24.95 -66.83
CA PHE N 496 -42.05 26.23 -68.82
CA GLU N 497 -45.52 24.69 -68.56
CA GLY N 498 -49.05 25.42 -69.75
CA ILE N 499 -51.99 24.59 -71.90
CA ALA N 500 -50.20 27.20 -74.06
CA CYS N 501 -46.89 27.11 -71.92
CA GLU N 502 -46.50 30.73 -70.68
CA ILE N 503 -46.05 29.72 -67.01
CA SER N 504 -42.53 29.12 -65.72
CA LYS N 505 -40.48 28.40 -62.60
CA GLN N 506 -37.99 30.86 -64.07
CA SER O 1 -41.84 15.84 -90.76
CA HIS O 2 -43.07 12.29 -90.10
CA ILE O 3 -42.56 9.54 -92.63
CA ASP O 4 -44.72 6.55 -91.78
CA CYS O 5 -43.93 2.96 -92.72
CA ARG O 6 -45.93 1.79 -95.73
CA MET O 7 -45.88 -1.56 -97.48
CA SER O 8 -46.54 -2.54 -101.09
CA PRO O 9 -50.07 -3.19 -102.45
CA TRP O 10 -51.31 -6.78 -102.31
CA SER O 11 -49.77 -9.55 -104.35
CA GLU O 12 -52.30 -11.73 -106.17
CA TRP O 13 -53.36 -15.03 -104.55
CA SER O 14 -51.11 -18.05 -105.01
CA GLN O 15 -52.41 -21.40 -106.26
CA CYS O 16 -54.36 -23.42 -103.70
CA ASP O 17 -51.84 -25.14 -101.44
CA PRO O 18 -52.31 -28.87 -100.89
CA CYS O 19 -50.32 -28.76 -97.64
CA LEU O 20 -52.25 -25.86 -96.05
CA ARG O 21 -55.45 -25.66 -98.15
CA GLN O 22 -55.10 -21.90 -98.44
CA MET O 23 -53.82 -19.26 -100.81
CA PHE O 24 -51.30 -16.66 -99.73
CA ARG O 25 -50.16 -13.18 -100.68
CA SER O 26 -47.48 -10.89 -99.30
CA ARG O 27 -46.13 -7.35 -99.31
CA SER O 28 -42.71 -5.68 -99.16
CA ILE O 29 -41.67 -2.42 -97.44
CA GLU O 30 -41.88 0.56 -99.77
CA VAL O 31 -41.41 3.21 -97.12
CA PHE O 32 -39.96 2.94 -93.63
CA GLY O 33 -40.88 4.90 -90.50
CA GLN O 34 -38.57 7.84 -89.87
CA PHE O 35 -38.58 11.21 -88.09
CA ASN O 36 -40.92 10.07 -85.31
CA GLY O 37 -42.92 7.97 -87.81
CA LYS O 38 -44.77 4.75 -87.03
CA ARG O 39 -43.71 1.17 -87.74
CA CYS O 40 -45.51 -1.12 -90.17
CA THR O 41 -48.97 -1.82 -88.83
CA ASP O 42 -49.54 -3.45 -92.25
CA ALA O 43 -50.83 -7.03 -92.52
CA VAL O 44 -47.63 -8.16 -94.36
CA GLY O 45 -49.40 -11.30 -95.58
CA ASP O 46 -52.99 -12.45 -95.90
CA ARG O 47 -54.35 -15.96 -96.26
CA ARG O 48 -57.58 -17.07 -97.91
CA GLN O 49 -59.30 -20.42 -97.35
CA CYS O 50 -59.17 -22.92 -100.23
CA VAL O 51 -59.28 -26.64 -101.04
CA PRO O 52 -56.29 -29.05 -101.55
CA THR O 53 -55.08 -29.81 -105.08
CA GLU O 54 -53.49 -33.13 -104.05
CA PRO O 55 -52.80 -35.05 -100.83
CA CYS O 56 -49.60 -33.42 -99.57
CA GLU O 57 -47.60 -33.97 -96.40
CA CYS O 63 -41.76 -45.00 -92.74
CA GLY O 64 -42.79 -48.11 -94.71
CA ASN O 65 -42.61 -51.44 -92.87
CA ASP O 66 -40.55 -49.95 -90.02
CA PHE O 67 -42.02 -48.74 -86.70
CA GLN O 68 -43.83 -45.43 -87.07
CA CYS O 69 -44.55 -43.26 -84.04
CA SER O 70 -47.61 -41.01 -83.73
CA THR O 71 -45.23 -38.04 -84.00
CA GLY O 72 -44.11 -39.19 -87.46
CA ARG O 73 -40.79 -40.52 -86.19
CA CYS O 74 -39.63 -43.50 -88.23
CA ILE O 75 -37.26 -45.90 -86.49
CA LYS O 76 -36.35 -49.53 -87.02
CA MET O 77 -37.64 -52.09 -84.51
CA ARG O 78 -34.23 -52.79 -82.94
CA LEU O 79 -34.15 -49.19 -81.60
CA ARG O 80 -37.17 -50.06 -79.47
CA CYS O 81 -36.92 -51.90 -76.16
CA ASN O 82 -33.90 -50.38 -74.50
CA GLY O 83 -35.44 -47.46 -72.59
CA ASP O 84 -34.08 -44.92 -75.07
CA ASN O 85 -36.28 -42.16 -76.42
CA ASP O 86 -36.14 -42.74 -80.16
CA CYS O 87 -39.64 -41.32 -80.67
CA GLY O 88 -41.05 -37.83 -80.19
CA ASP O 89 -43.75 -39.17 -77.86
CA PHE O 90 -41.78 -42.13 -76.40
CA SER O 91 -44.02 -44.63 -78.26
CA ASP O 92 -41.05 -46.91 -78.84
CA GLU O 93 -40.93 -47.61 -75.11
CA ASP O 94 -44.73 -47.77 -74.75
CA ASP O 95 -46.32 -51.23 -75.08
CA CYS O 96 -42.92 -52.46 -76.24
CA GLU O 97 -42.31 -55.87 -77.86
CA SER O 98 -39.75 -56.89 -75.25
CA GLU O 99 -38.39 -55.56 -71.96
CA PRO O 100 -35.77 -52.84 -72.08
CA ARG O 101 -32.26 -54.23 -72.52
CA PRO O 102 -29.49 -51.95 -71.13
CA PRO O 103 -28.33 -49.31 -73.69
CA CYS O 104 -25.00 -49.33 -71.86
CA ARG O 105 -24.20 -52.79 -70.50
CA ASP O 106 -21.12 -51.59 -68.58
CA ARG O 107 -22.76 -48.90 -66.45
CA VAL O 108 -25.67 -46.53 -66.46
CA VAL O 109 -24.46 -43.50 -68.42
CA GLU O 110 -26.11 -40.17 -67.66
CA GLU O 111 -27.09 -37.95 -70.59
CA SER O 112 -25.23 -34.78 -71.50
CA GLU O 113 -27.01 -31.97 -69.69
CA LEU O 114 -28.05 -29.06 -71.87
CA ALA O 115 -27.90 -31.46 -74.86
CA ARG O 116 -31.04 -29.83 -76.26
CA THR O 117 -29.60 -26.36 -75.66
CA ALA O 118 -26.49 -27.16 -77.75
CA GLY O 119 -28.60 -28.12 -80.78
CA TYR O 120 -30.50 -24.78 -81.05
CA GLY O 121 -31.36 -23.12 -84.35
CA ILE O 122 -30.40 -19.47 -84.87
CA ASN O 123 -32.02 -16.49 -86.59
CA ILE O 124 -29.08 -14.60 -88.05
CA LEU O 125 -31.04 -11.35 -88.37
CA GLY O 126 -30.80 -10.87 -84.60
CA MET O 127 -28.17 -13.54 -83.93
CA ASP O 128 -30.39 -15.10 -81.24
CA PRO O 129 -31.07 -18.82 -80.76
CA LEU O 130 -34.45 -20.49 -81.31
CA SER O 131 -35.54 -24.10 -80.68
CA THR O 132 -33.28 -26.96 -81.86
CA PRO O 133 -33.93 -28.59 -85.28
CA PHE O 134 -32.11 -31.72 -84.01
CA ASP O 135 -33.48 -34.33 -81.63
CA ASN O 136 -31.00 -34.29 -78.74
CA GLU O 137 -32.56 -37.16 -76.83
CA PHE O 138 -32.21 -39.43 -79.85
CA TYR O 139 -29.33 -41.84 -79.31
CA ASN O 140 -30.21 -44.02 -82.33
CA GLY O 141 -30.55 -47.06 -80.03
CA LEU O 142 -26.78 -46.94 -79.48
CA CYS O 143 -24.92 -45.61 -76.47
CA ASN O 144 -22.11 -43.31 -77.50
CA ARG O 145 -20.44 -41.31 -74.77
CA ASP O 146 -18.04 -38.42 -74.24
CA ARG O 147 -15.90 -38.33 -71.09
CA ASP O 148 -15.78 -35.22 -68.89
CA GLY O 149 -12.39 -34.49 -67.31
CA ASN O 150 -13.75 -31.76 -65.00
CA THR O 151 -16.15 -34.19 -63.33
CA LEU O 152 -14.90 -37.72 -63.95
CA THR O 153 -17.89 -39.50 -65.45
CA TYR O 154 -19.09 -40.12 -68.98
CA TYR O 155 -22.04 -38.30 -70.48
CA ARG O 156 -24.01 -39.99 -73.22
CA ARG O 157 -23.96 -38.14 -76.52
CA PRO O 158 -26.96 -38.10 -78.92
CA TRP O 159 -26.36 -39.51 -82.42
CA ASN O 160 -27.64 -36.26 -83.97
CA VAL O 161 -24.72 -34.60 -82.20
CA ALA O 162 -21.23 -35.01 -83.67
CA SER O 163 -19.27 -34.12 -80.45
CA LEU O 164 -20.39 -32.60 -77.11
CA ILE O 165 -17.16 -33.05 -75.26
CA TYR O 166 -16.86 -30.93 -72.15
CA GLU O 167 -13.62 -29.15 -72.76
CA THR O 168 -10.74 -28.79 -70.38
CA LYS O 169 -11.66 -25.18 -69.59
CA GLY O 170 -10.65 -22.42 -71.97
CA GLU O 171 -10.47 -20.12 -68.97
CA LYS O 172 -8.41 -16.93 -69.24
CA ASN O 173 -8.55 -15.21 -72.56
CA PHE O 174 -7.67 -12.06 -70.72
CA ARG O 175 -6.42 -8.85 -72.23
CA THR O 176 -6.36 -5.25 -71.23
CA GLU O 177 -5.22 -2.43 -73.43
CA HIS O 178 -4.30 0.97 -72.12
CA TYR O 179 -4.12 3.96 -74.41
CA GLU O 180 -3.16 7.44 -73.38
CA GLU O 181 -2.62 10.58 -75.48
CA GLN O 182 -1.49 14.06 -74.42
CA ILE O 183 -1.16 17.14 -76.66
CA GLU O 184 -0.58 20.63 -75.24
CA ALA O 185 0.48 23.77 -77.10
CA PHE O 186 1.25 27.42 -76.29
CA LYS O 187 1.67 30.54 -78.43
CA SER O 188 2.29 34.06 -77.11
CA ILE O 189 3.20 37.26 -78.94
CA ILE O 190 3.88 40.85 -77.88
CA GLN O 191 4.50 44.02 -79.90
CA GLU O 192 5.22 47.61 -78.89
CA LYS O 193 6.02 50.85 -80.68
CA THR O 194 6.67 54.34 -79.35
CA SER O 195 7.58 57.64 -80.99
CA ASN O 196 8.70 60.82 -79.22
CA PHE O 197 9.05 64.20 -80.91
CA ASN O 198 9.96 67.72 -79.79
CA ALA O 199 10.48 70.89 -81.82
CA ALA O 200 11.16 74.47 -80.82
CA ILE O 201 11.86 77.77 -82.55
CA SER O 202 12.82 81.13 -81.04
CA LEU O 203 13.72 84.56 -82.43
CA LYS O 204 14.91 87.84 -80.94
CA PHE O 205 15.32 91.25 -82.57
CA THR O 206 16.56 94.55 -81.10
CA PRO O 207 16.71 97.71 -83.30
CA GLY O 228 12.82 98.58 -79.71
CA LYS O 229 12.93 94.96 -78.64
CA GLY O 230 10.87 91.97 -79.78
CA SER O 231 11.06 88.27 -79.08
CA PHE O 232 9.17 85.10 -79.95
CA ARG O 233 9.30 81.58 -78.49
CA PHE O 234 7.39 78.46 -79.48
CA SER O 235 7.65 74.81 -78.38
CA TYR O 236 5.72 71.77 -79.58
CA SER O 237 5.85 68.12 -78.50
CA LYS O 238 4.14 64.84 -79.33
CA ASN O 239 4.38 61.32 -77.98
CA GLU O 240 2.65 58.04 -78.78
CA THR O 241 2.86 54.58 -77.20
CA TYR O 242 0.97 51.57 -78.57
CA GLN O 243 1.08 48.00 -77.27
CA LEU O 244 -0.48 44.70 -78.33
CA PHE O 245 -0.21 41.51 -76.28
CA LEU O 246 -1.89 38.15 -76.95
CA SER O 247 -1.58 34.67 -75.46
CA TYR O 248 -3.17 31.39 -76.50
CA SER O 249 -3.14 27.84 -75.10
CA SER O 250 -4.91 24.63 -76.09
CA LYS O 251 -5.11 21.08 -74.78
CA LYS O 252 -6.38 17.82 -76.23
CA GLU O 253 -5.95 14.66 -74.17
CA LYS O 254 -7.59 11.25 -74.36
CA MET O 255 -7.57 7.98 -72.48
CA PHE O 256 -9.02 4.69 -73.59
CA LEU O 257 -9.25 1.41 -71.75
CA HIS O 258 -10.32 -2.02 -72.80
CA VAL O 259 -10.72 -4.89 -70.38
CA LYS O 260 -11.92 -8.34 -71.38
CA GLY O 261 -11.69 -11.91 -70.12
CA GLU O 262 -13.37 -14.89 -71.78
CA ILE O 263 -13.96 -18.40 -70.43
CA HIS O 264 -15.01 -21.42 -72.50
CA LEU O 265 -16.82 -24.13 -70.52
CA GLY O 266 -17.55 -26.65 -73.31
CA ARG O 267 -17.41 -27.44 -77.02
CA PHE O 268 -20.26 -28.76 -79.12
CA VAL O 269 -20.32 -29.99 -82.71
CA MET O 270 -23.59 -30.89 -84.41
CA ARG O 271 -24.01 -33.31 -87.30
CA ASN O 272 -23.76 -31.89 -90.84
CA ARG O 273 -24.60 -35.34 -92.22
CA ASP O 274 -28.08 -36.83 -92.68
CA VAL O 275 -29.42 -37.57 -89.21
CA VAL O 276 -32.72 -37.58 -87.32
CA LEU O 277 -34.40 -34.29 -86.46
CA THR O 278 -37.00 -33.32 -83.84
CA THR O 279 -40.60 -34.21 -84.75
CA THR O 280 -42.06 -30.70 -84.39
CA PHE O 281 -39.60 -29.25 -86.92
CA VAL O 282 -40.26 -32.11 -89.38
CA ASP O 283 -44.04 -31.71 -89.08
CA ASP O 284 -43.86 -27.97 -89.82
CA ILE O 285 -41.43 -28.64 -92.73
CA LYS O 286 -43.99 -31.02 -94.26
CA ALA O 287 -46.75 -28.43 -93.69
CA LEU O 288 -44.98 -25.80 -95.87
CA PRO O 289 -46.37 -24.89 -99.37
CA THR O 290 -45.37 -26.63 -102.61
CA THR O 291 -45.06 -23.22 -104.28
CA TYR O 292 -43.03 -20.14 -103.35
CA GLU O 293 -45.02 -17.45 -101.57
CA LYS O 294 -42.98 -15.31 -99.20
CA GLY O 295 -45.32 -15.00 -96.19
CA GLU O 296 -45.30 -18.66 -95.15
CA TYR O 297 -41.55 -19.04 -95.58
CA PHE O 298 -40.81 -15.78 -93.74
CA ALA O 299 -42.87 -16.95 -90.73
CA PHE O 300 -41.06 -20.32 -90.76
CA LEU O 301 -37.62 -18.68 -90.81
CA GLU O 302 -38.68 -16.31 -88.03
CA THR O 303 -39.85 -19.18 -85.78
CA TYR O 304 -37.20 -21.85 -86.52
CA GLY O 305 -34.20 -19.68 -87.41
CA THR O 306 -32.56 -18.74 -90.72
CA HIS O 307 -29.58 -21.00 -89.97
CA TYR O 308 -28.66 -23.49 -87.27
CA SER O 309 -25.70 -23.74 -84.92
CA SER O 310 -23.45 -26.24 -86.70
CA SER O 311 -20.86 -26.06 -83.94
CA GLY O 312 -19.70 -23.56 -81.34
CA SER O 313 -18.49 -23.02 -77.82
CA LEU O 314 -20.29 -22.50 -74.53
CA GLY O 315 -18.76 -20.08 -72.03
CA GLY O 316 -19.17 -16.56 -70.66
CA LEU O 317 -17.62 -13.12 -71.07
CA TYR O 318 -16.43 -10.38 -68.74
CA GLU O 319 -15.96 -7.00 -70.48
CA LEU O 320 -15.66 -3.29 -69.75
CA ILE O 321 -14.44 -0.32 -71.83
CA TYR O 322 -13.57 3.14 -70.50
CA VAL O 323 -13.47 6.32 -72.54
CA LEU O 324 -12.27 9.86 -71.91
CA ASP O 325 -12.03 12.75 -74.38
CA LYS O 326 -10.95 16.10 -72.88
CA ALA O 327 -10.63 19.44 -74.70
CA SER O 328 -9.99 23.05 -73.65
CA MET O 329 -8.95 26.36 -75.24
CA LYS O 330 -7.68 29.55 -73.57
CA ARG O 331 -7.31 32.93 -75.32
CA LYS O 332 -6.63 36.46 -74.08
CA GLY O 333 -5.74 39.71 -75.88
CA VAL O 334 -5.18 43.30 -74.75
CA GLU O 335 -4.73 46.59 -76.65
CA LEU O 336 -3.28 49.71 -75.00
CA LYS O 337 -2.78 53.14 -76.55
CA ASP O 338 -1.69 56.50 -75.15
CA ILE O 339 -1.20 59.76 -77.12
CA LYS O 340 -0.37 63.28 -75.96
CA ARG O 341 0.24 66.74 -77.41
CA CYS O 342 1.53 69.80 -75.59
CA LEU O 343 2.47 73.18 -77.06
CA GLY O 344 3.47 76.56 -75.62
CA TYR O 345 3.46 79.94 -77.31
CA HIS O 346 4.99 83.23 -76.09
CA LEU O 347 5.88 86.68 -77.37
CA ASP O 348 7.10 89.87 -75.69
CA VAL O 349 7.54 93.32 -77.30
CA SER O 350 8.64 96.67 -75.88
CA LEU O 351 9.16 100.12 -77.41
CA ALA O 352 10.87 103.09 -75.76
CA PHE O 353 10.82 106.47 -77.50
CA SER O 354 12.43 109.38 -75.60
CA GLU O 355 10.89 109.53 -72.08
CA ILE O 356 7.77 107.41 -72.90
CA SER O 357 7.53 103.62 -73.09
CA VAL O 358 4.96 100.93 -73.87
CA GLY O 359 5.22 97.13 -73.61
CA ALA O 360 2.96 94.15 -74.22
CA GLU O 361 3.22 90.36 -74.05
CA PHE O 362 1.08 87.30 -74.71
CA ASN O 363 1.36 83.70 -73.52
CA LYS O 364 -0.72 80.62 -74.34
CA ASP O 365 -0.50 76.97 -73.26
CA ASP O 366 -2.55 74.11 -74.77
CA CYS O 367 -2.38 70.41 -73.89
CA VAL O 368 -4.47 67.29 -74.60
CA LYS O 369 -3.92 63.66 -73.56
CA ARG O 370 -6.03 60.68 -74.60
CA GLY O 371 -5.67 57.11 -73.26
CA GLU O 372 -7.51 54.05 -74.50
CA GLY O 373 -7.56 50.46 -73.19
CA ARG O 374 -9.42 47.36 -74.37
CA ALA O 375 -9.17 43.75 -73.18
CA VAL O 376 -10.90 40.48 -74.12
CA ASN O 377 -10.54 37.07 -72.44
CA ILE O 378 -12.33 33.81 -73.23
CA THR O 379 -11.98 30.25 -71.90
CA SER O 380 -13.92 27.07 -72.66
CA GLU O 381 -13.59 23.46 -71.54
CA ASN O 382 -15.61 20.35 -72.35
CA LEU O 383 -15.31 16.62 -71.76
CA ILE O 384 -17.10 13.28 -72.07
CA ASP O 385 -16.80 10.27 -69.78
CA ASP O 386 -18.48 7.14 -71.12
CA VAL O 387 -18.18 3.83 -69.35
CA VAL O 388 -19.88 0.82 -70.81
CA SER O 389 -19.78 -2.66 -69.43
CA LEU O 390 -21.58 -5.94 -69.80
CA ILE O 391 -21.13 -9.58 -68.83
CA ARG O 392 -22.81 -12.82 -69.87
CA GLY O 393 -23.09 -16.33 -68.50
CA GLY O 394 -24.10 -17.81 -65.13
CA THR O 395 -26.85 -16.84 -62.71
CA ARG O 396 -28.05 -13.37 -61.72
CA LYS O 397 -26.65 -13.08 -58.19
CA TYR O 398 -22.96 -13.25 -59.07
CA ALA O 399 -23.45 -11.10 -62.15
CA PHE O 400 -25.22 -8.45 -60.04
CA GLU O 401 -22.48 -8.48 -57.42
CA LEU O 402 -19.78 -7.94 -60.07
CA LYS O 403 -21.89 -5.20 -61.69
CA GLU O 404 -22.23 -3.23 -58.46
CA LYS O 405 -18.53 -3.50 -57.64
CA LEU O 406 -17.62 -2.23 -61.11
CA LEU O 407 -19.38 1.03 -60.38
CA ARG O 408 -16.28 1.91 -58.35
CA GLY O 409 -14.28 -0.61 -60.38
CA THR O 410 -13.80 -4.17 -59.12
CA VAL O 411 -10.26 -4.45 -57.79
CA ILE O 412 -10.98 -6.46 -54.65
CA ASP O 413 -13.26 -9.40 -53.83
CA VAL O 414 -11.43 -11.76 -56.18
CA THR O 415 -13.44 -14.66 -54.70
CA ASP O 416 -16.58 -13.23 -56.42
CA PHE O 417 -15.20 -14.28 -59.77
CA VAL O 418 -14.78 -17.91 -58.65
CA ASN O 419 -18.50 -17.96 -57.74
CA TRP O 420 -19.33 -16.52 -61.15
CA ALA O 421 -17.23 -19.22 -62.80
CA SER O 422 -19.15 -21.96 -61.01
CA SER O 423 -22.54 -20.50 -62.01
CA ILE O 424 -21.37 -20.29 -65.65
CA ASN O 425 -20.98 -24.09 -65.62
CA ASP O 426 -24.54 -24.49 -64.34
CA ALA O 427 -26.14 -22.08 -66.82
CA PRO O 428 -24.18 -21.96 -70.13
CA VAL O 429 -24.61 -19.22 -72.74
CA LEU O 430 -23.59 -19.39 -76.40
CA ILE O 431 -20.32 -17.64 -77.26
CA SER O 432 -18.94 -18.74 -80.65
CA GLN O 433 -20.89 -20.53 -83.32
CA LYS O 434 -20.73 -21.76 -86.90
CA LEU O 435 -23.74 -21.13 -89.10
CA SER O 436 -25.18 -23.04 -92.03
CA PRO O 437 -28.68 -22.45 -93.51
CA ILE O 438 -31.52 -24.42 -91.89
CA TYR O 439 -33.00 -25.58 -95.23
CA ASN O 440 -29.98 -27.85 -95.88
CA LEU O 441 -31.18 -30.06 -92.99
CA VAL O 442 -34.45 -31.11 -94.71
CA PRO O 443 -34.40 -34.71 -95.99
CA VAL O 444 -34.63 -34.52 -99.77
CA LYS O 445 -36.02 -38.02 -100.08
CA MET O 446 -39.66 -37.45 -99.10
CA LYS O 447 -41.99 -35.86 -101.68
CA ASN O 448 -41.91 -32.10 -102.32
CA ALA O 449 -38.88 -31.72 -99.98
CA HIS O 450 -36.78 -30.39 -102.85
CA LEU O 451 -39.49 -27.87 -103.82
CA LYS O 452 -39.75 -26.55 -100.26
CA LYS O 453 -35.96 -26.33 -100.04
CA GLN O 454 -35.78 -24.20 -103.20
CA ASN O 455 -38.59 -21.99 -101.87
CA LEU O 456 -36.65 -21.53 -98.59
CA GLU O 457 -33.47 -20.53 -100.50
CA ARG O 458 -35.36 -17.77 -102.28
CA ALA O 459 -37.11 -16.76 -99.07
CA ILE O 460 -33.93 -16.16 -97.05
CA GLU O 461 -32.66 -13.71 -99.67
CA ASP O 462 -35.89 -11.74 -99.81
CA TYR O 463 -36.29 -11.70 -96.04
CA ILE O 464 -32.82 -10.10 -95.66
CA ASN O 465 -33.94 -7.25 -97.93
CA GLU O 466 -37.12 -6.64 -95.87
CA PHE O 467 -34.99 -6.41 -92.74
CA SER O 468 -32.30 -4.27 -94.43
CA VAL O 469 -31.14 -0.98 -92.93
CA ARG O 470 -29.50 -0.01 -96.22
CA LYS O 471 -32.89 1.21 -97.48
CA CYS O 472 -33.40 3.41 -94.40
CA HIS O 473 -32.19 7.00 -93.93
CA THR O 474 -28.86 7.41 -92.12
CA CYS O 475 -28.75 10.17 -89.52
CA GLN O 476 -26.32 13.06 -89.56
CA ASN O 477 -22.87 13.11 -87.95
CA GLY O 478 -22.18 9.41 -88.54
CA GLY O 479 -25.42 8.06 -87.04
CA THR O 480 -26.29 4.46 -87.95
CA VAL O 481 -29.86 3.48 -88.71
CA ILE O 482 -31.49 0.36 -87.28
CA LEU O 483 -34.73 -1.21 -88.53
CA MET O 484 -37.26 -2.33 -85.97
CA ASP O 485 -40.31 -3.88 -87.50
CA GLY O 486 -41.07 -1.22 -90.09
CA LYS O 487 -39.83 1.81 -88.17
CA CYS O 488 -36.24 2.95 -88.43
CA LEU O 489 -34.57 4.62 -85.47
CA CYS O 490 -31.09 6.06 -85.66
CA ALA O 491 -28.47 4.93 -83.19
CA CYS O 492 -26.14 7.84 -82.52
CA PRO O 493 -23.41 8.32 -79.81
CA PHE O 494 -24.13 9.48 -76.23
CA LYS O 495 -22.53 12.84 -77.08
CA PHE O 496 -24.98 13.63 -79.89
CA GLU O 497 -28.38 11.93 -80.21
CA GLY O 498 -31.54 12.27 -82.30
CA ILE O 499 -33.85 10.96 -84.93
CA ALA O 500 -31.67 13.35 -86.97
CA CYS O 501 -28.97 13.77 -84.13
CA GLU O 502 -28.99 17.55 -83.39
CA ILE O 503 -29.41 17.09 -79.61
CA SER O 504 -26.29 16.90 -77.46
CA LYS O 505 -25.03 16.75 -73.87
CA GLN O 506 -22.32 19.14 -75.08
CA SER P 1 -19.22 0.32 -99.34
CA HIS P 2 -20.47 -3.17 -98.47
CA ILE P 3 -19.29 -6.21 -100.36
CA ASP P 4 -21.52 -9.18 -99.59
CA CYS P 5 -20.41 -12.81 -99.78
CA ARG P 6 -21.59 -14.52 -102.96
CA MET P 7 -21.03 -18.07 -104.12
CA SER P 8 -20.78 -19.57 -107.59
CA PRO P 9 -23.85 -20.64 -109.62
CA TRP P 10 -24.99 -24.24 -109.23
CA SER P 11 -22.93 -27.17 -110.43
CA GLU P 12 -24.89 -29.74 -112.44
CA TRP P 13 -26.21 -32.84 -110.63
CA SER P 14 -23.84 -35.74 -110.09
CA GLN P 15 -24.69 -39.30 -111.09
CA CYS P 16 -27.15 -41.07 -108.78
CA ASP P 17 -25.20 -42.29 -105.76
CA PRO P 18 -25.67 -45.94 -104.79
CA CYS P 19 -24.53 -45.25 -101.21
CA LEU P 20 -26.86 -42.29 -100.57
CA ARG P 21 -29.48 -42.58 -103.36
CA GLN P 22 -29.17 -38.89 -104.13
CA MET P 23 -27.43 -36.53 -106.51
CA PHE P 24 -25.33 -33.64 -105.28
CA ARG P 25 -24.08 -30.27 -106.44
CA SER P 26 -21.88 -27.64 -104.83
CA ARG P 27 -20.68 -24.05 -105.06
CA SER P 28 -17.43 -22.18 -104.37
CA ILE P 29 -16.94 -18.64 -102.97
CA GLU P 30 -16.66 -16.03 -105.71
CA VAL P 31 -16.92 -13.01 -103.45
CA PHE P 32 -16.34 -12.71 -99.72
CA GLY P 33 -18.04 -10.39 -97.22
CA GLN P 34 -16.03 -7.25 -96.52
CA PHE P 35 -16.57 -3.67 -95.32
CA ASN P 36 -19.48 -4.55 -93.03
CA GLY P 37 -20.76 -7.11 -95.57
CA LYS P 38 -22.64 -10.30 -94.78
CA ARG P 39 -21.35 -13.86 -94.66
CA CYS P 40 -22.44 -16.59 -97.07
CA THR P 41 -26.11 -17.31 -96.49
CA ASP P 42 -25.80 -19.43 -99.67
CA ALA P 43 -26.86 -23.10 -99.69
CA VAL P 44 -23.29 -24.26 -100.54
CA GLY P 45 -24.63 -27.65 -101.65
CA ASP P 46 -28.00 -29.06 -102.63
CA ARG P 47 -29.13 -32.67 -102.76
CA ARG P 48 -31.85 -34.19 -104.93
CA GLN P 49 -33.55 -37.53 -104.29
CA CYS P 50 -32.66 -40.40 -106.64
CA VAL P 51 -32.46 -44.20 -106.88
CA PRO P 52 -29.38 -46.46 -106.32
CA THR P 53 -27.32 -47.63 -109.31
CA GLU P 54 -25.94 -50.66 -107.44
CA PRO P 55 -25.98 -52.07 -103.91
CA CYS P 56 -23.24 -50.08 -102.20
CA GLU P 57 -22.05 -50.05 -98.60
CA CYS P 63 -16.94 -60.07 -92.06
CA GLY P 64 -17.38 -63.48 -93.73
CA ASN P 65 -17.56 -66.50 -91.41
CA ASP P 66 -16.29 -64.50 -88.41
CA PHE P 67 -18.55 -62.93 -85.76
CA GLN P 68 -20.31 -59.83 -87.02
CA CYS P 69 -21.79 -57.30 -84.62
CA SER P 70 -24.90 -55.24 -85.38
CA THR P 71 -22.61 -52.18 -85.52
CA GLY P 72 -20.65 -53.74 -88.41
CA ARG P 73 -17.70 -54.66 -86.21
CA CYS P 74 -16.00 -57.82 -87.46
CA ILE P 75 -14.05 -59.80 -84.87
CA LYS P 76 -12.94 -63.40 -84.61
CA MET P 77 -14.73 -65.66 -82.12
CA ARG P 78 -11.77 -65.93 -79.71
CA LEU P 79 -12.11 -62.17 -78.95
CA ARG P 80 -15.54 -62.92 -77.48
CA CYS P 81 -16.04 -64.26 -73.96
CA ASN P 82 -13.56 -62.33 -71.90
CA GLY P 83 -15.59 -59.28 -70.85
CA ASP P 84 -13.74 -57.03 -73.30
CA ASN P 85 -15.63 -54.63 -75.53
CA ASP P 86 -14.58 -55.72 -79.00
CA CYS P 87 -17.89 -54.61 -80.52
CA GLY P 88 -19.47 -51.18 -80.92
CA ASP P 89 -22.62 -52.36 -79.12
CA PHE P 90 -20.97 -54.95 -76.80
CA SER P 91 -22.63 -57.83 -78.73
CA ASP P 92 -19.54 -59.97 -78.26
CA GLU P 93 -20.31 -60.14 -74.54
CA ASP P 94 -24.07 -60.49 -75.06
CA ASP P 95 -25.44 -64.04 -75.21
CA CYS P 96 -21.82 -65.21 -75.35
CA GLU P 97 -20.75 -68.77 -76.25
CA SER P 98 -18.86 -69.24 -72.99
CA GLU P 99 -18.38 -67.38 -69.72
CA PRO P 100 -15.88 -64.55 -69.63
CA ARG P 101 -12.32 -65.77 -69.03
CA PRO P 102 -10.04 -63.14 -67.38
CA PRO P 103 -8.37 -60.81 -69.97
CA CYS P 104 -5.58 -60.37 -67.43
CA ARG P 105 -5.03 -63.55 -65.41
CA ASP P 106 -2.54 -61.90 -63.03
CA ARG P 107 -4.72 -59.05 -61.78
CA VAL P 108 -7.62 -56.88 -62.83
CA VAL P 109 -6.04 -54.10 -64.88
CA GLU P 110 -7.93 -50.80 -65.04
CA GLU P 111 -8.23 -49.08 -68.42
CA SER P 112 -6.30 -45.95 -69.33
CA GLU P 113 -8.54 -43.04 -68.43
CA LEU P 114 -9.11 -40.53 -71.21
CA ALA P 115 -8.18 -43.31 -73.69
CA ARG P 116 -10.93 -42.10 -76.01
CA THR P 117 -9.78 -38.50 -75.63
CA ALA P 118 -6.24 -39.38 -76.78
CA GLY P 119 -7.52 -40.89 -80.04
CA TYR P 120 -9.40 -37.74 -81.25
CA GLY P 121 -9.49 -36.61 -84.87
CA ILE P 122 -8.53 -33.02 -85.69
CA ASN P 123 -9.78 -30.42 -88.17
CA ILE P 124 -6.63 -28.57 -89.17
CA LEU P 125 -8.55 -25.52 -90.43
CA GLY P 126 -9.24 -24.51 -86.82
CA MET P 127 -6.77 -26.89 -85.16
CA ASP P 128 -9.52 -28.20 -82.87
CA PRO P 129 -10.19 -31.85 -82.00
CA LEU P 130 -13.29 -33.79 -83.07
CA SER P 131 -14.40 -37.34 -82.18
CA THR P 132 -11.84 -40.18 -82.34
CA PRO P 133 -11.61 -42.31 -85.53
CA PHE P 134 -10.06 -45.11 -83.42
CA ASP P 135 -11.89 -47.44 -81.06
CA ASN P 136 -10.18 -46.85 -77.71
CA GLU P 137 -12.07 -49.51 -75.80
CA PHE P 138 -10.93 -52.16 -78.29
CA TYR P 139 -8.21 -54.28 -76.73
CA ASN P 140 -8.26 -56.91 -79.51
CA GLY P 141 -9.07 -59.61 -76.91
CA LEU P 142 -5.54 -59.18 -75.53
CA CYS P 143 -4.50 -57.33 -72.41
CA ASN P 144 -1.59 -55.02 -73.09
CA ARG P 145 -0.69 -52.55 -70.37
CA ASP P 146 1.43 -49.48 -69.74
CA ARG P 147 2.75 -48.81 -66.23
CA ASP P 148 2.25 -45.42 -64.55
CA GLY P 149 5.15 -44.27 -62.35
CA ASN P 150 3.18 -41.33 -60.87
CA THR P 151 0.53 -43.65 -59.45
CA LEU P 152 1.97 -47.14 -59.23
CA THR P 153 -0.51 -49.30 -61.08
CA TYR P 154 -0.80 -50.49 -64.67
CA TYR P 155 -3.35 -49.09 -67.07
CA ARG P 156 -4.55 -51.26 -69.92
CA ARG P 157 -3.75 -49.90 -73.36
CA PRO P 158 -6.11 -50.38 -76.36
CA TRP P 159 -4.64 -52.22 -79.37
CA ASN P 160 -5.60 -49.32 -81.65
CA VAL P 161 -3.24 -47.24 -79.52
CA ALA P 162 0.51 -47.63 -80.06
CA SER P 163 1.61 -46.17 -76.64
CA LEU P 164 -0.33 -44.28 -73.92
CA ILE P 165 2.38 -44.26 -71.32
CA TYR P 166 1.86 -41.71 -68.59
CA GLU P 167 5.11 -39.83 -68.69
CA THR P 168 7.32 -38.95 -65.77
CA LYS P 169 6.13 -35.34 -65.77
CA GLY P 170 7.61 -32.88 -68.24
CA GLU P 171 6.99 -30.18 -65.66
CA LYS P 172 8.97 -26.94 -65.92
CA ASN P 173 9.58 -25.70 -69.41
CA PHE P 174 9.91 -22.28 -67.91
CA ARG P 175 11.39 -19.24 -69.55
CA THR P 176 11.10 -15.54 -69.12
CA GLU P 177 12.66 -12.98 -71.39
CA HIS P 178 13.14 -9.38 -70.43
CA TYR P 179 13.78 -6.74 -73.04
CA GLU P 180 14.37 -3.09 -72.34
CA GLU P 181 15.31 -0.25 -74.70
CA GLN P 182 16.05 3.42 -73.95
CA ILE P 183 16.82 6.16 -76.49
CA GLU P 184 16.95 9.85 -75.53
CA ALA P 185 18.33 12.76 -77.54
CA PHE P 186 18.78 16.52 -77.13
CA LYS P 187 19.61 19.33 -79.55
CA SER P 188 19.80 23.03 -78.67
CA ILE P 189 21.03 26.00 -80.69
CA ILE P 190 21.34 29.74 -80.06
CA GLN P 191 22.33 32.63 -82.33
CA GLU P 192 22.69 36.36 -81.74
CA LYS P 193 23.81 39.36 -83.76
CA THR P 194 24.01 43.04 -82.85
CA SER P 195 25.20 46.13 -84.71
CA ASN P 196 25.77 49.59 -83.23
CA PHE P 197 26.42 52.72 -85.27
CA ASN P 198 26.94 56.41 -84.52
CA ALA P 199 27.83 59.29 -86.83
CA ALA P 200 28.15 63.01 -86.25
CA ILE P 201 29.15 66.08 -88.24
CA SER P 202 29.62 69.67 -87.08
CA LEU P 203 30.73 72.92 -88.72
CA LYS P 204 31.44 76.45 -87.51
CA PHE P 205 32.13 79.61 -89.49
CA THR P 206 32.89 83.16 -88.28
CA PRO P 207 33.47 85.99 -90.84
CA GLY P 228 28.82 87.09 -88.43
CA LYS P 229 28.77 83.67 -86.83
CA GLY P 230 27.12 80.43 -87.96
CA SER P 231 27.25 76.88 -86.68
CA PHE P 232 25.71 73.51 -87.48
CA ARG P 233 25.58 70.25 -85.52
CA PHE P 234 24.06 66.90 -86.45
CA SER P 235 24.15 63.47 -84.78
CA TYR P 236 22.65 60.18 -85.92
CA SER P 237 22.62 56.73 -84.31
CA LYS P 238 21.26 53.26 -85.01
CA ASN P 239 21.26 49.98 -83.12
CA GLU P 240 19.87 46.52 -83.80
CA THR P 241 19.79 43.33 -81.72
CA TYR P 242 18.37 40.06 -83.02
CA GLN P 243 18.26 36.71 -81.21
CA LEU P 244 17.10 33.21 -82.08
CA PHE P 245 16.97 30.35 -79.58
CA LEU P 246 15.58 26.84 -80.11
CA SER P 247 15.63 23.63 -78.08
CA TYR P 248 14.44 20.13 -78.95
CA SER P 249 14.22 16.83 -77.07
CA SER P 250 12.84 13.40 -77.95
CA LYS P 251 12.43 10.07 -76.21
CA LYS P 252 11.63 6.56 -77.40
CA GLU P 253 11.65 3.75 -74.84
CA LYS P 254 10.19 0.26 -74.90
CA MET P 255 9.86 -2.72 -72.60
CA PHE P 256 8.81 -6.21 -73.50
CA LEU P 257 8.24 -9.21 -71.29
CA HIS P 258 7.54 -12.81 -72.04
CA VAL P 259 6.66 -15.33 -69.37
CA LYS P 260 5.83 -18.96 -70.10
CA GLY P 261 5.85 -22.30 -68.29
CA GLU P 262 4.71 -25.58 -69.83
CA ILE P 263 3.91 -28.90 -68.14
CA HIS P 264 3.47 -32.24 -69.93
CA LEU P 265 1.32 -34.76 -68.04
CA GLY P 266 1.35 -37.68 -70.50
CA ARG P 267 2.40 -38.97 -73.92
CA PHE P 268 0.18 -40.75 -76.41
CA VAL P 269 1.03 -42.47 -79.67
CA MET P 270 -1.72 -43.81 -81.93
CA ARG P 271 -1.36 -46.63 -84.45
CA ASN P 272 -0.31 -45.71 -87.99
CA ARG P 273 -0.70 -49.36 -89.00
CA ASP P 274 -3.92 -51.12 -90.04
CA VAL P 275 -6.03 -51.45 -86.91
CA VAL P 276 -9.69 -51.41 -85.85
CA LEU P 277 -11.62 -48.14 -85.92
CA THR P 278 -14.80 -46.98 -84.16
CA THR P 279 -18.04 -48.22 -85.73
CA THR P 280 -19.65 -44.79 -86.26
CA PHE P 281 -16.70 -43.55 -88.33
CA VAL P 282 -16.66 -46.77 -90.42
CA ASP P 283 -20.41 -46.56 -91.09
CA ASP P 284 -20.17 -42.97 -92.31
CA ILE P 285 -17.10 -43.87 -94.44
CA LYS P 286 -19.13 -46.60 -96.15
CA ALA P 287 -22.03 -44.14 -96.64
CA LEU P 288 -19.86 -41.73 -98.71
CA PRO P 289 -20.40 -41.41 -102.53
CA THR P 290 -18.59 -43.52 -105.14
CA THR P 291 -17.99 -40.36 -107.21
CA TYR P 292 -16.33 -37.06 -106.30
CA GLU P 293 -18.78 -34.28 -105.46
CA LYS P 294 -17.42 -31.70 -103.02
CA GLY P 295 -20.43 -31.13 -100.73
CA GLU P 296 -20.56 -34.60 -99.17
CA TYR P 297 -16.80 -34.80 -98.65
CA PHE P 298 -16.61 -31.27 -97.20
CA ALA P 299 -19.29 -32.14 -94.62
CA PHE P 300 -17.44 -35.35 -93.70
CA LEU P 301 -14.14 -33.52 -93.21
CA GLU P 302 -15.90 -30.87 -91.14
CA THR P 303 -17.49 -33.46 -88.82
CA TYR P 304 -14.67 -36.03 -88.50
CA GLY P 305 -11.60 -33.82 -88.99
CA THR P 306 -9.25 -33.25 -91.92
CA HIS P 307 -6.48 -35.19 -90.16
CA TYR P 308 -6.16 -37.22 -86.98
CA SER P 309 -3.84 -36.94 -84.00
CA SER P 310 -1.17 -39.52 -84.81
CA SER P 311 0.69 -38.80 -81.58
CA GLY P 312 1.11 -35.89 -79.19
CA SER P 313 1.43 -34.79 -75.60
CA LEU P 314 -1.12 -33.92 -72.95
CA GLY P 315 -0.31 -31.09 -70.55
CA GLY P 316 -1.13 -27.45 -69.86
CA LEU P 317 0.36 -24.00 -70.41
CA TYR P 318 0.89 -20.90 -68.32
CA GLU P 319 1.66 -17.77 -70.38
CA LEU P 320 1.66 -13.99 -70.16
CA ILE P 321 3.27 -11.26 -72.32
CA TYR P 322 3.69 -7.60 -71.36
CA VAL P 323 4.20 -4.74 -73.77
CA LEU P 324 5.11 -1.08 -73.43
CA ASP P 325 5.85 1.44 -76.18
CA LYS P 326 6.45 5.04 -75.00
CA ALA P 327 7.09 8.10 -77.17
CA SER P 328 7.36 11.86 -76.55
CA MET P 329 8.66 14.97 -78.34
CA LYS P 330 9.41 18.44 -76.92
CA ARG P 331 10.09 21.56 -79.02
CA LYS P 332 10.35 25.27 -78.21
CA GLY P 333 11.55 28.28 -80.20
CA VAL P 334 11.72 32.02 -79.54
CA GLU P 335 12.53 35.03 -81.76
CA LEU P 336 13.44 38.44 -80.30
CA LYS P 337 14.20 41.65 -82.19
CA ASP P 338 14.83 45.24 -81.09
CA ILE P 339 15.69 48.20 -83.36
CA LYS P 340 16.11 51.90 -82.59
CA ARG P 341 16.96 55.16 -84.36
CA CYS P 342 17.67 58.52 -82.77
CA LEU P 343 18.85 61.71 -84.47
CA GLY P 344 19.38 65.32 -83.36
CA TYR P 345 19.68 68.42 -85.50
CA HIS P 346 20.78 71.93 -84.46
CA LEU P 347 21.86 75.23 -86.01
CA ASP P 348 22.53 78.69 -84.59
CA VAL P 349 23.26 81.89 -86.57
CA SER P 350 23.89 85.48 -85.43
CA LEU P 351 24.67 88.71 -87.31
CA ALA P 352 25.84 91.98 -85.76
CA PHE P 353 26.11 95.08 -87.96
CA SER P 354 27.13 98.32 -86.20
CA GLU P 355 24.79 98.86 -83.21
CA ILE P 356 22.03 96.45 -84.40
CA SER P 357 21.95 92.66 -84.07
CA VAL P 358 19.71 89.74 -85.02
CA GLY P 359 20.01 86.03 -84.14
CA ALA P 360 18.06 82.86 -84.79
CA GLU P 361 18.37 79.16 -84.00
CA PHE P 362 16.54 75.90 -84.68
CA ASN P 363 16.62 72.53 -82.92
CA LYS P 364 14.90 69.24 -83.74
CA ASP P 365 14.95 65.80 -82.10
CA ASP P 366 13.40 62.63 -83.59
CA CYS P 367 13.46 59.11 -82.14
CA VAL P 368 11.70 55.80 -82.85
CA LYS P 369 12.09 52.39 -81.18
CA ARG P 370 10.37 49.16 -82.22
CA GLY P 371 10.50 45.85 -80.31
CA GLU P 372 9.10 42.53 -81.47
CA GLY P 373 8.83 39.16 -79.68
CA ARG P 374 7.41 35.82 -80.77
CA ALA P 375 7.45 32.43 -79.03
CA VAL P 376 6.10 28.96 -79.85
CA ASN P 377 6.14 25.85 -77.63
CA ILE P 378 4.69 22.40 -78.32
CA THR P 379 4.80 19.09 -76.43
CA SER P 380 3.20 15.72 -77.13
CA GLU P 381 3.35 12.33 -75.44
CA ASN P 382 1.67 9.01 -76.22
CA LEU P 383 1.93 5.43 -75.02
CA ILE P 384 0.36 1.97 -75.22
CA ASP P 385 0.19 -0.67 -72.50
CA ASP P 386 -1.03 -4.05 -73.70
CA VAL P 387 -1.08 -7.05 -71.44
CA VAL P 388 -2.28 -10.34 -72.79
CA SER P 389 -2.43 -13.57 -70.91
CA LEU P 390 -3.99 -16.99 -71.20
CA ILE P 391 -3.69 -20.42 -69.61
CA ARG P 392 -4.97 -23.87 -70.52
CA GLY P 393 -5.47 -27.16 -68.73
CA GLY P 394 -7.22 -28.23 -65.51
CA THR P 395 -10.50 -27.10 -63.96
CA ARG P 396 -12.00 -23.61 -63.81
CA LYS P 397 -11.49 -22.74 -60.14
CA TYR P 398 -7.70 -22.80 -60.10
CA ALA P 399 -7.49 -21.14 -63.50
CA PHE P 400 -9.79 -18.33 -62.30
CA GLU P 401 -7.76 -17.82 -59.13
CA LEU P 402 -4.53 -17.49 -61.12
CA LYS P 403 -6.26 -15.15 -63.59
CA GLU P 404 -7.42 -12.77 -60.86
CA LYS P 405 -4.02 -12.68 -59.18
CA LEU P 406 -2.33 -11.86 -62.48
CA LEU P 407 -4.31 -8.64 -62.69
CA ARG P 408 -1.82 -7.30 -60.13
CA GLY P 409 0.69 -9.95 -61.25
CA THR P 410 0.94 -13.25 -59.39
CA VAL P 411 4.06 -13.12 -57.24
CA ILE P 412 2.67 -14.71 -54.08
CA ASP P 413 0.35 -17.64 -53.38
CA VAL P 414 2.75 -20.19 -54.86
CA THR P 415 0.53 -22.98 -53.47
CA ASP P 416 -2.14 -22.00 -56.07
CA PHE P 417 0.04 -23.43 -58.81
CA VAL P 418 0.27 -26.83 -57.09
CA ASN P 419 -3.55 -26.99 -57.07
CA TRP P 420 -3.59 -26.09 -60.76
CA ALA P 421 -1.07 -28.85 -61.45
CA SER P 422 -3.29 -31.43 -59.76
CA SER P 423 -6.38 -30.34 -61.74
CA ILE P 424 -4.38 -30.57 -65.00
CA ASN P 425 -3.90 -34.30 -64.30
CA ASP P 426 -7.66 -34.74 -63.86
CA ALA P 427 -8.66 -32.81 -66.97
CA PRO P 428 -5.98 -33.02 -69.70
CA VAL P 429 -5.85 -30.71 -72.72
CA LEU P 430 -3.96 -31.32 -75.98
CA ILE P 431 -0.64 -29.51 -76.30
CA SER P 432 1.54 -30.98 -79.07
CA GLN P 433 0.35 -33.25 -81.82
CA LYS P 434 1.40 -34.95 -85.03
CA LEU P 435 -1.01 -34.83 -87.94
CA SER P 436 -1.65 -37.22 -90.81
CA PRO P 437 -4.71 -37.06 -93.14
CA ILE P 438 -7.80 -38.96 -91.95
CA TYR P 439 -8.40 -40.67 -95.32
CA ASN P 440 -5.24 -42.81 -94.90
CA LEU P 441 -7.04 -44.67 -92.09
CA VAL P 442 -9.78 -46.15 -94.33
CA PRO P 443 -9.31 -49.88 -95.00
CA VAL P 444 -8.64 -50.24 -98.72
CA LYS P 445 -9.81 -53.83 -98.82
CA MET P 446 -13.59 -53.35 -98.82
CA LYS P 447 -15.28 -52.30 -102.07
CA ASN P 448 -15.16 -48.66 -103.23
CA ALA P 449 -12.79 -47.77 -100.34
CA HIS P 450 -10.10 -46.72 -102.79
CA LEU P 451 -12.56 -44.54 -104.75
CA LYS P 452 -13.71 -42.75 -101.59
CA LYS P 453 -10.09 -42.27 -100.52
CA GLN P 454 -9.22 -40.59 -103.84
CA ASN P 455 -12.33 -38.40 -103.56
CA LEU P 456 -11.25 -37.36 -100.03
CA GLU P 457 -7.73 -36.44 -101.27
CA ARG P 458 -9.20 -34.08 -103.83
CA ALA P 459 -11.71 -32.75 -101.31
CA ILE P 460 -9.13 -31.67 -98.71
CA GLU P 461 -7.33 -29.54 -101.31
CA ASP P 462 -10.48 -27.81 -102.50
CA TYR P 463 -11.78 -27.28 -98.96
CA ILE P 464 -8.56 -25.42 -98.04
CA ASN P 465 -9.17 -23.00 -100.90
CA GLU P 466 -12.78 -22.30 -99.75
CA PHE P 467 -11.46 -21.51 -96.29
CA SER P 468 -8.52 -19.46 -97.61
CA VAL P 469 -7.85 -15.92 -96.39
CA ARG P 470 -5.49 -15.32 -99.32
CA LYS P 471 -8.50 -14.50 -101.50
CA CYS P 472 -9.81 -11.93 -99.00
CA HIS P 473 -8.84 -8.24 -98.80
CA THR P 474 -6.06 -7.37 -96.35
CA CYS P 475 -6.66 -4.27 -94.24
CA GLN P 476 -4.37 -1.27 -94.14
CA ASN P 477 -1.41 -0.78 -91.80
CA GLY P 478 -0.49 -4.47 -91.65
CA GLY P 479 -3.96 -5.80 -90.77
CA THR P 480 -4.49 -9.54 -91.30
CA VAL P 481 -7.74 -10.84 -92.71
CA ILE P 482 -9.57 -13.84 -91.24
CA LEU P 483 -12.38 -15.76 -92.97
CA MET P 484 -15.41 -16.68 -90.93
CA ASP P 485 -17.96 -18.61 -92.89
CA GLY P 486 -18.15 -16.40 -95.95
CA LYS P 487 -17.49 -13.05 -94.26
CA CYS P 488 -13.98 -11.73 -93.86
CA LEU P 489 -13.12 -9.56 -90.87
CA CYS P 490 -9.74 -7.94 -90.46
CA ALA P 491 -7.76 -8.55 -87.31
CA CYS P 492 -5.75 -5.43 -86.55
CA PRO P 493 -3.76 -4.40 -83.38
CA PHE P 494 -5.35 -2.81 -80.29
CA LYS P 495 -3.69 0.50 -81.24
CA PHE P 496 -5.42 0.73 -84.63
CA GLU P 497 -8.60 -1.20 -85.48
CA GLY P 498 -11.16 -1.36 -88.27
CA ILE P 499 -12.73 -3.18 -91.14
CA ALA P 500 -10.20 -0.96 -92.94
CA CYS P 501 -8.27 0.02 -89.66
CA GLU P 502 -8.58 3.86 -89.52
CA ILE P 503 -9.88 3.91 -85.92
CA SER P 504 -7.36 4.22 -83.09
CA LYS P 505 -7.00 4.66 -79.32
CA GLN P 506 -4.15 7.01 -80.22
CA SER Q 1 5.23 -14.77 -99.96
CA HIS Q 2 3.90 -18.18 -98.88
CA ILE Q 3 5.59 -21.38 -99.98
CA ASP Q 4 3.33 -24.35 -99.31
CA CYS Q 5 4.55 -27.88 -98.69
CA ARG Q 6 4.21 -30.09 -101.76
CA MET Q 7 5.14 -33.73 -102.20
CA SER Q 8 6.27 -35.68 -105.25
CA PRO Q 9 3.80 -37.21 -107.77
CA TRP Q 10 2.71 -40.79 -107.11
CA SER Q 11 5.07 -43.72 -107.34
CA GLU Q 12 3.73 -46.67 -109.34
CA TRP Q 13 2.10 -49.56 -107.45
CA SER Q 14 4.36 -52.20 -105.93
CA GLN Q 15 3.87 -55.92 -106.55
CA CYS Q 16 0.97 -57.50 -104.64
CA ASP Q 17 2.19 -58.16 -101.11
CA PRO Q 18 1.59 -61.65 -99.72
CA CYS Q 19 1.81 -60.40 -96.13
CA LEU Q 20 -0.68 -57.53 -96.51
CA ARG Q 21 -2.54 -58.38 -99.76
CA GLN Q 22 -2.17 -54.81 -100.97
CA MET Q 23 0.03 -52.71 -103.21
CA PHE Q 24 1.69 -49.55 -101.97
CA ARG Q 25 3.08 -46.30 -103.30
CA SER Q 26 4.75 -43.34 -101.64
CA ARG Q 27 5.89 -39.75 -102.12
CA SER Q 28 8.81 -37.59 -100.99
CA ILE Q 29 8.86 -33.87 -100.06
CA GLU Q 30 9.70 -31.66 -103.02
CA VAL Q 31 8.83 -28.38 -101.36
CA PHE Q 32 8.48 -27.52 -97.69
CA GLY Q 33 6.16 -24.98 -96.04
CA GLN Q 34 7.86 -21.66 -95.37
CA PHE Q 35 6.95 -17.99 -94.88
CA ASN Q 36 3.60 -18.73 -93.22
CA GLY Q 37 3.04 -21.69 -95.59
CA LYS Q 38 1.11 -24.85 -94.78
CA ARG Q 39 2.44 -28.28 -93.83
CA CYS Q 40 2.04 -31.37 -95.99
CA THR Q 41 -1.64 -32.23 -96.18
CA ASP Q 42 -0.51 -34.76 -98.83
CA ALA Q 43 -1.44 -38.45 -98.56
CA VAL Q 44 2.26 -39.49 -98.36
CA GLY Q 45 1.32 -43.08 -99.22
CA ASP Q 46 -1.67 -44.82 -100.75
CA ARG Q 47 -2.63 -48.48 -100.59
CA ARG Q 48 -4.70 -50.46 -103.08
CA GLN Q 49 -6.42 -53.78 -102.36
CA CYS Q 50 -4.91 -56.88 -103.98
CA VAL Q 51 -4.56 -60.66 -103.59
CA PRO Q 52 -1.63 -62.62 -101.99
CA THR Q 53 1.12 -64.06 -104.21
CA GLU Q 54 2.11 -66.71 -101.63
CA PRO Q 55 1.25 -67.62 -98.03
CA CYS Q 56 3.45 -65.23 -96.05
CA GLU Q 57 3.74 -64.62 -92.31
CA CYS Q 63 7.39 -73.29 -83.33
CA GLY Q 64 7.47 -76.92 -84.52
CA ASN Q 65 6.83 -79.59 -81.88
CA ASP Q 66 7.28 -77.11 -79.01
CA PHE Q 67 4.41 -75.34 -77.23
CA GLN Q 68 2.91 -72.56 -79.32
CA CYS Q 69 0.83 -69.82 -77.74
CA SER Q 70 -2.06 -68.09 -79.51
CA THR Q 71 0.10 -64.94 -79.57
CA GLY Q 72 2.74 -66.76 -81.66
CA ARG Q 73 5.11 -67.18 -78.71
CA CYS Q 74 7.13 -70.36 -79.03
CA ILE Q 75 8.46 -71.83 -75.80
CA LYS Q 76 9.58 -75.29 -74.75
CA MET Q 77 7.31 -77.29 -72.43
CA ARG Q 78 9.61 -77.02 -69.38
CA LEU Q 79 8.99 -73.22 -69.30
CA ARG Q 80 5.33 -73.98 -68.56
CA CYS Q 81 4.03 -74.85 -65.11
CA ASN Q 82 5.90 -72.50 -62.83
CA GLY Q 83 3.59 -69.46 -62.76
CA ASP Q 84 5.90 -67.47 -65.03
CA ASN Q 85 4.54 -65.53 -67.97
CA ASP Q 86 6.43 -67.02 -70.90
CA CYS Q 87 3.55 -66.34 -73.29
CA GLY Q 88 2.01 -63.11 -74.56
CA ASP Q 89 -1.44 -64.22 -73.39
CA PHE Q 90 -0.33 -66.35 -70.39
CA SER Q 91 -1.39 -69.57 -72.20
CA ASP Q 92 1.55 -71.43 -70.70
CA GLU Q 93 -0.08 -71.12 -67.28
CA ASP Q 94 -3.59 -71.78 -68.60
CA ASP Q 95 -4.78 -75.40 -68.54
CA CYS Q 96 -1.21 -76.35 -67.64
CA GLU Q 97 0.15 -79.92 -67.73
CA SER Q 98 1.21 -79.81 -64.08
CA GLU Q 99 0.84 -77.49 -61.10
CA PRO Q 100 3.15 -74.51 -60.87
CA ARG Q 101 6.50 -75.41 -59.28
CA PRO Q 102 8.25 -72.43 -57.55
CA PRO Q 103 10.43 -70.39 -60.00
CA CYS Q 104 12.51 -69.42 -56.98
CA ARG Q 105 12.65 -72.25 -54.43
CA ASP Q 106 14.45 -70.13 -51.81
CA ARG Q 107 11.95 -67.28 -51.54
CA VAL Q 108 9.32 -65.46 -53.56
CA VAL Q 109 11.27 -62.90 -55.58
CA GLU Q 110 9.38 -59.78 -56.67
CA GLU Q 111 9.85 -58.57 -60.24
CA SER Q 112 11.85 -55.49 -61.14
CA GLU Q 113 9.39 -52.63 -61.25
CA LEU Q 114 9.43 -50.58 -64.41
CA ALA Q 115 11.01 -53.60 -66.17
CA ARG Q 116 8.86 -52.90 -69.22
CA THR Q 117 9.78 -49.22 -69.13
CA ALA Q 118 13.52 -50.03 -69.27
CA GLY Q 119 13.10 -52.06 -72.48
CA TYR Q 120 11.48 -49.23 -74.55
CA GLY Q 121 12.24 -48.63 -78.22
CA ILE Q 122 13.25 -45.13 -79.33
CA ASN Q 123 12.58 -42.99 -82.39
CA ILE Q 124 15.81 -41.10 -82.90
CA LEU Q 125 14.17 -38.39 -85.02
CA GLY Q 126 12.61 -36.93 -81.86
CA MET Q 127 14.67 -38.89 -79.32
CA ASP Q 128 11.48 -40.03 -77.57
CA PRO Q 129 10.73 -43.57 -76.35
CA LEU Q 130 8.03 -45.83 -77.81
CA SER Q 131 6.84 -49.28 -76.67
CA THR Q 132 9.44 -51.96 -75.80
CA PRO Q 133 10.51 -54.49 -78.50
CA PHE Q 134 11.57 -56.86 -75.68
CA ASP Q 135 9.30 -58.95 -73.49
CA ASN Q 136 10.13 -57.79 -69.97
CA GLU Q 137 7.92 -60.28 -68.16
CA PHE Q 138 9.70 -63.17 -69.90
CA TYR Q 139 12.02 -64.87 -67.44
CA ASN Q 140 12.71 -67.86 -69.73
CA GLY Q 141 11.38 -70.22 -67.01
CA LEU Q 142 14.45 -69.38 -64.93
CA CYS Q 143 14.67 -67.05 -61.95
CA ASN Q 144 17.59 -64.68 -62.28
CA ARG Q 145 17.74 -61.80 -59.83
CA ASP Q 146 19.56 -58.54 -59.19
CA ARG Q 147 19.98 -57.31 -55.62
CA ASP Q 148 18.99 -53.76 -54.64
CA GLY Q 149 21.24 -52.13 -52.02
CA ASN Q 150 18.89 -49.14 -51.50
CA THR Q 151 16.04 -51.40 -50.39
CA LEU Q 152 17.49 -54.73 -49.32
CA THR Q 153 15.59 -57.28 -51.37
CA TYR Q 154 16.20 -58.98 -54.70
CA TYR Q 155 14.27 -58.09 -57.81
CA ARG Q 156 13.84 -60.71 -60.50
CA ARG Q 157 15.41 -59.79 -63.82
CA PRO Q 158 13.86 -60.84 -67.18
CA TRP Q 159 16.06 -62.98 -69.45
CA ASN Q 160 15.59 -60.49 -72.31
CA VAL Q 161 17.32 -57.99 -70.02
CA ALA Q 162 21.09 -58.21 -69.60
CA SER Q 163 21.30 -56.22 -66.28
CA LEU Q 164 18.71 -54.10 -64.41
CA ILE Q 165 20.72 -53.54 -61.29
CA TYR Q 166 19.48 -50.67 -59.16
CA GLU Q 167 22.60 -48.62 -58.78
CA THR Q 168 24.02 -47.22 -55.60
CA LYS Q 169 22.76 -43.72 -56.42
CA GLY Q 170 24.72 -41.54 -58.82
CA GLU Q 171 23.43 -38.55 -56.89
CA LYS Q 172 25.31 -35.25 -57.17
CA ASN Q 173 26.71 -34.48 -60.55
CA PHE Q 174 26.57 -30.87 -59.56
CA ARG Q 175 28.32 -28.01 -61.25
CA THR Q 176 27.84 -24.30 -61.46
CA GLU Q 177 29.81 -21.99 -63.66
CA HIS Q 178 29.95 -18.28 -63.17
CA TYR Q 179 31.12 -15.98 -65.92
CA GLU Q 180 31.42 -12.24 -65.67
CA GLU Q 181 32.82 -9.70 -68.15
CA GLN Q 182 33.26 -5.94 -67.81
CA ILE Q 183 34.54 -3.53 -70.48
CA GLU Q 184 34.32 0.26 -70.07
CA ALA Q 185 36.06 2.94 -72.12
CA PHE Q 186 36.30 6.74 -72.19
CA LYS Q 187 37.61 9.24 -74.74
CA SER Q 188 37.48 13.03 -74.41
CA ILE Q 189 39.08 15.76 -76.52
CA ILE Q 190 39.11 19.57 -76.40
CA GLN Q 191 40.54 22.16 -78.79
CA GLU Q 192 40.63 25.96 -78.69
CA LYS Q 193 42.12 28.72 -80.82
CA THR Q 194 42.00 32.48 -80.47
CA SER Q 195 43.51 35.36 -82.43
CA ASN Q 196 43.61 39.02 -81.40
CA PHE Q 197 44.65 41.86 -83.69
CA ASN Q 198 44.86 45.65 -83.40
CA ALA Q 199 46.20 48.23 -85.85
CA ALA Q 200 46.27 52.00 -85.77
CA ILE Q 201 47.63 54.82 -87.91
CA SER Q 202 47.71 58.57 -87.24
CA LEU Q 203 49.08 61.62 -89.03
CA LYS Q 204 49.39 65.32 -88.23
CA PHE Q 205 50.44 68.21 -90.45
CA THR Q 206 50.78 71.94 -89.66
CA PRO Q 207 51.88 74.41 -92.39
CA GLY Q 228 46.75 75.54 -91.34
CA LYS Q 229 46.42 72.38 -89.30
CA GLY Q 230 45.19 68.92 -90.27
CA SER Q 231 45.11 65.60 -88.48
CA PHE Q 232 43.90 62.06 -89.10
CA ARG Q 233 43.40 59.10 -86.76
CA PHE Q 234 42.24 55.56 -87.50
CA SER Q 235 42.02 52.41 -85.36
CA TYR Q 236 40.93 48.90 -86.31
CA SER Q 237 40.62 45.72 -84.25
CA LYS Q 238 39.55 42.10 -84.72
CA ASN Q 239 39.20 39.13 -82.42
CA GLU Q 240 38.12 35.53 -82.86
CA THR Q 241 37.62 32.67 -80.40
CA TYR Q 242 36.65 29.15 -81.50
CA GLN Q 243 36.21 26.10 -79.27
CA LEU Q 244 35.39 22.43 -79.86
CA PHE Q 245 34.73 19.96 -77.05
CA LEU Q 246 33.62 16.32 -77.35
CA SER Q 247 33.27 13.44 -74.91
CA TYR Q 248 32.42 9.79 -75.50
CA SER Q 249 31.86 6.77 -73.24
CA SER Q 250 30.82 3.18 -73.89
CA LYS Q 251 30.10 0.10 -71.81
CA LYS Q 252 29.70 -3.59 -72.62
CA GLU Q 253 29.19 -6.00 -69.73
CA LYS Q 254 27.89 -9.56 -69.60
CA MET Q 255 27.10 -12.20 -67.02
CA PHE Q 256 26.40 -15.84 -67.61
CA LEU Q 257 25.39 -18.53 -65.17
CA HIS Q 258 25.00 -22.24 -65.50
CA VAL Q 259 23.57 -24.42 -62.77
CA LYS Q 260 23.05 -28.16 -63.11
CA GLY Q 261 22.73 -31.20 -60.87
CA GLU Q 262 22.09 -34.73 -62.11
CA ILE Q 263 21.00 -37.83 -60.18
CA HIS Q 264 21.09 -41.40 -61.49
CA LEU Q 265 18.63 -43.76 -59.81
CA GLY Q 266 19.33 -46.99 -61.73
CA ARG Q 267 21.21 -48.68 -64.57
CA PHE Q 268 19.70 -50.93 -67.21
CA VAL Q 269 21.35 -53.03 -69.89
CA MET Q 270 19.27 -54.84 -72.50
CA ARG Q 271 20.30 -57.96 -74.40
CA ASN Q 272 22.16 -57.47 -77.71
CA ARG Q 273 22.12 -61.24 -78.22
CA ASP Q 274 19.29 -63.33 -79.70
CA VAL Q 275 16.50 -63.35 -77.13
CA VAL Q 276 12.70 -63.40 -76.98
CA LEU Q 277 10.74 -60.30 -77.99
CA THR Q 278 7.20 -59.12 -77.21
CA THR Q 279 4.48 -60.77 -79.30
CA THR Q 280 2.95 -57.55 -80.70
CA PHE Q 281 6.27 -56.43 -82.18
CA VAL Q 282 6.90 -59.90 -83.70
CA ASP Q 283 3.41 -60.02 -85.24
CA ASP Q 284 3.85 -56.63 -86.92
CA ILE Q 285 7.37 -57.63 -88.10
CA LYS Q 286 5.87 -60.69 -89.80
CA ALA Q 287 3.12 -58.51 -91.33
CA LEU Q 288 5.65 -56.28 -93.16
CA PRO Q 289 6.03 -56.52 -97.00
CA THR Q 290 8.48 -58.87 -98.78
CA THR Q 291 9.46 -55.99 -101.09
CA TYR Q 292 10.76 -52.51 -100.34
CA GLU Q 293 8.11 -49.79 -100.51
CA LYS Q 294 8.76 -46.81 -98.25
CA GLY Q 295 5.28 -46.12 -96.84
CA GLU Q 296 4.89 -49.34 -94.85
CA TYR Q 297 8.41 -49.23 -93.44
CA PHE Q 298 8.14 -45.53 -92.53
CA ALA Q 299 4.94 -46.19 -90.55
CA PHE Q 300 6.62 -49.13 -88.76
CA LEU Q 301 9.64 -47.04 -87.78
CA GLU Q 302 7.36 -44.24 -86.61
CA THR Q 303 5.33 -46.58 -84.36
CA TYR Q 304 8.07 -48.90 -83.01
CA GLY Q 305 11.09 -46.58 -83.09
CA THR Q 306 14.07 -46.28 -85.44
CA HIS Q 307 16.39 -47.77 -82.82
CA TYR Q 308 15.99 -49.31 -79.38
CA SER Q 309 17.52 -48.48 -76.01
CA SER Q 310 20.38 -50.97 -75.78
CA SER Q 311 21.38 -49.68 -72.35
CA GLY Q 312 21.13 -46.45 -70.39
CA SER Q 313 20.55 -44.84 -67.03
CA LEU Q 314 17.41 -43.78 -65.22
CA GLY Q 315 17.54 -40.60 -63.16
CA GLY Q 316 16.48 -36.95 -63.24
CA LEU Q 317 17.96 -33.53 -63.93
CA TYR Q 318 17.88 -30.14 -62.26
CA GLU Q 319 19.04 -27.28 -64.54
CA LEU Q 320 18.89 -23.51 -64.90
CA ILE Q 321 20.87 -21.02 -67.01
CA TYR Q 322 20.96 -17.25 -66.54
CA VAL Q 323 21.94 -14.72 -69.17
CA LEU Q 324 22.64 -10.99 -69.17
CA ASP Q 325 23.95 -8.84 -72.03
CA LYS Q 326 24.15 -5.09 -71.29
CA ALA Q 327 25.21 -2.32 -73.69
CA SER Q 328 25.22 1.49 -73.60
CA MET Q 329 26.81 4.41 -75.48
CA LYS Q 330 27.10 8.08 -74.47
CA ARG Q 331 28.18 10.91 -76.79
CA LYS Q 332 28.13 14.71 -76.50
CA GLY Q 333 29.69 17.48 -78.61
CA VAL Q 334 29.59 21.28 -78.50
CA GLU Q 335 30.82 24.00 -80.88
CA LEU Q 336 31.26 27.63 -79.79
CA LYS Q 337 32.36 30.58 -81.91
CA ASP Q 338 32.61 34.31 -81.25
CA ILE Q 339 33.90 36.99 -83.68
CA LYS Q 340 34.02 40.77 -83.39
CA ARG Q 341 35.18 43.80 -85.38
CA CYS Q 342 35.39 47.39 -84.20
CA LEU Q 343 36.86 50.38 -86.04
CA GLY Q 344 36.99 54.13 -85.39
CA TYR Q 345 37.71 56.93 -87.85
CA HIS Q 346 38.43 60.61 -87.13
CA LEU Q 347 39.76 63.72 -88.85
CA ASP Q 348 39.98 67.37 -87.86
CA VAL Q 349 41.06 70.31 -90.06
CA SER Q 350 41.30 74.06 -89.36
CA LEU Q 351 42.42 77.03 -91.47
CA ALA Q 352 43.10 80.56 -90.20
CA PHE Q 353 43.80 83.32 -92.72
CA SER Q 354 44.27 86.84 -91.28
CA GLU Q 355 41.26 87.65 -89.03
CA ILE Q 356 38.93 84.92 -90.46
CA SER Q 357 38.89 81.22 -89.59
CA VAL Q 358 37.03 78.05 -90.59
CA GLY Q 359 37.21 74.53 -89.11
CA ALA Q 360 35.56 71.18 -89.72
CA GLU Q 361 35.78 67.66 -88.32
CA PHE Q 362 34.26 64.23 -88.92
CA ASN Q 363 34.02 61.15 -86.70
CA LYS Q 364 32.62 57.67 -87.39
CA ASP Q 365 32.38 54.51 -85.29
CA ASP Q 366 31.33 51.07 -86.60
CA CYS Q 367 31.14 47.79 -84.66
CA VAL Q 368 29.69 44.31 -85.26
CA LYS Q 369 29.76 41.20 -83.05
CA ARG Q 370 28.44 37.76 -83.96
CA GLY Q 371 28.20 34.76 -81.61
CA GLU Q 372 27.21 31.23 -82.54
CA GLY Q 373 26.62 28.13 -80.38
CA ARG Q 374 25.59 24.58 -81.26
CA ALA Q 375 25.31 21.49 -79.06
CA VAL Q 376 24.30 17.86 -79.64
CA ASN Q 377 23.90 15.09 -77.03
CA ILE Q 378 22.75 11.49 -77.52
CA THR Q 379 22.50 8.50 -75.17
CA SER Q 380 21.20 4.97 -75.71
CA GLU Q 381 21.04 1.86 -73.54
CA ASN Q 382 19.70 -1.63 -74.18
CA LEU Q 383 19.76 -4.99 -72.42
CA ILE Q 384 18.38 -8.53 -72.47
CA ASP Q 385 17.63 -10.77 -69.49
CA ASP Q 386 16.83 -14.35 -70.43
CA VAL Q 387 16.34 -17.02 -67.82
CA VAL Q 388 15.58 -20.53 -68.90
CA SER Q 389 15.08 -23.47 -66.64
CA LEU Q 390 13.73 -26.98 -66.76
CA ILE Q 391 13.74 -30.13 -64.64
CA ARG Q 392 12.81 -33.75 -65.30
CA GLY Q 393 11.98 -36.79 -63.21
CA GLY Q 394 9.55 -37.50 -60.36
CA THR Q 395 5.96 -36.38 -59.81
CA ARG Q 396 4.38 -33.00 -60.54
CA LYS Q 397 3.95 -31.60 -57.03
CA TYR Q 398 7.63 -31.41 -56.10
CA ALA Q 399 8.60 -30.23 -59.56
CA PHE Q 400 5.99 -27.43 -59.37
CA GLU Q 401 7.19 -26.36 -55.93
CA LEU Q 402 10.80 -26.10 -57.13
CA LYS Q 403 9.65 -24.24 -60.26
CA GLU Q 404 7.80 -21.59 -58.27
CA LYS Q 405 10.69 -21.05 -55.86
CA LEU Q 406 13.09 -20.59 -58.78
CA LEU Q 407 11.13 -17.56 -59.92
CA ARG Q 408 12.90 -15.72 -57.09
CA GLY Q 409 15.67 -18.34 -57.18
CA THR Q 410 15.57 -21.33 -54.82
CA VAL Q 411 18.07 -20.70 -52.06
CA ILE Q 412 16.01 -21.92 -49.11
CA ASP Q 413 13.67 -24.87 -48.54
CA VAL Q 414 16.43 -27.43 -49.01
CA THR Q 415 14.01 -30.14 -47.78
CA ASP Q 416 12.02 -29.70 -51.05
CA PHE Q 417 14.84 -31.36 -52.96
CA VAL Q 418 14.75 -34.46 -50.74
CA ASN Q 419 11.04 -34.86 -51.58
CA TRP Q 420 11.87 -34.49 -55.27
CA ALA Q 421 14.55 -37.16 -54.93
CA SER Q 422 12.06 -39.62 -53.45
CA SER Q 423 9.51 -39.01 -56.22
CA ILE Q 424 12.25 -39.57 -58.85
CA ASN Q 425 12.65 -43.12 -57.51
CA ASP Q 426 8.91 -43.73 -57.89
CA ALA Q 427 8.62 -42.32 -61.41
CA PRO Q 428 11.89 -42.74 -63.37
CA VAL Q 429 12.68 -40.87 -66.59
CA LEU Q 430 15.31 -41.81 -69.19
CA ILE Q 431 18.56 -39.86 -68.99
CA SER Q 432 21.38 -41.55 -70.92
CA GLN Q 433 20.95 -44.26 -73.50
CA LYS Q 434 22.79 -46.32 -76.08
CA LEU Q 435 21.15 -46.76 -79.46
CA SER Q 436 21.28 -49.56 -82.01
CA PRO Q 437 18.87 -49.92 -84.98
CA ILE Q 438 15.64 -51.83 -84.28
CA TYR Q 439 15.92 -54.03 -87.40
CA ASN Q 440 18.93 -55.88 -85.93
CA LEU Q 441 16.58 -57.44 -83.36
CA VAL Q 442 14.51 -59.39 -85.93
CA PRO Q 443 15.23 -63.15 -85.91
CA VAL Q 444 16.78 -63.98 -89.27
CA LYS Q 445 15.76 -67.61 -89.10
CA MET Q 446 12.08 -67.38 -90.05
CA LYS Q 447 11.20 -66.90 -93.73
CA ASN Q 448 11.50 -63.47 -95.37
CA ALA Q 449 13.08 -62.03 -92.17
CA HIS Q 450 16.24 -61.16 -94.06
CA LEU Q 451 14.26 -59.44 -96.84
CA LYS Q 452 12.34 -57.30 -94.34
CA LYS Q 453 15.58 -56.45 -92.54
CA GLN Q 454 17.17 -55.19 -95.78
CA ASN Q 455 14.03 -53.18 -96.56
CA LEU Q 456 14.19 -51.60 -93.08
CA GLU Q 457 17.88 -50.64 -93.59
CA ARG Q 458 17.00 -48.77 -96.75
CA ALA Q 459 13.92 -47.25 -95.11
CA ILE Q 460 15.78 -45.66 -92.18
CA GLU Q 461 18.09 -43.80 -94.57
CA ASP Q 462 15.26 -42.46 -96.71
CA TYR Q 463 13.14 -41.52 -93.70
CA ILE Q 464 15.99 -39.35 -92.34
CA ASN Q 465 16.01 -37.40 -95.61
CA GLU Q 466 12.22 -36.78 -95.45
CA PHE Q 467 12.64 -35.42 -91.92
CA SER Q 468 15.76 -33.40 -92.82
CA VAL Q 469 16.01 -29.69 -92.02
CA ARG Q 470 18.99 -29.35 -94.38
CA LYS Q 471 16.56 -29.04 -97.30
CA CYS Q 472 14.62 -26.23 -95.58
CA HIS Q 473 15.41 -22.50 -95.72
CA THR Q 474 17.50 -21.12 -92.86
CA CYS Q 475 16.31 -17.80 -91.43
CA GLN Q 476 18.43 -14.68 -91.26
CA ASN Q 477 20.72 -13.68 -88.39
CA GLY Q 478 21.68 -17.25 -87.47
CA GLY Q 479 18.14 -18.66 -87.25
CA THR Q 480 17.86 -22.46 -87.31
CA VAL Q 481 15.08 -24.15 -89.23
CA ILE Q 482 13.04 -27.02 -87.80
CA LEU Q 483 10.79 -29.35 -89.83
CA MET Q 484 7.38 -30.15 -88.44
CA ASP Q 485 5.43 -32.49 -90.61
CA GLY Q 486 5.92 -30.75 -93.93
CA LYS Q 487 6.06 -27.17 -92.67
CA CYS Q 488 9.33 -25.59 -91.65
CA LEU Q 489 9.38 -22.97 -88.92
CA CYS Q 490 12.52 -21.10 -87.97
CA ALA Q 491 13.71 -21.13 -84.39
CA CYS Q 492 15.39 -17.82 -83.66
CA PRO Q 493 16.53 -16.24 -80.31
CA PHE Q 494 14.19 -14.32 -77.95
CA LYS Q 495 15.94 -11.09 -78.98
CA PHE Q 496 15.07 -11.43 -82.67
CA GLU Q 497 12.25 -13.67 -83.93
CA GLY Q 498 10.43 -14.38 -87.18
CA ILE Q 499 9.65 -16.67 -90.04
CA ALA Q 500 12.49 -14.57 -91.52
CA CYS Q 501 13.54 -13.02 -88.05
CA GLU Q 502 13.10 -9.23 -88.57
CA ILE Q 503 10.96 -8.76 -85.43
CA SER Q 504 12.72 -7.90 -82.18
CA LYS Q 505 12.15 -6.92 -78.54
CA GLN Q 506 15.06 -4.53 -79.08
CA SER R 1 29.52 -28.22 -92.57
CA HIS R 2 28.08 -31.53 -91.33
CA ILE R 3 30.07 -34.73 -91.50
CA ASP R 4 27.80 -37.71 -90.95
CA CYS R 5 28.93 -41.04 -89.53
CA ARG R 6 29.41 -43.67 -92.22
CA MET R 7 30.52 -47.27 -91.89
CA SER R 8 32.40 -49.56 -94.25
CA PRO R 9 30.65 -51.58 -97.02
CA TRP R 10 29.53 -55.09 -96.10
CA SER R 11 31.97 -57.87 -95.33
CA GLU R 12 31.23 -61.14 -97.12
CA TRP R 13 29.28 -63.85 -95.25
CA SER R 14 31.17 -66.09 -92.87
CA GLN R 15 30.95 -69.89 -93.01
CA CYS R 16 27.74 -71.37 -91.62
CA ASP R 17 28.08 -71.45 -87.84
CA PRO R 18 27.27 -74.75 -86.13
CA CYS R 19 26.58 -72.99 -82.81
CA LEU R 20 24.17 -70.37 -84.19
CA ARG R 21 23.17 -71.78 -87.62
CA GLN R 22 23.73 -68.40 -89.24
CA MET R 23 26.34 -66.49 -91.19
CA PHE R 24 27.56 -63.09 -90.09
CA ARG R 25 29.14 -59.98 -91.53
CA SER R 26 30.28 -56.72 -89.99
CA ARG R 27 31.39 -53.17 -90.72
CA SER R 28 33.89 -50.69 -89.28
CA ILE R 29 33.61 -46.88 -88.94
CA GLU R 30 35.09 -45.06 -91.91
CA VAL R 31 33.74 -41.64 -91.03
CA PHE R 32 32.50 -40.30 -87.71
CA GLY R 33 29.78 -37.70 -87.04
CA GLN R 34 31.17 -34.22 -86.50
CA PHE R 35 30.07 -30.59 -86.80
CA ASN R 36 26.43 -31.29 -85.88
CA GLY R 37 26.55 -34.58 -87.84
CA LYS R 38 24.56 -37.72 -87.04
CA ARG R 39 25.73 -40.89 -85.30
CA CYS R 40 25.94 -44.27 -86.99
CA THR R 41 22.45 -45.39 -87.91
CA ASP R 42 24.25 -48.18 -89.81
CA ALA R 43 23.39 -51.85 -89.21
CA VAL R 44 26.96 -52.61 -88.00
CA GLY R 45 26.36 -56.34 -88.51
CA ASP R 46 23.87 -58.46 -90.41
CA ARG R 47 23.00 -62.11 -89.93
CA ARG R 48 21.65 -64.56 -92.51
CA GLN R 49 19.91 -67.84 -91.72
CA CYS R 50 21.85 -71.04 -92.45
CA VAL R 51 22.21 -74.69 -91.42
CA PRO R 52 24.72 -76.22 -88.91
CA THR R 53 27.96 -77.79 -90.17
CA GLU R 54 28.37 -79.98 -87.07
CA PRO R 55 26.69 -80.42 -83.69
CA CYS R 56 28.29 -77.65 -81.62
CA GLU R 57 27.65 -76.51 -78.06
CA CYS R 63 29.28 -83.59 -67.27
CA GLY R 64 29.75 -87.34 -67.85
CA ASN R 65 28.57 -89.65 -65.06
CA ASP R 66 28.25 -86.77 -62.57
CA PHE R 67 24.98 -84.95 -61.79
CA GLN R 68 23.96 -82.59 -64.57
CA CYS R 69 21.47 -79.80 -63.95
CA SER R 70 19.04 -78.51 -66.59
CA THR R 71 21.07 -75.28 -66.61
CA GLY R 72 24.18 -77.20 -67.73
CA ARG R 73 25.78 -77.05 -64.29
CA CYS R 74 27.92 -80.11 -63.64
CA ILE R 75 28.47 -81.03 -60.00
CA LYS R 76 29.40 -84.22 -58.21
CA MET R 77 26.70 -86.02 -56.21
CA ARG R 78 28.19 -85.19 -52.79
CA LEU R 79 27.46 -81.46 -53.43
CA ARG R 80 23.75 -82.34 -53.46
CA CYS R 81 21.69 -82.80 -50.31
CA ASN R 82 22.89 -80.04 -48.05
CA GLY R 83 20.54 -77.18 -48.98
CA ASP R 84 23.27 -75.37 -50.91
CA ASN R 85 22.60 -73.95 -54.35
CA ASP R 86 25.18 -75.72 -56.49
CA CYS R 87 22.94 -75.57 -59.58
CA GLY R 88 21.66 -72.65 -61.64
CA ASP R 89 18.07 -73.80 -61.15
CA PHE R 90 18.49 -75.42 -57.69
CA SER R 91 17.98 -78.91 -59.18
CA ASP R 92 20.53 -80.36 -56.78
CA GLU R 93 18.12 -79.68 -53.92
CA ASP R 94 15.04 -80.74 -55.92
CA ASP R 95 13.97 -84.38 -55.59
CA CYS R 96 17.25 -84.97 -53.76
CA GLU R 97 18.69 -88.42 -52.98
CA SER R 98 18.84 -87.74 -49.24
CA GLU R 99 17.70 -85.05 -46.81
CA PRO R 100 19.81 -81.93 -46.50
CA ARG R 101 22.70 -82.38 -44.06
CA PRO R 102 23.89 -79.09 -42.43
CA PRO R 103 26.53 -77.28 -44.59
CA CYS R 104 27.81 -75.76 -41.35
CA ARG R 105 27.41 -78.19 -38.44
CA ASP R 106 28.46 -75.62 -35.82
CA ARG R 107 25.89 -72.92 -36.58
CA VAL R 108 23.78 -71.58 -39.40
CA VAL R 109 26.08 -69.20 -41.28
CA GLU R 110 24.42 -66.39 -43.23
CA GLU R 111 25.70 -65.67 -46.74
CA SER R 112 27.77 -62.62 -47.60
CA GLU R 113 25.33 -59.96 -48.71
CA LEU R 114 26.07 -58.37 -52.05
CA ALA R 115 28.11 -61.51 -52.90
CA ARG R 116 26.74 -61.38 -56.45
CA THR R 117 27.51 -57.67 -56.70
CA ALA R 118 31.20 -58.25 -55.84
CA GLY R 119 31.62 -60.73 -58.71
CA TYR R 120 30.46 -58.33 -61.51
CA GLY R 121 32.06 -58.20 -64.94
CA ILE R 122 33.21 -54.83 -66.31
CA ASN R 123 33.23 -53.19 -69.72
CA ILE R 124 36.44 -51.19 -69.73
CA LEU R 125 35.28 -48.91 -72.56
CA GLY R 126 32.96 -47.12 -70.12
CA MET R 127 34.41 -48.57 -66.90
CA ASP R 128 30.93 -49.66 -65.80
CA PRO R 129 30.00 -53.03 -64.26
CA LEU R 130 27.80 -55.65 -65.95
CA SER R 131 26.47 -58.97 -64.62
CA THR R 132 28.86 -61.33 -62.78
CA PRO R 133 30.61 -64.14 -64.73
CA PHE R 134 31.04 -66.02 -61.42
CA ASP R 135 28.36 -67.93 -59.53
CA ASN R 136 28.29 -66.23 -56.12
CA GLU R 137 25.78 -68.58 -54.54
CA PHE R 138 28.00 -71.57 -55.35
CA TYR R 139 29.72 -72.76 -52.19
CA ASN R 140 31.02 -75.99 -53.78
CA GLY R 141 29.15 -78.03 -51.13
CA LEU R 142 31.60 -76.71 -48.54
CA CYS R 143 31.03 -73.97 -45.99
CA ASN R 144 33.87 -71.49 -45.97
CA ARG R 145 33.34 -68.30 -44.01
CA ASP R 146 34.86 -64.87 -43.47
CA ARG R 147 34.38 -63.13 -40.12
CA ASP R 148 33.08 -59.54 -39.95
CA GLY R 149 34.59 -57.43 -37.15
CA ASN R 150 32.10 -54.55 -37.64
CA THR R 151 29.14 -56.81 -36.91
CA LEU R 152 30.38 -59.86 -35.04
CA THR R 153 29.10 -62.78 -37.06
CA TYR R 154 30.54 -64.89 -39.87
CA TYR R 155 29.39 -64.57 -43.44
CA ARG R 156 29.70 -67.56 -45.72
CA ARG R 157 31.98 -67.02 -48.70
CA PRO R 158 31.33 -68.62 -52.13
CA TRP R 159 34.07 -70.91 -53.47
CA ASN R 160 34.22 -68.88 -56.70
CA VAL R 161 35.28 -65.98 -54.47
CA ALA R 162 38.85 -65.90 -53.15
CA SER R 163 38.19 -63.46 -50.22
CA LEU R 164 35.18 -61.26 -49.34
CA ILE R 165 36.35 -60.15 -45.95
CA TYR R 166 34.56 -57.10 -44.63
CA GLU R 167 37.44 -54.82 -43.85
CA THR R 168 38.01 -52.89 -40.67
CA LYS R 169 36.89 -49.63 -42.28
CA GLY R 170 39.30 -47.69 -44.46
CA GLU R 171 37.50 -44.55 -43.37
CA LYS R 172 39.31 -41.21 -43.69
CA ASN R 173 41.46 -40.83 -46.73
CA PHE R 174 40.98 -37.14 -46.35
CA ARG R 175 42.99 -34.43 -47.99
CA THR R 176 42.47 -30.83 -48.87
CA GLU R 177 44.86 -28.73 -50.87
CA HIS R 178 44.77 -24.98 -50.92
CA TYR R 179 46.50 -23.02 -53.64
CA GLU R 180 46.62 -19.27 -53.89
CA GLU R 181 48.51 -17.02 -56.33
CA GLN R 182 48.73 -13.22 -56.47
CA ILE R 183 50.56 -11.14 -59.10
CA GLU R 184 50.14 -7.35 -59.33
CA ALA R 185 52.25 -4.88 -61.29
CA PHE R 186 52.39 -1.11 -61.88
CA LYS R 187 54.20 1.08 -64.41
CA SER R 188 53.89 4.86 -64.68
CA ILE R 189 55.87 7.37 -66.75
CA ILE R 190 55.76 11.15 -67.20
CA GLN R 191 57.65 13.47 -69.55
CA GLU R 192 57.61 17.24 -70.01
CA LYS R 193 59.48 19.76 -72.12
CA THR R 194 59.18 23.53 -72.37
CA SER R 195 61.04 26.19 -74.35
CA ASN R 196 60.77 29.96 -73.88
CA PHE R 197 62.26 32.51 -76.27
CA ASN R 198 62.29 36.31 -76.51
CA ALA R 199 64.10 38.60 -78.93
CA ALA R 200 64.04 42.35 -79.42
CA ILE R 201 65.79 44.92 -81.58
CA SER R 202 65.60 48.72 -81.47
CA LEU R 203 67.28 51.57 -83.34
CA LYS R 204 67.28 55.36 -83.06
CA PHE R 205 68.75 57.98 -85.38
CA THR R 206 68.79 61.79 -85.10
CA PRO R 207 70.45 63.91 -87.85
CA GLY R 228 65.18 64.86 -88.20
CA LYS R 229 64.46 62.01 -85.84
CA GLY R 230 63.59 58.37 -86.55
CA SER R 231 63.18 55.33 -84.34
CA PHE R 232 62.26 51.67 -84.69
CA ARG R 233 61.29 49.04 -82.10
CA PHE R 234 60.45 45.37 -82.56
CA SER R 235 59.82 42.54 -80.08
CA TYR R 236 59.08 38.87 -80.72
CA SER R 237 58.37 35.99 -78.33
CA LYS R 238 57.56 32.29 -78.48
CA ASN R 239 56.74 29.65 -75.91
CA GLU R 240 55.90 25.95 -76.05
CA THR R 241 54.91 23.44 -73.37
CA TYR R 242 54.33 19.75 -74.11
CA GLN R 243 53.45 17.02 -71.62
CA LEU R 244 52.90 13.26 -71.83
CA PHE R 245 51.66 11.16 -68.91
CA LEU R 246 50.75 7.46 -68.91
CA SER R 247 49.91 4.93 -66.21
CA TYR R 248 49.33 1.19 -66.42
CA SER R 249 48.33 -1.52 -63.93
CA SER R 250 47.58 -5.23 -64.26
CA LYS R 251 46.47 -8.02 -61.96
CA LYS R 252 46.39 -11.80 -62.27
CA GLU R 253 45.26 -13.82 -59.26
CA LYS R 254 44.07 -17.40 -58.90
CA MET R 255 42.75 -19.69 -56.21
CA PHE R 256 42.32 -23.42 -56.38
CA LEU R 257 40.83 -25.80 -53.88
CA HIS R 258 40.64 -29.54 -53.73
CA VAL R 259 38.65 -31.40 -51.10
CA LYS R 260 38.34 -35.17 -50.99
CA GLY R 261 37.57 -37.88 -48.45
CA GLU R 262 37.34 -41.59 -49.27
CA ILE R 263 35.92 -44.45 -47.21
CA HIS R 264 36.42 -48.16 -47.90
CA LEU R 265 33.69 -50.42 -46.50
CA GLY R 266 34.93 -53.83 -47.69
CA ARG R 267 37.48 -55.77 -49.74
CA PHE R 268 36.71 -58.46 -52.28
CA VAL R 269 39.02 -60.81 -54.15
CA MET R 270 37.69 -63.09 -56.87
CA ARG R 271 39.23 -66.37 -57.99
CA ASN R 272 41.81 -66.24 -60.80
CA ARG R 273 42.00 -70.04 -60.74
CA ASP R 274 39.68 -72.49 -62.50
CA VAL R 275 36.34 -72.33 -60.69
CA VAL R 276 32.63 -72.60 -61.42
CA LEU R 277 30.88 -69.80 -63.32
CA THR R 278 27.23 -68.74 -63.58
CA THR R 279 25.13 -70.83 -65.97
CA THR R 280 23.89 -67.95 -68.16
CA PHE R 281 27.45 -66.84 -68.97
CA VAL R 282 28.51 -70.44 -69.76
CA ASP R 283 25.51 -71.00 -72.04
CA ASP R 284 26.23 -67.85 -74.05
CA ILE R 285 29.96 -68.78 -74.22
CA LYS R 286 29.00 -72.13 -75.74
CA ALA R 287 26.64 -70.37 -78.17
CA LEU R 288 29.47 -68.27 -79.69
CA PRO R 289 30.78 -69.02 -83.25
CA THR R 290 33.65 -71.43 -84.04
CA THR R 291 35.08 -68.85 -86.46
CA TYR R 292 36.05 -65.21 -85.95
CA GLU R 293 33.44 -62.72 -87.15
CA LYS R 294 33.45 -59.42 -85.27
CA GLY R 295 29.72 -58.76 -84.83
CA GLU R 296 28.94 -61.69 -82.53
CA TYR R 297 32.02 -61.16 -80.37
CA PHE R 298 31.44 -57.39 -80.12
CA ALA R 299 27.87 -57.98 -78.87
CA PHE R 300 29.15 -60.52 -76.30
CA LEU R 301 31.79 -58.12 -74.98
CA GLU R 302 29.22 -55.34 -74.81
CA THR R 303 26.78 -57.47 -72.77
CA TYR R 304 29.17 -59.39 -70.48
CA GLY R 305 32.06 -56.93 -70.21
CA THR R 306 35.50 -56.77 -71.81
CA HIS R 307 37.17 -57.73 -68.52
CA TYR R 308 35.99 -58.80 -65.08
CA SER R 309 36.65 -57.41 -61.61
CA SER R 310 39.44 -59.66 -60.34
CA SER R 311 39.55 -57.84 -57.01
CA GLY R 312 38.75 -54.40 -55.68
CA SER R 313 37.33 -52.37 -52.83
CA LEU R 314 33.81 -51.26 -51.98
CA GLY R 315 33.35 -47.82 -50.45
CA GLY R 316 32.23 -44.30 -51.32
CA LEU R 317 33.74 -40.92 -52.16
CA TYR R 318 33.16 -37.34 -51.09
CA GLU R 319 34.76 -34.76 -53.43
CA LEU R 320 34.59 -31.10 -54.38
CA ILE R 321 36.96 -28.80 -56.32
CA TYR R 322 36.82 -25.00 -56.42
CA VAL R 323 38.34 -22.81 -59.10
CA LEU R 324 38.91 -19.08 -59.50
CA ASP R 325 40.81 -17.27 -62.26
CA LYS R 326 40.72 -13.45 -62.07
CA ALA R 327 42.24 -10.99 -64.55
CA SER R 328 42.12 -7.20 -65.03
CA MET R 329 44.04 -4.48 -66.90
CA LYS R 330 43.97 -0.70 -66.43
CA ARG R 331 45.49 1.85 -68.83
CA LYS R 332 45.27 5.63 -69.14
CA GLY R 333 47.21 8.18 -71.21
CA VAL R 334 46.98 11.95 -71.69
CA GLU R 335 48.68 14.37 -74.10
CA LEU R 336 48.73 18.14 -73.49
CA LYS R 337 50.23 20.83 -75.73
CA ASP R 338 50.20 24.63 -75.60
CA ILE R 339 51.96 27.02 -78.03
CA LYS R 340 51.90 30.80 -78.30
CA ARG R 341 53.42 33.59 -80.40
CA CYS R 342 53.24 37.32 -79.76
CA LEU R 343 55.02 40.11 -81.63
CA GLY R 344 54.89 43.92 -81.54
CA TYR R 345 56.11 46.37 -84.15
CA HIS R 346 56.52 50.16 -83.85
CA LEU R 347 58.13 53.08 -85.66
CA ASP R 348 58.00 56.85 -85.21
CA VAL R 349 59.50 59.51 -87.51
CA SER R 350 59.46 63.32 -87.36
CA LEU R 351 60.97 66.04 -89.56
CA ALA R 352 61.22 69.74 -88.73
CA PHE R 353 62.43 72.17 -91.39
CA SER R 354 62.44 75.88 -90.43
CA GLU R 355 58.96 76.79 -89.09
CA ILE R 356 57.12 73.76 -90.60
CA SER R 357 56.97 70.22 -89.22
CA VAL R 358 55.50 66.83 -90.13
CA GLY R 359 55.42 63.57 -88.13
CA ALA R 360 54.06 60.07 -88.60
CA GLU R 361 54.04 56.79 -86.67
CA PHE R 362 52.80 53.23 -87.09
CA ASN R 363 52.12 50.48 -84.55
CA LYS R 364 51.03 46.86 -85.01
CA ASP R 365 50.38 44.01 -82.57
CA ASP R 366 49.77 40.36 -83.56
CA CYS R 367 49.22 37.38 -81.25
CA VAL R 368 48.05 33.76 -81.64
CA LYS R 369 47.68 31.00 -79.04
CA ARG R 370 46.71 27.39 -79.69
CA GLY R 371 46.00 24.74 -77.04
CA GLU R 372 45.36 21.06 -77.63
CA GLY R 373 44.36 18.26 -75.23
CA ARG R 374 43.68 14.57 -75.78
CA ALA R 375 42.96 11.80 -73.26
CA VAL R 376 42.23 8.06 -73.51
CA ASN R 377 41.27 5.68 -70.69
CA ILE R 378 40.38 1.98 -70.87
CA THR R 379 39.66 -0.67 -68.24
CA SER R 380 38.63 -4.31 -68.52
CA GLU R 381 38.04 -7.09 -66.00
CA ASN R 382 36.99 -10.72 -66.40
CA LEU R 383 36.73 -13.79 -64.20
CA ILE R 384 35.50 -17.38 -64.03
CA ASP R 385 34.12 -19.22 -61.01
CA ASP R 386 33.67 -22.95 -61.55
CA VAL R 387 32.64 -25.25 -58.76
CA VAL R 388 32.26 -28.92 -59.44
CA SER R 389 31.31 -31.54 -56.95
CA LEU R 390 30.14 -35.11 -56.85
CA ILE R 391 29.73 -37.93 -54.34
CA ARG R 392 29.09 -41.66 -54.64
CA GLY R 393 27.87 -44.42 -52.36
CA GLY R 394 24.84 -44.88 -50.09
CA THR R 395 21.20 -43.92 -50.58
CA ARG R 396 19.74 -40.79 -52.16
CA LYS R 397 18.44 -38.94 -49.09
CA TYR R 398 21.78 -38.39 -47.37
CA ALA R 399 23.52 -37.64 -50.65
CA PHE R 400 20.87 -35.02 -51.49
CA GLU R 401 21.17 -33.40 -48.06
CA LEU R 402 24.95 -33.09 -48.43
CA LYS R 403 24.54 -31.76 -51.98
CA GLU R 404 22.18 -28.97 -50.89
CA LYS R 405 24.40 -27.92 -47.99
CA LEU R 406 27.42 -27.72 -50.29
CA LEU R 407 25.70 -25.02 -52.31
CA ARG R 408 26.68 -22.69 -49.46
CA GLY R 409 29.47 -25.11 -48.49
CA THR R 410 28.89 -27.74 -45.81
CA VAL R 411 30.64 -26.58 -42.66
CA ILE R 412 27.96 -27.50 -40.13
CA ASP R 413 25.64 -30.48 -39.68
CA VAL R 414 28.50 -32.91 -39.11
CA THR R 415 25.94 -35.56 -38.08
CA ASP R 416 24.78 -35.72 -41.74
CA PHE R 417 28.02 -37.44 -42.68
CA VAL R 418 27.49 -40.21 -40.09
CA ASN R 419 24.10 -40.95 -41.72
CA TRP R 420 25.78 -41.05 -45.11
CA ALA R 421 28.37 -43.47 -43.76
CA SER R 422 25.68 -45.85 -42.54
CA SER R 423 23.85 -45.79 -45.91
CA ILE R 424 27.15 -46.54 -47.71
CA ASN R 425 27.32 -49.84 -45.79
CA ASP R 426 23.80 -50.73 -46.93
CA ALA R 427 24.33 -49.85 -50.59
CA PRO R 428 27.99 -50.33 -51.65
CA VAL R 429 29.47 -48.88 -54.85
CA LEU R 430 32.67 -50.00 -56.58
CA ILE R 431 35.73 -47.84 -55.93
CA SER R 432 38.97 -49.61 -56.86
CA GLN R 433 39.25 -52.67 -59.04
CA LYS R 434 41.72 -54.96 -60.77
CA LEU R 435 40.95 -55.96 -64.33
CA SER R 436 41.78 -59.07 -66.33
CA PRO R 437 40.16 -60.00 -69.69
CA ILE R 438 36.91 -61.99 -69.48
CA TYR R 439 37.99 -64.59 -72.09
CA ASN R 440 40.62 -66.02 -69.70
CA LEU R 441 37.75 -67.35 -67.55
CA VAL R 442 36.42 -69.77 -70.20
CA PRO R 443 37.22 -73.43 -69.45
CA VAL R 444 39.56 -74.62 -72.20
CA LYS R 445 38.64 -78.26 -71.72
CA MET R 446 35.29 -78.40 -73.52
CA LYS R 447 35.29 -78.49 -77.34
CA ASN R 448 35.88 -75.30 -79.35
CA ALA R 449 36.61 -73.34 -76.13
CA HIS R 450 40.11 -72.54 -77.34
CA LEU R 451 38.81 -71.36 -80.73
CA LYS R 452 36.28 -69.02 -79.11
CA LYS R 453 38.97 -67.72 -76.75
CA GLN R 454 41.26 -66.83 -79.67
CA ASN R 455 38.34 -65.15 -81.46
CA LEU R 456 37.62 -63.09 -78.32
CA GLU R 457 41.28 -61.97 -78.08
CA ARG R 458 41.14 -60.62 -81.62
CA ALA R 459 37.72 -59.09 -80.98
CA ILE R 460 38.76 -56.99 -77.98
CA GLU R 461 41.53 -55.34 -80.01
CA ASP R 462 39.27 -54.50 -82.93
CA TYR R 463 36.45 -53.28 -80.68
CA ILE R 464 38.83 -50.76 -79.03
CA ASN R 465 39.58 -49.29 -82.46
CA GLU R 466 35.85 -48.90 -83.29
CA PHE R 467 35.37 -47.04 -80.01
CA SER R 468 38.56 -44.96 -80.44
CA VAL R 469 38.51 -41.17 -80.18
CA ARG R 470 41.95 -40.98 -81.80
CA LYS R 471 40.29 -41.23 -85.21
CA CYS R 472 37.91 -38.34 -84.44
CA HIS R 473 38.61 -34.63 -84.95
CA THR R 474 39.90 -32.73 -81.92
CA CYS R 475 38.32 -29.33 -81.33
CA GLN R 476 40.24 -26.08 -81.14
CA ASN R 477 41.75 -24.55 -78.01
CA GLY R 478 42.56 -27.88 -76.35
CA GLY R 479 39.11 -29.47 -76.74
CA THR R 480 38.96 -33.25 -76.31
CA VAL R 481 36.77 -35.36 -78.55
CA ILE R 482 34.53 -38.13 -77.22
CA LEU R 483 32.90 -40.86 -79.34
CA MET R 484 29.28 -41.67 -78.68
CA ASP R 485 27.98 -44.42 -80.87
CA GLY R 486 29.20 -43.13 -84.21
CA LYS R 487 28.93 -39.40 -83.51
CA CYS R 488 31.82 -37.49 -82.00
CA LEU R 489 31.14 -34.52 -79.75
CA CYS R 490 33.90 -32.34 -78.40
CA ALA R 491 34.19 -31.80 -74.68
CA CYS R 492 35.56 -28.31 -74.08
CA PRO R 493 35.81 -26.21 -70.84
CA PHE R 494 32.92 -24.14 -69.41
CA LYS R 495 34.77 -20.97 -70.46
CA PHE R 496 34.82 -21.89 -74.17
CA GLU R 497 32.45 -24.45 -75.70
CA GLY R 498 31.49 -25.72 -79.14
CA ILE R 499 31.47 -28.43 -81.72
CA ALA R 500 34.53 -26.39 -82.80
CA CYS R 501 34.67 -24.30 -79.46
CA GLU R 502 34.27 -20.66 -80.63
CA ILE R 503 31.42 -19.89 -78.18
CA SER R 504 32.32 -18.48 -74.76
CA LYS R 505 30.87 -17.04 -71.56
CA GLN R 506 33.75 -14.56 -71.76
CA SER S 1 51.70 -38.94 -77.78
CA HIS S 2 50.09 -42.13 -76.42
CA ILE S 3 52.16 -45.19 -75.64
CA ASP S 4 49.91 -48.20 -75.18
CA CYS S 5 50.75 -51.22 -73.05
CA ARG S 6 51.94 -54.17 -75.14
CA MET S 7 53.04 -57.61 -74.01
CA SER S 8 55.50 -60.08 -75.50
CA PRO S 9 54.53 -62.57 -78.26
CA TRP S 10 53.33 -65.99 -77.11
CA SER S 11 55.58 -68.47 -75.38
CA GLU S 12 55.39 -72.00 -76.78
CA TRP S 13 53.11 -74.54 -75.03
CA SER S 14 54.45 -76.31 -71.96
CA GLN S 15 54.37 -80.08 -71.58
CA CYS S 16 50.96 -81.55 -70.77
CA ASP S 17 50.39 -81.09 -67.05
CA PRO S 18 49.28 -84.16 -65.10
CA CYS S 19 47.77 -82.01 -62.33
CA LEU S 20 45.69 -79.76 -64.62
CA ARG S 21 45.59 -81.70 -67.93
CA GLN S 22 46.41 -78.55 -69.87
CA MET S 23 49.36 -76.77 -71.42
CA PHE S 24 50.19 -73.18 -70.58
CA ARG S 25 51.98 -70.20 -72.07
CA SER S 26 52.63 -66.70 -70.82
CA ARG S 27 53.78 -63.22 -71.80
CA SER S 28 55.79 -60.41 -70.20
CA ILE S 29 55.32 -56.61 -70.51
CA GLU S 30 57.42 -55.13 -73.30
CA VAL S 31 55.80 -51.72 -73.28
CA PHE S 32 53.77 -50.01 -70.58
CA GLY S 33 50.90 -47.53 -70.97
CA GLN S 34 52.02 -43.92 -70.65
CA PHE S 35 50.91 -40.43 -71.74
CA ASN S 36 47.18 -41.24 -71.60
CA GLY S 37 47.85 -44.75 -72.95
CA LYS S 38 45.83 -47.87 -72.17
CA ARG S 39 46.63 -50.68 -69.76
CA CYS S 40 47.34 -54.25 -70.83
CA THR S 41 44.20 -55.70 -72.36
CA ASP S 42 46.49 -58.61 -73.34
CA ALA S 43 45.61 -62.20 -72.41
CA VAL S 44 48.82 -62.57 -70.30
CA GLY S 45 48.45 -66.36 -70.37
CA ASP S 46 46.55 -68.88 -72.46
CA ARG S 47 45.70 -72.48 -71.65
CA ARG S 48 45.08 -75.34 -74.07
CA GLN S 49 43.29 -78.58 -73.22
CA CYS S 50 45.45 -81.72 -72.99
CA VAL S 51 45.64 -85.17 -71.37
CA PRO S 52 47.52 -86.17 -68.14
CA THR S 53 51.01 -87.68 -68.36
CA GLU S 54 50.72 -89.39 -64.96
CA PRO S 55 48.30 -89.46 -62.02
CA CYS S 56 49.27 -86.33 -60.09
CA GLU S 57 47.77 -84.75 -56.99
CA CYS S 63 46.96 -90.14 -45.18
CA GLY S 64 47.65 -93.89 -45.06
CA ASN S 65 45.90 -95.87 -42.31
CA ASP S 66 44.91 -92.69 -40.42
CA PHE S 67 41.50 -90.99 -40.72
CA GLN S 68 41.10 -89.11 -43.97
CA CYS S 69 38.47 -86.42 -44.39
CA SER S 70 36.71 -85.67 -47.68
CA THR S 71 38.59 -82.36 -47.72
CA GLY S 72 41.93 -84.21 -47.77
CA ARG S 73 42.65 -83.48 -44.11
CA CYS S 74 44.66 -86.28 -42.53
CA ILE S 75 44.35 -86.64 -38.77
CA LYS S 76 44.90 -89.49 -36.35
CA MET S 77 41.86 -91.16 -34.79
CA ARG S 78 42.46 -89.77 -31.28
CA LEU S 79 41.79 -86.22 -32.63
CA ARG S 80 38.24 -87.33 -33.39
CA CYS S 81 35.49 -87.47 -30.78
CA ASN S 82 36.02 -84.35 -28.75
CA GLY S 83 33.90 -81.80 -30.62
CA ASP S 84 36.95 -80.11 -32.10
CA ASN S 85 37.09 -79.23 -35.78
CA ASP S 86 40.16 -81.12 -36.96
CA CYS S 87 38.73 -81.54 -40.48
CA GLY S 88 37.89 -79.02 -43.19
CA ASP S 89 34.33 -80.32 -43.39
CA PHE S 90 33.94 -81.41 -39.73
CA SER S 91 33.91 -85.11 -40.76
CA ASP S 92 35.84 -86.03 -37.63
CA GLU S 93 32.80 -85.12 -35.56
CA ASP S 94 30.32 -86.63 -38.03
CA ASP S 95 29.32 -90.26 -37.41
CA CYS S 96 32.07 -90.37 -34.80
CA GLU S 97 33.38 -93.59 -33.20
CA SER S 98 32.60 -92.38 -29.67
CA GLU S 99 30.84 -89.46 -28.01
CA PRO S 100 32.71 -86.19 -27.69
CA ARG S 101 34.94 -86.12 -24.60
CA PRO S 102 35.62 -82.57 -23.26
CA PRO S 103 38.65 -80.90 -24.98
CA CYS S 104 39.06 -78.88 -21.80
CA ARG S 105 38.05 -80.90 -18.73
CA ASP S 106 38.36 -77.92 -16.36
CA ARG S 107 35.98 -75.52 -18.09
CA VAL S 108 34.57 -74.72 -21.49
CA VAL S 109 37.18 -72.49 -23.12
CA GLU S 110 35.98 -70.10 -25.81
CA GLU S 111 38.03 -69.78 -28.99
CA SER S 112 40.16 -66.76 -29.79
CA GLU S 113 37.99 -64.44 -31.83
CA LEU S 114 39.46 -63.30 -35.10
CA ALA S 115 41.74 -66.39 -34.97
CA ARG S 116 41.25 -66.84 -38.73
CA THR S 117 41.95 -63.16 -39.34
CA ALA S 118 45.34 -63.38 -37.57
CA GLY S 119 46.52 -66.21 -39.86
CA TYR S 120 45.99 -64.29 -43.17
CA GLY S 121 48.36 -64.55 -46.12
CA ILE S 122 49.72 -61.33 -47.66
CA ASN S 123 50.51 -60.19 -51.20
CA ILE S 124 53.57 -58.01 -50.75
CA LEU S 125 53.06 -56.23 -54.09
CA GLY S 126 50.17 -54.26 -52.55
CA MET S 127 50.85 -55.16 -48.91
CA ASP S 128 47.23 -56.30 -48.49
CA PRO S 129 46.06 -59.48 -46.73
CA LEU S 130 44.41 -62.43 -48.46
CA SER S 131 42.89 -65.62 -46.99
CA THR S 132 44.83 -67.53 -44.32
CA PRO S 133 47.08 -70.48 -45.36
CA PHE S 134 46.75 -71.85 -41.80
CA ASP S 135 43.76 -73.64 -40.31
CA ASN S 136 42.82 -71.49 -37.32
CA GLU S 137 40.07 -73.75 -36.02
CA PHE S 138 42.51 -76.68 -35.84
CA TYR S 139 43.44 -77.30 -32.23
CA ASN S 140 45.18 -80.63 -32.96
CA GLY S 141 42.78 -82.39 -30.54
CA LEU S 142 44.50 -80.57 -27.67
CA CYS S 143 43.25 -77.55 -25.77
CA ASN S 144 45.94 -74.92 -25.47
CA ARG S 145 44.87 -71.52 -24.19
CA ASP S 146 46.12 -67.96 -23.83
CA ARG S 147 44.79 -65.80 -20.99
CA ASP S 148 43.39 -62.32 -21.66
CA GLY S 149 44.12 -59.74 -18.95
CA ASN S 150 41.75 -57.13 -20.44
CA THR S 151 38.76 -59.45 -20.09
CA LEU S 152 39.60 -62.12 -17.54
CA THR S 153 38.93 -65.37 -19.33
CA TYR S 154 41.06 -67.75 -21.38
CA TYR S 155 40.79 -68.00 -25.14
CA ARG S 156 41.73 -71.27 -26.80
CA ARG S 157 44.64 -70.99 -29.20
CA PRO S 158 44.87 -73.10 -32.41
CA TRP S 159 47.92 -75.38 -32.71
CA ASN S 160 48.80 -73.81 -36.08
CA VAL S 161 49.19 -70.57 -34.13
CA ALA S 162 52.34 -70.08 -32.05
CA SER S 163 50.93 -67.30 -29.74
CA LEU S 164 47.72 -65.20 -29.95
CA ILE S 165 48.02 -63.55 -26.58
CA TYR S 166 45.89 -60.47 -26.19
CA GLU S 167 48.42 -57.92 -25.11
CA THR S 168 48.15 -55.54 -22.22
CA LYS S 169 47.36 -52.61 -24.52
CA GLY S 170 50.18 -50.85 -26.34
CA GLU S 171 48.07 -47.69 -26.18
CA LYS S 172 49.81 -44.33 -26.57
CA ASN S 173 52.62 -44.25 -29.05
CA PHE S 174 51.95 -40.57 -29.35
CA ARG S 175 54.23 -37.99 -30.87
CA THR S 176 53.83 -34.60 -32.37
CA GLU S 177 56.57 -32.65 -34.05
CA HIS S 178 56.39 -28.96 -34.69
CA TYR S 179 58.66 -27.29 -37.19
CA GLU S 180 58.74 -23.62 -37.97
CA GLU S 181 61.08 -21.61 -40.21
CA GLN S 182 61.24 -17.86 -40.86
CA ILE S 183 63.58 -16.05 -43.27
CA GLU S 184 63.12 -12.37 -44.17
CA ALA S 185 65.57 -10.06 -45.94
CA PHE S 186 65.74 -6.42 -47.03
CA LYS S 187 68.04 -4.49 -49.36
CA SER S 188 67.70 -0.81 -50.28
CA ILE S 189 70.04 1.50 -52.17
CA ILE S 190 69.95 5.17 -53.21
CA GLN S 191 72.28 7.25 -55.36
CA GLU S 192 72.24 10.92 -56.39
CA LYS S 193 74.50 13.23 -58.36
CA THR S 194 74.15 16.90 -59.24
CA SER S 195 76.36 19.37 -61.10
CA ASN S 196 75.89 23.14 -61.28
CA PHE S 197 77.82 25.43 -63.61
CA ASN S 198 77.80 29.15 -64.41
CA ALA S 199 80.08 31.19 -66.66
CA ALA S 200 80.03 34.82 -67.70
CA ILE S 201 82.18 37.17 -69.76
CA SER S 202 81.86 40.93 -70.28
CA LEU S 203 83.86 43.60 -72.10
CA LYS S 204 83.68 47.38 -72.41
CA PHE S 205 85.60 49.73 -74.70
CA THR S 206 85.45 53.54 -74.98
CA PRO S 207 87.66 55.36 -77.55
CA GLY S 228 82.61 55.91 -79.27
CA LYS S 229 81.42 53.38 -76.74
CA GLY S 230 80.86 49.63 -77.07
CA SER S 231 80.01 46.91 -74.59
CA PHE S 232 79.31 43.18 -74.59
CA ARG S 233 77.82 40.88 -71.94
CA PHE S 234 77.21 37.14 -72.02
CA SER S 235 76.08 34.65 -69.36
CA TYR S 236 75.64 30.89 -69.59
CA SER S 237 74.45 28.33 -67.03
CA LYS S 238 73.80 24.60 -66.81
CA ASN S 239 72.47 22.30 -64.12
CA GLU S 240 71.78 18.57 -63.90
CA THR S 241 70.26 16.40 -61.18
CA TYR S 242 69.97 12.62 -61.47
CA GLN S 243 68.60 10.21 -58.88
CA LEU S 244 68.22 6.44 -58.63
CA PHE S 245 66.38 4.69 -55.80
CA LEU S 246 65.60 0.97 -55.46
CA SER S 247 64.20 -1.21 -52.68
CA TYR S 248 63.80 -4.97 -52.45
CA SER S 249 62.31 -7.37 -49.89
CA SER S 250 61.76 -11.12 -49.82
CA LYS S 251 60.21 -13.63 -47.45
CA LYS S 252 60.32 -17.42 -47.20
CA GLU S 253 58.55 -19.06 -44.27
CA LYS S 254 57.41 -22.62 -43.66
CA MET S 255 55.56 -24.60 -41.04
CA PHE S 256 55.28 -28.33 -40.75
CA LEU S 257 53.30 -30.43 -38.32
CA HIS S 258 53.18 -34.12 -37.66
CA VAL S 259 50.68 -35.71 -35.32
CA LYS S 260 50.45 -39.44 -34.72
CA GLY S 261 49.18 -41.82 -32.05
CA GLU S 262 49.26 -45.61 -32.33
CA ILE S 263 47.46 -48.24 -30.25
CA HIS S 264 48.22 -51.97 -30.24
CA LEU S 265 45.30 -54.18 -29.20
CA GLY S 266 46.88 -57.63 -29.54
CA ARG S 267 49.90 -59.68 -30.61
CA PHE S 268 49.85 -62.74 -32.83
CA VAL S 269 52.61 -65.17 -33.73
CA MET S 270 52.03 -67.90 -36.31
CA ARG S 271 53.89 -71.19 -36.53
CA ASN S 272 57.06 -71.29 -38.66
CA ARG S 273 57.34 -75.03 -37.98
CA ASP S 274 55.57 -77.84 -39.84
CA VAL S 275 51.90 -77.64 -38.91
CA VAL S 276 48.48 -78.25 -40.44
CA LEU S 277 47.16 -75.86 -43.08
CA THR S 278 43.65 -75.08 -44.35
CA THR S 279 42.25 -77.61 -46.82
CA THR S 280 41.49 -75.15 -49.65
CA PHE S 281 45.11 -73.94 -49.77
CA VAL S 282 46.44 -77.54 -49.73
CA ASP S 283 44.08 -78.60 -52.53
CA ASP S 284 45.18 -75.72 -54.77
CA ILE S 285 48.86 -76.43 -53.92
CA LYS S 286 48.40 -80.02 -55.11
CA ALA S 287 46.63 -78.77 -58.26
CA LEU S 288 49.69 -76.72 -59.36
CA PRO S 289 51.84 -77.88 -62.37
CA THR S 290 54.88 -80.18 -62.10
CA THR S 291 56.77 -77.88 -64.47
CA TYR S 292 57.49 -74.16 -64.31
CA GLU S 293 55.18 -72.02 -66.44
CA LYS S 294 54.64 -68.50 -65.13
CA GLY S 295 50.90 -68.03 -65.68
CA GLU S 296 49.67 -70.65 -63.21
CA TYR S 297 52.12 -69.63 -60.50
CA PHE S 298 51.39 -65.91 -60.97
CA ALA S 299 47.64 -66.53 -60.51
CA PHE S 300 48.35 -68.61 -57.37
CA LEU S 301 50.51 -65.89 -55.83
CA GLU S 302 47.90 -63.28 -56.69
CA THR S 303 45.10 -65.25 -54.98
CA TYR S 304 46.93 -66.68 -51.93
CA GLY S 305 49.60 -64.02 -51.36
CA THR S 306 53.32 -63.87 -52.12
CA HIS S 307 54.18 -64.26 -48.44
CA TYR S 308 52.24 -64.91 -45.24
CA SER S 309 52.00 -63.01 -41.97
CA SER S 310 54.46 -64.88 -39.76
CA SER S 311 53.72 -62.61 -36.81
CA GLY S 312 52.52 -59.07 -36.23
CA SER S 313 50.40 -56.76 -34.14
CA LEU S 314 46.75 -55.77 -34.30
CA GLY S 315 45.84 -52.18 -33.47
CA GLY S 316 44.87 -48.90 -35.09
CA LEU S 317 46.44 -45.58 -36.05
CA TYR S 318 45.52 -41.92 -35.70
CA GLU S 319 47.56 -39.61 -37.96
CA LEU S 320 47.53 -36.13 -39.47
CA ILE S 321 50.22 -33.98 -41.12
CA TYR S 322 50.00 -30.25 -41.83
CA VAL S 323 52.05 -28.36 -44.37
CA LEU S 324 52.60 -24.69 -45.19
CA ASP S 325 55.05 -23.17 -47.67
CA LYS S 326 54.81 -19.37 -48.09
CA ALA S 327 56.81 -17.18 -50.47
CA SER S 328 56.71 -13.53 -51.55
CA MET S 329 58.94 -10.98 -53.30
CA LYS S 330 58.65 -7.18 -53.43
CA ARG S 331 60.64 -4.90 -55.77
CA LYS S 332 60.39 -1.22 -56.68
CA GLY S 333 62.70 1.14 -58.60
CA VAL S 334 62.48 4.77 -59.69
CA GLU S 335 64.64 6.95 -61.98
CA LEU S 336 64.44 10.76 -61.95
CA LYS S 337 66.35 13.20 -64.15
CA ASP S 338 66.19 16.97 -64.60
CA ILE S 339 68.42 19.10 -66.89
CA LYS S 340 68.31 22.80 -67.73
CA ARG S 341 70.21 25.36 -69.81
CA CYS S 342 69.78 29.12 -69.80
CA LEU S 343 71.87 31.73 -71.61
CA GLY S 344 71.62 35.49 -72.13
CA TYR S 345 73.36 37.63 -74.71
CA HIS S 346 73.58 41.45 -74.90
CA LEU S 347 75.50 44.18 -76.70
CA ASP S 348 75.16 47.95 -76.87
CA VAL S 349 77.09 50.36 -79.13
CA SER S 350 76.91 54.15 -79.57
CA LEU S 351 78.82 56.62 -81.75
CA ALA S 352 78.76 60.41 -81.43
CA PHE S 353 80.50 62.52 -84.08
CA SER S 354 80.18 66.31 -83.71
CA GLU S 355 76.46 67.18 -83.38
CA ILE S 356 75.12 63.86 -84.79
CA SER S 357 74.74 60.54 -82.97
CA VAL S 358 73.62 56.98 -83.68
CA GLY S 359 73.16 54.03 -81.29
CA ALA S 360 72.05 50.42 -81.53
CA GLU S 361 71.66 47.44 -79.20
CA PHE S 362 70.66 43.79 -79.33
CA ASN S 363 69.47 41.38 -76.65
CA LYS S 364 68.63 37.67 -76.80
CA ASP S 365 67.49 35.15 -74.18
CA ASP S 366 67.24 31.37 -74.73
CA CYS S 367 66.23 28.72 -72.18
CA VAL S 368 65.30 25.01 -72.28
CA LYS S 369 64.39 22.62 -69.45
CA ARG S 370 63.71 18.90 -69.76
CA GLY S 371 62.45 16.61 -66.98
CA GLU S 372 62.08 12.85 -67.14
CA GLY S 373 60.61 10.36 -64.65
CA ARG S 374 60.18 6.59 -64.78
CA ALA S 375 58.96 4.15 -62.12
CA VAL S 376 58.42 0.38 -61.96
CA ASN S 377 56.88 -1.64 -59.11
CA ILE S 378 56.16 -5.38 -58.95
CA THR S 379 54.91 -7.68 -56.17
CA SER S 380 54.08 -11.38 -56.14
CA GLU S 381 52.99 -13.81 -53.45
CA ASN S 382 52.17 -17.52 -53.53
CA LEU S 383 51.46 -20.26 -51.01
CA ILE S 384 50.33 -23.86 -50.59
CA ASP S 385 48.33 -25.35 -47.74
CA ASP S 386 48.12 -29.14 -47.80
CA VAL S 387 46.51 -31.08 -45.01
CA VAL S 388 46.41 -34.82 -45.20
CA SER S 389 44.97 -37.13 -42.63
CA LEU S 390 43.90 -40.72 -42.27
CA ILE S 391 42.98 -43.18 -39.54
CA ARG S 392 42.54 -46.95 -39.41
CA GLY S 393 40.88 -49.43 -37.10
CA GLY S 394 37.41 -49.77 -35.55
CA THR S 395 33.97 -49.12 -37.01
CA ARG S 396 32.85 -46.34 -39.34
CA LYS S 397 30.79 -44.16 -36.98
CA TYR S 398 33.60 -43.17 -34.63
CA ALA S 399 36.06 -42.78 -37.48
CA PHE S 400 33.62 -40.47 -39.30
CA GLU S 401 33.04 -38.37 -36.19
CA LEU S 402 36.78 -37.87 -35.70
CA LYS S 403 37.21 -37.09 -39.40
CA GLU S 404 34.58 -34.33 -39.34
CA LYS S 405 36.00 -32.74 -36.19
CA LEU S 406 39.48 -32.68 -37.73
CA LEU S 407 38.23 -30.40 -40.47
CA ARG S 408 38.43 -27.63 -37.85
CA GLY S 409 40.97 -29.72 -35.90
CA THR S 410 39.84 -31.98 -33.07
CA VAL S 411 40.74 -30.27 -29.81
CA ILE S 412 37.56 -31.01 -27.87
CA ASP S 413 35.28 -34.04 -27.53
CA VAL S 414 37.99 -36.17 -25.94
CA THR S 415 35.34 -38.82 -25.15
CA ASP S 416 35.10 -39.55 -28.92
CA PHE S 417 38.51 -41.18 -28.81
CA VAL S 418 37.45 -43.58 -26.03
CA ASN S 419 34.57 -44.76 -28.27
CA TRP S 420 37.02 -45.23 -31.13
CA ALA S 421 39.29 -47.27 -28.85
CA SER S 422 36.44 -49.62 -27.96
CA SER S 423 35.48 -50.15 -31.61
CA ILE S 424 39.14 -50.93 -32.47
CA ASN S 425 38.93 -53.91 -30.09
CA ASP S 426 35.82 -55.17 -31.87
CA ALA S 427 37.19 -54.78 -35.39
CA PRO S 428 41.00 -55.17 -35.48
CA VAL S 429 43.17 -54.10 -38.42
CA LEU S 430 46.72 -55.24 -39.18
CA ILE S 431 49.47 -52.82 -38.17
CA SER S 432 52.89 -54.49 -38.04
CA GLN S 433 53.78 -57.80 -39.60
CA LYS S 434 56.65 -60.15 -40.34
CA LEU S 435 56.78 -61.68 -43.80
CA SER S 436 58.15 -64.99 -45.05
CA PRO S 437 57.41 -66.47 -48.52
CA ILE S 438 54.27 -68.62 -48.78
CA TYR S 439 56.03 -71.48 -50.63
CA ASN S 440 58.04 -72.39 -47.50
CA LEU S 441 54.77 -73.59 -45.91
CA VAL S 442 54.19 -76.44 -48.42
CA PRO S 443 54.89 -79.90 -46.95
CA VAL S 444 57.85 -81.31 -48.86
CA LYS S 445 56.94 -84.89 -48.06
CA MET S 446 54.13 -85.49 -50.56
CA LYS S 447 55.06 -86.12 -54.22
CA ASN S 448 56.03 -83.21 -56.49
CA ALA S 449 55.89 -80.78 -53.52
CA HIS S 450 59.56 -79.94 -53.98
CA LEU S 451 59.08 -79.32 -57.72
CA LYS S 452 56.18 -76.95 -57.11
CA LYS S 453 58.18 -75.16 -54.41
CA GLN S 454 61.08 -74.55 -56.82
CA ASN S 455 58.63 -73.32 -59.47
CA LEU S 456 57.11 -70.89 -56.93
CA GLU S 457 60.59 -69.53 -56.02
CA ARG S 458 61.26 -68.69 -59.65
CA ALA S 459 57.74 -67.31 -60.07
CA ILE S 460 57.97 -64.74 -57.27
CA GLU S 461 61.10 -63.22 -58.82
CA ASP S 462 59.57 -62.94 -62.27
CA TYR S 463 56.28 -61.60 -60.95
CA ILE S 464 58.12 -58.74 -59.19
CA ASN S 465 59.63 -57.71 -62.52
CA GLU S 466 56.19 -57.67 -64.25
CA PHE S 467 54.89 -55.41 -61.51
CA SER S 468 58.02 -53.22 -61.48
CA VAL S 469 57.81 -49.44 -61.81
CA ARG S 470 61.53 -49.26 -62.60
CA LYS S 471 60.74 -50.08 -66.22
CA CYS S 472 58.17 -47.28 -66.48
CA HIS S 473 58.87 -43.63 -67.37
CA THR S 474 59.34 -41.25 -64.44
CA CYS S 475 57.56 -37.90 -64.76
CA GLN S 476 59.29 -34.55 -64.61
CA ASN S 477 59.96 -32.50 -61.47
CA GLY S 478 60.45 -35.52 -59.20
CA GLY S 479 57.23 -37.36 -60.14
CA THR S 480 57.09 -41.04 -59.18
CA VAL S 481 55.57 -43.58 -61.52
CA ILE S 482 53.14 -46.27 -60.35
CA LEU S 483 52.15 -49.36 -62.36
CA MET S 484 48.51 -50.31 -62.45
CA ASP S 485 47.85 -53.41 -64.45
CA GLY S 486 49.81 -52.53 -67.57
CA LYS S 487 49.27 -48.76 -67.51
CA CYS S 488 51.64 -46.48 -65.68
CA LEU S 489 50.36 -43.27 -64.13
CA CYS S 490 52.66 -40.75 -62.51
CA ALA S 491 52.03 -39.68 -58.95
CA CYS S 492 53.11 -36.07 -58.58
CA PRO S 493 52.52 -33.52 -55.72
CA PHE S 494 49.31 -31.46 -55.34
CA LYS S 495 51.27 -28.36 -56.40
CA PHE S 496 52.24 -29.78 -59.81
CA GLU S 497 50.38 -32.68 -61.45
CA GLY S 498 50.31 -34.47 -64.79
CA ILE S 499 50.99 -37.51 -66.86
CA ALA S 500 54.16 -35.45 -67.49
CA CYS S 501 53.44 -32.91 -64.56
CA GLU S 502 53.21 -29.50 -66.34
CA ILE S 503 49.85 -28.58 -64.75
CA SER S 504 49.86 -26.65 -61.48
CA LYS S 505 47.64 -24.87 -58.95
CA GLN S 506 50.42 -22.27 -58.85
CA SER T 1 69.97 -46.06 -56.75
CA HIS T 2 68.17 -49.12 -55.35
CA ILE T 3 70.08 -51.91 -53.65
CA ASP T 4 67.86 -54.96 -53.29
CA CYS T 5 68.26 -57.60 -50.59
CA ARG T 6 70.00 -60.73 -51.87
CA MET T 7 70.90 -63.90 -50.02
CA SER T 8 73.71 -66.39 -50.50
CA PRO T 9 73.49 -69.30 -52.99
CA TRP T 10 72.15 -72.59 -51.67
CA SER T 11 73.99 -74.66 -49.10
CA GLU T 12 74.24 -78.35 -49.95
CA TRP T 13 71.69 -80.76 -48.43
CA SER T 14 72.30 -82.00 -44.90
CA GLN T 15 72.24 -85.68 -43.98
CA CYS T 16 68.76 -87.24 -43.78
CA ASP T 17 67.30 -86.30 -40.41
CA PRO T 18 65.85 -89.13 -38.33
CA CYS T 19 63.66 -86.71 -36.35
CA LEU T 20 62.13 -84.94 -39.37
CA ARG T 21 62.87 -87.32 -42.29
CA GLN T 22 64.05 -84.43 -44.42
CA MET T 23 67.24 -82.70 -45.50
CA PHE T 24 67.74 -78.99 -45.04
CA ARG T 25 69.75 -76.14 -46.50
CA SER T 26 69.97 -72.45 -45.68
CA ARG T 27 71.23 -69.08 -46.88
CA SER T 28 72.72 -65.96 -45.29
CA ILE T 29 72.23 -62.28 -46.27
CA GLU T 30 74.89 -61.07 -48.69
CA VAL T 31 73.22 -57.80 -49.56
CA PHE T 32 70.55 -55.86 -47.69
CA GLY T 33 67.79 -53.64 -49.12
CA GLN T 34 68.70 -49.96 -49.09
CA PHE T 35 67.78 -46.74 -50.93
CA ASN T 36 64.16 -47.75 -51.54
CA GLY T 37 65.24 -51.38 -52.15
CA LYS T 38 63.18 -54.47 -51.41
CA ARG T 39 63.45 -56.87 -48.48
CA CYS T 40 64.50 -60.49 -48.80
CA THR T 41 61.87 -62.34 -50.79
CA ASP T 42 64.40 -65.21 -50.76
CA ALA T 43 63.42 -68.69 -49.53
CA VAL T 44 66.04 -68.55 -46.69
CA GLY T 45 65.81 -72.33 -46.27
CA ASP T 46 64.54 -75.23 -48.34
CA ARG T 47 63.62 -78.73 -47.22
CA ARG T 48 63.68 -81.93 -49.26
CA GLN T 49 61.83 -85.13 -48.37
CA CYS T 50 63.96 -88.06 -47.17
CA VAL T 51 63.86 -91.23 -45.05
CA PRO T 52 64.93 -91.64 -41.36
CA THR T 53 68.41 -92.95 -40.54
CA GLU T 54 67.37 -94.19 -37.08
CA PRO T 55 64.31 -94.01 -34.81
CA CYS T 56 64.70 -90.58 -33.20
CA GLU T 57 62.44 -88.67 -30.80
CA CYS T 63 58.98 -92.40 -18.84
CA GLY T 64 59.72 -96.05 -18.00
CA ASN T 65 57.42 -97.72 -15.46
CA ASP T 66 55.91 -94.39 -14.36
CA PHE T 67 52.63 -92.97 -15.70
CA GLN T 68 52.99 -91.59 -19.20
CA CYS T 69 50.44 -89.16 -20.62
CA SER T 70 49.51 -88.99 -24.31
CA THR T 71 51.25 -85.60 -24.41
CA GLY T 72 54.56 -87.23 -23.40
CA ARG T 73 54.35 -85.94 -19.82
CA CYS T 74 56.00 -88.37 -17.41
CA ILE T 75 54.80 -88.22 -13.82
CA LYS T 76 54.85 -90.66 -10.93
CA MET T 77 51.56 -92.29 -9.90
CA ARG T 78 51.25 -90.38 -6.60
CA LEU T 79 50.84 -87.11 -8.58
CA ARG T 80 47.60 -88.53 -9.98
CA CYS T 81 44.31 -88.48 -8.09
CA ASN T 82 44.25 -85.07 -6.47
CA GLY T 83 42.56 -82.96 -9.16
CA ASP T 84 45.84 -81.31 -10.13
CA ASN T 85 46.83 -80.94 -13.76
CA ASP T 86 50.15 -82.77 -13.90
CA CYS T 87 49.62 -83.77 -17.54
CA GLY T 88 49.40 -81.71 -20.72
CA ASP T 89 46.01 -83.25 -21.56
CA PHE T 90 44.79 -83.84 -17.96
CA SER T 91 45.11 -87.64 -18.40
CA ASP T 92 46.26 -87.99 -14.81
CA GLU T 93 42.78 -87.00 -13.66
CA ASP T 94 41.01 -88.99 -16.38
CA ASP T 95 40.00 -92.56 -15.48
CA CYS T 96 42.05 -92.13 -12.30
CA GLU T 97 43.02 -95.00 -9.98
CA SER T 98 41.39 -93.36 -6.95
CA GLU T 99 39.19 -90.36 -6.22
CA PRO T 100 40.84 -86.96 -5.96
CA ARG T 101 42.26 -86.32 -2.47
CA PRO T 102 42.50 -82.58 -1.57
CA PRO T 103 45.81 -80.99 -2.77
CA CYS T 104 45.37 -78.51 0.08
CA ARG T 105 43.71 -80.14 3.09
CA ASP T 106 43.36 -76.85 4.99
CA ARG T 107 41.40 -74.87 2.41
CA VAL T 108 40.83 -74.65 -1.31
CA VAL T 109 43.69 -72.50 -2.59
CA GLU T 110 43.09 -70.59 -5.83
CA GLU T 111 45.85 -70.59 -8.44
CA SER T 112 48.02 -67.58 -9.17
CA GLU T 113 46.33 -65.71 -11.98
CA LEU T 114 48.52 -64.95 -14.96
CA ALA T 115 50.78 -67.84 -13.84
CA ARG T 116 51.23 -68.84 -17.49
CA THR T 117 51.96 -65.24 -18.46
CA ALA T 118 54.82 -65.00 -15.94
CA GLY T 119 56.58 -68.03 -17.44
CA TYR T 120 56.83 -66.64 -21.03
CA GLY T 121 59.84 -67.15 -23.27
CA ILE T 122 61.43 -64.11 -24.92
CA ASN T 123 63.02 -63.42 -28.30
CA ILE T 124 65.82 -61.01 -27.49
CA LEU T 125 66.08 -59.74 -31.08
CA GLY T 126 62.85 -57.78 -30.57
CA MET T 127 62.66 -58.11 -26.78
CA ASP T 128 59.08 -59.41 -27.06
CA PRO T 129 57.61 -62.37 -25.15
CA LEU T 130 56.51 -65.65 -26.77
CA SER T 131 54.77 -68.68 -25.24
CA THR T 132 56.06 -70.08 -21.92
CA PRO T 133 58.57 -72.99 -21.95
CA PHE T 134 57.45 -73.87 -18.39
CA ASP T 135 54.23 -75.62 -17.41
CA ASN T 136 52.54 -73.13 -15.07
CA GLU T 137 49.63 -75.36 -14.13
CA PHE T 138 52.03 -78.08 -12.94
CA TYR T 139 52.08 -78.13 -9.15
CA ASN T 140 54.04 -81.41 -8.94
CA GLY T 141 51.18 -82.97 -6.93
CA LEU T 142 52.11 -80.66 -4.04
CA CYS T 143 50.36 -77.49 -2.96
CA ASN T 144 52.82 -74.67 -2.44
CA ARG T 145 51.38 -71.21 -1.97
CA ASP T 146 52.40 -67.56 -1.87
CA ARG T 147 50.36 -65.11 0.22
CA ASP T 148 49.07 -61.85 -1.28
CA GLY T 149 49.05 -58.88 1.11
CA ASN T 150 47.03 -56.65 -1.26
CA THR T 151 44.12 -59.09 -1.28
CA LEU T 152 44.40 -61.32 1.77
CA THR T 153 44.27 -64.83 0.38
CA TYR T 154 46.89 -67.33 -0.73
CA TYR T 155 47.54 -68.12 -4.36
CA ARG T 156 48.95 -71.52 -5.25
CA ARG T 157 52.34 -71.40 -6.92
CA PRO T 158 53.40 -73.92 -9.63
CA TRP T 159 56.49 -76.02 -8.86
CA ASN T 160 58.10 -74.88 -12.14
CA VAL T 161 57.94 -71.38 -10.65
CA ALA T 162 60.47 -70.40 -7.99
CA SER T 163 58.47 -67.42 -6.53
CA LEU T 164 55.35 -65.58 -7.79
CA ILE T 165 54.79 -63.47 -4.73
CA TYR T 166 52.53 -60.50 -5.32
CA GLU T 167 54.66 -57.67 -4.08
CA THR T 168 53.64 -54.93 -1.72
CA LYS T 169 53.34 -52.40 -4.55
CA GLY T 170 56.46 -50.74 -5.91
CA GLU T 171 54.28 -47.73 -6.72
CA LYS T 172 55.97 -44.35 -7.20
CA ASN T 173 59.28 -44.44 -8.94
CA PHE T 174 58.61 -40.89 -9.94
CA ARG T 175 61.12 -38.41 -11.25
CA THR T 176 61.00 -35.29 -13.30
CA GLU T 177 64.00 -33.43 -14.57
CA HIS T 178 63.87 -29.88 -15.78
CA TYR T 179 66.63 -28.44 -17.91
CA GLU T 180 66.79 -24.91 -19.19
CA GLU T 181 69.55 -23.09 -21.09
CA GLN T 182 69.75 -19.47 -22.25
CA ILE T 183 72.55 -17.87 -24.30
CA GLU T 184 72.21 -14.38 -25.81
CA ALA T 185 74.95 -12.20 -27.29
CA PHE T 186 75.27 -8.74 -28.85
CA LYS T 187 78.01 -7.01 -30.85
CA SER T 188 77.79 -3.52 -32.35
CA ILE T 189 80.46 -1.36 -33.98
CA ILE T 190 80.51 2.11 -35.55
CA GLN T 191 83.24 4.02 -37.38
CA GLU T 192 83.34 7.50 -38.93
CA LYS T 193 85.94 9.65 -40.64
CA THR T 194 85.71 13.13 -42.12
CA SER T 195 88.22 15.46 -43.77
CA ASN T 196 87.71 19.12 -44.62
CA PHE T 197 90.08 21.18 -46.75
CA ASN T 198 90.15 24.74 -48.09
CA ALA T 199 92.84 26.59 -50.02
CA ALA T 200 92.95 30.03 -51.58
CA ILE T 201 95.46 32.20 -53.41
CA SER T 202 95.17 35.82 -54.55
CA LEU T 203 97.47 38.33 -56.24
CA LYS T 204 97.26 42.02 -57.14
CA PHE T 205 99.60 44.14 -59.24
CA THR T 206 99.43 47.86 -60.14
CA PRO T 207 102.14 49.44 -62.36
CA GLY T 228 97.64 49.42 -65.26
CA LYS T 229 95.95 47.19 -62.73
CA GLY T 230 95.58 43.41 -62.62
CA SER T 231 94.24 41.01 -60.02
CA PHE T 232 93.67 37.28 -59.62
CA ARG T 233 91.65 35.29 -57.08
CA PHE T 234 91.18 31.54 -56.73
CA SER T 235 89.51 29.38 -54.07
CA TYR T 236 89.24 25.60 -53.83
CA SER T 237 87.55 23.36 -51.26
CA LYS T 238 86.98 19.66 -50.63
CA ASN T 239 85.10 17.68 -48.02
CA GLU T 240 84.48 13.99 -47.41
CA THR T 241 82.41 12.12 -44.82
CA TYR T 242 82.32 8.32 -44.60
CA GLN T 243 80.42 6.22 -42.06
CA LEU T 244 80.11 2.50 -41.34
CA PHE T 245 77.68 1.05 -38.80
CA LEU T 246 76.95 -2.62 -38.09
CA SER T 247 74.99 -4.48 -35.42
CA TYR T 248 74.66 -8.19 -34.73
CA SER T 249 72.65 -10.29 -32.26
CA SER T 250 72.21 -14.02 -31.75
CA LYS T 251 70.21 -16.27 -29.46
CA LYS T 252 70.36 -19.97 -28.62
CA GLU T 253 68.00 -21.30 -25.97
CA LYS T 254 66.84 -24.80 -25.11
CA MET T 255 64.46 -26.51 -22.73
CA PHE T 256 64.23 -30.18 -21.95
CA LEU T 257 61.79 -32.04 -19.77
CA HIS T 258 61.62 -35.60 -18.61
CA VAL T 259 58.68 -37.00 -16.70
CA LYS T 260 58.42 -40.63 -15.62
CA GLY T 261 56.61 -42.68 -12.99
CA GLU T 262 56.86 -46.46 -12.67
CA ILE T 263 54.68 -48.88 -10.70
CA HIS T 264 55.53 -52.52 -9.96
CA LEU T 265 52.50 -54.74 -9.30
CA GLY T 266 54.22 -58.11 -8.73
CA ARG T 267 57.47 -60.08 -8.75
CA PHE T 268 58.04 -63.42 -10.43
CA VAL T 269 61.00 -65.78 -10.28
CA MET T 270 61.13 -68.87 -12.49
CA ARG T 271 63.08 -72.03 -11.77
CA ASN T 272 66.67 -72.22 -13.05
CA ARG T 273 66.89 -75.80 -11.77
CA ASP T 274 65.71 -78.96 -13.55
CA VAL T 275 61.91 -78.86 -13.54
CA VAL T 276 58.98 -79.89 -15.72
CA LEU T 277 58.27 -77.98 -18.93
CA THR T 278 55.14 -77.61 -21.08
CA THR T 279 54.45 -80.55 -23.40
CA THR T 280 54.32 -78.56 -26.66
CA PHE T 281 57.82 -77.15 -26.11
CA VAL T 282 59.21 -80.62 -25.22
CA ASP T 283 57.63 -82.21 -28.31
CA ASP T 284 59.15 -79.61 -30.64
CA ILE T 285 62.53 -79.95 -28.86
CA LYS T 286 62.47 -83.70 -29.57
CA ALA T 287 61.49 -83.01 -33.19
CA LEU T 288 64.66 -80.95 -33.86
CA PRO T 289 67.50 -82.37 -36.06
CA THR T 290 70.44 -84.42 -34.73
CA THR T 291 72.79 -82.36 -36.93
CA TYR T 292 73.34 -78.61 -37.16
CA GLU T 293 71.56 -76.95 -40.07
CA LYS T 294 70.61 -73.32 -39.47
CA GLY T 295 67.10 -73.17 -40.95
CA GLU T 296 65.39 -75.49 -38.47
CA TYR T 297 67.09 -73.95 -35.44
CA PHE T 298 66.39 -70.38 -36.61
CA ALA T 299 62.67 -71.18 -36.96
CA PHE T 300 62.64 -72.74 -33.46
CA LEU T 301 64.31 -69.70 -31.89
CA GLU T 302 61.90 -67.41 -33.73
CA THR T 303 58.83 -69.29 -32.44
CA TYR T 304 59.91 -70.17 -28.87
CA GLY T 305 62.28 -67.29 -28.10
CA THR T 306 66.08 -67.01 -27.98
CA HIS T 307 66.03 -66.83 -24.19
CA TYR T 308 63.40 -67.14 -21.47
CA SER T 309 62.32 -64.82 -18.67
CA SER T 310 64.24 -66.21 -15.69
CA SER T 311 62.74 -63.60 -13.37
CA GLY T 312 61.34 -60.10 -13.63
CA SER T 313 58.71 -57.66 -12.46
CA LEU T 314 55.19 -56.93 -13.62
CA GLY T 315 54.00 -53.33 -13.56
CA GLY T 316 53.36 -50.37 -15.85
CA LEU T 317 55.02 -47.12 -16.91
CA TYR T 318 53.93 -43.52 -17.33
CA GLU T 319 56.39 -41.42 -19.38
CA LEU T 320 56.62 -38.20 -21.36
CA ILE T 321 59.57 -36.13 -22.64
CA TYR T 322 59.43 -32.56 -23.93
CA VAL T 323 61.98 -30.92 -26.18
CA LEU T 324 62.60 -27.38 -27.39
CA ASP T 325 65.53 -26.06 -29.44
CA LYS T 326 65.29 -22.38 -30.47
CA ALA T 327 67.74 -20.43 -32.62
CA SER T 328 67.79 -16.96 -34.22
CA MET T 329 70.32 -14.56 -35.78
CA LYS T 330 69.96 -10.83 -36.53
CA ARG T 331 72.38 -8.78 -38.66
CA LYS T 332 72.25 -5.28 -40.15
CA GLY T 333 74.89 -3.08 -41.81
CA VAL T 334 74.84 0.35 -43.45
CA GLU T 335 77.42 2.31 -45.48
CA LEU T 336 77.12 6.07 -46.07
CA LYS T 337 79.43 8.29 -48.11
CA ASP T 338 79.27 11.95 -49.15
CA ILE T 339 81.92 13.87 -51.14
CA LYS T 340 81.92 17.41 -52.53
CA ARG T 341 84.19 19.76 -54.47
CA CYS T 342 83.66 23.46 -55.12
CA LEU T 343 86.05 25.92 -56.77
CA GLY T 344 85.83 29.55 -57.89
CA TYR T 345 88.07 31.41 -60.30
CA HIS T 346 88.23 35.17 -60.99
CA LEU T 347 90.44 37.74 -62.69
CA ASP T 348 90.05 41.42 -63.50
CA VAL T 349 92.40 43.61 -65.60
CA SER T 350 92.21 47.28 -66.62
CA LEU T 351 94.53 49.53 -68.64
CA ALA T 352 94.29 53.32 -68.93
CA PHE T 353 96.56 55.14 -71.38
CA SER T 354 96.05 58.93 -71.67
CA GLU T 355 92.33 59.60 -72.36
CA ILE T 356 91.47 56.02 -73.53
CA SER T 357 90.75 52.98 -71.36
CA VAL T 358 89.95 49.29 -71.76
CA GLY T 359 89.00 46.67 -69.14
CA ALA T 360 88.08 43.01 -69.08
CA GLU T 361 87.23 40.37 -66.47
CA PHE T 362 86.40 36.67 -66.30
CA ASN T 363 84.66 34.59 -63.63
CA LYS T 364 83.98 30.85 -63.42
CA ASP T 365 82.33 28.66 -60.78
CA ASP T 366 82.32 24.84 -60.79
CA CYS T 367 80.80 22.50 -58.19
CA VAL T 368 80.03 18.77 -57.94
CA LYS T 369 78.53 16.74 -55.09
CA ARG T 370 78.05 12.98 -54.98
CA GLY T 371 76.23 11.02 -52.25
CA GLU T 372 76.02 7.26 -51.93
CA GLY T 373 74.06 5.05 -49.50
CA ARG T 374 73.79 1.28 -49.17
CA ALA T 375 72.03 -0.83 -46.52
CA VAL T 376 71.56 -4.57 -45.93
CA ASN T 377 69.45 -6.27 -43.25
CA ILE T 378 68.82 -9.99 -42.69
CA THR T 379 67.00 -11.95 -39.98
CA SER T 380 66.29 -15.66 -39.58
CA GLU T 381 64.65 -17.75 -36.87
CA ASN T 382 63.97 -21.48 -36.59
CA LEU T 383 62.77 -23.88 -33.92
CA ILE T 384 61.67 -27.45 -33.24
CA ASP T 385 59.08 -28.65 -30.74
CA ASP T 386 59.00 -32.41 -30.28
CA VAL T 387 56.82 -34.04 -27.68
CA VAL T 388 56.88 -37.78 -27.33
CA SER T 389 54.93 -39.79 -24.85
CA LEU T 390 53.92 -43.36 -24.21
CA ILE T 391 52.44 -45.47 -21.43
CA ARG T 392 52.08 -49.20 -20.84
CA GLY T 393 49.98 -51.43 -18.63
CA GLY T 394 46.26 -51.77 -17.90
CA THR T 395 43.25 -51.55 -20.21
CA ARG T 396 42.64 -49.20 -23.13
CA LYS T 397 40.02 -46.85 -21.67
CA TYR T 398 42.15 -45.36 -18.90
CA ALA T 399 45.21 -45.22 -21.13
CA PHE T 400 43.21 -43.34 -23.80
CA GLU T 401 41.85 -40.88 -21.26
CA LEU T 402 45.34 -40.07 -19.98
CA LYS T 403 46.62 -39.79 -23.57
CA GLU T 404 43.98 -37.22 -24.53
CA LYS T 405 44.56 -35.13 -21.42
CA LEU T 406 48.30 -35.05 -22.08
CA LEU T 407 47.68 -33.26 -25.36
CA ARG T 408 47.17 -30.15 -23.21
CA GLY T 409 49.22 -31.78 -20.44
CA THR T 410 47.50 -33.69 -17.64
CA VAL T 411 47.55 -31.49 -14.56
CA ILE T 412 44.02 -32.15 -13.32
CA ASP T 413 41.81 -35.24 -13.08
CA VAL T 414 44.12 -36.96 -10.59
CA THR T 415 41.43 -39.63 -10.06
CA ASP T 416 42.12 -40.90 -13.62
CA PHE T 417 45.45 -42.27 -12.47
CA VAL T 418 43.83 -44.33 -9.69
CA ASN T 419 41.61 -45.99 -12.33
CA TRP T 420 44.69 -46.69 -14.43
CA ALA T 421 46.39 -48.24 -11.42
CA SER T 422 43.48 -50.62 -10.87
CA SER T 423 43.44 -51.72 -14.52
CA ILE T 424 47.22 -52.37 -14.36
CA ASN T 425 46.53 -55.00 -11.68
CA ASP T 426 43.97 -56.69 -13.93
CA ALA T 427 46.14 -56.71 -17.06
CA PRO T 428 49.87 -56.87 -16.19
CA VAL T 429 52.65 -56.08 -18.66
CA LEU T 430 56.31 -57.10 -18.39
CA ILE T 431 58.67 -54.39 -17.14
CA SER T 432 62.01 -55.80 -15.96
CA GLN T 433 63.33 -59.24 -16.76
CA LYS T 434 66.36 -61.47 -16.46
CA LEU T 435 67.37 -63.47 -19.50
CA SER T 436 69.10 -66.82 -19.89
CA PRO T 437 69.26 -68.83 -23.17
CA ILE T 438 66.33 -71.18 -23.83
CA TYR T 439 68.55 -74.15 -24.78
CA ASN T 440 69.78 -74.48 -21.16
CA LEU T 441 66.27 -75.66 -20.21
CA VAL T 442 66.38 -78.86 -22.32
CA PRO T 443 66.81 -82.03 -20.23
CA VAL T 444 70.19 -83.50 -21.16
CA LYS T 445 69.21 -86.98 -20.06
CA MET T 446 67.10 -88.11 -23.03
CA LYS T 447 68.90 -89.17 -26.23
CA ASN T 448 70.30 -86.57 -28.63
CA ALA T 449 69.39 -83.75 -26.17
CA HIS T 450 73.04 -82.75 -25.88
CA LEU T 451 73.45 -82.70 -29.69
CA LYS T 452 70.41 -80.44 -30.13
CA LYS T 453 71.66 -78.17 -27.34
CA GLN T 454 75.04 -77.72 -29.07
CA ASN T 455 73.25 -77.04 -32.37
CA LEU T 456 71.11 -74.38 -30.65
CA GLU T 457 74.22 -72.68 -29.17
CA ARG T 458 75.72 -72.32 -32.63
CA ALA T 459 72.37 -71.24 -34.07
CA ILE T 460 71.85 -68.30 -31.69
CA GLU T 461 75.21 -66.81 -32.69
CA ASP T 462 74.56 -67.11 -36.40
CA TYR T 463 71.01 -65.82 -36.11
CA ILE T 464 72.28 -62.62 -34.43
CA ASN T 465 74.52 -61.97 -37.43
CA GLU T 466 71.61 -62.40 -39.89
CA PHE T 467 69.61 -59.86 -37.90
CA SER T 468 72.58 -57.49 -37.49
CA VAL T 469 72.35 -53.82 -38.42
CA ARG T 470 76.14 -53.51 -38.32
CA LYS T 471 76.28 -54.89 -41.87
CA CYS T 472 73.76 -52.31 -43.14
CA HIS T 473 74.55 -48.78 -44.38
CA THR T 474 74.23 -45.99 -41.82
CA CYS T 475 72.49 -42.84 -43.04
CA GLN T 476 74.04 -39.40 -43.00
CA ASN T 477 73.88 -36.89 -40.14
CA GLY T 478 73.89 -39.53 -37.38
CA GLY T 479 71.05 -41.68 -38.77
CA THR T 480 70.78 -45.20 -37.33
CA VAL T 481 69.95 -48.14 -39.55
CA ILE T 482 67.39 -50.78 -38.58
CA LEU T 483 67.00 -54.18 -40.28
CA MET T 484 63.50 -55.36 -41.07
CA ASP T 485 63.44 -58.74 -42.68
CA GLY T 486 66.06 -58.18 -45.34
CA LYS T 487 65.42 -54.49 -45.99
CA CYS T 488 67.22 -51.82 -44.02
CA LEU T 489 65.51 -48.52 -43.31
CA CYS T 490 67.27 -45.66 -41.60
CA ALA T 491 65.78 -44.14 -38.48
CA CYS T 492 66.64 -40.45 -38.43
CA PRO T 493 65.30 -37.57 -36.21
CA PHE T 494 62.04 -35.68 -36.89
CA LYS T 495 64.11 -32.64 -37.92
CA PHE T 496 65.91 -34.46 -40.76
CA GLU T 497 64.58 -37.67 -42.33
CA GLY T 498 65.37 -39.92 -45.28
CA ILE T 499 66.62 -43.17 -46.65
CA ALA T 500 69.78 -41.01 -46.83
CA CYS T 501 68.30 -38.15 -44.57
CA GLU T 502 68.42 -35.04 -46.84
CA ILE T 503 64.75 -34.12 -46.24
CA SER T 504 63.92 -31.76 -43.39
CA LYS T 505 61.10 -29.79 -41.75
CA GLN T 506 63.70 -27.02 -41.39
CA SER U 1 82.84 -49.00 -31.23
CA HIS U 2 80.84 -51.94 -29.84
CA ILE U 3 82.36 -54.34 -27.35
CA ASP U 4 80.22 -57.45 -27.05
CA CYS U 5 80.02 -59.65 -23.96
CA ARG U 6 82.11 -62.81 -24.32
CA MET U 7 82.62 -65.63 -21.84
CA SER U 8 85.54 -67.98 -21.29
CA PRO U 9 86.01 -71.21 -23.29
CA TRP U 10 84.48 -74.37 -21.83
CA SER U 11 85.70 -75.94 -18.63
CA GLU U 12 86.26 -79.70 -18.83
CA TRP U 13 83.48 -82.02 -17.60
CA SER U 14 83.25 -82.71 -13.88
CA GLN U 15 83.09 -86.23 -12.46
CA CYS U 16 79.72 -87.96 -12.84
CA ASP U 17 77.46 -86.64 -10.08
CA PRO U 18 75.63 -89.25 -8.00
CA CYS U 19 72.95 -86.72 -6.97
CA LEU U 20 72.15 -85.49 -10.50
CA ARG U 21 73.64 -88.20 -12.77
CA GLN U 22 75.22 -85.57 -14.98
CA MET U 23 78.52 -83.81 -15.53
CA PHE U 24 78.79 -80.04 -15.53
CA ARG U 25 81.02 -77.31 -16.90
CA SER U 26 80.93 -73.54 -16.60
CA ARG U 27 82.34 -70.29 -17.97
CA SER U 28 83.31 -66.88 -16.58
CA ILE U 29 82.97 -63.42 -18.18
CA GLU U 30 86.10 -62.40 -20.06
CA VAL U 31 84.60 -59.39 -21.78
CA PHE U 32 81.50 -57.38 -20.92
CA GLY U 33 79.10 -55.57 -23.26
CA GLN U 34 79.87 -51.87 -23.57
CA PHE U 35 79.34 -49.00 -26.03
CA ASN U 36 76.00 -50.32 -27.32
CA GLY U 37 77.30 -53.91 -27.11
CA LYS U 38 75.20 -57.00 -26.41
CA ARG U 39 74.83 -58.94 -23.17
CA CYS U 40 76.03 -62.50 -22.69
CA THR U 41 74.00 -64.77 -24.93
CA ASP U 42 76.53 -67.44 -23.88
CA ALA U 43 75.39 -70.77 -22.40
CA VAL U 44 77.24 -70.07 -19.09
CA GLY U 45 77.03 -73.76 -18.17
CA ASP U 46 76.38 -76.99 -20.01
CA ARG U 47 75.32 -80.36 -18.63
CA ARG U 48 75.95 -83.80 -20.09
CA GLN U 49 74.04 -86.95 -19.18
CA CYS U 50 75.89 -89.55 -17.10
CA VAL U 51 75.37 -92.39 -14.61
CA PRO U 52 75.54 -92.22 -10.74
CA THR U 53 78.75 -93.17 -8.93
CA GLU U 54 76.94 -93.97 -5.67
CA PRO U 55 73.42 -93.67 -4.25
CA CYS U 56 73.32 -90.04 -3.12
CA GLU U 57 70.51 -87.97 -1.63
CA CYS U 63 64.37 -90.20 9.61
CA GLY U 64 64.99 -93.63 11.15
CA ASN U 65 62.20 -95.08 13.29
CA ASP U 66 60.38 -91.73 13.49
CA PHE U 67 57.47 -90.72 11.23
CA GLN U 68 58.61 -89.83 7.74
CA CYS U 69 56.42 -87.78 5.41
CA SER U 70 56.39 -88.19 1.63
CA THR U 71 58.02 -84.74 1.43
CA GLY U 72 61.03 -86.00 3.42
CA ARG U 73 59.93 -84.25 6.61
CA CYS U 74 61.03 -86.20 9.68
CA ILE U 75 58.99 -85.63 12.82
CA LYS U 76 58.41 -87.63 15.97
CA MET U 77 55.02 -89.30 16.45
CA ARG U 78 53.88 -86.98 19.26
CA LEU U 79 53.85 -84.05 16.76
CA ARG U 80 51.09 -85.86 14.88
CA CYS U 81 47.44 -85.75 15.92
CA ASN U 82 46.90 -82.17 16.95
CA GLY U 83 45.85 -80.56 13.65
CA ASP U 84 49.22 -78.85 13.24
CA ASN U 85 51.04 -78.93 9.93
CA ASP U 86 54.34 -80.55 10.84
CA CYS U 87 54.73 -82.07 7.37
CA GLY U 88 55.22 -80.51 3.95
CA ASP U 89 52.18 -82.36 2.59
CA PHE U 90 50.15 -82.51 5.85
CA SER U 91 50.67 -86.31 6.08
CA ASP U 92 50.94 -86.09 9.85
CA GLU U 93 47.25 -85.16 9.99
CA ASP U 94 46.26 -87.63 7.26
CA ASP U 95 45.14 -91.08 8.42
CA CYS U 96 46.36 -90.09 11.88
CA GLU U 97 46.82 -92.53 14.78
CA SER U 98 44.46 -90.60 17.06
CA GLU U 99 42.08 -87.67 16.79
CA PRO U 100 43.52 -84.18 16.93
CA ARG U 101 44.04 -82.96 20.50
CA PRO U 102 43.95 -79.12 20.87
CA PRO U 103 47.40 -77.51 20.25
CA CYS U 104 46.23 -74.69 22.51
CA ARG U 105 43.94 -75.99 25.26
CA ASP U 106 43.05 -72.49 26.51
CA ARG U 107 41.71 -71.02 23.28
CA VAL U 108 42.04 -71.36 19.54
CA VAL U 109 45.06 -69.23 18.65
CA GLU U 110 45.22 -67.83 15.11
CA GLU U 111 48.52 -68.03 13.24
CA SER U 112 50.71 -65.02 12.59
CA GLU U 113 49.69 -63.67 9.21
CA LEU U 114 52.51 -63.19 6.76
CA ALA U 115 54.52 -65.75 8.80
CA ARG U 116 55.85 -67.21 5.55
CA THR U 117 56.70 -63.76 4.23
CA ALA U 118 58.86 -62.98 7.30
CA GLY U 119 61.02 -66.08 6.72
CA TYR U 120 62.08 -65.18 3.12
CA GLY U 121 65.56 -65.81 1.75
CA ILE U 122 67.41 -62.93 0.09
CA ASN U 123 69.75 -62.62 -2.90
CA ILE U 124 72.21 -59.95 -1.83
CA LEU U 125 73.28 -59.19 -5.40
CA GLY U 126 69.97 -57.38 -5.98
CA MET U 127 68.87 -57.19 -2.33
CA ASP U 128 65.52 -58.74 -3.22
CA PRO U 129 63.71 -61.49 -1.30
CA LEU U 130 63.13 -65.03 -2.62
CA SER U 131 61.16 -67.92 -1.09
CA THR U 132 61.65 -68.76 2.61
CA PRO U 133 64.18 -71.48 3.60
CA PHE U 134 62.25 -71.92 6.89
CA ASP U 135 58.94 -73.71 7.35
CA ASN U 136 56.67 -71.04 8.83
CA GLU U 137 53.68 -73.30 9.39
CA PHE U 138 55.80 -75.66 11.49
CA TYR U 139 54.95 -75.18 15.16
CA ASN U 140 56.89 -78.27 16.30
CA GLY U 141 53.68 -79.71 17.81
CA LEU U 142 53.81 -76.96 20.46
CA CYS U 143 51.77 -73.79 20.61
CA ASN U 144 53.94 -70.78 21.26
CA ARG U 145 52.34 -67.38 20.85
CA ASP U 146 53.20 -63.69 20.63
CA ARG U 147 50.66 -61.11 21.79
CA ASP U 148 49.67 -58.19 19.56
CA GLY U 149 49.00 -54.92 21.41
CA ASN U 150 47.54 -53.18 18.32
CA THR U 151 44.79 -55.77 17.98
CA LEU U 152 44.39 -57.53 21.32
CA THR U 153 44.69 -61.20 20.48
CA TYR U 154 47.58 -63.66 20.40
CA TYR U 155 49.10 -64.91 17.18
CA ARG U 156 50.78 -68.30 17.17
CA ARG U 157 54.47 -68.20 16.34
CA PRO U 158 56.22 -71.00 14.36
CA TRP U 159 59.10 -72.77 16.14
CA ASN U 160 61.42 -72.01 13.21
CA VAL U 161 60.80 -68.35 14.06
CA ALA U 162 62.58 -66.85 17.06
CA SER U 163 60.21 -63.83 17.55
CA LEU U 164 57.44 -62.38 15.34
CA ILE U 165 56.09 -59.90 17.82
CA TYR U 166 53.96 -57.19 16.27
CA GLU U 167 55.65 -54.09 17.55
CA THR U 168 54.01 -51.11 19.17
CA LYS U 169 54.33 -49.04 15.98
CA GLY U 170 57.63 -47.38 15.16
CA GLU U 171 55.64 -44.67 13.42
CA LYS U 172 57.29 -41.28 12.85
CA ASN U 173 60.93 -41.40 11.97
CA PHE U 174 60.41 -38.08 10.31
CA ARG U 175 63.09 -35.65 9.26
CA THR U 176 63.38 -32.86 6.79
CA GLU U 177 66.54 -31.01 5.99
CA HIS U 178 66.61 -27.68 4.26
CA TYR U 179 69.77 -26.38 2.65
CA GLU U 180 70.12 -23.06 0.93
CA GLU U 181 73.20 -21.35 -0.53
CA GLN U 182 73.57 -17.92 -2.14
CA ILE U 183 76.73 -16.45 -3.70
CA GLU U 184 76.68 -13.24 -5.76
CA ALA U 185 79.63 -11.11 -6.86
CA PHE U 186 80.22 -7.89 -8.81
CA LYS U 187 83.31 -6.29 -10.34
CA SER U 188 83.36 -3.06 -12.38
CA ILE U 189 86.28 -0.98 -13.63
CA ILE U 190 86.60 2.23 -15.65
CA GLN U 191 89.64 4.03 -17.07
CA GLU U 192 90.01 7.26 -19.06
CA LYS U 193 92.89 9.31 -20.42
CA THR U 194 92.92 12.53 -22.42
CA SER U 195 95.69 14.75 -23.77
CA ASN U 196 95.28 18.23 -25.25
CA PHE U 197 98.04 20.12 -27.06
CA ASN U 198 98.33 23.45 -28.86
CA ALA U 199 101.35 25.18 -30.37
CA ALA U 200 101.74 28.37 -32.36
CA ILE U 201 104.55 30.42 -33.86
CA SER U 202 104.44 33.82 -35.56
CA LEU U 203 107.00 36.21 -37.02
CA LYS U 204 106.91 39.71 -38.50
CA PHE U 205 109.64 41.66 -40.29
CA THR U 206 109.57 45.20 -41.75
CA PRO U 207 112.69 46.63 -43.49
CA GLY U 228 109.02 45.92 -47.33
CA LYS U 229 106.84 43.96 -44.96
CA GLY U 230 106.57 40.21 -44.36
CA SER U 231 104.71 38.12 -41.83
CA PHE U 232 104.16 34.46 -41.01
CA ARG U 233 101.64 32.72 -38.74
CA PHE U 234 101.22 29.03 -37.95
CA SER U 235 99.02 27.16 -35.45
CA TYR U 236 98.80 23.45 -34.72
CA SER U 237 96.61 21.48 -32.31
CA LYS U 238 96.01 17.87 -31.28
CA ASN U 239 93.61 16.16 -28.91
CA GLU U 240 92.98 12.56 -27.90
CA THR U 241 90.40 10.94 -25.63
CA TYR U 242 90.36 7.22 -24.87
CA GLN U 243 87.97 5.37 -22.55
CA LEU U 244 87.60 1.78 -21.38
CA PHE U 245 84.67 0.55 -19.28
CA LEU U 246 83.90 -3.02 -18.21
CA SER U 247 81.41 -4.61 -15.83
CA TYR U 248 81.02 -8.21 -14.68
CA SER U 249 78.54 -10.06 -12.45
CA SER U 250 78.10 -13.71 -11.51
CA LYS U 251 75.67 -15.74 -9.44
CA LYS U 252 75.71 -19.27 -8.04
CA GLU U 253 72.82 -20.36 -5.84
CA LYS U 254 71.59 -23.77 -4.77
CA MET U 255 68.76 -25.28 -2.78
CA PHE U 256 68.46 -28.81 -1.53
CA LEU U 257 65.62 -30.50 0.29
CA HIS U 258 65.27 -33.86 1.89
CA VAL U 259 62.00 -35.18 3.24
CA LYS U 260 61.59 -38.62 4.77
CA GLY U 261 59.26 -40.40 7.18
CA GLU U 262 59.53 -44.07 8.12
CA ILE U 263 57.01 -46.32 9.87
CA HIS U 264 57.75 -49.77 11.33
CA LEU U 265 54.73 -52.06 11.59
CA GLY U 266 56.35 -55.19 13.04
CA ARG U 267 59.55 -56.94 14.08
CA PHE U 268 60.61 -60.44 13.10
CA VAL U 269 63.52 -62.56 14.29
CA MET U 270 64.27 -65.92 12.67
CA ARG U 271 66.08 -68.83 14.29
CA ASN U 272 69.87 -68.96 13.92
CA ARG U 273 69.88 -72.31 15.75
CA ASP U 274 69.25 -75.75 14.24
CA VAL U 275 65.56 -75.89 13.35
CA VAL U 276 63.26 -77.40 10.72
CA LEU U 277 63.29 -76.01 7.19
CA THR U 278 60.77 -76.14 4.33
CA THR U 279 60.74 -79.41 2.38
CA THR U 280 61.34 -77.91 -1.08
CA PHE U 281 64.57 -76.22 0.05
CA VAL U 282 65.79 -79.43 1.75
CA ASP U 283 65.04 -81.53 -1.35
CA ASP U 284 67.01 -79.19 -3.62
CA ILE U 285 69.88 -79.07 -1.07
CA LYS U 286 70.09 -82.87 -1.19
CA ALA U 287 69.99 -82.76 -5.01
CA LEU U 288 73.17 -80.62 -5.21
CA PRO U 289 76.49 -82.15 -6.45
CA THR U 290 79.09 -83.80 -4.18
CA THR U 291 81.83 -81.93 -6.05
CA TYR U 292 82.32 -78.22 -6.71
CA GLU U 293 81.24 -77.09 -10.17
CA LYS U 294 80.09 -73.49 -10.37
CA GLY U 295 77.03 -73.76 -12.63
CA GLU U 296 74.83 -75.82 -10.30
CA TYR U 297 75.71 -73.76 -7.22
CA PHE U 298 75.21 -70.45 -9.06
CA ALA U 299 71.70 -71.52 -10.13
CA PHE U 300 70.88 -72.58 -6.55
CA LEU U 301 72.03 -69.25 -5.11
CA GLU U 302 70.08 -67.39 -7.77
CA THR U 303 66.84 -69.27 -6.97
CA TYR U 304 67.05 -69.57 -3.16
CA GLY U 305 69.10 -66.47 -2.30
CA THR U 306 72.74 -65.93 -1.34
CA HIS U 307 71.77 -65.23 2.27
CA TYR U 308 68.58 -65.32 4.31
CA SER U 309 66.79 -62.71 6.41
CA SER U 310 67.98 -63.54 9.92
CA SER U 311 65.89 -60.74 11.41
CA GLY U 312 64.49 -57.39 10.30
CA SER U 313 61.59 -54.99 10.44
CA LEU U 314 58.44 -54.66 8.40
CA GLY U 315 57.16 -51.17 7.63
CA GLY U 316 57.01 -48.61 4.83
CA LEU U 317 58.79 -45.44 3.72
CA TYR U 318 57.73 -42.01 2.51
CA GLU U 319 60.55 -40.06 0.80
CA LEU U 320 61.16 -37.14 -1.53
CA ILE U 321 64.27 -35.09 -2.38
CA TYR U 322 64.34 -31.75 -4.20
CA VAL U 323 67.31 -30.28 -6.01
CA LEU U 324 68.10 -26.91 -7.56
CA ASP U 325 71.39 -25.70 -9.03
CA LYS U 326 71.31 -22.23 -10.63
CA ALA U 327 74.15 -20.44 -12.43
CA SER U 328 74.49 -17.24 -14.48
CA MET U 329 77.24 -14.91 -15.74
CA LYS U 330 76.96 -11.36 -17.11
CA ARG U 331 79.77 -9.48 -18.90
CA LYS U 332 79.91 -6.25 -20.89
CA GLY U 333 82.80 -4.13 -22.19
CA VAL U 334 83.06 -0.98 -24.31
CA GLU U 335 85.99 0.84 -25.95
CA LEU U 336 85.73 4.45 -27.15
CA LYS U 337 88.40 6.52 -28.90
CA ASP U 338 88.39 9.97 -30.48
CA ILE U 339 91.39 11.76 -32.08
CA LYS U 340 91.62 15.06 -33.94
CA ARG U 341 94.23 17.26 -35.64
CA CYS U 342 93.77 20.79 -36.94
CA LEU U 343 96.41 23.14 -38.33
CA GLY U 344 96.36 26.56 -40.01
CA TYR U 345 99.07 28.21 -42.08
CA HIS U 346 99.27 31.83 -43.28
CA LEU U 347 101.76 34.27 -44.78
CA ASP U 348 101.46 37.78 -46.20
CA VAL U 349 104.19 39.79 -47.99
CA SER U 350 104.15 43.27 -49.57
CA LEU U 351 106.82 45.36 -51.31
CA ALA U 352 106.54 49.05 -52.22
CA PHE U 353 109.28 50.65 -54.31
CA SER U 354 108.75 54.32 -55.29
CA GLU U 355 105.29 54.65 -56.91
CA ILE U 356 104.83 50.90 -57.70
CA SER U 357 103.71 48.15 -55.34
CA VAL U 358 103.13 44.39 -55.35
CA GLY U 359 101.66 42.11 -52.65
CA ALA U 360 100.86 38.44 -52.26
CA GLU U 361 99.47 36.15 -49.57
CA PHE U 362 98.72 32.47 -49.03
CA ASN U 363 96.46 30.67 -46.56
CA LYS U 364 95.87 26.96 -45.94
CA ASP U 365 93.68 25.06 -43.47
CA ASP U 366 93.78 21.27 -42.90
CA CYS U 367 91.75 19.23 -40.40
CA VAL U 368 91.04 15.53 -39.79
CA LYS U 369 88.96 13.84 -37.09
CA ARG U 370 88.58 10.10 -36.54
CA GLY U 371 86.21 8.43 -34.05
CA GLU U 372 86.04 4.74 -33.22
CA GLY U 373 83.62 2.78 -31.01
CA ARG U 374 83.37 -0.92 -30.17
CA ALA U 375 81.09 -2.74 -27.73
CA VAL U 376 80.61 -6.38 -26.71
CA ASN U 377 77.96 -7.83 -24.36
CA ILE U 378 77.32 -11.46 -23.42
CA THR U 379 74.95 -13.13 -20.94
CA SER U 380 74.28 -16.79 -20.17
CA GLU U 381 72.10 -18.59 -17.64
CA ASN U 382 71.48 -22.28 -16.96
CA LEU U 383 69.73 -24.35 -14.32
CA ILE U 384 68.60 -27.86 -13.39
CA ASP U 385 65.53 -28.86 -11.41
CA ASP U 386 65.45 -32.52 -10.41
CA VAL U 387 62.76 -33.91 -8.18
CA VAL U 388 62.83 -37.54 -7.26
CA SER U 389 60.40 -39.30 -5.04
CA LEU U 390 59.36 -42.81 -4.12
CA ILE U 391 57.31 -44.60 -1.48
CA ARG U 392 56.93 -48.22 -0.44
CA GLY U 393 54.44 -50.26 1.54
CA GLY U 394 50.65 -50.72 1.41
CA THR U 395 48.28 -51.02 -1.54
CA ARG U 396 48.33 -49.14 -4.85
CA LYS U 397 45.37 -46.78 -4.40
CA TYR U 398 46.73 -44.79 -1.47
CA ALA U 399 50.23 -44.76 -2.91
CA PHE U 400 48.88 -43.41 -6.23
CA GLU U 401 46.88 -40.71 -4.48
CA LEU U 402 49.94 -39.51 -2.56
CA LYS U 403 52.03 -39.65 -5.75
CA GLU U 404 49.62 -37.41 -7.68
CA LYS U 405 49.38 -34.88 -4.87
CA LEU U 406 53.16 -34.66 -4.65
CA LEU U 407 53.30 -33.38 -8.21
CA ARG U 408 52.20 -30.04 -6.73
CA GLY U 409 53.57 -31.13 -3.35
CA THR U 410 51.29 -32.75 -0.77
CA VAL U 411 50.53 -30.14 1.88
CA ILE U 412 46.82 -30.83 2.34
CA ASP U 413 44.71 -34.00 2.52
CA VAL U 414 46.40 -35.20 5.71
CA THR U 415 43.74 -37.94 5.99
CA ASP U 416 45.30 -39.64 2.92
CA PHE U 417 48.29 -40.63 5.02
CA VAL U 418 46.11 -42.38 7.62
CA ASN U 419 44.63 -44.52 4.81
CA TRP U 420 48.15 -45.32 3.61
CA ALA U 421 49.12 -46.32 7.15
CA SER U 422 46.23 -48.78 7.35
CA SER U 423 47.11 -50.38 3.99
CA ILE U 424 50.75 -50.76 5.13
CA ASN U 425 49.51 -53.03 7.94
CA ASP U 426 47.62 -55.18 5.44
CA ALA U 427 50.47 -55.50 2.95
CA PRO U 428 53.89 -55.30 4.68
CA VAL U 429 57.16 -54.69 2.82
CA LEU U 430 60.68 -55.42 4.10
CA ILE U 431 62.59 -52.41 5.44
CA SER U 432 65.58 -53.43 7.56
CA GLN U 433 67.16 -56.86 7.62
CA LYS U 434 70.09 -58.84 8.97
CA LEU U 435 71.86 -61.17 6.57
CA SER U 436 73.71 -64.42 7.11
CA PRO U 437 74.71 -66.85 4.30
CA ILE U 438 72.10 -69.46 3.33
CA TYR U 439 74.57 -72.38 3.40
CA ASN U 440 74.91 -72.13 7.21
CA LEU U 441 71.30 -73.38 7.47
CA VAL U 442 72.01 -76.83 5.96
CA PRO U 443 72.01 -79.64 8.55
CA VAL U 444 75.54 -81.01 8.66
CA LYS U 445 74.44 -84.37 10.01
CA MET U 446 73.14 -86.03 6.83
CA LYS U 447 75.68 -87.41 4.35
CA ASN U 448 77.54 -85.08 1.97
CA ALA U 449 75.99 -82.01 3.70
CA HIS U 450 79.43 -80.76 4.67
CA LEU U 451 80.74 -81.20 1.11
CA LYS U 452 77.84 -79.24 -0.37
CA LYS U 453 78.31 -76.52 2.26
CA GLN U 454 81.99 -76.10 1.33
CA ASN U 455 81.04 -76.00 -2.37
CA LEU U 456 78.46 -73.26 -1.62
CA GLU U 457 81.08 -71.19 0.27
CA ARG U 458 83.36 -71.21 -2.75
CA ALA U 459 80.43 -70.56 -5.07
CA ILE U 460 79.27 -67.36 -3.37
CA GLU U 461 82.72 -65.81 -3.76
CA ASP U 462 83.00 -66.67 -7.44
CA TYR U 463 79.43 -65.57 -8.18
CA ILE U 464 80.18 -62.10 -6.74
CA ASN U 465 83.06 -61.74 -9.20
CA GLU U 466 80.83 -62.69 -12.19
CA PHE U 467 78.34 -60.03 -11.12
CA SER U 468 81.07 -57.44 -10.38
CA VAL U 469 80.95 -53.95 -11.89
CA ARG U 470 84.61 -53.40 -10.96
CA LYS U 471 85.63 -55.25 -14.12
CA CYS U 472 83.42 -53.03 -16.31
CA HIS U 473 84.38 -49.68 -17.85
CA THR U 474 83.38 -46.58 -15.88
CA CYS U 475 81.90 -43.75 -17.94
CA GLN U 476 83.30 -40.25 -18.07
CA ASN U 477 82.38 -37.38 -15.73
CA GLY U 478 81.80 -39.59 -12.69
CA GLY U 479 79.44 -42.10 -14.36
CA THR U 480 78.93 -45.38 -12.50
CA VAL U 481 78.74 -48.65 -14.40
CA ILE U 482 76.10 -51.29 -13.66
CA LEU U 483 76.22 -54.92 -14.87
CA MET U 484 73.06 -56.41 -16.27
CA ASP U 485 73.48 -59.98 -17.32
CA GLY U 486 76.65 -59.63 -19.36
CA LYS U 487 76.07 -56.11 -20.67
CA CYS U 488 77.27 -53.09 -18.77
CA LEU U 489 75.35 -49.84 -18.99
CA CYS U 490 76.57 -46.66 -17.35
CA ALA U 491 74.32 -44.82 -14.95
CA CYS U 492 75.04 -41.11 -15.25
CA PRO U 493 73.13 -38.04 -13.86
CA PHE U 494 70.07 -36.48 -15.57
CA LYS U 495 72.25 -33.49 -16.52
CA PHE U 496 74.72 -35.56 -18.55
CA GLU U 497 73.91 -39.04 -19.89
CA GLY U 498 75.44 -41.62 -22.21
CA ILE U 499 77.08 -44.95 -22.74
CA ALA U 500 80.13 -42.64 -22.50
CA CYS U 501 78.06 -39.59 -21.10
CA GLU U 502 78.63 -36.82 -23.72
CA ILE U 503 74.90 -36.07 -24.15
CA SER U 504 73.35 -33.38 -21.96
CA LYS U 505 70.17 -31.39 -21.34
CA GLN U 506 72.52 -28.44 -20.80
CA SER V 1 89.27 -47.53 -3.25
CA HIS V 2 87.09 -50.37 -1.94
CA ILE V 3 88.02 -52.29 1.17
CA ASP V 4 85.96 -55.46 1.43
CA CYS V 5 85.09 -57.21 4.66
CA ARG V 6 87.29 -60.25 5.30
CA MET V 7 87.28 -62.66 8.21
CA SER V 8 90.03 -64.72 9.79
CA PRO V 9 91.07 -68.17 8.45
CA TRP V 10 89.32 -71.18 9.99
CA SER V 11 89.78 -72.20 13.58
CA GLU V 12 90.48 -75.91 14.08
CA TRP V 13 87.55 -78.21 14.97
CA SER V 14 86.46 -78.39 18.59
CA GLN V 15 86.06 -81.68 20.45
CA CYS V 16 82.93 -83.65 19.56
CA ASP V 17 80.03 -82.12 21.47
CA PRO V 18 77.83 -84.51 23.44
CA CYS V 19 74.92 -82.04 23.42
CA LEU V 20 74.95 -81.37 19.66
CA ARG V 21 77.02 -84.27 18.24
CA GLN V 22 79.01 -81.88 16.08
CA MET V 23 82.29 -80.00 16.06
CA PHE V 24 82.44 -76.26 15.55
CA ARG V 25 84.85 -73.61 14.35
CA SER V 26 84.60 -69.85 14.04
CA ARG V 27 86.20 -66.75 12.57
CA SER V 28 86.72 -63.13 13.62
CA ILE V 29 86.67 -59.95 11.48
CA GLU V 30 90.13 -59.00 10.25
CA VAL V 31 89.00 -56.36 7.80
CA PHE V 32 85.73 -54.45 7.60
CA GLY V 33 83.91 -53.14 4.51
CA GLN V 34 84.63 -49.48 3.83
CA PHE V 35 84.63 -47.03 0.91
CA ASN V 36 81.73 -48.71 -0.89
CA GLY V 37 83.04 -52.16 0.15
CA LYS V 38 80.92 -55.24 0.79
CA ARG V 39 79.84 -56.73 4.11
CA CYS V 40 80.99 -60.10 5.39
CA THR V 41 79.63 -62.79 3.11
CA ASP V 42 81.91 -65.12 5.11
CA ALA V 43 80.54 -68.27 6.77
CA VAL V 44 81.51 -67.01 10.27
CA GLY V 45 81.19 -70.53 11.67
CA ASP V 46 81.10 -74.03 10.22
CA ARG V 47 79.83 -77.23 11.81
CA ARG V 48 80.90 -80.79 11.08
CA GLN V 49 78.91 -83.91 11.98
CA CYS V 50 80.28 -86.07 14.81
CA VAL V 51 79.27 -88.56 17.51
CA PRO V 52 78.49 -87.84 21.22
CA THR V 53 81.21 -88.33 23.86
CA GLU V 54 78.68 -88.77 26.69
CA PRO V 55 74.91 -88.50 27.20
CA CYS V 56 74.44 -84.76 27.71
CA GLU V 57 71.29 -82.68 28.17
CA CYS V 63 62.70 -83.71 37.86
CA GLY V 64 63.03 -86.85 40.00
CA ASN V 65 59.85 -88.16 41.63
CA ASP V 66 57.94 -84.93 40.90
CA PHE V 67 55.63 -84.43 37.89
CA GLN V 68 57.56 -83.97 34.67
CA CYS V 69 55.93 -82.41 31.62
CA SER V 70 56.83 -83.34 28.03
CA THR V 71 58.35 -79.86 27.71
CA GLY V 72 60.83 -80.63 30.50
CA ARG V 73 58.95 -78.53 33.05
CA CYS V 74 59.32 -79.96 36.54
CA ILE V 75 56.58 -79.08 39.00
CA LYS V 76 55.31 -80.66 42.21
CA MET V 77 51.96 -82.46 42.11
CA ARG V 78 50.11 -79.84 44.20
CA LEU V 79 50.60 -77.30 41.35
CA ARG V 80 48.42 -79.52 39.18
CA CYS V 81 44.63 -79.51 39.29
CA ASN V 82 43.76 -75.86 39.61
CA GLY V 83 43.48 -74.78 35.97
CA ASP V 84 46.80 -72.94 36.10
CA ASN V 85 49.37 -73.37 33.35
CA ASP V 86 52.40 -74.64 35.25
CA CYS V 87 53.65 -76.60 32.24
CA GLY V 88 54.91 -75.50 28.83
CA ASP V 89 52.33 -77.71 27.10
CA PHE V 90 49.59 -77.54 29.77
CA SER V 91 50.15 -81.22 30.68
CA ASP V 92 49.50 -80.46 34.34
CA GLU V 93 45.86 -79.76 33.48
CA ASP V 94 45.61 -82.64 30.99
CA ASP V 95 44.36 -85.97 32.37
CA CYS V 96 44.67 -84.42 35.82
CA GLU V 97 44.50 -86.40 39.09
CA SER V 98 41.61 -84.33 40.43
CA GLU V 99 39.27 -81.62 39.18
CA PRO V 100 40.54 -78.06 39.12
CA ARG V 101 40.15 -76.32 42.49
CA PRO V 102 39.86 -72.48 42.24
CA PRO V 103 43.31 -70.75 42.20
CA CYS V 104 41.56 -67.73 43.69
CA ARG V 105 38.71 -68.77 45.98
CA ASP V 106 37.45 -65.20 46.45
CA ARG V 107 36.89 -64.29 42.81
CA VAL V 108 38.11 -65.12 39.34
CA VAL V 109 41.20 -62.95 38.88
CA GLU V 110 42.16 -62.05 35.31
CA GLU V 111 45.81 -62.30 34.31
CA SER V 112 48.01 -59.27 33.75
CA GLU V 113 47.80 -58.48 30.06
CA LEU V 114 51.11 -58.16 28.29
CA ALA V 115 52.65 -60.28 31.10
CA ARG V 116 54.76 -62.10 28.52
CA THR V 117 55.79 -58.81 26.93
CA ALA V 118 57.14 -57.48 30.26
CA GLY V 119 59.46 -60.49 30.68
CA TYR V 120 61.32 -60.04 27.33
CA GLY V 121 65.05 -60.63 26.93
CA ILE V 122 67.17 -57.90 25.31
CA ASN V 123 70.14 -57.86 22.95
CA ILE V 124 72.19 -54.91 24.15
CA LEU V 125 74.07 -54.59 20.85
CA GLY V 126 70.95 -53.09 19.26
CA MET V 127 69.01 -52.47 22.47
CA ASP V 128 66.01 -54.34 21.06
CA PRO V 129 63.87 -56.91 22.91
CA LEU V 130 63.71 -60.61 22.03
CA SER V 131 61.52 -63.39 23.48
CA THR V 132 61.14 -63.67 27.28
CA PRO V 133 63.42 -66.06 29.23
CA PHE V 134 60.78 -66.16 32.00
CA ASP V 135 57.51 -68.08 31.94
CA ASN V 136 54.88 -65.37 32.43
CA GLU V 137 51.91 -67.71 32.61
CA PHE V 138 53.52 -69.62 35.49
CA TYR V 139 51.80 -68.69 38.73
CA ASN V 140 53.49 -71.46 40.76
CA GLY V 141 50.05 -72.87 41.67
CA LEU V 142 49.47 -69.78 43.82
CA CYS V 143 47.37 -66.76 43.01
CA ASN V 144 49.24 -63.55 43.69
CA ARG V 145 47.68 -60.35 42.41
CA ASP V 146 48.46 -56.68 41.85
CA ARG V 147 45.64 -54.14 41.99
CA ASP V 148 45.14 -51.62 39.17
CA GLY V 149 43.94 -48.17 40.29
CA ASN V 150 43.23 -46.98 36.72
CA THR V 151 40.71 -49.76 36.14
CA LEU V 152 39.57 -51.06 39.52
CA THR V 153 40.18 -54.78 39.34
CA TYR V 154 43.06 -57.03 40.31
CA TYR V 155 45.35 -58.63 37.76
CA ARG V 156 47.07 -61.87 38.65
CA ARG V 157 50.85 -61.65 38.71
CA PRO V 158 53.10 -64.58 37.64
CA TRP V 159 55.52 -65.91 40.28
CA ASN V 160 58.45 -65.41 37.89
CA VAL V 161 57.54 -61.72 38.01
CA ALA V 162 58.51 -59.70 41.09
CA SER V 163 56.00 -56.80 40.55
CA LEU V 164 53.80 -55.85 37.56
CA ILE V 165 51.83 -53.14 39.25
CA TYR V 166 50.06 -50.82 36.87
CA GLU V 167 51.30 -47.47 38.00
CA THR V 168 49.24 -44.41 38.73
CA LYS V 169 50.26 -42.78 35.44
CA GLY V 170 53.62 -41.05 35.18
CA GLU V 171 52.02 -38.73 32.62
CA LYS V 172 53.67 -35.37 31.94
CA ASN V 173 57.41 -35.38 31.97
CA PHE V 174 57.22 -32.36 29.76
CA ARG V 175 60.00 -29.94 29.01
CA THR V 176 60.79 -27.51 26.28
CA GLU V 177 64.00 -25.58 25.98
CA HIS V 178 64.39 -22.53 23.84
CA TYR V 179 67.79 -21.27 22.83
CA GLU V 180 68.47 -18.21 20.75
CA GLU V 181 71.76 -16.53 19.81
CA GLN V 182 72.41 -13.34 17.83
CA ILE V 183 75.80 -11.90 16.86
CA GLU V 184 76.16 -9.02 14.38
CA ALA V 185 79.22 -6.88 13.69
CA PHE V 186 80.17 -3.93 11.47
CA LYS V 187 83.49 -2.37 10.48
CA SER V 188 83.94 0.54 8.06
CA ILE V 189 87.01 2.60 7.21
CA ILE V 190 87.72 5.52 4.87
CA GLN V 191 90.96 7.29 3.94
CA GLU V 192 91.71 10.22 1.64
CA LYS V 193 94.76 12.25 0.69
CA THR V 194 95.19 15.14 -1.71
CA SER V 195 98.14 17.33 -2.70
CA ASN V 196 98.00 20.54 -4.74
CA PHE V 197 101.06 22.32 -6.11
CA ASN V 198 101.68 25.38 -8.28
CA ALA V 199 104.93 27.07 -9.29
CA ALA V 200 105.68 29.97 -11.59
CA ILE V 201 108.72 31.97 -12.68
CA SER V 202 108.93 35.08 -14.86
CA LEU V 203 111.70 37.40 -16.02
CA LYS V 204 111.86 40.65 -17.98
CA PHE V 205 114.88 42.50 -19.36
CA THR V 206 115.07 45.79 -21.31
CA PRO V 207 118.48 47.15 -22.47
CA GLY V 228 115.87 45.68 -26.91
CA LYS V 229 113.23 43.94 -24.85
CA GLY V 230 112.93 40.30 -23.78
CA SER V 231 110.57 38.47 -21.46
CA PHE V 232 109.95 34.93 -20.25
CA ARG V 233 107.01 33.37 -18.39
CA PHE V 234 106.51 29.81 -17.18
CA SER V 235 103.83 28.17 -15.02
CA TYR V 236 103.55 24.59 -13.80
CA SER V 237 100.89 22.84 -11.70
CA LYS V 238 100.16 19.39 -10.31
CA ASN V 239 97.32 17.87 -8.34
CA GLU V 240 96.57 14.41 -6.98
CA THR V 241 93.56 12.97 -5.14
CA TYR V 242 93.44 9.39 -3.86
CA GLN V 243 90.62 7.74 -1.92
CA LEU V 244 90.08 4.33 -0.34
CA PHE V 245 86.78 3.22 1.18
CA LEU V 246 85.87 -0.21 2.57
CA SER V 247 82.92 -1.60 4.52
CA TYR V 248 82.37 -5.02 6.06
CA SER V 249 79.49 -6.70 7.91
CA SER V 250 78.93 -10.20 9.26
CA LYS V 251 76.13 -12.07 10.99
CA LYS V 252 75.94 -15.36 12.87
CA GLU V 253 72.63 -16.32 14.47
CA LYS V 254 71.28 -19.62 15.73
CA MET V 255 68.10 -21.01 17.20
CA PHE V 256 67.60 -24.34 18.87
CA LEU V 257 64.46 -25.94 20.20
CA HIS V 258 63.83 -29.06 22.17
CA VAL V 259 60.37 -30.37 22.90
CA LYS V 260 59.70 -33.59 24.79
CA GLY V 261 56.91 -35.16 26.83
CA GLU V 262 57.06 -38.64 28.35
CA ILE V 263 54.25 -40.78 29.79
CA HIS V 264 54.73 -43.93 31.88
CA LEU V 265 51.78 -46.35 31.77
CA GLY V 266 53.10 -49.15 34.01
CA ARG V 267 56.01 -50.53 36.02
CA PHE V 268 57.38 -54.06 35.86
CA VAL V 269 59.96 -55.80 38.00
CA MET V 270 61.18 -59.29 37.12
CA ARG V 271 62.62 -61.82 39.54
CA ASN V 272 66.40 -61.77 40.10
CA ARG V 273 66.05 -64.82 42.36
CA ASP V 274 65.90 -68.47 41.27
CA VAL V 275 62.55 -68.97 39.58
CA VAL V 276 61.00 -70.97 36.74
CA LEU V 277 61.83 -70.09 33.15
CA THR V 278 60.08 -70.78 29.84
CA THR V 279 60.60 -74.29 28.45
CA THR V 280 61.98 -73.25 25.04
CA PHE V 281 64.79 -71.21 26.62
CA VAL V 282 65.66 -74.07 29.03
CA ASP V 283 65.74 -76.63 26.20
CA ASP V 284 68.13 -74.51 24.12
CA ILE V 285 70.29 -73.85 27.23
CA LYS V 286 70.64 -77.61 27.73
CA ALA V 287 71.45 -78.04 24.01
CA LEU V 288 74.52 -75.74 24.24
CA PRO V 289 78.09 -77.23 24.05
CA THR V 290 80.11 -78.38 27.09
CA THR V 291 83.17 -76.61 25.66
CA TYR V 292 83.70 -73.00 24.58
CA GLU V 293 83.45 -72.45 20.83
CA LYS V 294 82.28 -68.99 19.83
CA GLY V 295 79.85 -69.77 16.98
CA GLU V 296 77.23 -71.61 19.03
CA TYR V 297 77.28 -69.10 21.87
CA PHE V 298 77.15 -66.11 19.49
CA ALA V 299 74.03 -67.54 17.79
CA PHE V 300 72.40 -68.14 21.21
CA LEU V 301 73.08 -64.57 22.36
CA GLU V 302 71.77 -63.23 19.06
CA THR V 303 68.49 -65.19 19.37
CA TYR V 304 67.79 -64.93 23.12
CA GLY V 305 69.47 -61.62 23.95
CA THR V 306 72.77 -60.73 25.64
CA HIS V 307 70.94 -59.58 28.79
CA TYR V 308 67.35 -59.60 30.01
CA SER V 309 65.04 -56.84 31.20
CA SER V 310 65.37 -57.09 34.99
CA SER V 311 62.91 -54.25 35.51
CA GLY V 312 61.72 -51.19 33.62
CA SER V 313 58.82 -48.98 32.71
CA LEU V 314 56.23 -49.14 29.96
CA GLY V 315 55.08 -45.87 28.39
CA GLY V 316 55.53 -43.74 25.29
CA LEU V 317 57.42 -40.65 24.16
CA TYR V 318 56.60 -37.50 22.23
CA GLU V 319 59.69 -35.63 20.96
CA LEU V 320 60.76 -33.04 18.41
CA ILE V 321 63.93 -30.93 18.01
CA TYR V 322 64.32 -27.87 15.79
CA VAL V 323 67.61 -26.49 14.51
CA LEU V 324 68.65 -23.32 12.70
CA ASP V 325 72.17 -22.13 11.88
CA LYS V 326 72.37 -18.92 9.80
CA ALA V 327 75.52 -17.23 8.47
CA SER V 328 76.24 -14.33 6.10
CA MET V 329 79.15 -12.04 5.17
CA LYS V 330 79.11 -8.74 3.26
CA ARG V 331 82.21 -6.95 1.92
CA LYS V 332 82.73 -4.02 -0.46
CA GLY V 333 85.79 -1.93 -1.35
CA VAL V 334 86.45 0.91 -3.80
CA GLU V 335 89.64 2.66 -4.96
CA LEU V 336 89.58 6.05 -6.73
CA LYS V 337 92.54 8.01 -8.09
CA ASP V 338 92.81 11.20 -10.14
CA ILE V 339 96.05 12.94 -11.23
CA LYS V 340 96.63 15.96 -13.47
CA ARG V 341 99.50 18.06 -14.82
CA CYS V 342 99.26 21.34 -16.71
CA LEU V 343 102.11 23.63 -17.78
CA GLY V 344 102.36 26.77 -19.92
CA TYR V 345 105.44 28.28 -21.53
CA HIS V 346 105.82 31.71 -23.17
CA LEU V 347 108.53 34.07 -24.40
CA ASP V 348 108.48 37.32 -26.37
CA VAL V 349 111.49 39.23 -27.75
CA SER V 350 111.75 42.44 -29.80
CA LEU V 351 114.69 44.44 -31.17
CA ALA V 352 114.55 47.93 -32.66
CA PHE V 353 117.66 49.40 -34.27
CA SER V 354 117.27 52.85 -35.89
CA GLU V 355 114.29 52.74 -38.31
CA ILE V 356 114.15 48.89 -38.60
CA SER V 357 112.57 46.43 -36.17
CA VAL V 358 112.11 42.68 -35.76
CA GLY V 359 110.10 40.71 -33.17
CA ALA V 360 109.33 37.09 -32.43
CA GLU V 361 107.41 35.11 -29.82
CA PHE V 362 106.66 31.50 -28.92
CA ASN V 363 103.92 29.92 -26.81
CA LYS V 364 103.29 26.31 -25.80
CA ASP V 365 100.64 24.63 -23.65
CA ASP V 366 100.71 20.98 -22.51
CA CYS V 367 98.19 19.18 -20.28
CA VAL V 368 97.46 15.57 -19.30
CA LYS V 369 94.84 14.14 -16.93
CA ARG V 370 94.44 10.50 -15.92
CA GLY V 371 91.59 9.05 -13.83
CA GLU V 372 91.33 5.51 -12.51
CA GLY V 373 88.51 3.72 -10.67
CA ARG V 374 88.17 0.17 -9.37
CA ALA V 375 85.43 -1.44 -7.28
CA VAL V 376 84.81 -4.92 -5.86
CA ASN V 377 81.72 -6.19 -4.01
CA ILE V 378 80.97 -9.69 -2.71
CA THR V 379 78.13 -11.15 -0.62
CA SER V 380 77.40 -14.70 0.51
CA GLU V 381 74.72 -16.26 2.70
CA ASN V 382 74.07 -19.85 3.76
CA LEU V 383 71.79 -21.64 6.21
CA ILE V 384 70.57 -25.04 7.37
CA ASP V 385 67.14 -25.95 8.71
CA ASP V 386 66.93 -29.43 10.20
CA VAL V 387 63.82 -30.67 11.91
CA VAL V 388 63.77 -34.12 13.37
CA SER V 389 60.93 -35.71 15.20
CA LEU V 390 59.79 -39.11 16.36
CA ILE V 391 57.22 -40.64 18.69
CA ARG V 392 56.71 -44.11 20.15
CA GLY V 393 53.87 -45.99 21.77
CA GLY V 394 50.23 -46.71 20.83
CA THR V 395 48.66 -47.57 17.50
CA ARG V 396 49.45 -46.17 14.05
CA LYS V 397 46.40 -43.96 13.42
CA TYR V 398 46.96 -41.50 16.26
CA ALA V 399 50.71 -41.46 15.68
CA PHE V 400 50.16 -40.67 11.98
CA GLU V 401 47.70 -37.87 12.78
CA LEU V 402 50.19 -36.23 15.17
CA LYS V 403 52.99 -36.68 12.62
CA GLU V 404 51.05 -34.89 9.86
CA LYS V 405 50.07 -32.01 12.12
CA LEU V 406 53.68 -31.52 13.17
CA LEU V 407 54.64 -30.75 9.60
CA ARG V 408 53.12 -27.32 10.25
CA GLY V 409 53.66 -27.83 14.00
CA THR V 410 50.88 -29.21 16.18
CA VAL V 411 49.43 -26.31 18.15
CA ILE V 412 45.75 -27.18 17.83
CA ASP V 413 43.74 -30.41 18.00
CA VAL V 414 44.65 -31.04 21.62
CA THR V 415 42.07 -33.87 21.69
CA ASP V 416 44.38 -35.89 19.37
CA PHE V 417 46.80 -36.38 22.23
CA VAL V 418 44.10 -37.89 24.48
CA ASN V 419 43.41 -40.50 21.76
CA TRP V 420 47.13 -41.22 21.55
CA ALA V 421 47.25 -41.66 25.32
CA SER V 422 44.47 -44.24 25.23
CA SER V 423 46.17 -46.24 22.43
CA ILE V 424 49.45 -46.23 24.44
CA ASN V 425 47.63 -48.15 27.20
CA ASP V 426 46.46 -50.75 24.67
CA ALA V 427 49.84 -51.23 22.99
CA PRO V 428 52.73 -50.57 25.42
CA VAL V 429 56.33 -50.02 24.31
CA LEU V 430 59.46 -50.34 26.47
CA ILE V 431 60.90 -47.07 27.74
CA SER V 432 63.33 -47.59 30.64
CA GLN V 433 64.94 -50.86 31.59
CA LYS V 434 67.51 -52.44 33.86
CA LEU V 435 69.87 -54.96 32.32
CA SER V 436 71.63 -57.99 33.76
CA PRO V 437 73.35 -60.72 31.66
CA ILE V 438 71.13 -63.60 30.52
CA TYR V 439 73.59 -66.32 31.60
CA ASN V 440 72.98 -65.52 35.30
CA LEU V 441 69.46 -66.95 34.89
CA VAL V 442 70.61 -70.52 34.13
CA PRO V 443 70.07 -72.94 37.03
CA VAL V 444 73.51 -74.06 38.18
CA LYS V 445 72.21 -77.25 39.73
CA MET V 446 71.75 -79.41 36.62
CA LYS V 447 74.86 -80.97 35.03
CA ASN V 448 77.17 -78.87 32.84
CA ALA V 449 75.16 -75.70 33.67
CA HIS V 450 78.23 -74.11 35.22
CA LEU V 451 80.37 -74.96 32.17
CA LYS V 452 77.85 -73.41 29.78
CA LYS V 453 77.61 -70.33 32.01
CA GLN V 454 81.39 -69.82 31.89
CA ASN V 455 81.36 -70.29 28.11
CA LEU V 456 78.60 -67.65 27.82
CA GLU V 457 80.63 -65.17 29.94
CA ARG V 458 83.56 -65.47 27.57
CA ALA V 459 81.25 -65.33 24.55
CA ILE V 460 79.63 -62.00 25.44
CA GLU V 461 83.03 -60.31 25.64
CA ASP V 462 84.20 -61.65 22.30
CA TYR V 463 80.89 -60.90 20.59
CA ILE V 464 81.17 -57.22 21.62
CA ASN V 465 84.55 -57.02 19.88
CA GLU V 466 83.14 -58.52 16.63
CA PHE V 467 80.39 -55.90 16.67
CA SER V 468 82.78 -53.07 17.63
CA VAL V 469 82.93 -49.84 15.63
CA ARG V 470 86.24 -48.93 17.30
CA LYS V 471 88.05 -51.13 14.77
CA CYS V 472 86.37 -49.39 11.82
CA HIS V 473 87.57 -46.23 10.05
CA THR V 474 86.04 -42.96 11.24
CA CYS V 475 85.01 -40.54 8.50
CA GLN V 476 86.30 -37.01 8.17
CA ASN V 477 84.77 -33.90 9.77
CA GLY V 478 83.53 -35.70 12.89
CA GLY V 479 81.72 -38.57 11.12
CA THR V 480 80.88 -41.59 13.28
CA VAL V 481 81.23 -45.09 11.91
CA ILE V 482 78.57 -47.76 12.38
CA LEU V 483 79.08 -51.50 11.80
CA MET V 484 76.39 -53.38 9.94
CA ASP V 485 77.15 -57.03 9.57
CA GLY V 486 80.71 -56.77 8.31
CA LYS V 487 80.37 -53.51 6.37
CA CYS V 488 80.99 -50.18 8.03
CA LEU V 489 79.08 -47.12 6.88
CA CYS V 490 79.79 -43.67 8.25
CA ALA V 491 76.98 -41.66 9.76
CA CYS V 492 77.64 -37.99 9.08
CA PRO V 493 75.36 -34.88 9.51
CA PHE V 494 72.77 -33.77 6.92
CA LYS V 495 75.01 -30.81 6.05
CA PHE V 496 77.97 -32.99 5.00
CA GLU V 497 77.59 -36.67 4.05
CA GLY V 498 79.71 -39.44 2.57
CA ILE V 499 81.53 -42.70 2.94
CA ALA V 500 84.35 -40.19 3.54
CA CYS V 501 81.93 -37.11 3.93
CA GLU V 502 83.05 -34.71 1.13
CA ILE V 503 79.51 -34.26 -0.26
CA SER V 504 77.39 -31.40 1.07
CA LYS V 505 74.10 -29.54 0.63
CA GLN V 506 76.17 -26.41 1.25
#